data_8EXY
#
_entry.id   8EXY
#
_cell.length_a   1.00
_cell.length_b   1.00
_cell.length_c   1.00
_cell.angle_alpha   90.00
_cell.angle_beta   90.00
_cell.angle_gamma   90.00
#
_symmetry.space_group_name_H-M   'P 1'
#
loop_
_entity.id
_entity.type
_entity.pdbx_description
1 polymer 'DNA-directed RNA polymerase subunit alpha'
2 polymer 'DNA-directed RNA polymerase subunit beta'
3 polymer "DNA-directed RNA polymerase subunit beta'"
4 polymer 'DNA-directed RNA polymerase subunit omega'
5 polymer 'Transcription termination/antitermination protein NusG'
6 polymer 'DNA (38-MER)'
7 polymer 'DNA (38-MER)'
8 polymer 'RNA (29-MER)'
9 non-polymer 'MAGNESIUM ION'
10 non-polymer 'ZINC ION'
11 non-polymer 'PHOSPHOMETHYLPHOSPHONIC ACID GUANYLATE ESTER'
#
loop_
_entity_poly.entity_id
_entity_poly.type
_entity_poly.pdbx_seq_one_letter_code
_entity_poly.pdbx_strand_id
1 'polypeptide(L)'
;MLISQRPTLSEDVLTDNRSQFVIEPLEPGFGYTLGNSLRRTLLSSIPGAAVTSIRIDGVLHEFTTVPGVKEDVTEIILNL
KSLVVSSEEDEPVTMYLRKQGPGEVTAGDIVPPAGVTVHNPGMHIATLNDKGKLEVELVVERGRGYVPAVQNRASGAEIG
RIPVDSIYSPVLKVTYKVDATRVEQRTDFDKLILDVETKNSISPRDALASAGKTLVELFGLARELNVEAEGIEIGPSPAE
ADHIASFALPIDDLDLTVRSYNCLKREGVHTVGELVARTESDLLDIRNFGQKSIDEVKIKLHQLGLSLKDSPPSFDPSEV
AGYDVATGTWSTEGAYDEQDYAETEQL
;
A,B
2 'polypeptide(L)'
;MLEGCILADSRQSKTAASPSPSRPQSSSNNSVPGAPNRVSFAKLREPLEVPGLLDVQTDSFEWLIGSPRWRESAAERGDV
NPVGGLEEVLYELSPIEDFSGSMSLSFSDPRFDDVKAPVDECKDKDMTYAAPLFVTAEFINNNTGEIKSQTVFMGDFPMM
TEKGTFIINGTERVVVSQLVRSPGVYFDETIDKSTDKTLHSVKVIPSRGAWLEFDVDKRDTVGVRIDRKRRQPVTVLLKA
LGWTSEQIVERFGFSEIMRSTLEKDNTVGTDEALLDIYRKLRPGEPPTKESAQTLLENLFFKEKRYDLARVGRYKVNKKL
GLHVGEPITSSTLTEEDVVATIEYLVRLHEGQTTMTVPGGVEVPVETDDIDHFGNRRLRTVGELIQNQIRVGMSRMERVV
RERMTTQDVEAITPQTLINIRPVVAAIKEFFGTSQLSQFMDQNNPLSGLTHKRRLSALGPGGLSRERAGLEVRDVHPSHY
GRMCPIETPEGPNIGLIGSLSVYARVNPFGFIETPYRKVVDGVVSDEIVYLTADEEDRHVVAQANSPIDADGRFVEPRVL
VRRKAGEVEYVPSSEVDYMDVSPRQMVSVATAMIPFLEHDDANRALMGANMQRQAVPLVRSEAPLVGTGMELRAAIDAGD
VVVAEESGVIEEVSADYITVMHDNGTRRTYRMRKFARSNHGTCANQCPIVDAGDRVEAGQVIADGPCTDDGEMALGKNLL
VAIMPWEGHNYEDAIILSNRLVEEDVLTSIHIEEHEIDARDTKLGAEEITRDIPNISDEVLADLDERGIVRIGAEVRDGD
ILVGKVTPKGETELTPEERLLRAIFGEKAREVRDTSLKVPHGESGKVIGIRVFSREDEDELPAGVNELVRVYVAQKRKIS
DGDKLAGRHGNKGVIGKILPVEDMPFLADGTPVDIILNTHGVPRRMNIGQILETHLGWCAHSGWKVDAAKGVPDWAARLP
DELLEAQPNAIVSTPVFDGAQEAELQGLLSCTLPNRDGDVLVDADGKAMLFDGRSGEPFPYPVTVGYMYIMKLHHLVDDK
IHARSTGPYSMITQQPLGGKAQFGGQRFGEMECWAMQAYGAAYTLQELLTIKSDDTVGRVKVYEAIVKGENIPEPGIPES
FKVLLKELQSLCLNVEVLSSDGAAIELREGEDEDLERAAANLGINLSRNESASVEDLA
;
C
3 'polypeptide(L)'
;MLDVNFFDELRIGLATAEDIRQWSYGEVKKPETINYRTLKPEKDGLFCEKIFGPTRDWECYCGKYKRVRFKGIICERCGV
EVTRAKVRRERMGHIELAAPVTHIWYFKGVPSRLGYLLDLAPKDLEKIIYFAAYVITSVDEEMRHNELSTLEAEMAVERK
AVEDQRDGELEARAQKLEADLAELEAEGAKADARRKVRDGGEREMRQIRDRAQRELDRLEDIWSTFTKLAPKQLIVDENL
YRELVDRYGEYFTGAMGAESIQKLIENFDIDAEAESLRDVIRNGKGQKKLRALKRLKVVAAFQQSGNSPMGMVLDAVPVI
PPELRPMVQLDGGRFATSDLNDLYRRVINRNNRLKRLIDLGAPEIIVNNEKRMLQESVDALFDNGRRGRPVTGPGNRPLK
SLSDLLKGKQGRFRQNLLGKRVDYSGRSVIVVGPQLKLHQCGLPKLMALELFKPFVMKRLVDLNHAQNIKSAKRMVERQR
PQVWDVLEEVIAEHPVLLNRAPTLHRLGIQAFEPMLVEGKAIQLHPLVCEAFNADFDGDQMAVHLPLSAEAQAEARILML
SSNNILSPASGRPLAMPRLDMVTGLYYLTTEVPGDTGEYQPASGDHPETGVYSSPAEAIMAADRGVLSVRAKIKVRLTQL
RPPVEIEAELFGHSGWQPGDAWMAETTLGRVMFNELLPLGYPFVNKQMHKKVQAAIINDLAERYPMIVVAQTVDKLKDAG
FYWATRSGVTVSMADVLVPPRKKEILDHYEERADKVEKQFQRGALNHDERNEALVEIWKEATDEVGQALREHYPDDNPII
TIVDSGATGNFTQTRTLAGMKGLVTNPKGEFIPRPVKSSFREGLTVLEYFINTHGARKGLADTALRTADSGYLTRRLVDV
SQDVIVREHDCQTERGIVVELAERAPDGTLIRDPYIETSAYARTLGTDAVDEAGNVIVERGQDLGDPEIDALLAAGITQV
KVRSVLTCATSTGVCATCYGRSMATGKLVDIGEAVGIVAAQSIGEPGTQLTMRTFHQGGVGEDITGGLPRVQELFEARVP
RGKAPIADVTGRVRLEDGERFYKITIVPDDGGEEVVYDKISKRQRLRVFKHEDGSERVLSDGDHVEVGQQLMEGSADPHE
VLRVQGPREVQIHLVREVQEVYRAQGVSIHDKHIEVIVRQMLRRVTIIDSGSTEFLPGSLIDRAEFEAENRRVVAEGGEP
AAGRPVLMGITKASLATDSWLSAASFQETTRVLTDAAINCRSDKLNGLKENVIIGKLIPAGTGINRYRNIAVQPTEEARA
AAYTIPSYEDQYYSPDFGAATGAAVPLDDYGYSDYR
;
D
4 'polypeptide(L)'
;MSISQSDASLAAVPAVDQFDPSSGASGGYDTPLGITNPPIDELLDRVSSKYALVIYAAKRARQINDYYNQLGEGILEYVG
PLVEPGLQEKPLSIALREIHADLLEHTEGE
;
E
5 'polypeptide(L)'
;MEKNWYVVHTYSGYENKVKANLEKRVESMGMQDKIFRVVVPEEEETDIKNGKKKVVKKKVFPGYVLVEIVMTDDSWYVVR
NTPGVTGFVGSAGSGSKPTPLLPGEAETILKRMGMDERKTDIDFELKETVKVIDGPFANFTGSIEEIDYDKSKVKVFVNM
FGRETPVELEFTQIDKL
;
G
6 'polydeoxyribonucleotide'
;(DC)(DG)(DG)(DC)(DA)(DG)(DT)(DC)(DG)(DC)(DC)(DG)(DT)(DC)(DT)(DA)(DC)(DC)(DT)(DC)
(DT)(DC)(DC)(DA)(DA)(DG)(DA)(DG)(DC)(DA)(DG)(DC)(DA)(DT)(DG)(DC)(DG)(DC)(DC)(DC)
;
T
7 'polydeoxyribonucleotide'
;(DG)(DG)(DG)(DC)(DG)(DC)(DA)(DT)(DG)(DC)(DT)(DG)(DC)(DT)(DC)(DT)(DT)(DC)(DT)(DT)
(DT)(DG)(DC)(DC)(DA)(DT)(DC)(DA)(DC)(DG)(DG)(DC)(DG)(DA)(DC)(DT)(DG)(DC)(DC)(DG)
;
N
8 'polyribonucleotide' UCCGAAGCUUCGGCUUCGGCAGGAGAGGUA R
#
loop_
_chem_comp.id
_chem_comp.type
_chem_comp.name
_chem_comp.formula
A RNA linking ADENOSINE-5'-MONOPHOSPHATE 'C10 H14 N5 O7 P'
C RNA linking CYTIDINE-5'-MONOPHOSPHATE 'C9 H14 N3 O8 P'
DA DNA linking 2'-DEOXYADENOSINE-5'-MONOPHOSPHATE 'C10 H14 N5 O6 P'
DC DNA linking 2'-DEOXYCYTIDINE-5'-MONOPHOSPHATE 'C9 H14 N3 O7 P'
DG DNA linking 2'-DEOXYGUANOSINE-5'-MONOPHOSPHATE 'C10 H14 N5 O7 P'
DT DNA linking THYMIDINE-5'-MONOPHOSPHATE 'C10 H15 N2 O8 P'
G RNA linking GUANOSINE-5'-MONOPHOSPHATE 'C10 H14 N5 O8 P'
G2P non-polymer 'PHOSPHOMETHYLPHOSPHONIC ACID GUANYLATE ESTER' 'C11 H18 N5 O13 P3'
MG non-polymer 'MAGNESIUM ION' 'Mg 2'
U RNA linking URIDINE-5'-MONOPHOSPHATE 'C9 H13 N2 O9 P'
ZN non-polymer 'ZINC ION' 'Zn 2'
#
# COMPACT_ATOMS: atom_id res chain seq x y z
N MET A 1 -16.41 67.36 -15.55
CA MET A 1 -15.50 68.21 -14.77
C MET A 1 -14.24 67.43 -14.43
N LEU A 2 -13.09 67.96 -14.85
CA LEU A 2 -11.79 67.35 -14.59
C LEU A 2 -11.04 68.14 -13.52
N ILE A 3 -10.46 67.43 -12.56
CA ILE A 3 -9.70 68.09 -11.50
C ILE A 3 -8.33 68.50 -12.03
N SER A 4 -7.69 69.41 -11.30
CA SER A 4 -6.33 69.82 -11.63
C SER A 4 -5.35 69.74 -10.46
N GLN A 5 -5.83 69.80 -9.22
CA GLN A 5 -4.98 69.72 -8.03
C GLN A 5 -4.06 68.52 -8.06
N ARG A 6 -2.76 68.75 -8.25
CA ARG A 6 -1.83 67.64 -8.30
C ARG A 6 -1.70 67.03 -6.91
N PRO A 7 -1.66 65.70 -6.82
CA PRO A 7 -1.46 65.05 -5.51
C PRO A 7 -0.27 65.66 -4.77
N THR A 8 -0.42 65.77 -3.45
CA THR A 8 0.62 66.35 -2.59
C THR A 8 0.85 65.43 -1.40
N LEU A 9 2.13 65.26 -1.04
CA LEU A 9 2.51 64.40 0.07
C LEU A 9 2.74 65.25 1.31
N SER A 10 2.58 64.62 2.48
CA SER A 10 2.74 65.30 3.76
C SER A 10 2.97 64.25 4.83
N GLU A 11 3.96 64.46 5.67
CA GLU A 11 4.37 63.48 6.67
C GLU A 11 4.03 63.96 8.08
N ASP A 12 3.85 63.00 8.98
CA ASP A 12 3.68 63.23 10.40
C ASP A 12 4.45 62.17 11.15
N VAL A 13 5.13 62.57 12.22
CA VAL A 13 6.02 61.69 12.97
C VAL A 13 5.35 61.32 14.27
N LEU A 14 5.14 60.01 14.48
CA LEU A 14 4.55 59.50 15.71
C LEU A 14 5.61 59.01 16.69
N THR A 15 6.76 58.59 16.20
CA THR A 15 7.88 58.14 17.01
C THR A 15 9.15 58.40 16.19
N ASP A 16 10.21 57.65 16.49
CA ASP A 16 11.43 57.71 15.71
C ASP A 16 11.58 56.50 14.81
N ASN A 17 10.66 55.55 14.89
CA ASN A 17 10.62 54.38 14.03
C ASN A 17 9.37 54.32 13.15
N ARG A 18 8.29 54.98 13.55
CA ARG A 18 7.03 54.95 12.84
C ARG A 18 6.68 56.34 12.31
N SER A 19 6.06 56.37 11.13
CA SER A 19 5.66 57.62 10.51
C SER A 19 4.46 57.34 9.60
N GLN A 20 3.68 58.38 9.33
CA GLN A 20 2.53 58.28 8.45
C GLN A 20 2.63 59.30 7.33
N PHE A 21 2.08 58.94 6.17
CA PHE A 21 2.15 59.79 4.99
C PHE A 21 0.78 59.83 4.31
N VAL A 22 0.28 61.04 4.07
CA VAL A 22 -1.02 61.23 3.42
C VAL A 22 -0.78 61.71 1.99
N ILE A 23 -1.52 61.11 1.04
CA ILE A 23 -1.37 61.51 -0.36
C ILE A 23 -2.74 61.76 -1.00
N GLU A 24 -3.28 62.96 -0.81
CA GLU A 24 -4.54 63.38 -1.40
C GLU A 24 -4.29 64.39 -2.52
N PRO A 25 -5.26 64.59 -3.42
CA PRO A 25 -6.46 63.80 -3.75
C PRO A 25 -6.33 62.92 -5.00
N LEU A 26 -6.33 61.61 -4.81
CA LEU A 26 -6.17 60.68 -5.92
C LEU A 26 -7.49 60.52 -6.68
N GLU A 27 -7.45 59.77 -7.77
CA GLU A 27 -8.61 59.63 -8.65
C GLU A 27 -9.48 58.47 -8.18
N PRO A 28 -10.82 58.61 -8.29
CA PRO A 28 -11.72 57.55 -7.80
C PRO A 28 -11.33 56.16 -8.27
N GLY A 29 -10.79 55.35 -7.36
CA GLY A 29 -10.40 53.99 -7.70
C GLY A 29 -8.92 53.78 -7.44
N PHE A 30 -8.14 54.80 -7.81
CA PHE A 30 -6.69 54.78 -7.70
C PHE A 30 -6.24 55.11 -6.27
N GLY A 31 -6.61 54.23 -5.34
CA GLY A 31 -6.21 54.43 -3.97
C GLY A 31 -5.61 53.20 -3.31
N TYR A 32 -5.90 52.03 -3.86
CA TYR A 32 -5.41 50.78 -3.32
C TYR A 32 -4.24 50.22 -4.11
N THR A 33 -4.19 50.52 -5.41
CA THR A 33 -3.10 50.02 -6.24
C THR A 33 -1.82 50.82 -6.03
N LEU A 34 -1.93 52.09 -5.66
CA LEU A 34 -0.72 52.85 -5.34
C LEU A 34 -0.18 52.43 -3.99
N GLY A 35 -1.06 52.13 -3.05
CA GLY A 35 -0.62 51.63 -1.76
C GLY A 35 0.08 50.30 -1.88
N ASN A 36 -0.49 49.41 -2.70
CA ASN A 36 0.16 48.11 -2.84
C ASN A 36 1.42 48.19 -3.69
N SER A 37 1.45 49.10 -4.67
CA SER A 37 2.68 49.32 -5.43
C SER A 37 3.81 49.76 -4.53
N LEU A 38 3.52 50.60 -3.53
CA LEU A 38 4.60 51.06 -2.67
C LEU A 38 4.92 50.06 -1.56
N ARG A 39 3.92 49.29 -1.09
CA ARG A 39 4.22 48.26 -0.10
C ARG A 39 5.00 47.10 -0.71
N ARG A 40 4.79 46.78 -1.97
CA ARG A 40 5.52 45.67 -2.57
C ARG A 40 6.93 46.05 -2.96
N THR A 41 7.25 47.34 -3.00
CA THR A 41 8.61 47.81 -3.25
C THR A 41 9.32 48.18 -1.96
N LEU A 42 8.56 48.41 -0.88
CA LEU A 42 9.17 48.78 0.39
C LEU A 42 9.57 47.56 1.20
N LEU A 43 9.03 46.38 0.90
CA LEU A 43 9.31 45.18 1.66
C LEU A 43 10.12 44.17 0.85
N SER A 44 10.98 44.63 -0.04
CA SER A 44 11.74 43.69 -0.86
C SER A 44 13.09 44.25 -1.32
N SER A 45 13.08 45.46 -1.88
CA SER A 45 14.25 46.01 -2.53
C SER A 45 14.84 47.23 -1.85
N ILE A 46 15.09 47.17 -0.55
CA ILE A 46 15.75 48.25 0.16
C ILE A 46 17.09 47.73 0.67
N PRO A 47 18.21 48.34 0.28
CA PRO A 47 19.52 47.82 0.68
C PRO A 47 19.85 48.10 2.14
N GLY A 48 20.71 47.27 2.68
CA GLY A 48 21.13 47.38 4.07
C GLY A 48 22.41 46.61 4.27
N ALA A 49 22.65 46.17 5.50
CA ALA A 49 23.87 45.44 5.82
C ALA A 49 23.54 44.32 6.80
N ALA A 50 24.31 43.24 6.71
CA ALA A 50 24.13 42.11 7.62
C ALA A 50 25.42 41.31 7.68
N VAL A 51 25.59 40.60 8.81
CA VAL A 51 26.75 39.74 9.00
C VAL A 51 26.63 38.52 8.11
N THR A 52 27.77 38.03 7.59
CA THR A 52 27.76 36.93 6.65
C THR A 52 28.71 35.80 7.00
N SER A 53 29.53 35.93 8.05
CA SER A 53 30.39 34.85 8.49
C SER A 53 30.98 35.18 9.85
N ILE A 54 31.25 34.14 10.64
CA ILE A 54 31.85 34.28 11.96
C ILE A 54 33.07 33.38 11.99
N ARG A 55 33.96 33.61 12.97
CA ARG A 55 35.13 32.77 13.12
C ARG A 55 35.56 32.76 14.59
N ILE A 56 35.07 31.80 15.35
CA ILE A 56 35.52 31.64 16.73
C ILE A 56 36.86 30.92 16.71
N ASP A 57 37.66 31.11 17.77
CA ASP A 57 38.99 30.51 17.85
C ASP A 57 38.96 29.30 18.80
N GLY A 58 39.09 28.12 18.23
CA GLY A 58 38.97 26.86 18.95
C GLY A 58 37.91 25.96 18.40
N VAL A 59 36.95 26.51 17.67
CA VAL A 59 35.86 25.77 17.07
C VAL A 59 36.18 25.54 15.60
N LEU A 60 35.58 24.50 15.03
CA LEU A 60 35.81 24.18 13.63
C LEU A 60 34.52 24.09 12.83
N HIS A 61 33.46 23.53 13.40
CA HIS A 61 32.15 23.46 12.79
C HIS A 61 31.13 24.15 13.70
N GLU A 62 29.87 24.08 13.32
CA GLU A 62 28.78 24.71 14.06
C GLU A 62 28.02 23.74 14.94
N PHE A 63 28.48 22.49 15.03
CA PHE A 63 27.81 21.47 15.83
C PHE A 63 28.63 21.06 17.04
N THR A 64 29.06 22.03 17.86
CA THR A 64 29.93 21.73 18.98
C THR A 64 29.66 22.73 20.10
N THR A 65 30.35 22.56 21.23
CA THR A 65 30.19 23.40 22.40
C THR A 65 31.54 23.95 22.84
N VAL A 66 31.55 25.22 23.27
CA VAL A 66 32.77 25.84 23.77
C VAL A 66 32.82 25.62 25.27
N PRO A 67 34.01 25.57 25.89
CA PRO A 67 34.07 25.32 27.33
C PRO A 67 33.97 26.59 28.16
N GLY A 68 32.91 26.72 28.96
CA GLY A 68 32.71 27.90 29.78
C GLY A 68 31.55 28.77 29.36
N VAL A 69 30.86 28.43 28.28
CA VAL A 69 29.69 29.17 27.82
C VAL A 69 28.47 28.28 28.02
N LYS A 70 27.34 28.88 28.37
CA LYS A 70 26.17 28.09 28.72
C LYS A 70 25.32 27.74 27.50
N GLU A 71 25.78 28.09 26.30
CA GLU A 71 25.10 27.73 25.07
C GLU A 71 26.08 27.09 24.11
N ASP A 72 25.54 26.35 23.15
CA ASP A 72 26.37 25.76 22.11
C ASP A 72 26.58 26.80 21.01
N VAL A 73 27.18 26.39 19.89
CA VAL A 73 27.43 27.37 18.84
C VAL A 73 26.16 27.63 18.03
N THR A 74 25.19 26.71 18.07
CA THR A 74 24.00 26.91 17.26
C THR A 74 23.05 27.91 17.90
N GLU A 75 23.20 28.16 19.20
CA GLU A 75 22.38 29.17 19.84
C GLU A 75 23.05 30.53 19.81
N ILE A 76 24.38 30.59 19.89
CA ILE A 76 25.04 31.87 19.60
C ILE A 76 24.74 32.26 18.16
N ILE A 77 24.62 31.29 17.26
CA ILE A 77 24.32 31.60 15.87
C ILE A 77 22.87 32.06 15.75
N LEU A 78 21.94 31.38 16.43
CA LEU A 78 20.54 31.79 16.36
C LEU A 78 20.25 33.04 17.19
N ASN A 79 21.22 33.53 17.95
CA ASN A 79 21.11 34.78 18.67
C ASN A 79 21.86 35.90 17.98
N LEU A 80 22.68 35.58 16.98
CA LEU A 80 23.34 36.59 16.18
C LEU A 80 22.57 36.90 14.90
N LYS A 81 21.30 36.52 14.85
CA LYS A 81 20.43 36.79 13.72
C LYS A 81 19.52 37.99 13.94
N SER A 82 19.52 38.56 15.15
CA SER A 82 18.71 39.73 15.49
C SER A 82 19.58 40.94 15.82
N LEU A 83 20.71 41.08 15.13
CA LEU A 83 21.60 42.21 15.33
C LEU A 83 21.39 43.20 14.19
N VAL A 84 21.05 44.44 14.54
CA VAL A 84 20.77 45.48 13.56
C VAL A 84 22.05 46.27 13.36
N VAL A 85 22.71 46.06 12.22
CA VAL A 85 23.99 46.68 11.93
C VAL A 85 23.79 47.72 10.83
N SER A 86 24.78 48.59 10.69
CA SER A 86 24.77 49.60 9.65
C SER A 86 26.16 49.69 9.04
N SER A 87 26.23 50.25 7.84
CA SER A 87 27.50 50.30 7.11
C SER A 87 27.47 51.45 6.12
N GLU A 88 28.67 51.87 5.70
CA GLU A 88 28.82 52.90 4.69
C GLU A 88 29.76 52.51 3.55
N GLU A 89 30.44 51.38 3.64
CA GLU A 89 31.43 50.97 2.66
C GLU A 89 30.97 49.70 1.96
N ASP A 90 31.27 49.61 0.66
CA ASP A 90 30.92 48.43 -0.13
C ASP A 90 32.10 47.47 -0.20
N GLU A 91 32.37 46.83 0.94
CA GLU A 91 33.45 45.85 1.08
C GLU A 91 33.35 45.20 2.45
N PRO A 92 33.71 43.92 2.58
CA PRO A 92 33.63 43.28 3.89
C PRO A 92 34.51 43.96 4.93
N VAL A 93 33.95 44.14 6.12
CA VAL A 93 34.66 44.73 7.26
C VAL A 93 34.60 43.74 8.41
N THR A 94 35.72 43.56 9.09
CA THR A 94 35.85 42.58 10.17
C THR A 94 35.73 43.27 11.52
N MET A 95 34.76 42.83 12.31
CA MET A 95 34.58 43.32 13.67
C MET A 95 35.30 42.38 14.64
N TYR A 96 35.19 42.65 15.94
CA TYR A 96 35.93 41.87 16.93
C TYR A 96 35.23 41.93 18.27
N LEU A 97 34.87 40.78 18.82
CA LEU A 97 34.30 40.66 20.15
C LEU A 97 35.25 39.84 21.01
N ARG A 98 35.77 40.45 22.08
CA ARG A 98 36.71 39.77 22.97
C ARG A 98 36.32 40.05 24.41
N LYS A 99 35.63 39.12 25.05
CA LYS A 99 35.22 39.28 26.44
C LYS A 99 35.64 38.04 27.22
N GLN A 100 35.90 38.23 28.51
CA GLN A 100 36.38 37.15 29.35
C GLN A 100 35.90 37.36 30.77
N GLY A 101 35.88 36.28 31.55
CA GLY A 101 35.57 36.35 32.95
C GLY A 101 34.08 36.29 33.20
N PRO A 102 33.70 36.12 34.47
CA PRO A 102 32.27 36.00 34.80
C PRO A 102 31.48 37.20 34.31
N GLY A 103 30.34 36.92 33.68
CA GLY A 103 29.46 37.98 33.24
C GLY A 103 28.52 37.48 32.15
N GLU A 104 28.06 38.42 31.34
CA GLU A 104 27.11 38.13 30.27
C GLU A 104 27.50 38.94 29.05
N VAL A 105 27.69 38.26 27.93
CA VAL A 105 28.14 38.92 26.70
C VAL A 105 26.93 39.57 26.03
N THR A 106 27.04 40.86 25.77
CA THR A 106 25.99 41.64 25.14
C THR A 106 26.54 42.19 23.83
N ALA A 107 25.78 43.07 23.20
CA ALA A 107 26.18 43.59 21.90
C ALA A 107 26.97 44.89 22.03
N GLY A 108 27.12 45.42 23.23
CA GLY A 108 27.93 46.60 23.45
C GLY A 108 29.41 46.32 23.58
N ASP A 109 29.83 45.07 23.43
CA ASP A 109 31.22 44.68 23.55
C ASP A 109 31.86 44.41 22.19
N ILE A 110 31.20 44.80 21.11
CA ILE A 110 31.71 44.63 19.75
C ILE A 110 32.36 45.95 19.37
N VAL A 111 33.69 46.02 19.45
CA VAL A 111 34.40 47.21 19.01
C VAL A 111 34.25 47.29 17.49
N PRO A 112 33.57 48.32 16.98
CA PRO A 112 33.31 48.39 15.55
C PRO A 112 34.49 48.97 14.79
N PRO A 113 34.55 48.75 13.48
CA PRO A 113 35.57 49.41 12.66
C PRO A 113 35.29 50.90 12.54
N ALA A 114 35.73 51.53 11.47
CA ALA A 114 35.47 52.96 11.27
C ALA A 114 34.62 53.09 10.00
N GLY A 115 33.30 53.12 10.23
CA GLY A 115 32.32 53.18 9.17
C GLY A 115 31.14 52.26 9.43
N VAL A 116 31.21 51.49 10.52
CA VAL A 116 30.16 50.58 10.92
C VAL A 116 29.73 50.95 12.34
N THR A 117 28.41 50.94 12.58
CA THR A 117 27.88 51.29 13.89
C THR A 117 26.73 50.34 14.23
N VAL A 118 26.87 49.63 15.34
CA VAL A 118 25.83 48.74 15.83
C VAL A 118 24.75 49.57 16.51
N HIS A 119 23.50 49.33 16.15
CA HIS A 119 22.38 50.12 16.65
C HIS A 119 21.56 49.42 17.72
N ASN A 120 22.07 48.34 18.30
CA ASN A 120 21.38 47.60 19.35
C ASN A 120 22.34 47.23 20.45
N PRO A 121 22.71 48.19 21.30
CA PRO A 121 23.72 47.93 22.35
C PRO A 121 23.12 47.36 23.63
N GLY A 122 22.29 46.33 23.49
CA GLY A 122 21.66 45.74 24.65
C GLY A 122 20.96 44.42 24.38
N MET A 123 21.41 43.70 23.35
CA MET A 123 20.89 42.38 23.08
C MET A 123 21.77 41.33 23.74
N HIS A 124 21.31 40.08 23.72
CA HIS A 124 22.01 38.97 24.35
C HIS A 124 22.79 38.16 23.33
N ILE A 125 23.99 37.74 23.71
CA ILE A 125 24.77 36.82 22.87
C ILE A 125 25.24 35.58 23.59
N ALA A 126 25.35 35.58 24.94
CA ALA A 126 25.75 34.41 25.72
C ALA A 126 25.94 34.74 27.20
N THR A 127 26.11 33.71 28.03
CA THR A 127 26.39 33.84 29.44
C THR A 127 27.68 33.09 29.77
N LEU A 128 28.55 33.73 30.53
CA LEU A 128 29.87 33.18 30.84
C LEU A 128 30.02 32.93 32.33
N ASN A 129 30.51 31.74 32.69
CA ASN A 129 30.93 31.45 34.04
C ASN A 129 32.44 31.68 34.11
N ASP A 130 33.02 31.53 35.30
CA ASP A 130 34.44 31.86 35.46
C ASP A 130 35.33 30.73 34.95
N LYS A 131 35.17 30.42 33.66
CA LYS A 131 35.99 29.36 33.06
C LYS A 131 36.01 29.44 31.54
N GLY A 132 35.67 30.56 30.91
CA GLY A 132 35.58 30.62 29.47
C GLY A 132 35.70 32.03 28.93
N LYS A 133 36.23 32.13 27.71
CA LYS A 133 36.36 33.41 27.01
C LYS A 133 35.83 33.24 25.59
N LEU A 134 35.23 34.31 25.06
CA LEU A 134 34.63 34.32 23.74
C LEU A 134 35.37 35.29 22.82
N GLU A 135 36.04 34.76 21.80
CA GLU A 135 36.75 35.56 20.80
C GLU A 135 36.12 35.33 19.43
N VAL A 136 35.26 36.25 18.98
CA VAL A 136 34.55 36.10 17.71
C VAL A 136 35.04 37.17 16.73
N GLU A 137 34.97 36.84 15.44
CA GLU A 137 35.32 37.77 14.36
C GLU A 137 34.20 37.81 13.31
N LEU A 138 33.31 38.80 13.43
CA LEU A 138 32.17 38.92 12.53
C LEU A 138 32.53 39.73 11.29
N VAL A 139 32.05 39.27 10.13
CA VAL A 139 32.29 39.92 8.84
C VAL A 139 30.98 40.55 8.37
N VAL A 140 31.01 41.85 8.12
CA VAL A 140 29.82 42.61 7.73
C VAL A 140 29.91 42.94 6.24
N GLU A 141 28.79 42.83 5.53
CA GLU A 141 28.71 43.13 4.11
C GLU A 141 27.38 43.80 3.80
N ARG A 142 27.29 44.38 2.61
CA ARG A 142 26.10 45.09 2.16
C ARG A 142 25.45 44.31 1.02
N GLY A 143 24.17 44.57 0.80
CA GLY A 143 23.43 43.83 -0.21
C GLY A 143 21.96 44.17 -0.19
N ARG A 144 21.17 43.26 -0.77
CA ARG A 144 19.74 43.46 -0.94
C ARG A 144 19.01 42.13 -0.89
N GLY A 145 18.02 42.02 -0.01
CA GLY A 145 17.18 40.84 -0.03
C GLY A 145 17.48 39.80 1.03
N TYR A 146 17.44 38.53 0.64
CA TYR A 146 17.80 37.42 1.50
C TYR A 146 18.63 36.44 0.68
N VAL A 147 19.91 36.33 0.98
CA VAL A 147 20.82 35.39 0.33
C VAL A 147 21.13 34.27 1.31
N PRO A 148 20.97 33.01 0.93
CA PRO A 148 21.30 31.90 1.82
C PRO A 148 22.80 31.81 2.10
N ALA A 149 23.20 30.80 2.88
CA ALA A 149 24.59 30.67 3.29
C ALA A 149 25.47 30.36 2.08
N VAL A 150 26.51 31.17 1.89
CA VAL A 150 27.50 30.92 0.85
C VAL A 150 28.41 29.80 1.31
N GLN A 151 28.33 28.64 0.63
CA GLN A 151 29.03 27.44 1.05
C GLN A 151 30.53 27.67 1.23
N ASN A 152 31.19 26.76 1.96
CA ASN A 152 32.59 26.96 2.30
C ASN A 152 33.50 26.52 1.16
N ARG A 153 33.60 25.21 0.92
CA ARG A 153 34.52 24.67 -0.07
C ARG A 153 34.07 24.94 -1.50
N ALA A 154 33.16 25.90 -1.66
CA ALA A 154 32.75 26.38 -2.97
C ALA A 154 33.12 27.85 -3.15
N SER A 155 34.03 28.34 -2.31
CA SER A 155 34.50 29.71 -2.36
C SER A 155 36.00 29.83 -2.11
N GLY A 156 36.72 28.73 -1.97
CA GLY A 156 38.12 28.76 -1.65
C GLY A 156 38.40 29.33 -0.27
N ALA A 157 37.92 28.64 0.75
CA ALA A 157 38.12 29.05 2.14
C ALA A 157 38.75 27.90 2.92
N GLU A 158 39.09 28.19 4.18
CA GLU A 158 39.78 27.24 5.04
C GLU A 158 38.77 26.36 5.76
N ILE A 159 39.04 26.02 7.02
CA ILE A 159 38.23 25.04 7.73
C ILE A 159 37.69 25.59 9.05
N GLY A 160 37.85 26.88 9.28
CA GLY A 160 37.33 27.49 10.49
C GLY A 160 36.21 28.48 10.26
N ARG A 161 35.98 28.85 9.00
CA ARG A 161 34.99 29.87 8.68
C ARG A 161 33.60 29.23 8.67
N ILE A 162 32.65 29.88 9.34
CA ILE A 162 31.28 29.38 9.46
C ILE A 162 30.36 30.34 8.71
N PRO A 163 29.85 29.96 7.54
CA PRO A 163 28.90 30.84 6.83
C PRO A 163 27.62 31.01 7.62
N VAL A 164 26.93 32.12 7.35
CA VAL A 164 25.72 32.48 8.07
C VAL A 164 24.73 33.10 7.10
N ASP A 165 23.44 32.94 7.39
CA ASP A 165 22.40 33.54 6.57
C ASP A 165 22.29 35.03 6.85
N SER A 166 22.08 35.82 5.80
CA SER A 166 22.07 37.26 5.92
C SER A 166 20.76 37.81 5.36
N ILE A 167 20.04 38.56 6.19
CA ILE A 167 18.82 39.27 5.81
C ILE A 167 19.13 40.75 5.80
N TYR A 168 18.93 41.41 4.65
CA TYR A 168 19.35 42.79 4.47
C TYR A 168 18.18 43.76 4.45
N SER A 169 17.05 43.39 5.00
CA SER A 169 15.95 44.34 4.87
C SER A 169 15.84 45.20 6.12
N PRO A 170 15.84 46.52 5.97
CA PRO A 170 15.66 47.41 7.13
C PRO A 170 14.20 47.77 7.45
N VAL A 171 13.23 46.98 7.01
CA VAL A 171 11.83 47.34 7.20
C VAL A 171 11.12 46.21 7.93
N LEU A 172 10.15 46.60 8.78
CA LEU A 172 9.48 45.67 9.67
C LEU A 172 8.02 45.43 9.32
N LYS A 173 7.21 46.48 9.21
CA LYS A 173 5.80 46.32 8.94
C LYS A 173 5.29 47.53 8.17
N VAL A 174 4.45 47.29 7.16
CA VAL A 174 3.90 48.34 6.32
C VAL A 174 2.43 48.04 6.05
N THR A 175 1.57 49.04 6.21
CA THR A 175 0.16 48.90 5.92
C THR A 175 -0.38 50.21 5.39
N TYR A 176 -1.64 50.18 4.91
CA TYR A 176 -2.28 51.38 4.38
C TYR A 176 -3.76 51.33 4.68
N LYS A 177 -4.42 52.48 4.55
CA LYS A 177 -5.86 52.59 4.72
C LYS A 177 -6.35 53.74 3.85
N VAL A 178 -7.44 53.49 3.12
CA VAL A 178 -8.02 54.47 2.20
C VAL A 178 -9.33 55.00 2.77
N ASP A 179 -9.52 56.31 2.69
CA ASP A 179 -10.76 56.97 3.10
C ASP A 179 -11.45 57.54 1.86
N ALA A 180 -12.45 56.82 1.36
CA ALA A 180 -13.11 57.19 0.11
C ALA A 180 -14.13 58.29 0.36
N THR A 181 -14.29 59.17 -0.63
CA THR A 181 -15.27 60.26 -0.61
C THR A 181 -16.26 60.09 -1.75
N ARG A 182 -17.36 59.40 -1.48
CA ARG A 182 -18.37 59.08 -2.49
C ARG A 182 -19.59 59.94 -2.22
N VAL A 183 -19.54 61.19 -2.69
CA VAL A 183 -20.65 62.13 -2.58
C VAL A 183 -21.38 62.18 -3.91
N GLU A 184 -22.44 62.97 -3.99
CA GLU A 184 -23.13 63.21 -5.24
C GLU A 184 -22.42 64.34 -5.98
N GLN A 185 -23.12 65.00 -6.91
CA GLN A 185 -22.56 66.04 -7.76
C GLN A 185 -21.22 65.63 -8.39
N ARG A 186 -21.04 64.32 -8.59
CA ARG A 186 -19.84 63.70 -9.14
C ARG A 186 -18.56 64.47 -8.87
N THR A 187 -18.24 64.69 -7.59
CA THR A 187 -16.99 65.30 -7.16
C THR A 187 -16.33 64.34 -6.17
N ASP A 188 -15.74 63.28 -6.71
CA ASP A 188 -15.16 62.21 -5.90
C ASP A 188 -13.64 62.26 -5.95
N PHE A 189 -13.03 61.70 -4.91
CA PHE A 189 -11.58 61.62 -4.79
C PHE A 189 -11.28 60.53 -3.76
N ASP A 190 -10.01 60.42 -3.38
CA ASP A 190 -9.58 59.38 -2.46
C ASP A 190 -8.55 59.99 -1.50
N LYS A 191 -7.97 59.15 -0.65
CA LYS A 191 -6.96 59.58 0.29
C LYS A 191 -6.26 58.38 0.91
N LEU A 192 -4.96 58.27 0.71
CA LEU A 192 -4.18 57.14 1.18
C LEU A 192 -3.36 57.57 2.39
N ILE A 193 -3.32 56.70 3.42
CA ILE A 193 -2.54 56.97 4.63
C ILE A 193 -1.59 55.80 4.84
N LEU A 194 -0.36 55.94 4.35
CA LEU A 194 0.65 54.91 4.48
C LEU A 194 1.34 54.99 5.84
N ASP A 195 1.69 53.82 6.38
CA ASP A 195 2.46 53.73 7.63
C ASP A 195 3.66 52.83 7.41
N VAL A 196 4.86 53.34 7.66
CA VAL A 196 6.10 52.60 7.44
C VAL A 196 6.86 52.55 8.76
N GLU A 197 7.16 51.34 9.23
CA GLU A 197 7.96 51.12 10.42
C GLU A 197 9.25 50.40 10.06
N THR A 198 10.39 51.07 10.27
CA THR A 198 11.69 50.51 9.95
C THR A 198 12.38 50.06 11.22
N LYS A 199 13.39 49.20 11.09
CA LYS A 199 13.99 48.61 12.27
C LYS A 199 14.69 49.65 13.14
N ASN A 200 15.92 50.02 12.78
CA ASN A 200 16.57 51.14 13.44
C ASN A 200 17.72 51.71 12.62
N SER A 201 17.94 51.17 11.43
CA SER A 201 19.07 51.60 10.61
C SER A 201 18.73 52.71 9.63
N ILE A 202 17.48 52.81 9.21
CA ILE A 202 17.07 53.78 8.19
C ILE A 202 15.81 54.47 8.69
N SER A 203 15.80 55.80 8.58
CA SER A 203 14.64 56.56 9.05
C SER A 203 13.45 56.29 8.15
N PRO A 204 12.23 56.33 8.69
CA PRO A 204 11.04 55.97 7.90
C PRO A 204 10.84 56.80 6.63
N ARG A 205 11.67 57.81 6.40
CA ARG A 205 11.50 58.67 5.23
C ARG A 205 12.61 58.50 4.20
N ASP A 206 13.57 57.59 4.42
CA ASP A 206 14.56 57.28 3.40
C ASP A 206 14.23 55.98 2.67
N ALA A 207 13.33 55.19 3.24
CA ALA A 207 12.86 53.98 2.58
C ALA A 207 11.82 54.33 1.54
N LEU A 208 10.90 55.24 1.88
CA LEU A 208 9.96 55.73 0.88
C LEU A 208 10.70 56.39 -0.28
N ALA A 209 11.89 56.94 -0.04
CA ALA A 209 12.58 57.61 -1.13
C ALA A 209 13.46 56.64 -1.93
N SER A 210 13.83 55.50 -1.34
CA SER A 210 14.48 54.50 -2.18
C SER A 210 13.46 53.76 -3.02
N ALA A 211 12.24 53.59 -2.49
CA ALA A 211 11.20 52.98 -3.31
C ALA A 211 10.66 53.95 -4.34
N GLY A 212 10.78 55.27 -4.08
CA GLY A 212 10.36 56.22 -5.09
C GLY A 212 11.39 56.35 -6.19
N LYS A 213 12.66 56.14 -5.88
CA LYS A 213 13.64 56.10 -6.97
C LYS A 213 13.47 54.83 -7.79
N THR A 214 13.26 53.69 -7.13
CA THR A 214 13.10 52.44 -7.87
C THR A 214 11.89 52.50 -8.80
N LEU A 215 10.79 53.11 -8.33
CA LEU A 215 9.59 53.13 -9.15
C LEU A 215 9.61 54.27 -10.16
N VAL A 216 10.36 55.35 -9.90
CA VAL A 216 10.51 56.38 -10.92
C VAL A 216 11.51 55.94 -11.99
N GLU A 217 12.22 54.84 -11.76
CA GLU A 217 13.18 54.35 -12.74
C GLU A 217 12.77 53.05 -13.41
N LEU A 218 11.72 52.39 -12.92
CA LEU A 218 11.18 51.23 -13.62
C LEU A 218 10.00 51.57 -14.52
N PHE A 219 9.25 52.63 -14.23
CA PHE A 219 8.17 53.11 -15.09
C PHE A 219 8.66 54.09 -16.14
N GLY A 220 9.89 53.94 -16.61
CA GLY A 220 10.41 54.81 -17.64
C GLY A 220 10.60 54.11 -18.97
N LEU A 221 10.52 52.78 -18.96
CA LEU A 221 10.54 52.02 -20.19
C LEU A 221 9.18 51.94 -20.85
N ALA A 222 8.22 52.74 -20.38
CA ALA A 222 6.90 52.86 -20.98
C ALA A 222 6.72 54.15 -21.75
N ARG A 223 7.23 55.27 -21.22
CA ARG A 223 7.18 56.56 -21.89
C ARG A 223 8.36 56.75 -22.85
N GLU A 224 8.89 55.67 -23.41
CA GLU A 224 10.00 55.72 -24.34
C GLU A 224 9.54 55.75 -25.79
N LEU A 225 8.24 55.88 -26.05
CA LEU A 225 7.70 55.82 -27.40
C LEU A 225 7.15 57.17 -27.82
N ASN A 226 6.01 57.59 -27.25
CA ASN A 226 5.30 58.82 -27.63
C ASN A 226 5.34 59.13 -29.12
N MET B 1 22.86 50.23 -7.04
CA MET B 1 22.88 48.84 -7.49
C MET B 1 22.39 48.73 -8.92
N LEU B 2 22.88 47.73 -9.64
CA LEU B 2 22.47 47.48 -11.01
C LEU B 2 21.44 46.35 -11.08
N ILE B 3 20.70 46.32 -12.18
CA ILE B 3 19.59 45.39 -12.32
C ILE B 3 20.04 44.03 -12.83
N SER B 4 21.16 43.97 -13.56
CA SER B 4 21.75 42.80 -14.22
C SER B 4 21.25 42.71 -15.66
N GLN B 5 19.95 42.52 -15.84
CA GLN B 5 19.34 42.43 -17.17
C GLN B 5 18.32 43.55 -17.33
N ARG B 6 18.50 44.35 -18.38
CA ARG B 6 17.65 45.50 -18.61
C ARG B 6 16.36 45.08 -19.30
N PRO B 7 15.19 45.38 -18.75
CA PRO B 7 13.93 45.08 -19.45
C PRO B 7 13.82 45.85 -20.76
N THR B 8 13.00 45.32 -21.67
CA THR B 8 12.76 45.96 -22.96
C THR B 8 11.29 45.78 -23.33
N LEU B 9 10.67 46.86 -23.79
CA LEU B 9 9.28 46.83 -24.25
C LEU B 9 9.21 46.58 -25.76
N SER B 10 8.28 45.70 -26.15
CA SER B 10 8.04 45.41 -27.56
C SER B 10 6.55 45.30 -27.81
N GLU B 11 6.13 45.70 -29.01
CA GLU B 11 4.72 45.71 -29.38
C GLU B 11 4.44 44.67 -30.46
N ASP B 12 3.15 44.38 -30.67
CA ASP B 12 2.73 43.40 -31.67
C ASP B 12 1.33 43.78 -32.17
N VAL B 13 1.29 44.67 -33.17
CA VAL B 13 0.02 45.18 -33.68
C VAL B 13 -0.80 44.02 -34.24
N LEU B 14 -1.95 43.74 -33.62
CA LEU B 14 -2.84 42.70 -34.12
C LEU B 14 -3.80 43.29 -35.15
N THR B 15 -4.78 44.05 -34.68
CA THR B 15 -5.70 44.80 -35.50
C THR B 15 -5.22 46.26 -35.57
N ASP B 16 -6.13 47.18 -35.90
CA ASP B 16 -5.77 48.59 -35.97
C ASP B 16 -5.95 49.30 -34.64
N ASN B 17 -6.85 48.80 -33.79
CA ASN B 17 -7.12 49.35 -32.46
C ASN B 17 -6.97 48.26 -31.41
N ARG B 18 -5.82 47.60 -31.41
CA ARG B 18 -5.50 46.55 -30.44
C ARG B 18 -4.05 46.15 -30.62
N SER B 19 -3.35 45.96 -29.51
CA SER B 19 -1.94 45.62 -29.53
C SER B 19 -1.64 44.69 -28.37
N GLN B 20 -0.36 44.34 -28.22
CA GLN B 20 0.02 43.37 -27.18
C GLN B 20 1.47 43.67 -26.76
N PHE B 21 1.62 44.51 -25.74
CA PHE B 21 2.94 44.88 -25.26
C PHE B 21 3.50 43.80 -24.34
N VAL B 22 4.79 43.50 -24.51
CA VAL B 22 5.50 42.51 -23.69
C VAL B 22 6.72 43.19 -23.07
N ILE B 23 6.90 42.98 -21.77
CA ILE B 23 8.00 43.57 -21.01
C ILE B 23 8.74 42.46 -20.28
N GLU B 24 9.98 42.18 -20.69
CA GLU B 24 10.76 41.10 -20.11
C GLU B 24 12.24 41.39 -20.35
N PRO B 25 13.13 40.97 -19.44
CA PRO B 25 12.96 40.16 -18.23
C PRO B 25 12.80 41.02 -16.98
N LEU B 26 11.86 40.67 -16.11
CA LEU B 26 11.56 41.45 -14.92
C LEU B 26 11.99 40.67 -13.68
N GLU B 27 12.62 41.37 -12.74
CA GLU B 27 13.13 40.74 -11.53
C GLU B 27 12.00 40.04 -10.78
N PRO B 28 12.31 38.94 -10.07
CA PRO B 28 11.24 38.15 -9.43
C PRO B 28 10.33 38.97 -8.55
N GLY B 29 9.08 39.14 -8.98
CA GLY B 29 8.08 39.83 -8.20
C GLY B 29 7.59 41.12 -8.80
N PHE B 30 8.26 41.63 -9.83
CA PHE B 30 7.94 42.93 -10.40
C PHE B 30 6.98 42.85 -11.56
N GLY B 31 6.30 41.72 -11.73
CA GLY B 31 5.37 41.56 -12.83
C GLY B 31 3.98 41.91 -12.35
N TYR B 32 3.77 41.81 -11.04
CA TYR B 32 2.51 42.17 -10.41
C TYR B 32 2.53 43.58 -9.83
N THR B 33 3.71 44.18 -9.70
CA THR B 33 3.82 45.57 -9.26
C THR B 33 3.58 46.54 -10.40
N LEU B 34 3.82 46.11 -11.64
CA LEU B 34 3.69 46.96 -12.80
C LEU B 34 2.42 46.71 -13.59
N GLY B 35 1.66 45.67 -13.26
CA GLY B 35 0.49 45.32 -14.02
C GLY B 35 -0.76 46.08 -13.63
N ASN B 36 -1.16 45.95 -12.37
CA ASN B 36 -2.43 46.53 -11.94
C ASN B 36 -2.38 48.05 -11.95
N SER B 37 -1.21 48.65 -11.76
CA SER B 37 -1.15 50.10 -11.73
C SER B 37 -1.09 50.69 -13.13
N LEU B 38 -0.62 49.92 -14.10
CA LEU B 38 -0.67 50.37 -15.48
C LEU B 38 -2.07 50.19 -16.03
N ARG B 39 -2.74 49.11 -15.62
CA ARG B 39 -4.13 48.92 -16.04
C ARG B 39 -5.03 50.02 -15.49
N ARG B 40 -4.83 50.39 -14.23
CA ARG B 40 -5.71 51.39 -13.64
C ARG B 40 -5.36 52.79 -14.14
N THR B 41 -4.07 53.09 -14.34
CA THR B 41 -3.71 54.38 -14.92
C THR B 41 -4.18 54.48 -16.36
N LEU B 42 -4.32 53.35 -17.05
CA LEU B 42 -4.77 53.38 -18.43
C LEU B 42 -6.28 53.55 -18.49
N LEU B 43 -7.02 53.01 -17.51
CA LEU B 43 -8.46 53.09 -17.56
C LEU B 43 -9.04 54.19 -16.67
N SER B 44 -8.22 55.05 -16.09
CA SER B 44 -8.80 56.18 -15.36
C SER B 44 -7.88 57.38 -15.23
N SER B 45 -7.14 57.73 -16.29
CA SER B 45 -6.31 58.93 -16.19
C SER B 45 -6.21 59.71 -17.51
N ILE B 46 -6.38 59.03 -18.63
CA ILE B 46 -6.34 59.68 -19.94
C ILE B 46 -7.60 60.51 -20.16
N PRO B 47 -7.47 61.81 -20.42
CA PRO B 47 -8.66 62.66 -20.59
C PRO B 47 -9.32 62.47 -21.94
N GLY B 48 -10.56 62.93 -22.02
CA GLY B 48 -11.34 62.80 -23.23
C GLY B 48 -12.68 63.47 -23.07
N ALA B 49 -13.50 63.38 -24.11
CA ALA B 49 -14.80 64.03 -24.14
C ALA B 49 -15.87 63.03 -24.53
N ALA B 50 -17.10 63.29 -24.08
CA ALA B 50 -18.21 62.39 -24.34
C ALA B 50 -19.51 63.14 -24.11
N VAL B 51 -20.60 62.54 -24.58
CA VAL B 51 -21.94 63.12 -24.43
C VAL B 51 -22.41 62.90 -23.01
N THR B 52 -22.96 63.95 -22.39
CA THR B 52 -23.39 63.88 -21.01
C THR B 52 -24.89 64.09 -20.80
N SER B 53 -25.61 64.58 -21.80
CA SER B 53 -27.06 64.74 -21.66
C SER B 53 -27.66 64.92 -23.05
N ILE B 54 -28.90 64.47 -23.20
CA ILE B 54 -29.66 64.64 -24.42
C ILE B 54 -31.03 65.24 -24.07
N ARG B 55 -31.69 65.79 -25.08
CA ARG B 55 -33.01 66.37 -24.91
C ARG B 55 -33.81 66.14 -26.19
N ILE B 56 -34.28 64.90 -26.36
CA ILE B 56 -35.08 64.56 -27.53
C ILE B 56 -36.43 65.28 -27.43
N ASP B 57 -36.96 65.67 -28.58
CA ASP B 57 -38.18 66.46 -28.62
C ASP B 57 -39.41 65.56 -28.57
N GLY B 58 -40.48 66.08 -27.97
CA GLY B 58 -41.73 65.37 -27.92
C GLY B 58 -41.90 64.40 -26.77
N VAL B 59 -41.20 64.62 -25.65
CA VAL B 59 -41.28 63.71 -24.52
C VAL B 59 -41.38 64.51 -23.22
N LEU B 60 -42.56 65.07 -22.97
CA LEU B 60 -42.82 65.78 -21.72
C LEU B 60 -42.88 64.83 -20.53
N HIS B 61 -43.34 63.59 -20.76
CA HIS B 61 -43.42 62.57 -19.72
C HIS B 61 -43.00 61.22 -20.28
N GLU B 62 -43.77 60.18 -19.96
CA GLU B 62 -43.56 58.78 -20.37
C GLU B 62 -42.60 58.63 -21.55
N PHE B 63 -41.42 58.08 -21.27
CA PHE B 63 -40.35 57.89 -22.25
C PHE B 63 -40.45 56.47 -22.83
N THR B 64 -41.37 56.30 -23.77
CA THR B 64 -41.65 55.00 -24.35
C THR B 64 -41.35 54.96 -25.83
N THR B 65 -42.07 55.74 -26.65
CA THR B 65 -41.86 55.77 -28.08
C THR B 65 -42.05 57.18 -28.61
N VAL B 66 -41.16 57.60 -29.50
CA VAL B 66 -41.21 58.97 -30.02
C VAL B 66 -41.92 58.95 -31.37
N PRO B 67 -42.81 59.91 -31.62
CA PRO B 67 -43.60 59.90 -32.86
C PRO B 67 -42.73 59.91 -34.11
N GLY B 68 -42.96 58.93 -34.99
CA GLY B 68 -42.27 58.87 -36.26
C GLY B 68 -41.14 57.86 -36.38
N VAL B 69 -40.31 57.75 -35.34
CA VAL B 69 -39.15 56.87 -35.42
C VAL B 69 -39.56 55.44 -35.06
N LYS B 70 -38.74 54.49 -35.51
CA LYS B 70 -39.01 53.07 -35.34
C LYS B 70 -38.20 52.47 -34.19
N GLU B 71 -37.83 53.28 -33.20
CA GLU B 71 -37.00 52.82 -32.09
C GLU B 71 -37.47 53.48 -30.81
N ASP B 72 -37.31 52.76 -29.71
CA ASP B 72 -37.61 53.30 -28.40
C ASP B 72 -36.48 54.23 -27.95
N VAL B 73 -36.74 55.00 -26.90
CA VAL B 73 -35.77 55.99 -26.43
C VAL B 73 -34.51 55.30 -25.91
N THR B 74 -34.61 54.05 -25.47
CA THR B 74 -33.44 53.38 -24.92
C THR B 74 -32.47 52.98 -26.03
N GLU B 75 -32.98 52.65 -27.21
CA GLU B 75 -32.08 52.35 -28.32
C GLU B 75 -31.47 53.62 -28.87
N ILE B 76 -32.21 54.74 -28.81
CA ILE B 76 -31.63 56.02 -29.22
C ILE B 76 -30.50 56.40 -28.27
N ILE B 77 -30.67 56.11 -26.97
CA ILE B 77 -29.62 56.42 -26.02
C ILE B 77 -28.41 55.50 -26.26
N LEU B 78 -28.67 54.22 -26.49
CA LEU B 78 -27.58 53.28 -26.72
C LEU B 78 -26.80 53.63 -27.98
N ASN B 79 -27.48 54.21 -28.98
CA ASN B 79 -26.80 54.61 -30.21
C ASN B 79 -26.20 56.00 -30.12
N LEU B 80 -26.64 56.82 -29.16
CA LEU B 80 -26.06 58.13 -28.92
C LEU B 80 -25.16 58.14 -27.71
N LYS B 81 -24.67 56.97 -27.31
CA LYS B 81 -23.69 56.86 -26.24
C LYS B 81 -22.44 56.14 -26.71
N SER B 82 -22.41 55.69 -27.96
CA SER B 82 -21.23 55.06 -28.55
C SER B 82 -20.61 55.96 -29.62
N LEU B 83 -20.81 57.27 -29.49
CA LEU B 83 -20.30 58.24 -30.44
C LEU B 83 -18.91 58.68 -30.00
N VAL B 84 -17.90 58.43 -30.83
CA VAL B 84 -16.54 58.87 -30.56
C VAL B 84 -16.40 60.33 -30.89
N VAL B 85 -16.59 61.20 -29.89
CA VAL B 85 -16.50 62.63 -30.07
C VAL B 85 -15.25 63.14 -29.36
N SER B 86 -14.87 64.38 -29.68
CA SER B 86 -13.76 65.06 -29.01
C SER B 86 -13.98 66.56 -29.11
N SER B 87 -13.55 67.27 -28.07
CA SER B 87 -13.79 68.71 -28.00
C SER B 87 -12.54 69.41 -27.49
N GLU B 88 -12.22 70.56 -28.10
CA GLU B 88 -11.11 71.36 -27.64
C GLU B 88 -11.60 72.64 -26.94
N GLU B 89 -12.30 72.49 -25.83
CA GLU B 89 -12.83 73.62 -25.09
C GLU B 89 -12.67 73.32 -23.60
N ASP B 90 -13.45 74.03 -22.79
CA ASP B 90 -13.43 73.80 -21.34
C ASP B 90 -14.84 73.53 -20.83
N GLU B 91 -15.73 74.50 -21.00
CA GLU B 91 -17.09 74.40 -20.50
C GLU B 91 -18.00 73.69 -21.50
N PRO B 92 -19.11 73.11 -21.01
CA PRO B 92 -20.10 72.48 -21.90
C PRO B 92 -20.42 73.23 -23.18
N VAL B 93 -20.56 72.50 -24.28
CA VAL B 93 -20.98 73.04 -25.56
C VAL B 93 -22.37 72.51 -25.85
N THR B 94 -22.86 72.67 -27.07
CA THR B 94 -24.17 72.16 -27.43
C THR B 94 -24.21 71.85 -28.92
N MET B 95 -24.77 70.69 -29.26
CA MET B 95 -24.88 70.21 -30.62
C MET B 95 -26.35 69.98 -30.97
N TYR B 96 -26.62 69.84 -32.27
CA TYR B 96 -27.98 69.68 -32.76
C TYR B 96 -28.00 68.70 -33.92
N LEU B 97 -29.06 67.90 -33.97
CA LEU B 97 -29.28 66.95 -35.06
C LEU B 97 -30.75 67.07 -35.48
N ARG B 98 -31.00 67.57 -36.68
CA ARG B 98 -32.35 67.82 -37.17
C ARG B 98 -32.45 67.34 -38.62
N LYS B 99 -32.88 66.10 -38.81
CA LYS B 99 -33.13 65.54 -40.13
C LYS B 99 -34.61 65.22 -40.23
N GLN B 100 -35.24 65.72 -41.30
CA GLN B 100 -36.68 65.55 -41.53
C GLN B 100 -36.87 64.91 -42.90
N GLY B 101 -37.38 63.68 -42.91
CA GLY B 101 -37.69 63.01 -44.15
C GLY B 101 -37.38 61.53 -44.12
N PRO B 102 -38.03 60.77 -45.00
CA PRO B 102 -37.76 59.33 -45.10
C PRO B 102 -36.30 59.05 -45.39
N GLY B 103 -35.63 58.40 -44.44
CA GLY B 103 -34.22 58.10 -44.59
C GLY B 103 -33.61 57.39 -43.40
N GLU B 104 -32.34 57.66 -43.13
CA GLU B 104 -31.62 57.02 -42.02
C GLU B 104 -30.63 58.03 -41.46
N VAL B 105 -31.07 58.78 -40.44
CA VAL B 105 -30.21 59.79 -39.84
C VAL B 105 -28.96 59.12 -39.29
N THR B 106 -27.80 59.69 -39.60
CA THR B 106 -26.51 59.13 -39.23
C THR B 106 -25.65 60.22 -38.61
N ALA B 107 -24.49 59.80 -38.09
CA ALA B 107 -23.60 60.71 -37.38
C ALA B 107 -22.97 61.77 -38.29
N GLY B 108 -23.14 61.67 -39.60
CA GLY B 108 -22.61 62.66 -40.51
C GLY B 108 -23.56 63.83 -40.69
N ASP B 109 -24.45 64.03 -39.71
CA ASP B 109 -25.47 65.07 -39.79
C ASP B 109 -25.46 66.02 -38.61
N ILE B 110 -24.78 65.69 -37.51
CA ILE B 110 -24.66 66.59 -36.37
C ILE B 110 -23.65 67.68 -36.74
N VAL B 111 -24.15 68.88 -37.02
CA VAL B 111 -23.27 69.98 -37.41
C VAL B 111 -22.33 70.31 -36.25
N PRO B 112 -21.02 70.33 -36.47
CA PRO B 112 -20.09 70.51 -35.35
C PRO B 112 -19.97 71.98 -34.97
N PRO B 113 -20.01 72.29 -33.67
CA PRO B 113 -19.96 73.68 -33.20
C PRO B 113 -18.58 74.33 -33.24
N ALA B 114 -17.93 74.25 -34.41
CA ALA B 114 -16.60 74.81 -34.64
C ALA B 114 -15.63 74.61 -33.47
N GLY B 115 -15.04 73.43 -33.37
CA GLY B 115 -14.18 73.12 -32.24
C GLY B 115 -14.30 71.68 -31.78
N VAL B 116 -15.51 71.13 -31.80
CA VAL B 116 -15.71 69.72 -31.49
C VAL B 116 -15.83 68.97 -32.81
N THR B 117 -15.35 67.72 -32.82
CA THR B 117 -15.32 66.91 -34.04
C THR B 117 -15.86 65.53 -33.77
N VAL B 118 -16.42 64.92 -34.82
CA VAL B 118 -16.90 63.55 -34.80
C VAL B 118 -15.97 62.70 -35.64
N HIS B 119 -15.39 61.66 -35.04
CA HIS B 119 -14.38 60.87 -35.74
C HIS B 119 -14.94 59.61 -36.40
N ASN B 120 -16.17 59.22 -36.10
CA ASN B 120 -16.82 58.06 -36.72
C ASN B 120 -18.13 58.50 -37.35
N PRO B 121 -18.08 59.21 -38.48
CA PRO B 121 -19.31 59.75 -39.07
C PRO B 121 -20.00 58.77 -39.98
N GLY B 122 -20.08 57.50 -39.56
CA GLY B 122 -20.76 56.49 -40.33
C GLY B 122 -21.72 55.64 -39.52
N MET B 123 -21.98 56.03 -38.28
CA MET B 123 -22.81 55.22 -37.39
C MET B 123 -24.28 55.57 -37.59
N HIS B 124 -25.14 54.59 -37.34
CA HIS B 124 -26.58 54.73 -37.49
C HIS B 124 -27.18 55.14 -36.15
N ILE B 125 -27.87 56.27 -36.13
CA ILE B 125 -28.54 56.74 -34.92
C ILE B 125 -29.99 56.27 -34.87
N ALA B 126 -30.72 56.44 -35.97
CA ALA B 126 -32.10 56.00 -36.06
C ALA B 126 -32.49 55.91 -37.52
N THR B 127 -33.66 55.32 -37.76
CA THR B 127 -34.22 55.18 -39.11
C THR B 127 -35.60 55.85 -39.13
N LEU B 128 -35.63 57.13 -39.50
CA LEU B 128 -36.88 57.85 -39.66
C LEU B 128 -37.62 57.31 -40.88
N ASN B 129 -38.67 56.53 -40.64
CA ASN B 129 -39.40 55.84 -41.69
C ASN B 129 -40.81 56.36 -41.87
N ASP B 130 -41.57 56.55 -40.79
CA ASP B 130 -42.95 56.95 -40.91
C ASP B 130 -43.10 58.45 -41.13
N LYS B 131 -42.32 59.00 -42.07
CA LYS B 131 -42.38 60.40 -42.46
C LYS B 131 -42.46 61.35 -41.26
N GLY B 132 -41.38 61.45 -40.50
CA GLY B 132 -41.37 62.36 -39.38
C GLY B 132 -40.15 63.25 -39.30
N LYS B 133 -39.82 63.73 -38.11
CA LYS B 133 -38.65 64.57 -37.90
C LYS B 133 -38.07 64.30 -36.54
N LEU B 134 -36.74 64.22 -36.47
CA LEU B 134 -36.01 64.03 -35.23
C LEU B 134 -35.26 65.32 -34.89
N GLU B 135 -35.36 65.75 -33.63
CA GLU B 135 -34.64 66.92 -33.15
C GLU B 135 -34.02 66.60 -31.79
N VAL B 136 -32.70 66.47 -31.76
CA VAL B 136 -31.95 66.10 -30.55
C VAL B 136 -30.98 67.22 -30.22
N GLU B 137 -30.94 67.62 -28.95
CA GLU B 137 -30.00 68.61 -28.45
C GLU B 137 -29.06 67.95 -27.45
N LEU B 138 -27.80 67.77 -27.85
CA LEU B 138 -26.81 67.09 -27.01
C LEU B 138 -25.86 68.09 -26.35
N VAL B 139 -25.28 67.66 -25.23
CA VAL B 139 -24.30 68.43 -24.48
C VAL B 139 -23.04 67.57 -24.33
N VAL B 140 -21.95 67.98 -24.98
CA VAL B 140 -20.70 67.23 -24.97
C VAL B 140 -19.70 67.97 -24.09
N GLU B 141 -19.29 67.35 -22.98
CA GLU B 141 -18.26 67.88 -22.10
C GLU B 141 -17.10 66.90 -21.99
N ARG B 142 -16.03 67.35 -21.32
CA ARG B 142 -14.81 66.57 -21.17
C ARG B 142 -14.69 66.05 -19.75
N GLY B 143 -13.80 65.08 -19.56
CA GLY B 143 -13.63 64.45 -18.27
C GLY B 143 -12.62 63.33 -18.26
N ARG B 144 -12.79 62.36 -17.37
CA ARG B 144 -11.88 61.22 -17.28
C ARG B 144 -12.59 60.06 -16.59
N GLY B 145 -12.51 58.89 -17.18
CA GLY B 145 -13.11 57.70 -16.61
C GLY B 145 -14.56 57.50 -17.00
N TYR B 146 -15.20 56.58 -16.29
CA TYR B 146 -16.62 56.30 -16.46
C TYR B 146 -17.37 56.92 -15.29
N VAL B 147 -18.15 57.95 -15.56
CA VAL B 147 -18.95 58.62 -14.53
C VAL B 147 -20.40 58.21 -14.71
N PRO B 148 -21.04 57.60 -13.71
CA PRO B 148 -22.46 57.25 -13.83
C PRO B 148 -23.33 58.50 -13.86
N ALA B 149 -24.48 58.36 -14.53
CA ALA B 149 -25.42 59.47 -14.73
C ALA B 149 -25.52 60.36 -13.50
N VAL B 150 -25.34 61.67 -13.72
CA VAL B 150 -25.38 62.64 -12.63
C VAL B 150 -26.83 63.12 -12.52
N GLN B 151 -27.67 62.27 -11.90
CA GLN B 151 -29.06 62.61 -11.68
C GLN B 151 -29.18 63.99 -11.06
N ASN B 152 -29.79 64.93 -11.77
CA ASN B 152 -29.83 66.30 -11.31
C ASN B 152 -31.15 66.59 -10.59
N ARG B 153 -31.41 67.89 -10.36
CA ARG B 153 -32.62 68.33 -9.68
C ARG B 153 -32.95 69.76 -10.08
N ALA B 154 -32.70 70.11 -11.34
CA ALA B 154 -32.89 71.48 -11.80
C ALA B 154 -34.30 71.99 -11.51
N SER B 155 -35.30 71.11 -11.58
CA SER B 155 -36.69 71.42 -11.27
C SER B 155 -37.17 72.62 -12.09
N GLY B 156 -37.16 72.44 -13.41
CA GLY B 156 -37.54 73.49 -14.32
C GLY B 156 -36.66 73.55 -15.56
N ALA B 157 -35.36 73.73 -15.36
CA ALA B 157 -34.45 73.69 -16.49
C ALA B 157 -34.34 72.29 -17.10
N GLU B 158 -34.62 71.25 -16.31
CA GLU B 158 -34.67 69.88 -16.81
C GLU B 158 -36.11 69.49 -17.10
N ILE B 159 -36.68 70.13 -18.13
CA ILE B 159 -38.04 69.79 -18.54
C ILE B 159 -38.10 68.33 -18.99
N GLY B 160 -37.06 67.88 -19.68
CA GLY B 160 -36.97 66.51 -20.13
C GLY B 160 -35.54 66.14 -20.44
N ARG B 161 -34.60 66.77 -19.73
CA ARG B 161 -33.17 66.53 -19.91
C ARG B 161 -32.82 65.17 -19.32
N ILE B 162 -33.05 64.13 -20.12
CA ILE B 162 -32.67 62.77 -19.75
C ILE B 162 -31.17 62.74 -19.45
N PRO B 163 -30.76 62.28 -18.27
CA PRO B 163 -29.33 62.14 -18.01
C PRO B 163 -28.78 60.79 -18.44
N VAL B 164 -27.69 60.79 -19.19
CA VAL B 164 -27.09 59.57 -19.71
C VAL B 164 -25.75 59.34 -19.03
N ASP B 165 -25.18 58.16 -19.28
CA ASP B 165 -23.86 57.86 -18.77
C ASP B 165 -22.80 58.42 -19.71
N SER B 166 -21.60 58.62 -19.17
CA SER B 166 -20.51 59.25 -19.92
C SER B 166 -19.27 58.37 -19.84
N ILE B 167 -18.87 57.81 -20.97
CA ILE B 167 -17.64 57.04 -21.09
C ILE B 167 -16.58 58.00 -21.60
N TYR B 168 -15.90 58.70 -20.67
CA TYR B 168 -14.90 59.67 -21.08
C TYR B 168 -13.58 59.04 -21.48
N SER B 169 -13.32 57.81 -21.04
CA SER B 169 -12.05 57.17 -21.29
C SER B 169 -11.88 56.85 -22.77
N PRO B 170 -10.71 57.09 -23.36
CA PRO B 170 -10.47 56.65 -24.74
C PRO B 170 -10.06 55.19 -24.86
N VAL B 171 -9.77 54.51 -23.75
CA VAL B 171 -9.46 53.09 -23.76
C VAL B 171 -10.69 52.32 -23.29
N LEU B 172 -10.88 51.12 -23.82
CA LEU B 172 -12.10 50.35 -23.56
C LEU B 172 -11.90 49.04 -22.85
N LYS B 173 -10.78 48.35 -23.05
CA LYS B 173 -10.58 47.07 -22.37
C LYS B 173 -9.09 46.80 -22.24
N VAL B 174 -8.60 46.67 -21.01
CA VAL B 174 -7.22 46.30 -20.73
C VAL B 174 -7.22 45.04 -19.89
N THR B 175 -6.35 44.10 -20.24
CA THR B 175 -6.17 42.86 -19.48
C THR B 175 -4.69 42.52 -19.49
N TYR B 176 -4.23 41.90 -18.40
CA TYR B 176 -2.82 41.59 -18.24
C TYR B 176 -2.65 40.19 -17.69
N LYS B 177 -1.56 39.53 -18.07
CA LYS B 177 -1.22 38.20 -17.59
C LYS B 177 0.29 38.15 -17.36
N VAL B 178 0.70 37.64 -16.21
CA VAL B 178 2.12 37.50 -15.88
C VAL B 178 2.55 36.05 -16.08
N ASP B 179 3.54 35.84 -16.94
CA ASP B 179 4.07 34.53 -17.30
C ASP B 179 5.38 34.27 -16.55
N ALA B 180 6.27 33.48 -17.15
CA ALA B 180 7.54 33.15 -16.52
C ALA B 180 8.59 32.90 -17.61
N THR B 181 9.83 33.30 -17.33
CA THR B 181 10.94 33.14 -18.26
C THR B 181 12.15 32.57 -17.54
N ARG B 182 13.18 32.25 -18.33
CA ARG B 182 14.44 31.72 -17.83
C ARG B 182 15.58 32.59 -18.34
N VAL B 183 16.51 32.94 -17.44
CA VAL B 183 17.60 33.83 -17.78
C VAL B 183 18.95 33.11 -17.86
N GLU B 184 19.16 32.08 -17.05
CA GLU B 184 20.35 31.23 -17.14
C GLU B 184 20.01 29.86 -16.60
N GLN B 185 20.47 29.55 -15.39
CA GLN B 185 20.03 28.35 -14.69
C GLN B 185 18.87 28.66 -13.75
N ARG B 186 18.44 29.93 -13.70
CA ARG B 186 17.41 30.39 -12.79
C ARG B 186 16.12 30.66 -13.58
N THR B 187 15.09 29.88 -13.27
CA THR B 187 13.76 30.08 -13.82
C THR B 187 13.05 31.15 -12.98
N ASP B 188 11.75 30.96 -12.74
CA ASP B 188 10.94 31.82 -11.87
C ASP B 188 11.12 33.32 -12.06
N PHE B 189 11.45 33.76 -13.27
CA PHE B 189 11.49 35.18 -13.57
C PHE B 189 10.08 35.61 -13.99
N ASP B 190 9.93 36.78 -14.62
CA ASP B 190 8.59 37.28 -14.89
C ASP B 190 8.54 37.90 -16.28
N LYS B 191 7.31 38.02 -16.80
CA LYS B 191 7.07 38.64 -18.10
C LYS B 191 5.63 39.13 -18.15
N LEU B 192 5.44 40.43 -18.32
CA LEU B 192 4.11 41.03 -18.38
C LEU B 192 3.64 41.13 -19.82
N ILE B 193 2.37 40.78 -20.06
CA ILE B 193 1.78 40.80 -21.40
C ILE B 193 0.48 41.61 -21.34
N LEU B 194 0.58 42.93 -21.53
CA LEU B 194 -0.60 43.76 -21.50
C LEU B 194 -1.44 43.52 -22.76
N ASP B 195 -2.59 44.19 -22.83
CA ASP B 195 -3.49 44.04 -23.98
C ASP B 195 -4.47 45.19 -24.07
N VAL B 196 -4.05 46.33 -24.61
CA VAL B 196 -4.86 47.53 -24.64
C VAL B 196 -5.71 47.58 -25.90
N GLU B 197 -7.00 47.86 -25.75
CA GLU B 197 -7.92 48.07 -26.86
C GLU B 197 -8.57 49.43 -26.69
N THR B 198 -8.40 50.30 -27.69
CA THR B 198 -8.80 51.70 -27.59
C THR B 198 -9.99 52.02 -28.49
N LYS B 199 -10.33 53.30 -28.54
CA LYS B 199 -11.38 53.82 -29.40
C LYS B 199 -10.76 54.26 -30.73
N ASN B 200 -11.44 55.16 -31.45
CA ASN B 200 -10.98 55.60 -32.75
C ASN B 200 -10.37 57.00 -32.72
N SER B 201 -10.21 57.59 -31.54
CA SER B 201 -9.69 58.95 -31.41
C SER B 201 -8.27 58.98 -30.85
N ILE B 202 -7.75 57.85 -30.38
CA ILE B 202 -6.38 57.74 -29.91
C ILE B 202 -5.82 56.42 -30.41
N SER B 203 -4.51 56.39 -30.61
CA SER B 203 -3.92 55.12 -31.02
C SER B 203 -3.43 54.34 -29.82
N PRO B 204 -3.45 53.00 -29.89
CA PRO B 204 -3.06 52.19 -28.73
C PRO B 204 -1.65 52.45 -28.23
N ARG B 205 -0.82 53.18 -28.97
CA ARG B 205 0.55 53.40 -28.55
C ARG B 205 0.74 54.73 -27.83
N ASP B 206 -0.13 55.71 -28.07
CA ASP B 206 -0.10 56.93 -27.28
C ASP B 206 -0.70 56.75 -25.90
N ALA B 207 -1.38 55.63 -25.67
CA ALA B 207 -1.91 55.33 -24.34
C ALA B 207 -0.78 54.89 -23.42
N LEU B 208 -0.09 53.81 -23.78
CA LEU B 208 1.13 53.48 -23.05
C LEU B 208 2.25 54.42 -23.48
N ALA B 209 2.00 55.72 -23.43
CA ALA B 209 2.98 56.76 -23.69
C ALA B 209 2.53 58.01 -22.95
N SER B 210 1.23 58.06 -22.65
CA SER B 210 0.66 59.10 -21.81
C SER B 210 0.15 58.53 -20.50
N ALA B 211 0.44 57.26 -20.25
CA ALA B 211 0.16 56.61 -18.97
C ALA B 211 1.45 56.27 -18.26
N GLY B 212 2.57 56.78 -18.74
CA GLY B 212 3.87 56.62 -18.12
C GLY B 212 4.42 58.00 -17.86
N LYS B 213 3.53 58.99 -18.02
CA LYS B 213 3.83 60.38 -17.74
C LYS B 213 2.93 60.93 -16.64
N THR B 214 1.90 60.19 -16.25
CA THR B 214 1.07 60.49 -15.09
C THR B 214 1.37 59.53 -13.96
N LEU B 215 2.45 58.76 -14.08
CA LEU B 215 2.92 57.85 -13.06
C LEU B 215 4.40 58.03 -12.76
N VAL B 216 5.11 58.81 -13.58
CA VAL B 216 6.49 59.19 -13.32
C VAL B 216 6.45 60.55 -12.63
N GLU B 217 5.25 60.95 -12.22
CA GLU B 217 5.02 62.18 -11.49
C GLU B 217 4.11 61.94 -10.30
N LEU B 218 3.64 60.70 -10.11
CA LEU B 218 2.90 60.26 -8.94
C LEU B 218 3.79 59.47 -8.00
N PHE B 219 4.75 58.75 -8.56
CA PHE B 219 5.82 58.11 -7.81
C PHE B 219 7.05 59.00 -7.75
N GLY B 220 6.88 60.27 -8.10
CA GLY B 220 7.95 61.25 -8.08
C GLY B 220 7.79 62.18 -6.90
N LEU B 221 6.71 61.96 -6.13
CA LEU B 221 6.54 62.68 -4.88
C LEU B 221 7.29 62.00 -3.75
N ALA B 222 7.74 60.77 -3.97
CA ALA B 222 8.52 60.01 -3.00
C ALA B 222 10.02 60.21 -3.19
N ARG B 223 10.47 60.31 -4.44
CA ARG B 223 11.90 60.44 -4.71
C ARG B 223 12.31 61.90 -4.62
N GLU B 224 11.59 62.66 -3.80
CA GLU B 224 11.89 64.06 -3.59
C GLU B 224 11.94 64.41 -2.11
N LEU B 225 11.71 63.43 -1.23
CA LEU B 225 11.88 63.65 0.19
C LEU B 225 13.36 63.65 0.56
N ASN B 226 14.16 62.89 -0.20
CA ASN B 226 15.62 62.87 -0.02
C ASN B 226 16.22 62.42 -1.34
N VAL B 227 16.65 63.39 -2.16
CA VAL B 227 17.12 63.10 -3.51
C VAL B 227 18.20 62.04 -3.51
N GLU B 228 19.14 62.12 -2.58
CA GLU B 228 20.26 61.18 -2.50
C GLU B 228 19.86 60.06 -1.56
N ALA B 229 19.36 58.95 -2.12
CA ALA B 229 18.84 57.85 -1.33
C ALA B 229 19.32 56.47 -1.76
N GLU B 230 19.78 56.31 -2.99
CA GLU B 230 20.34 55.05 -3.52
C GLU B 230 19.23 54.05 -3.81
N GLY B 231 19.13 53.62 -5.07
CA GLY B 231 18.13 52.65 -5.46
C GLY B 231 18.66 51.63 -6.44
N ILE B 232 17.79 51.06 -7.25
CA ILE B 232 18.18 50.10 -8.28
C ILE B 232 18.24 50.87 -9.60
N GLU B 233 19.44 51.36 -9.94
CA GLU B 233 19.65 52.00 -11.23
C GLU B 233 19.49 50.98 -12.34
N ILE B 234 18.73 51.33 -13.38
CA ILE B 234 18.45 50.35 -14.42
C ILE B 234 19.63 50.18 -15.37
N GLY B 235 20.32 51.26 -15.71
CA GLY B 235 21.44 51.18 -16.62
C GLY B 235 21.25 52.04 -17.85
N PRO B 236 22.25 52.07 -18.72
CA PRO B 236 22.12 52.82 -19.97
C PRO B 236 21.14 52.16 -20.91
N SER B 237 20.50 52.99 -21.74
CA SER B 237 19.50 52.55 -22.71
C SER B 237 19.90 51.28 -23.46
N ASN C 30 0.92 20.60 38.00
CA ASN C 30 0.66 20.28 39.39
C ASN C 30 1.27 18.93 39.74
N SER C 31 1.50 18.70 41.04
CA SER C 31 2.10 17.49 41.59
C SER C 31 3.54 17.30 41.15
N VAL C 32 4.11 18.27 40.44
CA VAL C 32 5.50 18.26 40.02
C VAL C 32 6.17 19.49 40.63
N PRO C 33 7.34 19.36 41.26
CA PRO C 33 7.91 20.50 42.00
C PRO C 33 8.00 21.78 41.20
N GLY C 34 8.64 21.73 40.04
CA GLY C 34 8.72 22.89 39.18
C GLY C 34 8.09 22.63 37.82
N ALA C 35 6.96 23.27 37.56
CA ALA C 35 6.20 23.04 36.34
C ALA C 35 5.58 24.36 35.89
N PRO C 36 5.38 24.53 34.59
CA PRO C 36 4.70 25.74 34.11
C PRO C 36 3.25 25.79 34.58
N ASN C 37 2.77 27.00 34.79
CA ASN C 37 1.39 27.21 35.27
C ASN C 37 0.48 27.17 34.04
N ARG C 38 -0.21 26.05 33.87
CA ARG C 38 -1.14 25.86 32.76
C ARG C 38 -2.55 25.76 33.33
N VAL C 39 -3.35 26.81 33.13
CA VAL C 39 -4.71 26.83 33.66
C VAL C 39 -5.58 25.88 32.85
N SER C 40 -6.60 25.32 33.50
CA SER C 40 -7.37 24.22 32.95
C SER C 40 -8.85 24.56 32.90
N PHE C 41 -9.56 23.98 31.94
CA PHE C 41 -11.00 24.12 31.78
C PHE C 41 -11.80 23.02 32.46
N ALA C 42 -11.14 22.08 33.13
CA ALA C 42 -11.85 20.93 33.66
C ALA C 42 -12.82 21.34 34.76
N LYS C 43 -13.98 20.67 34.79
CA LYS C 43 -15.00 20.94 35.80
C LYS C 43 -15.15 19.79 36.80
N LEU C 44 -14.49 18.67 36.55
CA LEU C 44 -14.53 17.50 37.42
C LEU C 44 -13.19 17.35 38.13
N ARG C 45 -13.23 16.77 39.32
CA ARG C 45 -12.01 16.49 40.07
C ARG C 45 -11.59 15.05 39.88
N GLU C 46 -10.33 14.77 40.19
CA GLU C 46 -9.73 13.46 39.95
C GLU C 46 -9.26 12.87 41.26
N PRO C 47 -9.72 11.69 41.65
CA PRO C 47 -9.27 11.06 42.89
C PRO C 47 -8.04 10.17 42.75
N LEU C 48 -7.54 9.96 41.53
CA LEU C 48 -6.39 9.10 41.30
C LEU C 48 -5.41 9.78 40.35
N GLU C 49 -4.15 9.41 40.48
CA GLU C 49 -3.08 9.88 39.62
C GLU C 49 -2.61 8.75 38.72
N VAL C 50 -2.23 9.10 37.49
CA VAL C 50 -1.82 8.05 36.56
C VAL C 50 -0.58 7.35 37.10
N PRO C 51 -0.43 6.05 36.93
CA PRO C 51 0.70 5.35 37.55
C PRO C 51 2.00 5.57 36.78
N GLY C 52 3.07 4.90 37.18
CA GLY C 52 4.27 4.92 36.38
C GLY C 52 3.95 4.39 35.00
N LEU C 53 4.36 5.09 33.95
CA LEU C 53 3.97 4.71 32.61
C LEU C 53 4.85 3.64 32.00
N LEU C 54 5.88 3.19 32.72
CA LEU C 54 6.76 2.13 32.21
C LEU C 54 6.87 0.97 33.20
N ASP C 55 5.85 0.74 34.04
CA ASP C 55 5.96 -0.32 35.02
C ASP C 55 5.52 -1.67 34.48
N VAL C 56 4.95 -1.70 33.28
CA VAL C 56 4.56 -2.97 32.64
C VAL C 56 5.78 -3.70 32.14
N GLN C 57 6.86 -2.99 31.85
CA GLN C 57 8.09 -3.61 31.36
C GLN C 57 9.00 -3.96 32.53
N THR C 58 9.15 -3.05 33.49
CA THR C 58 10.09 -3.25 34.58
C THR C 58 9.56 -4.24 35.62
N ASP C 59 8.25 -4.28 35.85
CA ASP C 59 7.75 -5.19 36.89
C ASP C 59 7.99 -6.66 36.52
N SER C 60 7.82 -7.00 35.25
CA SER C 60 8.03 -8.38 34.82
C SER C 60 9.49 -8.81 34.96
N PHE C 61 10.42 -7.94 34.57
CA PHE C 61 11.83 -8.27 34.74
C PHE C 61 12.20 -8.31 36.21
N GLU C 62 11.58 -7.46 37.04
CA GLU C 62 11.84 -7.52 38.47
C GLU C 62 11.36 -8.84 39.06
N TRP C 63 10.23 -9.34 38.58
CA TRP C 63 9.76 -10.66 39.02
C TRP C 63 10.70 -11.76 38.55
N LEU C 64 11.13 -11.70 37.29
CA LEU C 64 12.00 -12.75 36.75
C LEU C 64 13.33 -12.80 37.48
N ILE C 65 13.93 -11.64 37.75
CA ILE C 65 15.24 -11.60 38.39
C ILE C 65 15.14 -12.04 39.85
N GLY C 66 14.04 -11.74 40.52
CA GLY C 66 13.91 -12.05 41.93
C GLY C 66 14.51 -11.04 42.87
N SER C 67 14.55 -9.77 42.48
CA SER C 67 15.18 -8.74 43.29
C SER C 67 14.34 -8.44 44.53
N PRO C 68 14.94 -7.83 45.55
CA PRO C 68 14.18 -7.57 46.80
C PRO C 68 12.97 -6.68 46.60
N ARG C 69 12.97 -5.80 45.60
CA ARG C 69 11.84 -4.89 45.39
C ARG C 69 10.56 -5.68 45.12
N TRP C 70 10.61 -6.64 44.20
CA TRP C 70 9.44 -7.45 43.95
C TRP C 70 9.09 -8.31 45.15
N ARG C 71 10.09 -8.75 45.90
CA ARG C 71 9.81 -9.55 47.09
C ARG C 71 9.00 -8.76 48.10
N GLU C 72 9.39 -7.50 48.34
CA GLU C 72 8.62 -6.64 49.25
C GLU C 72 7.23 -6.37 48.69
N SER C 73 7.13 -6.12 47.38
CA SER C 73 5.82 -5.85 46.79
C SER C 73 4.88 -7.04 46.94
N ALA C 74 5.40 -8.26 46.74
CA ALA C 74 4.59 -9.45 46.95
C ALA C 74 4.32 -9.70 48.43
N ALA C 75 5.20 -9.21 49.31
CA ALA C 75 4.91 -9.28 50.73
C ALA C 75 3.84 -8.30 51.16
N GLU C 76 3.62 -7.24 50.38
CA GLU C 76 2.59 -6.27 50.72
C GLU C 76 1.21 -6.91 50.69
N ARG C 77 0.92 -7.74 49.68
CA ARG C 77 -0.36 -8.40 49.58
C ARG C 77 -0.16 -9.86 49.18
N GLY C 78 -0.93 -10.75 49.82
CA GLY C 78 -0.91 -12.16 49.47
C GLY C 78 0.45 -12.80 49.56
N ASP C 79 1.17 -12.56 50.64
CA ASP C 79 2.51 -13.12 50.83
C ASP C 79 2.39 -14.59 51.20
N VAL C 80 2.31 -15.44 50.18
CA VAL C 80 2.26 -16.88 50.35
C VAL C 80 3.53 -17.55 49.82
N ASN C 81 3.79 -17.40 48.52
CA ASN C 81 4.93 -18.03 47.86
C ASN C 81 5.71 -16.99 47.07
N PRO C 82 6.61 -16.24 47.73
CA PRO C 82 7.54 -15.41 46.97
C PRO C 82 8.51 -16.25 46.13
N VAL C 83 8.04 -16.80 45.03
CA VAL C 83 8.87 -17.57 44.11
C VAL C 83 9.24 -16.72 42.92
N GLY C 84 10.54 -16.62 42.64
CA GLY C 84 11.01 -15.87 41.50
C GLY C 84 10.69 -16.56 40.19
N GLY C 85 11.18 -15.96 39.11
CA GLY C 85 10.94 -16.51 37.79
C GLY C 85 11.89 -17.63 37.44
N LEU C 86 13.17 -17.46 37.77
CA LEU C 86 14.17 -18.49 37.52
C LEU C 86 14.10 -19.61 38.55
N GLU C 87 13.70 -19.28 39.78
CA GLU C 87 13.67 -20.28 40.85
C GLU C 87 12.64 -21.35 40.57
N GLU C 88 11.47 -20.97 40.04
CA GLU C 88 10.45 -21.99 39.78
C GLU C 88 10.86 -22.91 38.65
N VAL C 89 11.58 -22.39 37.64
CA VAL C 89 12.12 -23.26 36.59
C VAL C 89 13.14 -24.22 37.18
N LEU C 90 14.06 -23.69 37.99
CA LEU C 90 15.10 -24.54 38.58
C LEU C 90 14.52 -25.57 39.53
N TYR C 91 13.35 -25.31 40.10
CA TYR C 91 12.73 -26.26 41.02
C TYR C 91 11.83 -27.25 40.30
N GLU C 92 11.25 -26.85 39.16
CA GLU C 92 10.51 -27.80 38.34
C GLU C 92 11.45 -28.77 37.64
N LEU C 93 12.64 -28.33 37.27
CA LEU C 93 13.61 -29.23 36.64
C LEU C 93 14.03 -30.35 37.58
N SER C 94 14.68 -30.01 38.68
CA SER C 94 15.28 -31.00 39.56
C SER C 94 14.22 -31.82 40.28
N PRO C 95 14.57 -33.04 40.72
CA PRO C 95 15.84 -33.74 40.52
C PRO C 95 15.91 -34.49 39.20
N ILE C 96 17.11 -34.67 38.66
CA ILE C 96 17.32 -35.40 37.42
C ILE C 96 17.83 -36.79 37.77
N GLU C 97 17.04 -37.81 37.45
CA GLU C 97 17.36 -39.19 37.78
C GLU C 97 17.61 -39.99 36.50
N ASP C 98 18.33 -41.11 36.65
CA ASP C 98 18.61 -42.01 35.56
C ASP C 98 17.66 -43.20 35.60
N PHE C 99 17.82 -44.10 34.64
CA PHE C 99 16.93 -45.25 34.54
C PHE C 99 17.14 -46.23 35.69
N SER C 100 18.39 -46.39 36.14
CA SER C 100 18.66 -47.34 37.22
C SER C 100 18.17 -46.80 38.56
N GLY C 101 18.36 -45.51 38.81
CA GLY C 101 17.91 -44.92 40.06
C GLY C 101 18.99 -44.95 41.14
N SER C 102 20.21 -44.61 40.75
CA SER C 102 21.34 -44.63 41.68
C SER C 102 21.89 -43.24 42.00
N MET C 103 21.81 -42.29 41.08
CA MET C 103 22.32 -40.94 41.31
C MET C 103 21.31 -39.91 40.85
N SER C 104 21.43 -38.71 41.40
CA SER C 104 20.52 -37.61 41.07
C SER C 104 21.28 -36.29 41.18
N LEU C 105 20.78 -35.29 40.47
CA LEU C 105 21.38 -33.96 40.45
C LEU C 105 20.30 -32.91 40.71
N SER C 106 20.69 -31.83 41.36
CA SER C 106 19.75 -30.79 41.75
C SER C 106 20.39 -29.42 41.60
N PHE C 107 19.54 -28.39 41.58
CA PHE C 107 19.97 -27.01 41.43
C PHE C 107 19.24 -26.14 42.45
N SER C 108 19.86 -25.01 42.81
CA SER C 108 19.26 -24.07 43.73
C SER C 108 20.07 -22.78 43.76
N ASP C 109 19.50 -21.76 44.41
CA ASP C 109 20.12 -20.49 44.76
C ASP C 109 20.74 -19.75 43.57
N PRO C 110 19.94 -19.22 42.65
CA PRO C 110 20.51 -18.31 41.63
C PRO C 110 21.00 -17.01 42.24
N ARG C 111 22.02 -16.43 41.62
CA ARG C 111 22.55 -15.15 42.06
C ARG C 111 23.33 -14.53 40.91
N PHE C 112 23.33 -13.21 40.85
CA PHE C 112 23.93 -12.46 39.76
C PHE C 112 25.13 -11.66 40.25
N ASP C 113 26.12 -11.50 39.39
CA ASP C 113 27.28 -10.68 39.68
C ASP C 113 27.05 -9.25 39.21
N ASP C 114 28.12 -8.45 39.16
CA ASP C 114 28.04 -7.08 38.67
C ASP C 114 28.18 -7.02 37.16
N VAL C 115 27.51 -6.04 36.57
CA VAL C 115 27.55 -5.85 35.13
C VAL C 115 28.97 -5.50 34.70
N LYS C 116 29.43 -6.12 33.60
CA LYS C 116 30.83 -5.98 33.21
C LYS C 116 31.17 -4.54 32.84
N ALA C 117 30.40 -3.93 31.94
CA ALA C 117 30.71 -2.61 31.45
C ALA C 117 29.48 -1.71 31.48
N PRO C 118 29.66 -0.41 31.68
CA PRO C 118 28.51 0.51 31.71
C PRO C 118 27.79 0.55 30.37
N VAL C 119 26.68 1.28 30.36
CA VAL C 119 25.82 1.32 29.17
C VAL C 119 26.54 1.98 28.00
N ASP C 120 27.23 3.09 28.25
CA ASP C 120 27.81 3.84 27.15
C ASP C 120 28.97 3.08 26.52
N GLU C 121 29.76 2.37 27.33
CA GLU C 121 30.81 1.52 26.77
C GLU C 121 30.23 0.41 25.91
N CYS C 122 29.14 -0.21 26.36
CA CYS C 122 28.52 -1.27 25.57
C CYS C 122 27.96 -0.73 24.27
N LYS C 123 27.41 0.48 24.28
CA LYS C 123 26.91 1.07 23.05
C LYS C 123 28.05 1.52 22.13
N ASP C 124 29.22 1.82 22.69
CA ASP C 124 30.34 2.31 21.88
C ASP C 124 31.12 1.17 21.25
N LYS C 125 31.58 0.20 22.06
CA LYS C 125 32.43 -0.87 21.56
C LYS C 125 31.65 -2.03 20.96
N ASP C 126 30.35 -1.87 20.71
CA ASP C 126 29.51 -2.91 20.11
C ASP C 126 29.54 -4.19 20.95
N MET C 127 29.09 -4.06 22.19
CA MET C 127 29.04 -5.17 23.13
C MET C 127 27.60 -5.39 23.58
N THR C 128 27.43 -6.27 24.57
CA THR C 128 26.13 -6.57 25.15
C THR C 128 26.16 -6.21 26.63
N TYR C 129 25.02 -5.72 27.13
CA TYR C 129 24.88 -5.32 28.52
C TYR C 129 24.35 -6.53 29.28
N ALA C 130 25.21 -7.16 30.09
CA ALA C 130 24.86 -8.42 30.71
C ALA C 130 25.63 -8.59 32.01
N ALA C 131 25.18 -9.54 32.82
CA ALA C 131 25.81 -9.87 34.09
C ALA C 131 25.88 -11.38 34.25
N PRO C 132 26.99 -11.90 34.76
CA PRO C 132 27.14 -13.35 34.89
C PRO C 132 26.18 -13.94 35.90
N LEU C 133 25.80 -15.20 35.67
CA LEU C 133 24.85 -15.91 36.50
C LEU C 133 25.49 -17.18 37.03
N PHE C 134 25.29 -17.45 38.32
CA PHE C 134 25.82 -18.64 38.97
C PHE C 134 24.70 -19.36 39.72
N VAL C 135 24.75 -20.69 39.69
CA VAL C 135 23.86 -21.52 40.47
C VAL C 135 24.70 -22.57 41.20
N THR C 136 24.11 -23.17 42.22
CA THR C 136 24.77 -24.23 42.98
C THR C 136 24.12 -25.56 42.64
N ALA C 137 24.95 -26.59 42.44
CA ALA C 137 24.49 -27.91 42.05
C ALA C 137 25.09 -28.95 42.99
N GLU C 138 24.29 -29.95 43.34
CA GLU C 138 24.71 -31.02 44.23
C GLU C 138 24.50 -32.37 43.56
N PHE C 139 25.42 -33.30 43.84
CA PHE C 139 25.39 -34.64 43.25
C PHE C 139 25.35 -35.66 44.37
N ILE C 140 24.26 -36.43 44.44
CA ILE C 140 24.06 -37.45 45.45
C ILE C 140 24.17 -38.83 44.81
N ASN C 141 24.83 -39.75 45.51
CA ASN C 141 25.02 -41.13 45.06
C ASN C 141 24.35 -42.05 46.06
N ASN C 142 23.23 -42.66 45.64
CA ASN C 142 22.44 -43.45 46.57
C ASN C 142 23.12 -44.75 46.95
N ASN C 143 24.01 -45.27 46.10
CA ASN C 143 24.70 -46.51 46.42
C ASN C 143 25.61 -46.35 47.63
N THR C 144 26.34 -45.24 47.70
CA THR C 144 27.23 -44.97 48.82
C THR C 144 26.61 -44.02 49.83
N GLY C 145 26.21 -42.83 49.39
CA GLY C 145 25.64 -41.83 50.27
C GLY C 145 26.39 -40.51 50.29
N GLU C 146 27.50 -40.37 49.58
CA GLU C 146 28.27 -39.13 49.61
C GLU C 146 27.56 -38.04 48.81
N ILE C 147 27.88 -36.79 49.15
CA ILE C 147 27.33 -35.62 48.49
C ILE C 147 28.49 -34.72 48.07
N LYS C 148 28.46 -34.25 46.83
CA LYS C 148 29.45 -33.32 46.31
C LYS C 148 28.74 -32.16 45.65
N SER C 149 28.88 -30.96 46.23
CA SER C 149 28.23 -29.76 45.74
C SER C 149 29.25 -28.67 45.47
N GLN C 150 29.08 -27.96 44.35
CA GLN C 150 30.00 -26.90 43.98
C GLN C 150 29.27 -25.92 43.08
N THR C 151 29.84 -24.72 42.96
CA THR C 151 29.21 -23.62 42.23
C THR C 151 29.59 -23.71 40.75
N VAL C 152 28.59 -23.67 39.87
CA VAL C 152 28.82 -23.72 38.44
C VAL C 152 28.46 -22.37 37.82
N PHE C 153 29.01 -22.11 36.64
CA PHE C 153 28.81 -20.87 35.91
C PHE C 153 27.97 -21.18 34.66
N MET C 154 26.88 -20.44 34.48
CA MET C 154 25.90 -20.77 33.45
C MET C 154 25.71 -19.63 32.43
N GLY C 155 26.75 -18.84 32.17
CA GLY C 155 26.73 -17.89 31.08
C GLY C 155 26.23 -16.51 31.48
N ASP C 156 26.45 -15.57 30.57
CA ASP C 156 26.06 -14.17 30.79
C ASP C 156 24.59 -13.95 30.44
N PHE C 157 23.90 -13.23 31.32
CA PHE C 157 22.48 -12.96 31.19
C PHE C 157 22.24 -11.51 30.80
N PRO C 158 21.67 -11.22 29.63
CA PRO C 158 21.38 -9.82 29.29
C PRO C 158 20.45 -9.16 30.30
N MET C 159 20.72 -7.89 30.58
CA MET C 159 20.01 -7.14 31.61
C MET C 159 19.35 -5.89 31.01
N MET C 160 18.25 -5.49 31.61
CA MET C 160 17.45 -4.35 31.16
C MET C 160 17.87 -3.08 31.89
N THR C 161 18.00 -1.99 31.13
CA THR C 161 18.44 -0.72 31.67
C THR C 161 17.31 -0.08 32.48
N GLU C 162 17.51 1.16 32.91
CA GLU C 162 16.53 1.84 33.74
C GLU C 162 15.35 2.38 32.94
N LYS C 163 15.39 2.27 31.60
CA LYS C 163 14.31 2.73 30.75
C LYS C 163 13.53 1.59 30.13
N GLY C 164 13.80 0.35 30.51
CA GLY C 164 13.06 -0.77 29.98
C GLY C 164 13.50 -1.27 28.63
N THR C 165 14.76 -1.09 28.27
CA THR C 165 15.27 -1.54 26.98
C THR C 165 16.54 -2.35 27.18
N PHE C 166 16.85 -3.16 26.18
CA PHE C 166 18.05 -3.99 26.17
C PHE C 166 19.00 -3.47 25.11
N ILE C 167 20.30 -3.56 25.40
CA ILE C 167 21.36 -3.23 24.44
C ILE C 167 21.99 -4.55 24.01
N ILE C 168 21.71 -4.97 22.78
CA ILE C 168 22.18 -6.25 22.25
C ILE C 168 23.08 -5.94 21.07
N ASN C 169 24.37 -6.26 21.22
CA ASN C 169 25.38 -6.01 20.19
C ASN C 169 25.45 -4.53 19.81
N GLY C 170 25.20 -3.64 20.75
CA GLY C 170 25.30 -2.21 20.51
C GLY C 170 24.05 -1.52 20.04
N THR C 171 22.97 -2.26 19.79
CA THR C 171 21.72 -1.68 19.32
C THR C 171 20.65 -1.83 20.39
N GLU C 172 19.85 -0.78 20.56
CA GLU C 172 18.78 -0.81 21.55
C GLU C 172 17.61 -1.62 21.03
N ARG C 173 17.02 -2.45 21.89
CA ARG C 173 15.95 -3.34 21.50
C ARG C 173 14.83 -3.28 22.53
N VAL C 174 13.63 -3.65 22.08
CA VAL C 174 12.44 -3.65 22.93
C VAL C 174 11.72 -4.98 22.74
N VAL C 175 11.35 -5.63 23.84
CA VAL C 175 10.56 -6.85 23.83
C VAL C 175 9.11 -6.49 24.04
N VAL C 176 8.24 -6.99 23.17
CA VAL C 176 6.85 -6.56 23.08
C VAL C 176 5.95 -7.66 23.68
N SER C 177 4.96 -7.24 24.46
CA SER C 177 4.07 -8.18 25.10
C SER C 177 3.16 -8.85 24.08
N GLN C 178 2.72 -10.07 24.39
CA GLN C 178 1.98 -10.90 23.48
C GLN C 178 0.62 -11.27 24.06
N LEU C 179 -0.42 -11.17 23.23
CA LEU C 179 -1.78 -11.50 23.62
C LEU C 179 -2.11 -12.91 23.14
N VAL C 180 -2.35 -13.84 24.07
CA VAL C 180 -2.60 -15.23 23.75
C VAL C 180 -3.82 -15.72 24.52
N ARG C 181 -4.40 -16.81 24.02
CA ARG C 181 -5.50 -17.48 24.71
C ARG C 181 -5.02 -18.15 25.99
N SER C 182 -5.92 -18.25 26.97
CA SER C 182 -5.50 -18.91 28.20
C SER C 182 -5.74 -20.42 28.12
N PRO C 183 -4.86 -21.21 28.73
CA PRO C 183 -5.08 -22.66 28.80
C PRO C 183 -6.24 -23.09 29.67
N GLY C 184 -7.36 -23.51 29.08
CA GLY C 184 -8.46 -24.02 29.89
C GLY C 184 -9.53 -24.75 29.11
N VAL C 185 -10.75 -24.78 29.65
CA VAL C 185 -11.88 -25.47 29.04
C VAL C 185 -12.73 -24.44 28.30
N TYR C 186 -13.29 -24.83 27.16
CA TYR C 186 -13.98 -23.86 26.31
C TYR C 186 -15.16 -24.52 25.62
N PHE C 187 -16.36 -24.31 26.14
CA PHE C 187 -17.57 -24.88 25.56
C PHE C 187 -18.10 -23.95 24.49
N ASP C 188 -18.65 -24.53 23.43
CA ASP C 188 -19.15 -23.74 22.30
C ASP C 188 -20.48 -24.32 21.87
N GLU C 189 -20.94 -23.94 20.68
CA GLU C 189 -22.21 -24.40 20.16
C GLU C 189 -22.38 -24.03 18.70
N THR C 190 -22.71 -25.01 17.85
CA THR C 190 -22.91 -24.79 16.43
C THR C 190 -24.25 -25.38 16.05
N ILE C 191 -24.82 -24.87 14.96
CA ILE C 191 -26.06 -25.42 14.43
C ILE C 191 -25.75 -26.22 13.17
N ASP C 192 -26.66 -27.12 12.83
CA ASP C 192 -26.56 -27.92 11.62
C ASP C 192 -27.12 -27.14 10.43
N LYS C 193 -27.08 -27.78 9.26
CA LYS C 193 -27.65 -27.19 8.05
C LYS C 193 -28.90 -27.93 7.58
N SER C 194 -28.97 -29.24 7.83
CA SER C 194 -30.15 -30.02 7.46
C SER C 194 -31.20 -29.84 8.54
N THR C 195 -31.00 -30.49 9.69
CA THR C 195 -31.95 -30.44 10.78
C THR C 195 -31.87 -29.13 11.56
N ASP C 196 -30.76 -28.40 11.41
CA ASP C 196 -30.55 -27.12 12.09
C ASP C 196 -30.72 -27.22 13.60
N LYS C 197 -30.15 -28.27 14.20
CA LYS C 197 -30.17 -28.41 15.65
C LYS C 197 -28.84 -27.94 16.22
N THR C 198 -28.87 -27.52 17.48
CA THR C 198 -27.69 -26.96 18.14
C THR C 198 -26.78 -28.07 18.66
N LEU C 199 -25.66 -28.29 17.99
CA LEU C 199 -24.67 -29.27 18.41
C LEU C 199 -23.55 -28.57 19.17
N HIS C 200 -23.22 -29.08 20.35
CA HIS C 200 -22.18 -28.51 21.19
C HIS C 200 -20.87 -29.27 21.05
N SER C 201 -19.78 -28.64 21.51
CA SER C 201 -18.46 -29.24 21.40
C SER C 201 -17.52 -28.66 22.45
N VAL C 202 -17.03 -29.49 23.36
CA VAL C 202 -16.11 -29.04 24.41
C VAL C 202 -14.70 -29.07 23.81
N LYS C 203 -13.71 -28.58 24.57
CA LYS C 203 -12.32 -28.64 24.14
C LYS C 203 -11.35 -28.29 25.25
N VAL C 204 -10.88 -29.27 26.01
CA VAL C 204 -9.87 -29.02 27.03
C VAL C 204 -8.56 -28.69 26.32
N ILE C 205 -8.17 -27.41 26.34
CA ILE C 205 -6.91 -26.97 25.74
C ILE C 205 -5.85 -26.94 26.83
N PRO C 206 -4.73 -27.66 26.67
CA PRO C 206 -3.69 -27.67 27.70
C PRO C 206 -2.63 -26.62 27.42
N SER C 207 -1.62 -26.51 28.27
CA SER C 207 -0.52 -25.61 27.99
C SER C 207 0.51 -26.27 27.08
N ARG C 208 0.88 -27.51 27.40
CA ARG C 208 1.76 -28.29 26.52
C ARG C 208 1.42 -29.76 26.71
N GLY C 209 0.80 -30.37 25.70
CA GLY C 209 0.37 -31.76 25.83
C GLY C 209 -0.57 -32.23 24.75
N ALA C 210 -1.59 -33.00 25.13
CA ALA C 210 -2.50 -33.61 24.16
C ALA C 210 -3.64 -32.66 23.82
N TRP C 211 -4.83 -33.18 23.54
CA TRP C 211 -5.93 -32.34 23.12
C TRP C 211 -7.27 -33.07 23.17
N LEU C 212 -7.82 -33.27 24.36
CA LEU C 212 -9.15 -33.86 24.49
C LEU C 212 -10.19 -32.97 23.83
N GLU C 213 -11.16 -33.57 23.15
CA GLU C 213 -12.14 -32.76 22.45
C GLU C 213 -13.50 -33.47 22.39
N PHE C 214 -14.20 -33.48 23.51
CA PHE C 214 -15.53 -34.09 23.54
C PHE C 214 -16.48 -33.32 22.61
N ASP C 215 -17.55 -34.00 22.20
CA ASP C 215 -18.56 -33.33 21.37
C ASP C 215 -19.81 -34.18 21.34
N VAL C 216 -20.91 -33.54 20.96
CA VAL C 216 -22.18 -34.22 20.72
C VAL C 216 -22.45 -34.19 19.22
N ASP C 217 -23.48 -34.91 18.79
CA ASP C 217 -23.73 -35.05 17.37
C ASP C 217 -25.19 -34.76 17.02
N LYS C 218 -25.57 -35.03 15.78
CA LYS C 218 -26.94 -34.72 15.36
C LYS C 218 -27.93 -35.83 15.71
N ARG C 219 -27.49 -37.07 15.81
CA ARG C 219 -28.45 -38.09 16.24
C ARG C 219 -28.68 -38.01 17.75
N ASP C 220 -27.89 -38.75 18.51
CA ASP C 220 -27.91 -38.68 19.96
C ASP C 220 -26.69 -39.38 20.54
N THR C 221 -25.50 -39.12 20.01
CA THR C 221 -24.30 -39.80 20.46
C THR C 221 -23.24 -38.80 20.91
N VAL C 222 -22.80 -38.93 22.16
CA VAL C 222 -21.69 -38.15 22.68
C VAL C 222 -20.40 -38.86 22.31
N GLY C 223 -19.49 -38.16 21.65
CA GLY C 223 -18.26 -38.77 21.17
C GLY C 223 -17.03 -37.95 21.48
N VAL C 224 -15.96 -38.65 21.83
CA VAL C 224 -14.66 -38.05 22.12
C VAL C 224 -13.76 -38.30 20.92
N ARG C 225 -12.78 -37.41 20.70
CA ARG C 225 -11.82 -37.55 19.61
C ARG C 225 -10.41 -37.39 20.17
N ILE C 226 -9.94 -38.40 20.89
CA ILE C 226 -8.62 -38.32 21.53
C ILE C 226 -7.53 -38.13 20.49
N ASP C 227 -6.70 -37.11 20.71
CA ASP C 227 -5.53 -36.83 19.88
C ASP C 227 -5.85 -36.86 18.38
N ARG C 228 -6.92 -36.14 18.01
CA ARG C 228 -7.32 -35.99 16.61
C ARG C 228 -7.28 -37.31 15.83
N LYS C 229 -8.23 -38.21 16.11
CA LYS C 229 -8.26 -39.52 15.46
C LYS C 229 -9.72 -39.95 15.32
N ARG C 230 -10.31 -39.65 14.17
CA ARG C 230 -11.69 -40.00 13.84
C ARG C 230 -12.64 -39.64 14.98
N ARG C 231 -13.26 -40.64 15.60
CA ARG C 231 -14.15 -40.40 16.72
C ARG C 231 -14.19 -41.67 17.56
N GLN C 232 -15.25 -41.83 18.36
CA GLN C 232 -15.48 -42.98 19.24
C GLN C 232 -16.63 -42.64 20.19
N PRO C 233 -17.22 -43.64 20.85
CA PRO C 233 -18.18 -43.35 21.92
C PRO C 233 -17.46 -43.00 23.21
N VAL C 234 -18.17 -42.28 24.08
CA VAL C 234 -17.56 -41.82 25.33
C VAL C 234 -17.72 -42.86 26.44
N THR C 235 -18.68 -43.77 26.32
CA THR C 235 -18.81 -44.83 27.30
C THR C 235 -17.60 -45.75 27.29
N VAL C 236 -16.99 -45.94 26.11
CA VAL C 236 -15.75 -46.72 26.05
C VAL C 236 -14.68 -46.05 26.89
N LEU C 237 -14.65 -44.71 26.88
CA LEU C 237 -13.61 -44.01 27.63
C LEU C 237 -13.89 -44.07 29.12
N LEU C 238 -15.16 -43.97 29.51
CA LEU C 238 -15.50 -44.15 30.92
C LEU C 238 -15.13 -45.54 31.39
N LYS C 239 -15.38 -46.55 30.55
CA LYS C 239 -15.00 -47.92 30.92
C LYS C 239 -13.49 -48.04 31.03
N ALA C 240 -12.75 -47.43 30.09
CA ALA C 240 -11.30 -47.51 30.10
C ALA C 240 -10.70 -46.79 31.31
N LEU C 241 -11.44 -45.85 31.90
CA LEU C 241 -10.94 -45.22 33.11
C LEU C 241 -11.21 -46.07 34.35
N GLY C 242 -12.25 -46.90 34.31
CA GLY C 242 -12.53 -47.82 35.40
C GLY C 242 -13.95 -47.76 35.90
N TRP C 243 -14.88 -47.41 35.02
CA TRP C 243 -16.28 -47.22 35.37
C TRP C 243 -17.12 -48.37 34.81
N THR C 244 -18.20 -48.69 35.52
CA THR C 244 -19.05 -49.81 35.17
C THR C 244 -20.50 -49.35 35.02
N SER C 245 -21.30 -50.22 34.38
CA SER C 245 -22.70 -49.93 34.07
C SER C 245 -23.45 -49.30 35.24
N GLU C 246 -23.29 -49.85 36.44
CA GLU C 246 -24.00 -49.33 37.60
C GLU C 246 -23.66 -47.86 37.84
N GLN C 247 -22.39 -47.57 38.11
CA GLN C 247 -21.94 -46.21 38.37
C GLN C 247 -22.24 -45.30 37.19
N ILE C 248 -21.97 -45.76 35.97
CA ILE C 248 -22.19 -44.94 34.79
C ILE C 248 -23.65 -44.53 34.72
N VAL C 249 -24.56 -45.51 34.69
CA VAL C 249 -25.98 -45.21 34.56
C VAL C 249 -26.53 -44.49 35.77
N GLU C 250 -25.78 -44.45 36.87
CA GLU C 250 -26.20 -43.63 38.01
C GLU C 250 -25.81 -42.18 37.80
N ARG C 251 -24.55 -41.93 37.44
CA ARG C 251 -24.09 -40.57 37.21
C ARG C 251 -24.79 -39.95 36.00
N PHE C 252 -25.28 -40.77 35.08
CA PHE C 252 -25.90 -40.33 33.83
C PHE C 252 -27.32 -40.86 33.81
N GLY C 253 -28.20 -40.19 34.55
CA GLY C 253 -29.60 -40.57 34.60
C GLY C 253 -30.45 -39.86 33.58
N PHE C 254 -31.03 -38.73 33.98
CA PHE C 254 -31.94 -37.90 33.18
C PHE C 254 -31.61 -37.90 31.69
N SER C 255 -30.33 -37.71 31.36
CA SER C 255 -29.88 -37.57 29.99
C SER C 255 -30.23 -38.80 29.15
N GLU C 256 -31.18 -38.66 28.23
CA GLU C 256 -31.48 -39.76 27.32
C GLU C 256 -30.36 -39.98 26.32
N ILE C 257 -29.62 -38.91 26.00
CA ILE C 257 -28.47 -39.04 25.12
C ILE C 257 -27.44 -39.98 25.71
N MET C 258 -27.29 -39.94 27.04
CA MET C 258 -26.29 -40.79 27.68
C MET C 258 -26.76 -42.24 27.69
N ARG C 259 -28.05 -42.48 27.89
CA ARG C 259 -28.59 -43.82 27.78
C ARG C 259 -28.33 -44.39 26.39
N SER C 260 -28.74 -43.65 25.36
CA SER C 260 -28.50 -44.10 23.99
C SER C 260 -27.02 -44.35 23.74
N THR C 261 -26.16 -43.49 24.28
CA THR C 261 -24.72 -43.66 24.09
C THR C 261 -24.25 -44.96 24.73
N LEU C 262 -24.73 -45.24 25.95
CA LEU C 262 -24.37 -46.47 26.64
C LEU C 262 -24.77 -47.69 25.83
N GLU C 263 -26.04 -47.75 25.41
CA GLU C 263 -26.51 -48.94 24.71
C GLU C 263 -26.21 -48.82 23.21
N LYS C 264 -24.94 -49.08 22.87
CA LYS C 264 -24.53 -49.11 21.47
C LYS C 264 -23.15 -49.72 21.30
N ASP C 265 -22.28 -49.52 22.28
CA ASP C 265 -20.90 -49.99 22.18
C ASP C 265 -20.80 -51.50 22.33
N ASN C 266 -21.58 -52.08 23.25
CA ASN C 266 -21.57 -53.51 23.55
C ASN C 266 -20.23 -53.98 24.10
N THR C 267 -19.38 -53.04 24.52
CA THR C 267 -18.09 -53.38 25.12
C THR C 267 -18.27 -54.14 26.42
N VAL C 268 -18.13 -55.46 26.37
CA VAL C 268 -18.35 -56.30 27.54
C VAL C 268 -17.06 -56.44 28.33
N GLY C 269 -16.63 -55.36 28.99
CA GLY C 269 -15.45 -55.40 29.82
C GLY C 269 -14.50 -54.23 29.60
N THR C 270 -13.78 -53.86 30.66
CA THR C 270 -12.78 -52.81 30.55
C THR C 270 -11.72 -53.16 29.52
N ASP C 271 -11.35 -54.44 29.43
CA ASP C 271 -10.39 -54.91 28.44
C ASP C 271 -10.80 -54.48 27.04
N GLU C 272 -12.08 -54.65 26.70
CA GLU C 272 -12.59 -54.24 25.39
C GLU C 272 -12.24 -52.79 25.11
N ALA C 273 -12.65 -51.90 26.01
CA ALA C 273 -12.38 -50.46 25.83
C ALA C 273 -10.89 -50.20 25.67
N LEU C 274 -10.08 -50.76 26.57
CA LEU C 274 -8.63 -50.55 26.52
C LEU C 274 -8.07 -50.95 25.16
N LEU C 275 -8.37 -52.18 24.74
CA LEU C 275 -7.89 -52.68 23.46
C LEU C 275 -8.36 -51.80 22.31
N ASP C 276 -9.60 -51.31 22.36
CA ASP C 276 -10.09 -50.44 21.29
C ASP C 276 -9.32 -49.13 21.25
N ILE C 277 -9.06 -48.53 22.42
CA ILE C 277 -8.29 -47.30 22.48
C ILE C 277 -6.91 -47.50 21.87
N TYR C 278 -6.24 -48.60 22.25
CA TYR C 278 -4.92 -48.83 21.71
C TYR C 278 -4.99 -49.19 20.23
N ARG C 279 -6.11 -49.77 19.80
CA ARG C 279 -6.27 -50.14 18.40
C ARG C 279 -6.31 -48.89 17.55
N LYS C 280 -7.16 -47.94 17.93
CA LYS C 280 -7.33 -46.75 17.12
C LYS C 280 -6.10 -45.85 17.19
N LEU C 281 -5.51 -45.70 18.37
CA LEU C 281 -4.40 -44.77 18.50
C LEU C 281 -3.04 -45.37 18.17
N ARG C 282 -2.96 -46.68 17.90
CA ARG C 282 -1.72 -47.33 17.47
C ARG C 282 -1.94 -48.00 16.11
N PRO C 283 -1.79 -47.26 15.02
CA PRO C 283 -1.92 -47.87 13.70
C PRO C 283 -0.64 -48.59 13.30
N GLY C 284 -0.79 -49.65 12.51
CA GLY C 284 0.35 -50.47 12.16
C GLY C 284 1.00 -51.15 13.35
N GLU C 285 0.18 -51.66 14.28
CA GLU C 285 0.68 -52.24 15.52
C GLU C 285 -0.45 -53.07 16.12
N PRO C 286 -0.16 -54.21 16.75
CA PRO C 286 -1.22 -55.01 17.38
C PRO C 286 -1.58 -54.45 18.75
N PRO C 287 -2.87 -54.23 19.00
CA PRO C 287 -3.31 -53.73 20.31
C PRO C 287 -2.96 -54.66 21.46
N THR C 288 -2.20 -54.14 22.42
CA THR C 288 -1.85 -54.85 23.64
C THR C 288 -2.60 -54.24 24.82
N LYS C 289 -2.57 -54.95 25.95
CA LYS C 289 -3.32 -54.53 27.14
C LYS C 289 -2.48 -53.60 28.01
N GLU C 290 -1.30 -54.06 28.42
CA GLU C 290 -0.41 -53.24 29.24
C GLU C 290 0.00 -51.99 28.48
N SER C 291 0.11 -52.08 27.16
CA SER C 291 0.48 -50.91 26.39
C SER C 291 -0.67 -49.90 26.34
N ALA C 292 -1.91 -50.38 26.36
CA ALA C 292 -3.04 -49.45 26.45
C ALA C 292 -3.10 -48.79 27.82
N GLN C 293 -2.86 -49.57 28.88
CA GLN C 293 -2.81 -48.99 30.22
C GLN C 293 -1.54 -48.20 30.47
N THR C 294 -0.63 -48.17 29.49
CA THR C 294 0.55 -47.32 29.56
C THR C 294 0.35 -46.04 28.76
N LEU C 295 -0.33 -46.14 27.61
CA LEU C 295 -0.71 -44.97 26.83
C LEU C 295 -1.66 -44.07 27.64
N LEU C 296 -2.80 -44.64 28.04
CA LEU C 296 -3.76 -43.84 28.81
C LEU C 296 -3.27 -43.73 30.26
N GLU C 297 -2.06 -43.19 30.38
CA GLU C 297 -1.38 -42.92 31.63
C GLU C 297 -0.19 -42.05 31.29
N ASN C 298 0.40 -42.31 30.12
CA ASN C 298 1.48 -41.51 29.55
C ASN C 298 0.96 -40.45 28.61
N LEU C 299 -0.33 -40.15 28.69
CA LEU C 299 -0.92 -39.14 27.82
C LEU C 299 -1.50 -37.98 28.60
N PHE C 300 -2.27 -38.24 29.66
CA PHE C 300 -2.94 -37.16 30.39
C PHE C 300 -2.45 -37.07 31.82
N PHE C 301 -2.72 -38.09 32.65
CA PHE C 301 -2.37 -38.08 34.07
C PHE C 301 -0.87 -38.38 34.26
N LYS C 302 -0.05 -37.46 33.77
CA LYS C 302 1.40 -37.62 33.87
C LYS C 302 2.04 -36.48 34.64
N GLU C 303 3.21 -36.02 34.19
CA GLU C 303 3.89 -34.90 34.82
C GLU C 303 4.91 -34.29 33.87
N LYS C 304 5.25 -35.02 32.81
CA LYS C 304 6.15 -34.52 31.78
C LYS C 304 5.53 -34.56 30.40
N ARG C 305 4.27 -35.00 30.28
CA ARG C 305 3.60 -35.14 29.00
C ARG C 305 2.31 -34.32 28.95
N TYR C 306 1.93 -33.67 30.05
CA TYR C 306 0.74 -32.84 30.12
C TYR C 306 0.96 -31.86 31.26
N ASP C 307 0.70 -30.57 31.02
CA ASP C 307 1.04 -29.62 32.08
C ASP C 307 0.12 -28.39 32.02
N LEU C 308 -1.09 -28.55 32.55
CA LEU C 308 -1.98 -27.40 32.73
C LEU C 308 -1.37 -26.49 33.78
N ALA C 309 -0.84 -25.34 33.38
CA ALA C 309 -0.11 -24.51 34.34
C ALA C 309 -1.09 -23.88 35.33
N ARG C 310 -0.60 -22.93 36.12
CA ARG C 310 -1.44 -22.36 37.17
C ARG C 310 -2.66 -21.65 36.57
N VAL C 311 -2.47 -20.94 35.46
CA VAL C 311 -3.61 -20.36 34.76
C VAL C 311 -4.60 -21.46 34.38
N GLY C 312 -4.08 -22.63 33.99
CA GLY C 312 -4.95 -23.72 33.60
C GLY C 312 -5.76 -24.23 34.77
N ARG C 313 -5.08 -24.57 35.88
CA ARG C 313 -5.77 -25.09 37.05
C ARG C 313 -6.82 -24.09 37.53
N TYR C 314 -6.46 -22.81 37.57
CA TYR C 314 -7.40 -21.78 38.00
C TYR C 314 -8.63 -21.73 37.08
N LYS C 315 -8.40 -21.62 35.78
CA LYS C 315 -9.50 -21.46 34.84
C LYS C 315 -10.30 -22.74 34.65
N VAL C 316 -9.82 -23.86 35.19
CA VAL C 316 -10.59 -25.10 35.12
C VAL C 316 -11.37 -25.23 36.41
N ASN C 317 -10.79 -24.75 37.52
CA ASN C 317 -11.47 -24.80 38.81
C ASN C 317 -12.51 -23.70 38.96
N LYS C 318 -12.53 -22.73 38.05
CA LYS C 318 -13.46 -21.62 38.14
C LYS C 318 -14.70 -21.83 37.28
N LYS C 319 -14.60 -22.60 36.21
CA LYS C 319 -15.76 -22.92 35.38
C LYS C 319 -16.49 -24.12 35.97
N LEU C 320 -15.87 -25.30 35.90
CA LEU C 320 -16.48 -26.51 36.44
C LEU C 320 -16.86 -26.34 37.91
N GLY C 321 -16.09 -25.56 38.66
CA GLY C 321 -16.41 -25.26 40.04
C GLY C 321 -16.04 -26.36 41.01
N LEU C 322 -14.80 -26.85 40.95
CA LEU C 322 -14.45 -27.97 41.82
C LEU C 322 -13.94 -27.52 43.18
N HIS C 323 -12.63 -27.55 43.38
CA HIS C 323 -12.03 -27.26 44.67
C HIS C 323 -11.78 -25.77 44.80
N VAL C 324 -12.57 -25.08 45.61
CA VAL C 324 -12.35 -23.67 45.89
C VAL C 324 -11.67 -23.56 47.25
N GLY C 325 -11.03 -22.41 47.48
CA GLY C 325 -10.30 -22.22 48.73
C GLY C 325 -8.92 -22.83 48.72
N GLU C 326 -8.77 -23.96 48.03
CA GLU C 326 -7.51 -24.67 47.94
C GLU C 326 -6.57 -24.01 46.93
N PRO C 327 -5.25 -24.23 47.08
CA PRO C 327 -4.28 -23.56 46.19
C PRO C 327 -4.26 -24.15 44.78
N ILE C 328 -3.20 -23.87 44.03
CA ILE C 328 -3.14 -24.29 42.63
C ILE C 328 -1.95 -25.22 42.38
N THR C 329 -1.49 -25.90 43.42
CA THR C 329 -0.47 -26.92 43.23
C THR C 329 -1.12 -28.17 42.59
N SER C 330 -0.28 -29.07 42.10
CA SER C 330 -0.74 -30.27 41.39
C SER C 330 -1.40 -29.82 40.09
N SER C 331 -0.63 -29.85 39.00
CA SER C 331 -1.06 -29.28 37.73
C SER C 331 -1.16 -30.32 36.62
N THR C 332 -1.64 -31.51 36.97
CA THR C 332 -1.92 -32.57 36.00
C THR C 332 -3.40 -32.90 36.04
N LEU C 333 -3.94 -33.33 34.89
CA LEU C 333 -5.36 -33.60 34.79
C LEU C 333 -5.76 -34.77 35.68
N THR C 334 -7.06 -34.81 36.00
CA THR C 334 -7.62 -35.86 36.85
C THR C 334 -8.94 -36.33 36.28
N GLU C 335 -9.34 -37.54 36.69
CA GLU C 335 -10.61 -38.11 36.25
C GLU C 335 -11.77 -37.18 36.58
N GLU C 336 -11.72 -36.56 37.76
CA GLU C 336 -12.73 -35.60 38.20
C GLU C 336 -13.07 -34.62 37.09
N ASP C 337 -12.04 -33.95 36.55
CA ASP C 337 -12.27 -32.94 35.53
C ASP C 337 -13.02 -33.52 34.32
N VAL C 338 -12.54 -34.66 33.82
CA VAL C 338 -13.21 -35.34 32.71
C VAL C 338 -14.69 -35.53 33.02
N VAL C 339 -15.00 -36.05 34.21
CA VAL C 339 -16.38 -36.33 34.57
C VAL C 339 -17.19 -35.04 34.58
N ALA C 340 -16.69 -34.03 35.29
CA ALA C 340 -17.41 -32.77 35.39
C ALA C 340 -17.66 -32.19 34.01
N THR C 341 -16.66 -32.30 33.12
CA THR C 341 -16.82 -31.86 31.74
C THR C 341 -18.03 -32.51 31.10
N ILE C 342 -18.11 -33.85 31.16
CA ILE C 342 -19.23 -34.54 30.52
C ILE C 342 -20.55 -34.10 31.15
N GLU C 343 -20.58 -33.97 32.47
CA GLU C 343 -21.75 -33.45 33.17
C GLU C 343 -22.18 -32.11 32.57
N TYR C 344 -21.23 -31.18 32.48
CA TYR C 344 -21.51 -29.85 31.92
C TYR C 344 -22.10 -29.97 30.54
N LEU C 345 -21.47 -30.77 29.67
CA LEU C 345 -21.92 -30.88 28.29
C LEU C 345 -23.36 -31.38 28.22
N VAL C 346 -23.66 -32.49 28.90
CA VAL C 346 -25.01 -33.05 28.80
C VAL C 346 -26.04 -32.12 29.44
N ARG C 347 -25.68 -31.44 30.53
CA ARG C 347 -26.62 -30.51 31.14
C ARG C 347 -26.85 -29.29 30.27
N LEU C 348 -25.84 -28.89 29.48
CA LEU C 348 -26.04 -27.79 28.56
C LEU C 348 -26.89 -28.23 27.38
N HIS C 349 -26.75 -29.49 26.98
CA HIS C 349 -27.63 -30.04 25.95
C HIS C 349 -29.07 -30.09 26.44
N GLU C 350 -29.26 -30.27 27.75
CA GLU C 350 -30.59 -30.28 28.34
C GLU C 350 -31.15 -28.87 28.40
N GLY C 351 -30.74 -28.11 29.41
CA GLY C 351 -31.16 -26.74 29.56
C GLY C 351 -30.92 -26.19 30.95
N GLN C 352 -30.57 -27.08 31.88
CA GLN C 352 -30.35 -26.70 33.27
C GLN C 352 -29.38 -25.53 33.36
N THR C 353 -29.86 -24.40 33.90
CA THR C 353 -29.05 -23.19 33.94
C THR C 353 -28.12 -23.14 35.15
N THR C 354 -28.27 -24.06 36.10
CA THR C 354 -27.36 -24.16 37.22
C THR C 354 -27.01 -25.63 37.44
N MET C 355 -25.77 -25.88 37.86
CA MET C 355 -25.29 -27.23 38.05
C MET C 355 -24.38 -27.27 39.28
N THR C 356 -24.49 -28.35 40.05
CA THR C 356 -23.64 -28.56 41.22
C THR C 356 -23.00 -29.94 41.12
N VAL C 357 -21.68 -29.97 41.02
CA VAL C 357 -20.94 -31.23 40.98
C VAL C 357 -20.77 -31.73 42.42
N PRO C 358 -21.02 -33.04 42.67
CA PRO C 358 -20.88 -33.58 44.03
C PRO C 358 -19.59 -33.15 44.72
N GLY C 359 -19.73 -32.29 45.73
CA GLY C 359 -18.59 -31.79 46.47
C GLY C 359 -17.99 -30.55 45.83
N GLY C 360 -18.72 -29.45 45.87
CA GLY C 360 -18.28 -28.20 45.27
C GLY C 360 -19.27 -27.08 45.44
N VAL C 361 -19.24 -26.11 44.51
CA VAL C 361 -20.16 -24.98 44.56
C VAL C 361 -21.12 -25.04 43.39
N GLU C 362 -22.08 -24.11 43.36
CA GLU C 362 -23.04 -24.00 42.27
C GLU C 362 -22.50 -23.05 41.21
N VAL C 363 -22.33 -23.54 39.99
CA VAL C 363 -21.76 -22.73 38.90
C VAL C 363 -22.75 -22.64 37.76
N PRO C 364 -22.95 -21.46 37.18
CA PRO C 364 -23.86 -21.34 36.04
C PRO C 364 -23.37 -22.11 34.82
N VAL C 365 -24.32 -22.52 33.98
CA VAL C 365 -24.04 -23.29 32.77
C VAL C 365 -24.36 -22.43 31.55
N GLU C 366 -23.33 -22.11 30.78
CA GLU C 366 -23.49 -21.30 29.58
C GLU C 366 -22.27 -21.49 28.68
N THR C 367 -22.36 -20.98 27.47
CA THR C 367 -21.23 -21.02 26.55
C THR C 367 -20.38 -19.78 26.76
N ASP C 368 -19.13 -19.85 26.27
CA ASP C 368 -18.16 -18.80 26.51
C ASP C 368 -17.59 -18.27 25.19
N ASP C 369 -17.12 -17.03 25.25
CA ASP C 369 -16.48 -16.35 24.14
C ASP C 369 -14.97 -16.48 24.22
N ILE C 370 -14.32 -16.59 23.06
CA ILE C 370 -12.88 -16.82 22.99
C ILE C 370 -12.11 -15.54 22.74
N ASP C 371 -12.78 -14.38 22.80
CA ASP C 371 -12.17 -13.09 22.55
C ASP C 371 -12.48 -12.12 23.68
N HIS C 372 -12.94 -12.66 24.81
CA HIS C 372 -13.23 -11.88 26.01
C HIS C 372 -11.93 -11.67 26.79
N PHE C 373 -11.69 -10.44 27.24
CA PHE C 373 -10.49 -10.12 28.00
C PHE C 373 -10.45 -10.79 29.38
N GLY C 374 -11.31 -11.78 29.59
CA GLY C 374 -11.27 -12.59 30.78
C GLY C 374 -10.77 -13.97 30.41
N ASN C 375 -10.67 -14.20 29.10
CA ASN C 375 -10.12 -15.43 28.53
C ASN C 375 -8.80 -15.21 27.81
N ARG C 376 -8.57 -14.03 27.25
CA ARG C 376 -7.29 -13.67 26.67
C ARG C 376 -6.37 -13.10 27.75
N ARG C 377 -5.18 -13.69 27.89
CA ARG C 377 -4.20 -13.25 28.87
C ARG C 377 -3.01 -12.61 28.15
N LEU C 378 -2.11 -12.03 28.94
CA LEU C 378 -0.98 -11.28 28.44
C LEU C 378 0.31 -11.98 28.83
N ARG C 379 1.19 -12.21 27.85
CA ARG C 379 2.48 -12.82 28.07
C ARG C 379 3.55 -11.74 27.99
N THR C 380 3.98 -11.24 29.15
CA THR C 380 4.91 -10.12 29.21
C THR C 380 6.33 -10.59 28.94
N VAL C 381 7.30 -9.72 29.19
CA VAL C 381 8.69 -10.01 28.84
C VAL C 381 9.26 -11.12 29.73
N GLY C 382 8.89 -11.13 31.02
CA GLY C 382 9.41 -12.16 31.91
C GLY C 382 9.00 -13.55 31.49
N GLU C 383 7.72 -13.74 31.19
CA GLU C 383 7.27 -15.05 30.73
C GLU C 383 7.68 -15.36 29.31
N LEU C 384 8.17 -14.37 28.55
CA LEU C 384 8.72 -14.68 27.23
C LEU C 384 10.17 -15.13 27.33
N ILE C 385 10.92 -14.63 28.32
CA ILE C 385 12.29 -15.11 28.49
C ILE C 385 12.31 -16.44 29.23
N GLN C 386 11.36 -16.64 30.16
CA GLN C 386 11.35 -17.86 30.95
C GLN C 386 11.13 -19.10 30.08
N ASN C 387 10.36 -18.97 29.00
CA ASN C 387 10.12 -20.10 28.13
C ASN C 387 11.41 -20.57 27.46
N GLN C 388 12.19 -19.63 26.94
CA GLN C 388 13.47 -19.98 26.31
C GLN C 388 14.44 -20.55 27.33
N ILE C 389 14.49 -19.98 28.53
CA ILE C 389 15.34 -20.55 29.57
C ILE C 389 14.93 -21.99 29.86
N ARG C 390 13.61 -22.25 29.88
CA ARG C 390 13.13 -23.60 30.14
C ARG C 390 13.55 -24.55 29.03
N VAL C 391 13.49 -24.10 27.77
CA VAL C 391 13.87 -24.95 26.64
C VAL C 391 15.35 -25.31 26.73
N GLY C 392 16.20 -24.31 26.96
CA GLY C 392 17.62 -24.59 27.12
C GLY C 392 17.91 -25.52 28.29
N MET C 393 17.19 -25.32 29.39
CA MET C 393 17.36 -26.18 30.55
C MET C 393 16.99 -27.62 30.23
N SER C 394 15.89 -27.83 29.49
CA SER C 394 15.47 -29.18 29.14
C SER C 394 16.49 -29.85 28.24
N ARG C 395 17.04 -29.12 27.27
CA ARG C 395 18.07 -29.72 26.41
C ARG C 395 19.31 -30.12 27.22
N MET C 396 19.75 -29.24 28.12
CA MET C 396 20.90 -29.57 28.96
C MET C 396 20.60 -30.78 29.85
N GLU C 397 19.36 -30.87 30.34
CA GLU C 397 18.97 -31.99 31.19
C GLU C 397 18.98 -33.30 30.41
N ARG C 398 18.49 -33.28 29.17
CA ARG C 398 18.57 -34.48 28.35
C ARG C 398 20.01 -34.91 28.13
N VAL C 399 20.90 -33.95 27.86
CA VAL C 399 22.29 -34.28 27.63
C VAL C 399 22.91 -34.91 28.89
N VAL C 400 22.66 -34.32 30.06
CA VAL C 400 23.28 -34.85 31.27
C VAL C 400 22.69 -36.21 31.62
N ARG C 401 21.39 -36.41 31.41
CA ARG C 401 20.81 -37.73 31.67
C ARG C 401 21.42 -38.79 30.77
N GLU C 402 21.64 -38.45 29.49
CA GLU C 402 22.22 -39.45 28.59
C GLU C 402 23.70 -39.70 28.90
N ARG C 403 24.39 -38.71 29.44
CA ARG C 403 25.82 -38.87 29.72
C ARG C 403 26.09 -39.43 31.11
N MET C 404 25.09 -39.43 32.00
CA MET C 404 25.26 -40.00 33.33
C MET C 404 25.44 -41.51 33.32
N THR C 405 25.08 -42.18 32.23
CA THR C 405 25.15 -43.63 32.16
C THR C 405 26.32 -44.14 31.34
N THR C 406 27.18 -43.26 30.84
CA THR C 406 28.34 -43.66 30.06
C THR C 406 29.67 -43.28 30.71
N GLN C 407 29.66 -42.55 31.81
CA GLN C 407 30.87 -42.22 32.55
C GLN C 407 31.06 -43.17 33.72
N ASP C 408 32.27 -43.16 34.26
CA ASP C 408 32.61 -44.04 35.37
C ASP C 408 32.37 -43.34 36.70
N VAL C 409 31.80 -44.08 37.66
CA VAL C 409 31.53 -43.51 38.96
C VAL C 409 32.85 -43.26 39.69
N GLU C 410 32.78 -42.43 40.75
CA GLU C 410 33.90 -41.97 41.57
C GLU C 410 34.74 -40.93 40.86
N ALA C 411 34.45 -40.63 39.59
CA ALA C 411 35.07 -39.53 38.87
C ALA C 411 34.02 -38.56 38.33
N ILE C 412 32.79 -38.66 38.83
CA ILE C 412 31.67 -37.83 38.40
C ILE C 412 31.55 -36.65 39.35
N THR C 413 31.64 -35.45 38.81
CA THR C 413 31.49 -34.21 39.57
C THR C 413 30.47 -33.34 38.86
N PRO C 414 29.82 -32.42 39.59
CA PRO C 414 28.82 -31.57 38.95
C PRO C 414 29.34 -30.75 37.79
N GLN C 415 30.63 -30.40 37.79
CA GLN C 415 31.16 -29.58 36.70
C GLN C 415 31.37 -30.37 35.41
N THR C 416 31.44 -31.70 35.49
CA THR C 416 31.65 -32.53 34.31
C THR C 416 30.35 -33.03 33.71
N LEU C 417 29.21 -32.79 34.37
CA LEU C 417 27.91 -33.25 33.91
C LEU C 417 27.10 -32.16 33.25
N ILE C 418 27.57 -30.91 33.30
CA ILE C 418 26.76 -29.75 32.94
C ILE C 418 27.33 -29.14 31.67
N ASN C 419 26.46 -28.89 30.69
CA ASN C 419 26.83 -28.23 29.46
C ASN C 419 26.10 -26.89 29.37
N ILE C 420 26.84 -25.82 29.09
CA ILE C 420 26.25 -24.49 29.06
C ILE C 420 25.79 -24.08 27.66
N ARG C 421 26.33 -24.71 26.62
CA ARG C 421 26.09 -24.26 25.25
C ARG C 421 24.62 -24.16 24.86
N PRO C 422 23.76 -25.15 25.15
CA PRO C 422 22.35 -25.00 24.74
C PRO C 422 21.66 -23.78 25.34
N VAL C 423 21.95 -23.44 26.60
CA VAL C 423 21.27 -22.33 27.25
C VAL C 423 21.67 -21.00 26.62
N VAL C 424 22.97 -20.80 26.42
CA VAL C 424 23.43 -19.55 25.80
C VAL C 424 22.96 -19.47 24.36
N ALA C 425 22.90 -20.61 23.66
CA ALA C 425 22.39 -20.61 22.29
C ALA C 425 20.93 -20.18 22.25
N ALA C 426 20.11 -20.72 23.16
CA ALA C 426 18.70 -20.34 23.20
C ALA C 426 18.52 -18.86 23.54
N ILE C 427 19.30 -18.37 24.50
CA ILE C 427 19.17 -16.95 24.89
C ILE C 427 19.55 -16.05 23.73
N LYS C 428 20.68 -16.32 23.09
CA LYS C 428 21.12 -15.47 21.99
C LYS C 428 20.27 -15.63 20.74
N GLU C 429 19.57 -16.76 20.60
CA GLU C 429 18.62 -16.87 19.49
C GLU C 429 17.33 -16.11 19.77
N PHE C 430 16.91 -16.03 21.03
CA PHE C 430 15.73 -15.23 21.35
C PHE C 430 16.03 -13.75 21.19
N PHE C 431 17.14 -13.28 21.74
CA PHE C 431 17.38 -11.84 21.73
C PHE C 431 17.85 -11.31 20.39
N GLY C 432 18.12 -12.19 19.42
CA GLY C 432 18.51 -11.76 18.09
C GLY C 432 17.43 -11.97 17.06
N THR C 433 17.52 -13.06 16.31
CA THR C 433 16.59 -13.36 15.22
C THR C 433 15.27 -13.85 15.82
N SER C 434 14.45 -12.89 16.27
CA SER C 434 13.14 -13.19 16.82
C SER C 434 12.15 -12.13 16.36
N GLN C 435 10.87 -12.52 16.35
CA GLN C 435 9.82 -11.63 15.89
C GLN C 435 9.25 -10.73 16.99
N LEU C 436 9.62 -10.96 18.25
CA LEU C 436 9.08 -10.18 19.35
C LEU C 436 10.10 -9.26 20.03
N SER C 437 11.39 -9.48 19.82
CA SER C 437 12.43 -8.55 20.28
C SER C 437 12.75 -7.64 19.11
N GLN C 438 12.14 -6.47 19.09
CA GLN C 438 12.12 -5.61 17.92
C GLN C 438 13.09 -4.43 18.07
N PHE C 439 13.59 -3.98 16.92
CA PHE C 439 14.42 -2.78 16.86
C PHE C 439 13.63 -1.58 17.35
N MET C 440 14.21 -0.83 18.30
CA MET C 440 13.51 0.30 18.88
C MET C 440 13.50 1.47 17.92
N ASP C 441 12.38 2.19 17.88
CA ASP C 441 12.23 3.39 17.06
C ASP C 441 12.36 4.63 17.93
N GLN C 442 13.28 5.51 17.56
CA GLN C 442 13.60 6.70 18.34
C GLN C 442 13.46 7.95 17.47
N ASN C 443 12.34 8.05 16.77
CA ASN C 443 12.04 9.26 16.02
C ASN C 443 11.87 10.45 16.96
N ASN C 444 11.16 10.26 18.06
CA ASN C 444 11.00 11.27 19.10
C ASN C 444 10.55 10.54 20.36
N PRO C 445 10.54 11.24 21.51
CA PRO C 445 10.21 10.53 22.77
C PRO C 445 8.85 9.83 22.77
N LEU C 446 7.85 10.38 22.09
CA LEU C 446 6.53 9.76 22.11
C LEU C 446 6.54 8.39 21.47
N SER C 447 7.24 8.24 20.34
CA SER C 447 7.30 6.93 19.69
C SER C 447 8.02 5.91 20.55
N GLY C 448 9.09 6.32 21.23
CA GLY C 448 9.79 5.43 22.12
C GLY C 448 8.94 4.98 23.30
N LEU C 449 8.19 5.92 23.88
CA LEU C 449 7.28 5.57 24.98
C LEU C 449 6.17 4.65 24.50
N THR C 450 5.64 4.90 23.30
CA THR C 450 4.54 4.08 22.80
C THR C 450 5.00 2.67 22.45
N HIS C 451 6.24 2.51 21.97
CA HIS C 451 6.74 1.19 21.63
C HIS C 451 6.74 0.25 22.83
N LYS C 452 7.00 0.78 24.03
CA LYS C 452 7.10 -0.05 25.22
C LYS C 452 5.75 -0.38 25.84
N ARG C 453 4.65 0.10 25.27
CA ARG C 453 3.32 -0.14 25.81
C ARG C 453 2.42 -0.84 24.81
N ARG C 454 3.02 -1.60 23.89
CA ARG C 454 2.32 -2.20 22.77
C ARG C 454 1.94 -3.64 23.11
N LEU C 455 0.70 -4.01 22.81
CA LEU C 455 0.24 -5.39 22.92
C LEU C 455 0.06 -5.94 21.51
N SER C 456 0.82 -6.99 21.19
CA SER C 456 0.85 -7.54 19.84
C SER C 456 0.24 -8.94 19.85
N ALA C 457 -0.63 -9.20 18.88
CA ALA C 457 -1.35 -10.47 18.83
C ALA C 457 -0.68 -11.51 17.96
N LEU C 458 0.49 -11.23 17.41
CA LEU C 458 1.21 -12.16 16.55
C LEU C 458 2.40 -12.73 17.31
N GLY C 459 3.13 -13.63 16.65
CA GLY C 459 4.33 -14.19 17.20
C GLY C 459 4.27 -15.70 17.27
N PRO C 460 5.33 -16.32 17.80
CA PRO C 460 5.36 -17.78 17.87
C PRO C 460 4.40 -18.32 18.92
N GLY C 461 3.14 -18.44 18.55
CA GLY C 461 2.13 -18.93 19.47
C GLY C 461 0.81 -18.19 19.36
N GLY C 462 0.76 -17.20 18.46
CA GLY C 462 -0.43 -16.39 18.31
C GLY C 462 -1.15 -16.61 17.00
N LEU C 463 -1.09 -15.64 16.11
CA LEU C 463 -1.91 -15.63 14.91
C LEU C 463 -1.02 -15.50 13.67
N SER C 464 -1.67 -15.29 12.52
CA SER C 464 -0.97 -15.02 11.27
C SER C 464 -1.75 -13.96 10.51
N ARG C 465 -1.03 -13.18 9.70
CA ARG C 465 -1.68 -12.12 8.93
C ARG C 465 -2.68 -12.67 7.91
N GLU C 466 -2.54 -13.93 7.53
CA GLU C 466 -3.43 -14.58 6.57
C GLU C 466 -4.51 -15.41 7.25
N ARG C 467 -4.16 -16.12 8.32
CA ARG C 467 -5.15 -16.95 9.02
C ARG C 467 -6.15 -16.08 9.79
N ALA C 468 -5.70 -14.96 10.35
CA ALA C 468 -6.59 -14.10 11.12
C ALA C 468 -7.71 -13.57 10.23
N GLY C 469 -8.94 -13.62 10.74
CA GLY C 469 -10.09 -13.24 9.95
C GLY C 469 -10.57 -11.83 10.22
N LEU C 470 -11.87 -11.68 10.44
CA LEU C 470 -12.48 -10.39 10.69
C LEU C 470 -13.11 -10.27 12.07
N GLU C 471 -13.14 -11.36 12.84
CA GLU C 471 -13.72 -11.32 14.18
C GLU C 471 -12.70 -11.09 15.28
N VAL C 472 -11.41 -11.32 14.99
CA VAL C 472 -10.36 -10.99 15.96
C VAL C 472 -9.89 -9.55 15.84
N ARG C 473 -10.39 -8.80 14.87
CA ARG C 473 -10.01 -7.39 14.67
C ARG C 473 -11.17 -6.45 14.96
N ASP C 474 -11.92 -6.70 16.02
CA ASP C 474 -13.08 -5.90 16.37
C ASP C 474 -12.94 -5.41 17.80
N VAL C 475 -13.67 -4.34 18.10
CA VAL C 475 -13.65 -3.72 19.43
C VAL C 475 -14.69 -4.44 20.28
N HIS C 476 -14.23 -5.39 21.10
CA HIS C 476 -15.12 -6.08 22.00
C HIS C 476 -15.58 -5.13 23.11
N PRO C 477 -16.79 -5.31 23.64
CA PRO C 477 -17.25 -4.45 24.74
C PRO C 477 -16.44 -4.59 26.02
N SER C 478 -15.57 -5.59 26.14
CA SER C 478 -14.75 -5.78 27.33
C SER C 478 -13.42 -5.05 27.25
N HIS C 479 -13.17 -4.28 26.19
CA HIS C 479 -11.94 -3.51 26.08
C HIS C 479 -12.01 -2.19 26.84
N TYR C 480 -13.13 -1.86 27.46
CA TYR C 480 -13.30 -0.56 28.11
C TYR C 480 -12.42 -0.48 29.34
N GLY C 481 -11.33 0.27 29.24
CA GLY C 481 -10.41 0.46 30.33
C GLY C 481 -9.16 -0.38 30.28
N ARG C 482 -9.03 -1.25 29.29
CA ARG C 482 -7.87 -2.14 29.16
C ARG C 482 -7.11 -1.97 27.86
N MET C 483 -7.77 -1.60 26.76
CA MET C 483 -7.12 -1.40 25.48
C MET C 483 -7.67 -0.16 24.82
N CYS C 484 -6.85 0.49 23.99
CA CYS C 484 -7.34 1.70 23.36
C CYS C 484 -8.06 1.34 22.06
N PRO C 485 -9.31 1.77 21.87
CA PRO C 485 -10.06 1.42 20.65
C PRO C 485 -9.72 2.25 19.43
N ILE C 486 -8.86 3.26 19.53
CA ILE C 486 -8.62 4.21 18.45
C ILE C 486 -7.24 4.00 17.83
N GLU C 487 -6.21 3.90 18.66
CA GLU C 487 -4.83 3.80 18.20
C GLU C 487 -4.56 2.39 17.69
N THR C 488 -4.44 2.25 16.37
CA THR C 488 -4.14 0.97 15.75
C THR C 488 -3.51 1.22 14.39
N PRO C 489 -2.71 0.29 13.87
CA PRO C 489 -2.09 0.48 12.55
C PRO C 489 -3.13 0.59 11.45
N GLU C 490 -2.66 1.01 10.28
CA GLU C 490 -3.54 1.30 9.15
C GLU C 490 -3.42 0.31 8.00
N GLY C 491 -2.42 -0.57 8.00
CA GLY C 491 -2.21 -1.49 6.91
C GLY C 491 -2.78 -2.87 7.16
N PRO C 492 -2.01 -3.91 6.82
CA PRO C 492 -2.48 -5.28 7.05
C PRO C 492 -2.52 -5.69 8.51
N ASN C 493 -1.96 -4.91 9.42
CA ASN C 493 -1.99 -5.22 10.86
C ASN C 493 -3.06 -4.43 11.60
N ILE C 494 -4.18 -4.13 10.95
CA ILE C 494 -5.23 -3.38 11.61
C ILE C 494 -5.99 -4.30 12.56
N GLY C 495 -5.99 -3.97 13.84
CA GLY C 495 -6.65 -4.76 14.84
C GLY C 495 -5.82 -5.85 15.47
N LEU C 496 -4.63 -6.14 14.92
CA LEU C 496 -3.72 -7.11 15.50
C LEU C 496 -2.69 -6.48 16.43
N ILE C 497 -2.62 -5.15 16.49
CA ILE C 497 -1.71 -4.45 17.37
C ILE C 497 -2.47 -3.33 18.06
N GLY C 498 -2.31 -3.21 19.38
CA GLY C 498 -3.01 -2.21 20.15
C GLY C 498 -2.12 -1.66 21.25
N SER C 499 -2.67 -0.72 22.02
CA SER C 499 -1.93 -0.03 23.06
C SER C 499 -2.68 -0.12 24.38
N LEU C 500 -1.94 -0.25 25.46
CA LEU C 500 -2.53 -0.31 26.80
C LEU C 500 -3.02 1.08 27.22
N SER C 501 -4.08 1.10 28.03
CA SER C 501 -4.64 2.35 28.52
C SER C 501 -3.83 2.88 29.69
N VAL C 502 -4.15 4.12 30.08
CA VAL C 502 -3.30 4.84 31.03
C VAL C 502 -3.44 4.25 32.43
N TYR C 503 -4.64 3.84 32.83
CA TYR C 503 -4.87 3.34 34.18
C TYR C 503 -4.80 1.83 34.31
N ALA C 504 -4.52 1.11 33.22
CA ALA C 504 -4.56 -0.35 33.28
C ALA C 504 -3.31 -0.90 33.96
N ARG C 505 -3.46 -2.11 34.50
CA ARG C 505 -2.36 -2.82 35.14
C ARG C 505 -2.61 -4.32 35.02
N VAL C 506 -1.56 -5.11 35.19
CA VAL C 506 -1.56 -6.53 34.87
C VAL C 506 -1.56 -7.34 36.16
N ASN C 507 -2.39 -8.39 36.19
CA ASN C 507 -2.51 -9.36 37.27
C ASN C 507 -1.18 -10.11 37.45
N PRO C 508 -1.02 -10.87 38.54
CA PRO C 508 0.08 -11.85 38.59
C PRO C 508 -0.15 -13.06 37.71
N PHE C 509 -1.29 -13.17 37.03
CA PHE C 509 -1.56 -14.26 36.10
C PHE C 509 -1.45 -13.85 34.64
N GLY C 510 -1.71 -12.58 34.32
CA GLY C 510 -1.60 -12.12 32.96
C GLY C 510 -2.88 -11.46 32.48
N PHE C 511 -3.78 -11.15 33.40
CA PHE C 511 -5.07 -10.55 33.06
C PHE C 511 -5.04 -9.06 33.43
N ILE C 512 -5.51 -8.23 32.51
CA ILE C 512 -5.44 -6.79 32.68
C ILE C 512 -6.57 -6.32 33.58
N GLU C 513 -6.26 -5.44 34.53
CA GLU C 513 -7.22 -4.88 35.46
C GLU C 513 -7.44 -3.41 35.15
N THR C 514 -8.42 -2.83 35.83
CA THR C 514 -8.75 -1.42 35.69
C THR C 514 -9.45 -0.97 36.97
N PRO C 515 -9.27 0.27 37.40
CA PRO C 515 -9.78 0.68 38.70
C PRO C 515 -11.21 1.20 38.66
N TYR C 516 -11.86 1.12 39.82
CA TYR C 516 -13.22 1.60 40.00
C TYR C 516 -13.36 2.16 41.40
N ARG C 517 -14.37 3.00 41.59
CA ARG C 517 -14.68 3.58 42.90
C ARG C 517 -15.90 2.90 43.47
N LYS C 518 -15.77 2.39 44.69
CA LYS C 518 -16.86 1.66 45.32
C LYS C 518 -17.91 2.64 45.82
N VAL C 519 -19.18 2.35 45.53
CA VAL C 519 -20.29 3.18 45.95
C VAL C 519 -21.19 2.39 46.88
N VAL C 520 -21.70 3.03 47.92
CA VAL C 520 -22.59 2.40 48.88
C VAL C 520 -23.73 3.37 49.17
N ASP C 521 -24.96 2.84 49.16
CA ASP C 521 -26.17 3.61 49.49
C ASP C 521 -26.31 4.84 48.59
N GLY C 522 -25.94 4.69 47.32
CA GLY C 522 -26.10 5.76 46.35
C GLY C 522 -25.11 6.89 46.45
N VAL C 523 -24.10 6.78 47.31
CA VAL C 523 -23.08 7.81 47.47
C VAL C 523 -21.74 7.23 47.06
N VAL C 524 -21.01 7.96 46.21
CA VAL C 524 -19.71 7.49 45.75
C VAL C 524 -18.67 7.73 46.84
N SER C 525 -17.96 6.67 47.20
CA SER C 525 -16.89 6.75 48.19
C SER C 525 -15.58 7.09 47.48
N ASP C 526 -14.47 6.93 48.20
CA ASP C 526 -13.15 7.21 47.65
C ASP C 526 -12.22 6.03 47.87
N GLU C 527 -12.77 4.81 47.83
CA GLU C 527 -12.02 3.58 47.98
C GLU C 527 -11.89 2.92 46.61
N ILE C 528 -10.66 2.62 46.22
CA ILE C 528 -10.37 2.12 44.87
C ILE C 528 -10.20 0.61 44.92
N VAL C 529 -10.90 -0.09 44.04
CA VAL C 529 -10.78 -1.53 43.90
C VAL C 529 -10.52 -1.85 42.43
N TYR C 530 -9.54 -2.70 42.18
CA TYR C 530 -9.18 -3.09 40.83
C TYR C 530 -9.94 -4.35 40.42
N LEU C 531 -10.60 -4.30 39.25
CA LEU C 531 -11.45 -5.39 38.79
C LEU C 531 -11.00 -5.83 37.41
N THR C 532 -11.00 -7.14 37.19
CA THR C 532 -10.73 -7.70 35.87
C THR C 532 -12.03 -7.83 35.08
N ALA C 533 -11.89 -8.03 33.78
CA ALA C 533 -13.06 -8.05 32.89
C ALA C 533 -14.01 -9.18 33.22
N ASP C 534 -13.55 -10.22 33.91
CA ASP C 534 -14.39 -11.35 34.28
C ASP C 534 -15.16 -11.13 35.57
N GLU C 535 -14.84 -10.07 36.32
CA GLU C 535 -15.52 -9.76 37.57
C GLU C 535 -16.43 -8.55 37.49
N GLU C 536 -16.31 -7.73 36.46
CA GLU C 536 -17.11 -6.53 36.29
C GLU C 536 -18.40 -6.79 35.54
N ASP C 537 -18.65 -8.03 35.11
CA ASP C 537 -19.89 -8.38 34.43
C ASP C 537 -20.97 -8.86 35.39
N ARG C 538 -20.71 -8.85 36.70
CA ARG C 538 -21.72 -9.14 37.70
C ARG C 538 -22.13 -7.89 38.48
N HIS C 539 -21.67 -6.72 38.05
CA HIS C 539 -21.96 -5.47 38.74
C HIS C 539 -22.46 -4.43 37.74
N VAL C 540 -23.19 -3.45 38.25
CA VAL C 540 -23.63 -2.30 37.47
C VAL C 540 -22.63 -1.19 37.69
N VAL C 541 -22.00 -0.72 36.61
CA VAL C 541 -20.95 0.29 36.67
C VAL C 541 -21.47 1.57 36.03
N ALA C 542 -21.37 2.68 36.77
CA ALA C 542 -21.90 3.95 36.31
C ALA C 542 -20.92 4.58 35.32
N GLN C 543 -21.14 5.85 35.00
CA GLN C 543 -20.35 6.55 34.00
C GLN C 543 -19.62 7.71 34.67
N ALA C 544 -18.44 8.05 34.11
CA ALA C 544 -17.61 9.07 34.71
C ALA C 544 -18.28 10.44 34.67
N ASN C 545 -18.91 10.78 33.54
CA ASN C 545 -19.60 12.07 33.38
C ASN C 545 -20.99 11.93 33.97
N SER C 546 -21.06 11.99 35.29
CA SER C 546 -22.32 11.87 36.02
C SER C 546 -22.41 13.00 37.04
N PRO C 547 -23.53 13.72 37.08
CA PRO C 547 -23.64 14.83 38.04
C PRO C 547 -23.63 14.32 39.47
N ILE C 548 -22.73 14.88 40.27
CA ILE C 548 -22.54 14.49 41.66
C ILE C 548 -22.63 15.75 42.51
N ASP C 549 -23.46 15.72 43.55
CA ASP C 549 -23.64 16.89 44.39
C ASP C 549 -22.45 17.08 45.33
N ALA C 550 -22.56 18.06 46.21
CA ALA C 550 -21.49 18.32 47.18
C ALA C 550 -21.30 17.15 48.13
N ASP C 551 -22.40 16.56 48.60
CA ASP C 551 -22.30 15.43 49.50
C ASP C 551 -21.93 14.14 48.78
N GLY C 552 -22.37 13.98 47.53
CA GLY C 552 -22.00 12.82 46.75
C GLY C 552 -23.21 12.02 46.28
N ARG C 553 -24.35 12.66 46.18
CA ARG C 553 -25.57 12.01 45.73
C ARG C 553 -25.87 12.37 44.28
N PHE C 554 -26.36 11.40 43.52
CA PHE C 554 -26.65 11.63 42.12
C PHE C 554 -27.79 12.63 41.97
N VAL C 555 -27.62 13.56 41.04
CA VAL C 555 -28.66 14.56 40.78
C VAL C 555 -29.74 14.01 39.86
N GLU C 556 -29.34 13.45 38.72
CA GLU C 556 -30.29 12.94 37.76
C GLU C 556 -31.01 11.72 38.32
N PRO C 557 -32.33 11.61 38.13
CA PRO C 557 -33.05 10.42 38.62
C PRO C 557 -32.56 9.13 38.01
N ARG C 558 -32.12 9.16 36.75
CA ARG C 558 -31.67 7.98 36.04
C ARG C 558 -30.28 8.24 35.47
N VAL C 559 -29.44 7.20 35.46
CA VAL C 559 -28.06 7.34 35.03
C VAL C 559 -27.79 6.30 33.95
N LEU C 560 -26.79 6.60 33.12
CA LEU C 560 -26.38 5.70 32.05
C LEU C 560 -25.34 4.73 32.60
N VAL C 561 -25.64 3.44 32.55
CA VAL C 561 -24.78 2.42 33.15
C VAL C 561 -24.36 1.42 32.09
N ARG C 562 -23.56 0.43 32.49
CA ARG C 562 -23.15 -0.66 31.63
C ARG C 562 -23.53 -1.97 32.30
N ARG C 563 -24.39 -2.74 31.67
CA ARG C 563 -24.92 -3.97 32.25
C ARG C 563 -24.03 -5.15 31.86
N LYS C 564 -24.53 -6.37 32.04
CA LYS C 564 -23.71 -7.58 31.93
C LYS C 564 -23.01 -7.71 30.58
N ALA C 565 -23.77 -7.92 29.51
CA ALA C 565 -23.17 -8.18 28.20
C ALA C 565 -22.90 -6.88 27.43
N GLY C 566 -22.23 -5.94 28.08
CA GLY C 566 -21.97 -4.64 27.46
C GLY C 566 -23.22 -3.90 27.04
N GLU C 567 -24.36 -4.20 27.66
CA GLU C 567 -25.61 -3.57 27.30
C GLU C 567 -25.73 -2.22 27.98
N VAL C 568 -25.82 -1.15 27.18
CA VAL C 568 -25.99 0.20 27.70
C VAL C 568 -27.48 0.43 27.91
N GLU C 569 -27.83 0.99 29.07
CA GLU C 569 -29.23 1.20 29.40
C GLU C 569 -29.38 2.49 30.20
N TYR C 570 -30.63 2.92 30.38
CA TYR C 570 -30.95 4.10 31.17
C TYR C 570 -31.76 3.66 32.39
N VAL C 571 -31.06 3.18 33.40
CA VAL C 571 -31.70 2.64 34.60
C VAL C 571 -31.93 3.78 35.59
N PRO C 572 -32.94 3.70 36.46
CA PRO C 572 -33.06 4.71 37.53
C PRO C 572 -31.92 4.56 38.52
N SER C 573 -31.30 5.68 38.87
CA SER C 573 -30.11 5.66 39.71
C SER C 573 -30.40 5.17 41.13
N SER C 574 -30.38 3.86 41.32
CA SER C 574 -30.53 3.27 42.64
C SER C 574 -29.89 1.89 42.67
N GLU C 575 -29.37 1.45 41.53
CA GLU C 575 -28.75 0.14 41.39
C GLU C 575 -27.24 0.20 41.23
N VAL C 576 -26.67 1.39 41.02
CA VAL C 576 -25.25 1.50 40.74
C VAL C 576 -24.43 0.89 41.86
N ASP C 577 -23.35 0.20 41.49
CA ASP C 577 -22.45 -0.44 42.44
C ASP C 577 -21.01 0.02 42.30
N TYR C 578 -20.64 0.62 41.18
CA TYR C 578 -19.27 1.05 40.94
C TYR C 578 -19.31 2.29 40.07
N MET C 579 -18.19 2.97 39.97
CA MET C 579 -18.12 4.19 39.17
C MET C 579 -16.73 4.32 38.55
N ASP C 580 -16.68 5.03 37.43
CA ASP C 580 -15.41 5.26 36.76
C ASP C 580 -14.55 6.23 37.56
N VAL C 581 -13.26 6.25 37.25
CA VAL C 581 -12.32 7.11 37.99
C VAL C 581 -12.12 8.43 37.26
N SER C 582 -12.17 8.42 35.92
CA SER C 582 -11.96 9.63 35.15
C SER C 582 -12.50 9.41 33.74
N PRO C 583 -12.89 10.49 33.06
CA PRO C 583 -13.40 10.33 31.68
C PRO C 583 -12.39 9.81 30.68
N ARG C 584 -11.09 10.00 30.91
CA ARG C 584 -10.06 9.53 29.98
C ARG C 584 -9.55 8.14 30.35
N GLN C 585 -10.39 7.30 30.94
CA GLN C 585 -9.98 5.96 31.34
C GLN C 585 -9.82 5.02 30.16
N MET C 586 -10.47 5.30 29.03
CA MET C 586 -10.54 4.35 27.92
C MET C 586 -9.59 4.69 26.77
N VAL C 587 -8.69 5.66 26.95
CA VAL C 587 -7.79 6.07 25.87
C VAL C 587 -6.35 5.83 26.30
N SER C 588 -5.47 5.78 25.31
CA SER C 588 -4.06 5.51 25.53
C SER C 588 -3.32 6.83 25.76
N VAL C 589 -1.99 6.78 25.74
CA VAL C 589 -1.19 7.95 26.10
C VAL C 589 -1.01 8.91 24.92
N ALA C 590 -1.12 8.44 23.69
CA ALA C 590 -1.00 9.32 22.53
C ALA C 590 -2.34 9.89 22.09
N THR C 591 -3.43 9.18 22.34
CA THR C 591 -4.75 9.69 22.03
C THR C 591 -5.21 10.72 23.05
N ALA C 592 -4.68 10.66 24.27
CA ALA C 592 -5.02 11.62 25.31
C ALA C 592 -4.28 12.95 25.16
N MET C 593 -3.65 13.19 24.02
CA MET C 593 -2.94 14.43 23.76
C MET C 593 -3.60 15.27 22.66
N ILE C 594 -4.79 14.88 22.22
CA ILE C 594 -5.53 15.61 21.17
C ILE C 594 -6.61 16.44 21.86
N PRO C 595 -6.55 17.76 21.81
CA PRO C 595 -7.66 18.56 22.32
C PRO C 595 -8.89 18.41 21.44
N PHE C 596 -10.07 18.54 22.06
CA PHE C 596 -11.35 18.43 21.37
C PHE C 596 -11.45 17.10 20.61
N LEU C 597 -11.18 16.01 21.31
CA LEU C 597 -11.25 14.69 20.67
C LEU C 597 -12.68 14.26 20.42
N GLU C 598 -13.61 14.63 21.29
CA GLU C 598 -14.99 14.20 21.15
C GLU C 598 -15.70 14.84 19.95
N HIS C 599 -15.10 15.83 19.31
CA HIS C 599 -15.66 16.46 18.12
C HIS C 599 -15.13 15.87 16.82
N ASP C 600 -14.27 14.85 16.89
CA ASP C 600 -13.63 14.28 15.72
C ASP C 600 -14.17 12.88 15.44
N ASP C 601 -14.18 12.52 14.16
CA ASP C 601 -14.55 11.17 13.78
C ASP C 601 -13.45 10.20 14.21
N ALA C 602 -13.78 8.91 14.24
CA ALA C 602 -12.82 7.92 14.71
C ALA C 602 -11.63 7.77 13.78
N ASN C 603 -11.87 7.80 12.46
CA ASN C 603 -10.78 7.61 11.50
C ASN C 603 -9.78 8.75 11.56
N ARG C 604 -10.26 9.97 11.73
CA ARG C 604 -9.35 11.10 11.75
C ARG C 604 -8.53 11.14 13.03
N ALA C 605 -9.14 10.76 14.15
CA ALA C 605 -8.38 10.64 15.38
C ALA C 605 -7.36 9.51 15.30
N LEU C 606 -7.70 8.44 14.60
CA LEU C 606 -6.75 7.35 14.34
C LEU C 606 -5.53 7.87 13.59
N MET C 607 -5.75 8.58 12.49
CA MET C 607 -4.62 9.13 11.75
C MET C 607 -3.83 10.13 12.57
N GLY C 608 -4.50 10.99 13.35
CA GLY C 608 -3.78 11.95 14.16
C GLY C 608 -2.90 11.30 15.21
N ALA C 609 -3.39 10.23 15.82
CA ALA C 609 -2.59 9.53 16.82
C ALA C 609 -1.42 8.80 16.16
N ASN C 610 -1.63 8.26 14.96
CA ASN C 610 -0.53 7.55 14.31
C ASN C 610 0.53 8.54 13.82
N MET C 611 0.12 9.72 13.36
CA MET C 611 1.05 10.69 12.82
C MET C 611 1.71 11.55 13.88
N GLN C 612 1.27 11.47 15.14
CA GLN C 612 2.01 12.19 16.16
C GLN C 612 3.33 11.51 16.52
N ARG C 613 3.53 10.26 16.11
CA ARG C 613 4.75 9.52 16.37
C ARG C 613 5.76 9.60 15.24
N GLN C 614 5.49 10.37 14.19
CA GLN C 614 6.41 10.52 13.06
C GLN C 614 7.03 11.91 12.99
N ALA C 615 6.79 12.76 13.98
CA ALA C 615 7.36 14.11 13.96
C ALA C 615 8.86 14.07 14.25
N VAL C 616 9.57 15.04 13.72
CA VAL C 616 11.03 15.14 13.90
C VAL C 616 11.36 16.25 14.89
N PRO C 617 12.44 16.14 15.66
CA PRO C 617 12.84 17.26 16.53
C PRO C 617 13.42 18.41 15.72
N LEU C 618 13.08 19.63 16.12
CA LEU C 618 13.55 20.84 15.47
C LEU C 618 14.61 21.51 16.33
N VAL C 619 15.34 22.44 15.69
CA VAL C 619 16.46 23.09 16.39
C VAL C 619 15.98 23.93 17.56
N ARG C 620 14.75 24.45 17.50
CA ARG C 620 14.18 25.20 18.61
C ARG C 620 12.76 24.73 18.84
N SER C 621 12.38 24.58 20.10
CA SER C 621 11.10 24.01 20.49
C SER C 621 10.25 25.06 21.20
N GLU C 622 8.93 24.88 21.11
CA GLU C 622 8.00 25.75 21.82
C GLU C 622 6.72 24.99 22.13
N ALA C 623 6.20 25.21 23.35
CA ALA C 623 5.07 24.46 23.86
C ALA C 623 3.76 24.94 23.24
N PRO C 624 2.75 24.07 23.21
CA PRO C 624 1.48 24.46 22.57
C PRO C 624 0.78 25.58 23.31
N LEU C 625 0.07 26.41 22.55
CA LEU C 625 -0.82 27.40 23.15
C LEU C 625 -2.07 26.73 23.71
N VAL C 626 -2.55 25.69 23.05
CA VAL C 626 -3.68 24.90 23.50
C VAL C 626 -3.20 23.48 23.71
N GLY C 627 -3.37 22.96 24.92
CA GLY C 627 -2.89 21.63 25.23
C GLY C 627 -3.94 20.77 25.90
N THR C 628 -3.49 19.71 26.57
CA THR C 628 -4.40 18.79 27.24
C THR C 628 -4.01 18.47 28.68
N GLY C 629 -2.76 18.68 29.07
CA GLY C 629 -2.31 18.38 30.41
C GLY C 629 -1.61 17.04 30.56
N MET C 630 -1.71 16.17 29.57
CA MET C 630 -0.97 14.91 29.58
C MET C 630 0.48 15.09 29.15
N GLU C 631 0.82 16.24 28.57
CA GLU C 631 2.14 16.43 27.98
C GLU C 631 3.25 16.57 29.01
N LEU C 632 2.91 16.82 30.27
CA LEU C 632 3.96 16.97 31.27
C LEU C 632 4.46 15.63 31.80
N ARG C 633 3.55 14.71 32.08
CA ARG C 633 3.94 13.41 32.61
C ARG C 633 4.24 12.40 31.51
N ALA C 634 4.01 12.75 30.24
CA ALA C 634 4.45 11.92 29.13
C ALA C 634 5.89 12.19 28.74
N ALA C 635 6.51 13.24 29.27
CA ALA C 635 7.90 13.55 29.00
C ALA C 635 8.83 13.13 30.13
N ILE C 636 8.38 13.21 31.38
CA ILE C 636 9.20 12.74 32.49
C ILE C 636 9.31 11.22 32.47
N ASP C 637 8.21 10.53 32.19
CA ASP C 637 8.20 9.07 32.22
C ASP C 637 8.90 8.46 31.02
N ALA C 638 8.97 9.17 29.89
CA ALA C 638 9.70 8.66 28.73
C ALA C 638 11.18 8.50 29.05
N GLY C 639 11.77 9.46 29.75
CA GLY C 639 13.12 9.35 30.22
C GLY C 639 14.18 10.05 29.40
N ASP C 640 13.79 10.93 28.47
CA ASP C 640 14.75 11.68 27.68
C ASP C 640 15.12 13.02 28.29
N VAL C 641 14.67 13.29 29.51
CA VAL C 641 15.06 14.50 30.24
C VAL C 641 15.95 14.09 31.40
N VAL C 642 16.49 15.08 32.09
CA VAL C 642 17.31 14.86 33.27
C VAL C 642 16.60 15.50 34.46
N VAL C 643 16.34 14.70 35.50
CA VAL C 643 15.68 15.18 36.69
C VAL C 643 16.62 14.98 37.86
N ALA C 644 16.39 15.73 38.93
CA ALA C 644 17.25 15.70 40.09
C ALA C 644 16.77 14.64 41.08
N GLU C 645 17.71 13.83 41.57
CA GLU C 645 17.38 12.77 42.52
C GLU C 645 17.38 13.23 43.97
N GLU C 646 17.80 14.46 44.25
CA GLU C 646 17.81 14.95 45.63
C GLU C 646 17.72 16.47 45.60
N SER C 647 17.62 17.06 46.79
CA SER C 647 17.43 18.49 46.94
C SER C 647 18.77 19.16 47.24
N GLY C 648 18.97 20.34 46.66
CA GLY C 648 20.19 21.06 46.87
C GLY C 648 20.19 22.35 46.08
N VAL C 649 21.34 23.03 46.10
CA VAL C 649 21.52 24.27 45.36
C VAL C 649 22.45 24.01 44.19
N ILE C 650 22.30 24.79 43.14
CA ILE C 650 23.11 24.63 41.94
C ILE C 650 24.45 25.33 42.15
N GLU C 651 25.54 24.61 41.86
CA GLU C 651 26.89 25.10 42.08
C GLU C 651 27.55 25.61 40.81
N GLU C 652 27.39 24.89 39.70
CA GLU C 652 28.04 25.27 38.45
C GLU C 652 27.18 24.79 37.29
N VAL C 653 27.04 25.64 36.28
CA VAL C 653 26.26 25.32 35.09
C VAL C 653 27.08 25.68 33.87
N SER C 654 27.18 24.74 32.93
CA SER C 654 27.83 25.00 31.65
C SER C 654 26.98 24.36 30.55
N ALA C 655 27.53 24.32 29.34
CA ALA C 655 26.81 23.77 28.20
C ALA C 655 26.81 22.24 28.17
N ASP C 656 27.60 21.59 29.02
CA ASP C 656 27.69 20.13 28.97
C ASP C 656 27.74 19.45 30.33
N TYR C 657 27.62 20.17 31.44
CA TYR C 657 27.54 19.51 32.74
C TYR C 657 26.87 20.43 33.73
N ILE C 658 26.20 19.83 34.72
CA ILE C 658 25.58 20.55 35.83
C ILE C 658 26.02 19.91 37.13
N THR C 659 26.50 20.72 38.06
CA THR C 659 26.97 20.25 39.36
C THR C 659 26.01 20.73 40.44
N VAL C 660 25.47 19.78 41.20
CA VAL C 660 24.50 20.06 42.26
C VAL C 660 25.10 19.68 43.59
N MET C 661 25.09 20.61 44.54
CA MET C 661 25.56 20.35 45.90
C MET C 661 24.34 20.04 46.77
N HIS C 662 24.34 18.85 47.38
CA HIS C 662 23.21 18.48 48.21
C HIS C 662 23.31 19.16 49.58
N ASP C 663 22.23 19.06 50.35
CA ASP C 663 22.21 19.71 51.65
C ASP C 663 23.11 19.01 52.66
N ASN C 664 23.27 17.69 52.52
CA ASN C 664 24.10 16.93 53.45
C ASN C 664 25.59 17.14 53.19
N GLY C 665 25.98 17.39 51.95
CA GLY C 665 27.38 17.60 51.63
C GLY C 665 27.85 16.94 50.35
N THR C 666 27.16 15.88 49.95
CA THR C 666 27.54 15.16 48.74
C THR C 666 27.30 16.03 47.51
N ARG C 667 28.17 15.86 46.52
CA ARG C 667 28.08 16.59 45.26
C ARG C 667 27.88 15.61 44.12
N ARG C 668 26.89 15.89 43.26
CA ARG C 668 26.58 15.06 42.13
C ARG C 668 26.66 15.89 40.85
N THR C 669 27.24 15.31 39.80
CA THR C 669 27.40 15.98 38.52
C THR C 669 26.70 15.18 37.43
N TYR C 670 25.99 15.88 36.55
CA TYR C 670 25.25 15.27 35.46
C TYR C 670 25.88 15.71 34.14
N ARG C 671 26.15 14.74 33.27
CA ARG C 671 26.68 15.03 31.94
C ARG C 671 25.56 15.02 30.91
N MET C 672 25.86 15.58 29.74
CA MET C 672 24.86 15.75 28.68
C MET C 672 25.32 15.07 27.41
N ARG C 673 24.34 14.67 26.59
CA ARG C 673 24.60 14.13 25.26
C ARG C 673 24.40 15.25 24.24
N LYS C 674 25.51 15.74 23.69
CA LYS C 674 25.46 16.82 22.71
C LYS C 674 25.57 16.25 21.31
N PHE C 675 24.52 16.44 20.50
CA PHE C 675 24.51 16.05 19.09
C PHE C 675 24.78 14.56 18.93
N ALA C 676 23.91 13.75 19.54
CA ALA C 676 23.97 12.31 19.43
C ALA C 676 22.98 11.83 18.37
N ARG C 677 23.33 10.75 17.69
CA ARG C 677 22.52 10.21 16.63
C ARG C 677 21.56 9.17 17.20
N SER C 678 20.29 9.28 16.84
CA SER C 678 19.29 8.34 17.32
C SER C 678 19.21 7.16 16.37
N ASN C 679 18.26 6.26 16.62
CA ASN C 679 18.14 5.07 15.80
C ASN C 679 17.73 5.39 14.37
N HIS C 680 17.14 6.56 14.13
CA HIS C 680 16.58 6.90 12.83
C HIS C 680 17.28 8.08 12.18
N GLY C 681 18.47 8.43 12.65
CA GLY C 681 19.25 9.50 12.04
C GLY C 681 18.95 10.90 12.50
N THR C 682 18.02 11.09 13.44
CA THR C 682 17.73 12.42 13.96
C THR C 682 18.76 12.81 15.02
N CYS C 683 18.62 14.02 15.55
CA CYS C 683 19.56 14.59 16.51
C CYS C 683 18.95 14.59 17.90
N ALA C 684 19.72 14.15 18.90
CA ALA C 684 19.29 14.12 20.29
C ALA C 684 20.20 15.02 21.11
N ASN C 685 19.72 16.20 21.47
CA ASN C 685 20.52 17.24 22.11
C ASN C 685 19.84 17.65 23.43
N GLN C 686 20.63 17.75 24.50
CA GLN C 686 20.12 18.12 25.81
C GLN C 686 20.71 19.47 26.25
N CYS C 687 19.86 20.33 26.80
CA CYS C 687 20.27 21.67 27.21
C CYS C 687 19.80 21.97 28.63
N PRO C 688 20.62 22.64 29.43
CA PRO C 688 20.21 23.01 30.78
C PRO C 688 19.23 24.17 30.80
N ILE C 689 18.33 24.14 31.78
CA ILE C 689 17.31 25.18 31.93
C ILE C 689 17.32 25.74 33.35
N VAL C 690 18.47 25.72 34.01
CA VAL C 690 18.59 26.22 35.37
C VAL C 690 19.66 27.31 35.41
N ASP C 691 19.59 28.12 36.46
CA ASP C 691 20.53 29.22 36.68
C ASP C 691 21.69 28.74 37.54
N ALA C 692 22.50 29.67 38.04
CA ALA C 692 23.69 29.34 38.81
C ALA C 692 23.49 29.45 40.31
N GLY C 693 22.29 29.79 40.78
CA GLY C 693 22.04 29.90 42.21
C GLY C 693 20.72 29.35 42.66
N ASP C 694 20.02 28.66 41.76
CA ASP C 694 18.68 28.17 42.04
C ASP C 694 18.69 27.07 43.10
N ARG C 695 17.57 26.96 43.81
CA ARG C 695 17.31 25.86 44.72
C ARG C 695 16.48 24.80 44.01
N VAL C 696 16.90 23.55 44.12
CA VAL C 696 16.36 22.45 43.34
C VAL C 696 15.73 21.43 44.29
N GLU C 697 14.51 21.01 43.98
CA GLU C 697 13.80 19.99 44.74
C GLU C 697 13.83 18.66 43.98
N ALA C 698 13.76 17.57 44.74
CA ALA C 698 13.83 16.25 44.13
C ALA C 698 12.67 16.04 43.17
N GLY C 699 12.98 15.56 41.97
CA GLY C 699 11.99 15.40 40.93
C GLY C 699 11.88 16.57 39.98
N GLN C 700 12.57 17.68 40.24
CA GLN C 700 12.52 18.82 39.35
C GLN C 700 13.33 18.55 38.09
N VAL C 701 12.85 19.04 36.97
CA VAL C 701 13.54 18.87 35.70
C VAL C 701 14.74 19.80 35.64
N ILE C 702 15.91 19.23 35.39
CA ILE C 702 17.17 19.97 35.41
C ILE C 702 17.63 20.34 34.00
N ALA C 703 17.42 19.44 33.03
CA ALA C 703 17.85 19.66 31.66
C ALA C 703 16.74 19.28 30.71
N ASP C 704 16.74 19.90 29.54
CA ASP C 704 15.72 19.68 28.53
C ASP C 704 16.11 18.47 27.69
N GLY C 705 15.41 18.24 26.58
CA GLY C 705 15.67 17.10 25.75
C GLY C 705 15.37 17.37 24.29
N PRO C 706 15.22 16.31 23.50
CA PRO C 706 14.98 16.49 22.06
C PRO C 706 13.75 17.30 21.72
N CYS C 707 12.58 16.85 22.18
CA CYS C 707 11.31 17.47 21.86
C CYS C 707 10.63 18.04 23.10
N THR C 708 11.40 18.72 23.95
CA THR C 708 10.91 19.20 25.23
C THR C 708 11.10 20.70 25.34
N ASP C 709 10.10 21.38 25.89
CA ASP C 709 10.14 22.82 26.16
C ASP C 709 9.77 23.06 27.61
N ASP C 710 10.78 23.24 28.46
CA ASP C 710 10.59 23.53 29.88
C ASP C 710 9.90 22.37 30.61
N GLY C 711 10.17 21.16 30.16
CA GLY C 711 9.67 19.97 30.82
C GLY C 711 8.48 19.30 30.17
N GLU C 712 7.85 19.92 29.18
CA GLU C 712 6.66 19.38 28.55
C GLU C 712 6.89 19.18 27.06
N MET C 713 6.28 18.14 26.51
CA MET C 713 6.56 17.73 25.15
C MET C 713 6.04 18.74 24.13
N ALA C 714 6.88 19.09 23.16
CA ALA C 714 6.55 20.08 22.15
C ALA C 714 7.05 19.56 20.80
N LEU C 715 6.13 19.15 19.93
CA LEU C 715 6.49 18.50 18.68
C LEU C 715 6.32 19.39 17.46
N GLY C 716 5.87 20.62 17.60
CA GLY C 716 5.60 21.49 16.46
C GLY C 716 5.74 22.95 16.80
N LYS C 717 5.03 23.79 16.05
CA LYS C 717 5.09 25.23 16.20
C LYS C 717 3.71 25.83 16.00
N ASN C 718 3.53 27.05 16.50
CA ASN C 718 2.27 27.77 16.42
C ASN C 718 2.32 28.71 15.21
N LEU C 719 1.34 28.57 14.31
CA LEU C 719 1.33 29.34 13.09
C LEU C 719 -0.03 29.99 12.88
N LEU C 720 -0.04 31.15 12.24
CA LEU C 720 -1.27 31.89 11.99
C LEU C 720 -1.89 31.38 10.69
N VAL C 721 -3.17 30.99 10.76
CA VAL C 721 -3.81 30.26 9.68
C VAL C 721 -4.92 31.11 9.09
N ALA C 722 -5.23 30.83 7.82
CA ALA C 722 -6.44 31.32 7.17
C ALA C 722 -7.05 30.16 6.40
N ILE C 723 -8.37 30.05 6.45
CA ILE C 723 -9.09 28.97 5.80
C ILE C 723 -9.81 29.58 4.60
N MET C 724 -9.25 29.37 3.41
CA MET C 724 -9.75 29.95 2.17
C MET C 724 -9.05 29.31 0.97
N PRO C 725 -9.72 29.20 -0.17
CA PRO C 725 -9.03 28.79 -1.40
C PRO C 725 -8.20 29.94 -1.96
N TRP C 726 -7.09 29.58 -2.60
CA TRP C 726 -6.17 30.60 -3.12
C TRP C 726 -5.62 30.15 -4.49
N GLU C 727 -6.28 30.58 -5.56
CA GLU C 727 -5.79 30.45 -6.93
C GLU C 727 -5.45 29.01 -7.30
N GLY C 728 -5.91 28.03 -6.53
CA GLY C 728 -5.66 26.65 -6.87
C GLY C 728 -4.31 26.12 -6.45
N HIS C 729 -3.55 26.87 -5.65
CA HIS C 729 -2.26 26.36 -5.18
C HIS C 729 -2.41 25.40 -4.02
N ASN C 730 -3.55 25.42 -3.33
CA ASN C 730 -3.86 24.47 -2.27
C ASN C 730 -4.98 23.52 -2.71
N TYR C 731 -4.95 23.12 -3.97
CA TYR C 731 -5.95 22.23 -4.54
C TYR C 731 -5.66 20.78 -4.14
N GLU C 732 -6.68 20.10 -3.64
CA GLU C 732 -6.59 18.67 -3.31
C GLU C 732 -5.49 18.39 -2.28
N ASP C 733 -5.67 18.99 -1.10
CA ASP C 733 -4.87 18.69 0.09
C ASP C 733 -3.45 19.23 0.04
N ALA C 734 -3.17 20.21 -0.81
CA ALA C 734 -1.87 20.86 -0.81
C ALA C 734 -1.87 22.02 0.18
N ILE C 735 -0.68 22.54 0.49
CA ILE C 735 -0.49 23.57 1.51
C ILE C 735 0.39 24.68 0.94
N ILE C 736 0.05 25.92 1.26
CA ILE C 736 0.85 27.10 0.88
C ILE C 736 1.52 27.65 2.13
N LEU C 737 2.83 27.86 2.04
CA LEU C 737 3.61 28.41 3.14
C LEU C 737 4.09 29.81 2.79
N SER C 738 4.61 30.50 3.80
CA SER C 738 5.20 31.82 3.66
C SER C 738 6.72 31.72 3.65
N ASN C 739 7.36 32.78 3.19
CA ASN C 739 8.83 32.79 3.17
C ASN C 739 9.43 33.18 4.50
N ARG C 740 8.63 33.71 5.43
CA ARG C 740 9.14 34.01 6.76
C ARG C 740 9.47 32.74 7.54
N LEU C 741 8.96 31.59 7.10
CA LEU C 741 9.27 30.31 7.73
C LEU C 741 10.58 29.73 7.25
N VAL C 742 11.19 30.32 6.21
CA VAL C 742 12.50 29.91 5.74
C VAL C 742 13.58 30.90 6.15
N GLU C 743 13.28 32.20 6.20
CA GLU C 743 14.27 33.19 6.59
C GLU C 743 14.51 33.23 8.09
N GLU C 744 13.69 32.54 8.88
CA GLU C 744 13.80 32.59 10.33
C GLU C 744 13.99 31.21 10.96
N ASP C 745 14.21 30.18 10.14
CA ASP C 745 14.61 28.85 10.62
C ASP C 745 13.55 28.27 11.56
N VAL C 746 12.29 28.48 11.23
CA VAL C 746 11.21 28.00 12.09
C VAL C 746 11.12 26.48 12.04
N LEU C 747 11.20 25.90 10.85
CA LEU C 747 11.11 24.46 10.66
C LEU C 747 12.42 23.95 10.04
N THR C 748 13.41 23.68 10.88
CA THR C 748 14.71 23.18 10.45
C THR C 748 15.15 22.08 11.40
N SER C 749 15.71 21.01 10.84
CA SER C 749 16.12 19.84 11.62
C SER C 749 17.50 19.36 11.17
N ILE C 750 18.33 18.99 12.13
CA ILE C 750 19.64 18.39 11.86
C ILE C 750 19.50 16.89 11.69
N HIS C 751 20.18 16.33 10.70
CA HIS C 751 20.20 14.89 10.45
C HIS C 751 21.63 14.39 10.37
N ILE C 752 21.96 13.37 11.17
CA ILE C 752 23.31 12.82 11.26
C ILE C 752 23.33 11.42 10.66
N GLU C 753 24.40 11.10 9.92
CA GLU C 753 24.54 9.83 9.23
C GLU C 753 25.91 9.23 9.51
N GLU C 754 26.01 7.90 9.42
CA GLU C 754 27.22 7.16 9.79
C GLU C 754 27.67 6.21 8.69
N HIS C 755 28.99 6.07 8.54
CA HIS C 755 29.62 5.19 7.57
C HIS C 755 30.83 4.52 8.21
N GLU C 756 31.30 3.43 7.61
CA GLU C 756 32.41 2.68 8.22
C GLU C 756 33.14 1.87 7.16
N ILE C 757 34.43 1.65 7.40
CA ILE C 757 35.33 0.89 6.53
C ILE C 757 36.11 -0.08 7.40
N ASP C 758 36.72 -1.09 6.77
CA ASP C 758 37.44 -2.12 7.50
C ASP C 758 38.78 -2.40 6.82
N ALA C 759 39.57 -3.29 7.43
CA ALA C 759 40.89 -3.67 6.91
C ALA C 759 41.16 -5.15 7.14
N ARG C 760 40.30 -6.01 6.59
CA ARG C 760 40.41 -7.45 6.82
C ARG C 760 41.53 -8.03 5.95
N ASP C 761 42.58 -8.54 6.61
CA ASP C 761 43.70 -9.17 5.93
C ASP C 761 43.25 -10.16 4.85
N THR C 762 43.52 -9.84 3.59
CA THR C 762 43.14 -10.71 2.48
C THR C 762 44.15 -11.83 2.33
N LYS C 763 44.12 -12.52 1.19
CA LYS C 763 45.02 -13.64 0.96
C LYS C 763 46.48 -13.17 0.90
N LEU C 764 46.86 -12.54 -0.21
CA LEU C 764 48.22 -12.05 -0.39
C LEU C 764 48.35 -10.70 0.29
N GLY C 765 49.09 -10.65 1.40
CA GLY C 765 49.25 -9.39 2.11
C GLY C 765 48.00 -9.05 2.92
N ALA C 766 47.82 -7.75 3.17
CA ALA C 766 46.71 -7.30 3.98
C ALA C 766 46.47 -5.81 3.73
N GLU C 767 45.20 -5.42 3.72
CA GLU C 767 44.83 -4.03 3.46
C GLU C 767 45.37 -3.13 4.56
N GLU C 768 45.79 -1.92 4.18
CA GLU C 768 46.34 -0.97 5.12
C GLU C 768 45.89 0.43 4.72
N ILE C 769 45.08 1.06 5.57
CA ILE C 769 44.59 2.41 5.29
C ILE C 769 45.79 3.37 5.30
N THR C 770 46.03 4.03 4.17
CA THR C 770 47.10 5.00 4.10
C THR C 770 46.76 6.06 3.06
N ARG C 771 47.40 7.22 3.20
CA ARG C 771 47.19 8.33 2.28
C ARG C 771 47.71 8.03 0.87
N ASP C 772 48.53 7.00 0.71
CA ASP C 772 49.16 6.68 -0.56
C ASP C 772 48.20 5.85 -1.42
N ILE C 773 47.49 6.52 -2.32
CA ILE C 773 46.64 5.85 -3.29
C ILE C 773 47.20 6.10 -4.69
N PRO C 774 48.28 5.38 -5.08
CA PRO C 774 48.97 5.63 -6.36
C PRO C 774 48.16 6.19 -7.51
N ASN C 775 47.10 5.47 -7.89
CA ASN C 775 46.31 5.81 -9.07
C ASN C 775 45.61 7.17 -8.97
N ILE C 776 45.52 7.75 -7.78
CA ILE C 776 44.94 9.07 -7.62
C ILE C 776 46.05 10.09 -7.47
N SER C 777 45.74 11.35 -7.80
CA SER C 777 46.70 12.43 -7.83
C SER C 777 46.84 13.03 -6.42
N ASP C 778 47.29 14.29 -6.35
CA ASP C 778 47.40 15.03 -5.10
C ASP C 778 46.33 16.10 -4.95
N GLU C 779 45.50 16.30 -5.98
CA GLU C 779 44.42 17.28 -5.88
C GLU C 779 43.36 16.82 -4.89
N VAL C 780 42.85 15.59 -5.07
CA VAL C 780 41.79 15.04 -4.22
C VAL C 780 42.40 14.38 -3.00
N LEU C 781 43.41 15.01 -2.41
CA LEU C 781 44.09 14.47 -1.24
C LEU C 781 44.39 15.54 -0.20
N ALA C 782 43.89 16.77 -0.40
CA ALA C 782 44.17 17.85 0.53
C ALA C 782 43.55 17.59 1.89
N ASP C 783 42.31 17.09 1.91
CA ASP C 783 41.59 16.82 3.14
C ASP C 783 42.34 15.79 4.00
N LEU C 784 42.43 14.56 3.51
CA LEU C 784 43.08 13.46 4.22
C LEU C 784 44.35 13.91 4.91
N ASP C 785 44.39 13.74 6.24
CA ASP C 785 45.57 14.14 7.00
C ASP C 785 46.66 13.08 6.82
N GLU C 786 47.75 13.19 7.59
CA GLU C 786 48.87 12.25 7.46
C GLU C 786 48.59 10.94 8.20
N ARG C 787 47.48 10.31 7.81
CA ARG C 787 47.07 9.04 8.42
C ARG C 787 46.11 8.33 7.49
N GLY C 788 45.38 9.10 6.68
CA GLY C 788 44.47 8.57 5.70
C GLY C 788 43.01 8.83 5.97
N ILE C 789 42.70 9.70 6.94
CA ILE C 789 41.32 9.97 7.34
C ILE C 789 41.04 11.46 7.20
N VAL C 790 39.79 11.78 6.90
CA VAL C 790 39.39 13.17 6.67
C VAL C 790 39.52 13.95 7.96
N ARG C 791 39.47 15.28 7.86
CA ARG C 791 39.68 16.16 9.01
C ARG C 791 38.34 16.72 9.45
N ILE C 792 38.08 16.67 10.77
CA ILE C 792 36.85 17.19 11.35
C ILE C 792 36.66 18.64 10.91
N GLY C 793 35.61 18.89 10.15
CA GLY C 793 35.34 20.23 9.63
C GLY C 793 35.30 20.33 8.12
N ALA C 794 35.57 19.26 7.38
CA ALA C 794 35.65 19.32 5.92
C ALA C 794 34.29 19.05 5.30
N GLU C 795 33.85 19.96 4.43
CA GLU C 795 32.59 19.76 3.71
C GLU C 795 32.81 18.80 2.55
N VAL C 796 31.96 17.78 2.48
CA VAL C 796 32.05 16.72 1.47
C VAL C 796 30.87 16.82 0.52
N ARG C 797 31.07 16.34 -0.70
CA ARG C 797 30.05 16.27 -1.73
C ARG C 797 29.77 14.79 -2.04
N ASP C 798 29.28 14.51 -3.24
CA ASP C 798 29.01 13.14 -3.68
C ASP C 798 30.13 12.70 -4.61
N GLY C 799 31.12 12.02 -4.04
CA GLY C 799 32.29 11.57 -4.78
C GLY C 799 33.55 11.78 -3.98
N ASP C 800 33.47 12.59 -2.93
CA ASP C 800 34.62 12.87 -2.09
C ASP C 800 35.09 11.60 -1.39
N ILE C 801 36.40 11.51 -1.19
CA ILE C 801 37.01 10.36 -0.54
C ILE C 801 37.11 10.65 0.96
N LEU C 802 36.57 9.74 1.77
CA LEU C 802 36.57 9.92 3.22
C LEU C 802 37.83 9.30 3.84
N VAL C 803 38.04 8.01 3.63
CA VAL C 803 39.25 7.33 4.05
C VAL C 803 39.70 6.42 2.91
N GLY C 804 41.00 6.44 2.62
CA GLY C 804 41.56 5.72 1.50
C GLY C 804 42.32 4.49 1.95
N LYS C 805 42.06 3.37 1.26
CA LYS C 805 42.68 2.08 1.57
C LYS C 805 43.19 1.46 0.29
N VAL C 806 44.37 0.83 0.37
CA VAL C 806 44.99 0.17 -0.77
C VAL C 806 45.23 -1.30 -0.41
N THR C 807 44.48 -2.19 -1.04
CA THR C 807 44.66 -3.62 -0.80
C THR C 807 45.82 -4.13 -1.66
N PRO C 808 46.83 -4.77 -1.06
CA PRO C 808 48.01 -5.15 -1.85
C PRO C 808 48.09 -6.63 -2.16
N LYS C 809 49.28 -7.09 -2.55
CA LYS C 809 49.52 -8.48 -2.90
C LYS C 809 50.80 -9.05 -2.29
N GLY C 810 51.55 -8.28 -1.52
CA GLY C 810 52.80 -8.75 -0.95
C GLY C 810 53.98 -8.57 -1.89
N ALA C 829 55.37 -1.87 -5.49
CA ALA C 829 54.01 -2.37 -5.30
C ALA C 829 53.41 -2.83 -6.62
N ARG C 830 52.85 -1.88 -7.36
CA ARG C 830 52.17 -2.15 -8.63
C ARG C 830 51.25 -3.36 -8.53
N GLU C 831 50.38 -3.32 -7.52
CA GLU C 831 49.45 -4.40 -7.24
C GLU C 831 48.32 -3.89 -6.38
N VAL C 832 48.40 -2.62 -5.98
CA VAL C 832 47.44 -2.01 -5.08
C VAL C 832 46.19 -1.63 -5.86
N ARG C 833 45.06 -1.59 -5.17
CA ARG C 833 43.78 -1.27 -5.78
C ARG C 833 43.27 0.06 -5.25
N ASP C 834 42.27 0.61 -5.94
CA ASP C 834 41.63 1.84 -5.50
C ASP C 834 40.36 1.46 -4.74
N THR C 835 40.49 1.29 -3.43
CA THR C 835 39.37 0.93 -2.56
C THR C 835 39.30 1.98 -1.46
N SER C 836 38.73 3.13 -1.80
CA SER C 836 38.64 4.26 -0.88
C SER C 836 37.17 4.55 -0.56
N LEU C 837 36.86 4.67 0.72
CA LEU C 837 35.50 4.98 1.14
C LEU C 837 35.07 6.30 0.51
N LYS C 838 33.96 6.28 -0.22
CA LYS C 838 33.41 7.48 -0.82
C LYS C 838 32.04 7.78 -0.23
N VAL C 839 31.55 8.98 -0.53
CA VAL C 839 30.25 9.43 -0.03
C VAL C 839 29.18 8.92 -0.99
N PRO C 840 28.23 8.10 -0.53
CA PRO C 840 27.20 7.57 -1.41
C PRO C 840 26.47 8.69 -2.15
N HIS C 841 26.11 8.41 -3.40
CA HIS C 841 25.46 9.38 -4.28
C HIS C 841 24.41 10.21 -3.55
N GLY C 842 24.47 11.52 -3.74
CA GLY C 842 23.49 12.43 -3.17
C GLY C 842 23.53 12.45 -1.65
N GLU C 843 24.63 12.96 -1.10
CA GLU C 843 24.80 13.08 0.34
C GLU C 843 25.93 14.08 0.60
N SER C 844 25.75 14.92 1.61
CA SER C 844 26.73 15.97 1.89
C SER C 844 26.57 16.42 3.34
N GLY C 845 27.53 17.20 3.79
CA GLY C 845 27.52 17.76 5.13
C GLY C 845 28.91 17.70 5.75
N LYS C 846 29.10 18.50 6.79
CA LYS C 846 30.40 18.59 7.44
C LYS C 846 30.69 17.34 8.24
N VAL C 847 31.97 16.99 8.34
CA VAL C 847 32.40 15.87 9.18
C VAL C 847 32.47 16.35 10.62
N ILE C 848 31.62 15.77 11.49
CA ILE C 848 31.53 16.20 12.87
C ILE C 848 32.26 15.27 13.85
N GLY C 849 32.71 14.11 13.41
CA GLY C 849 33.47 13.24 14.31
C GLY C 849 33.95 11.93 13.74
N ILE C 850 35.05 11.40 14.28
CA ILE C 850 35.62 10.12 13.87
C ILE C 850 35.77 9.24 15.11
N ARG C 851 35.90 7.93 14.88
CA ARG C 851 36.14 6.97 15.96
C ARG C 851 36.92 5.79 15.38
N VAL C 852 38.22 5.73 15.68
CA VAL C 852 39.11 4.72 15.14
C VAL C 852 39.41 3.68 16.20
N PHE C 853 39.22 2.40 15.85
CA PHE C 853 39.50 1.29 16.74
C PHE C 853 40.64 0.46 16.15
N SER C 854 41.69 0.26 16.94
CA SER C 854 42.84 -0.51 16.52
C SER C 854 43.21 -1.53 17.59
N ARG C 855 43.70 -2.69 17.15
CA ARG C 855 44.07 -3.75 18.09
C ARG C 855 45.47 -3.56 18.65
N GLU C 856 46.26 -2.64 18.08
CA GLU C 856 47.62 -2.42 18.55
C GLU C 856 47.62 -1.69 19.89
N ASP C 857 46.58 -0.90 20.15
CA ASP C 857 46.41 -0.23 21.43
C ASP C 857 45.54 -1.02 22.39
N GLU C 858 45.32 -2.32 22.11
CA GLU C 858 44.54 -3.22 22.96
C GLU C 858 43.05 -2.91 22.90
N ASP C 859 42.35 -3.57 21.98
CA ASP C 859 40.93 -3.36 21.76
C ASP C 859 40.33 -4.64 21.19
N GLU C 860 39.05 -4.83 21.45
CA GLU C 860 38.32 -6.03 21.02
C GLU C 860 37.73 -5.81 19.63
N LEU C 861 38.46 -6.23 18.60
CA LEU C 861 38.02 -6.16 17.22
C LEU C 861 37.78 -7.56 16.68
N PRO C 862 36.78 -7.73 15.81
CA PRO C 862 36.57 -9.04 15.16
C PRO C 862 37.83 -9.52 14.47
N ALA C 863 38.21 -10.77 14.75
CA ALA C 863 39.44 -11.33 14.22
C ALA C 863 39.49 -11.22 12.71
N GLY C 864 40.68 -10.90 12.20
CA GLY C 864 40.88 -10.73 10.78
C GLY C 864 40.99 -9.27 10.38
N VAL C 865 40.11 -8.45 10.93
CA VAL C 865 40.15 -7.01 10.69
C VAL C 865 41.20 -6.37 11.58
N ASN C 866 41.86 -5.34 11.06
CA ASN C 866 42.89 -4.63 11.79
C ASN C 866 42.59 -3.16 12.03
N GLU C 867 41.60 -2.59 11.34
CA GLU C 867 41.31 -1.17 11.48
C GLU C 867 39.85 -0.93 11.12
N LEU C 868 39.10 -0.32 12.03
CA LEU C 868 37.70 0.03 11.80
C LEU C 868 37.48 1.49 12.18
N VAL C 869 37.26 2.34 11.18
CA VAL C 869 36.95 3.75 11.40
C VAL C 869 35.46 3.98 11.16
N ARG C 870 34.89 4.91 11.92
CA ARG C 870 33.48 5.29 11.78
C ARG C 870 33.38 6.80 11.66
N VAL C 871 32.86 7.28 10.53
CA VAL C 871 32.77 8.69 10.22
C VAL C 871 31.32 9.14 10.34
N TYR C 872 31.11 10.36 10.85
CA TYR C 872 29.78 10.95 11.02
C TYR C 872 29.67 12.24 10.22
N VAL C 873 28.51 12.46 9.60
CA VAL C 873 28.28 13.62 8.73
C VAL C 873 26.90 14.19 9.03
N ALA C 874 26.82 15.49 9.33
CA ALA C 874 25.59 16.16 9.70
C ALA C 874 25.19 17.21 8.67
N GLN C 875 23.88 17.35 8.43
CA GLN C 875 23.37 18.29 7.43
C GLN C 875 22.13 19.01 7.98
N LYS C 876 22.19 20.33 8.06
CA LYS C 876 21.02 21.13 8.44
C LYS C 876 20.05 21.21 7.27
N ARG C 877 18.85 20.63 7.44
CA ARG C 877 17.85 20.56 6.39
C ARG C 877 16.73 21.56 6.64
N LYS C 878 16.33 22.28 5.60
CA LYS C 878 15.26 23.27 5.70
C LYS C 878 13.98 22.69 5.09
N ILE C 879 12.95 23.53 5.03
CA ILE C 879 11.66 23.16 4.45
C ILE C 879 11.67 23.52 2.97
N SER C 880 10.93 22.75 2.17
CA SER C 880 10.95 22.92 0.73
C SER C 880 9.70 22.28 0.14
N ASP C 881 9.56 22.39 -1.18
CA ASP C 881 8.41 21.81 -1.87
C ASP C 881 8.45 20.29 -1.78
N GLY C 882 7.30 19.69 -1.46
CA GLY C 882 7.21 18.25 -1.32
C GLY C 882 7.28 17.72 0.09
N ASP C 883 7.68 18.53 1.06
CA ASP C 883 7.75 18.07 2.43
C ASP C 883 6.36 18.00 3.05
N LYS C 884 6.18 17.04 3.96
CA LYS C 884 4.88 16.72 4.53
C LYS C 884 4.70 17.41 5.87
N LEU C 885 3.55 18.07 6.04
CA LEU C 885 3.16 18.70 7.29
C LEU C 885 1.92 18.01 7.83
N ALA C 886 1.59 18.29 9.09
CA ALA C 886 0.45 17.61 9.70
C ALA C 886 -0.03 18.39 10.92
N GLY C 887 -1.24 18.05 11.36
CA GLY C 887 -1.78 18.52 12.62
C GLY C 887 -2.19 17.36 13.51
N ARG C 888 -2.77 17.72 14.65
CA ARG C 888 -3.19 16.74 15.64
C ARG C 888 -4.58 16.17 15.40
N HIS C 889 -5.28 16.62 14.35
CA HIS C 889 -6.67 16.24 14.13
C HIS C 889 -6.88 15.43 12.86
N GLY C 890 -5.83 15.13 12.10
CA GLY C 890 -5.97 14.42 10.85
C GLY C 890 -5.64 15.24 9.63
N ASN C 891 -5.34 16.54 9.78
CA ASN C 891 -4.91 17.34 8.65
C ASN C 891 -3.56 16.83 8.15
N LYS C 892 -3.41 16.74 6.84
CA LYS C 892 -2.22 16.13 6.26
C LYS C 892 -2.12 16.52 4.80
N GLY C 893 -0.94 16.99 4.40
CA GLY C 893 -0.71 17.35 3.01
C GLY C 893 0.73 17.75 2.83
N VAL C 894 1.14 17.83 1.58
CA VAL C 894 2.49 18.22 1.22
C VAL C 894 2.47 19.70 0.84
N ILE C 895 3.64 20.32 0.89
CA ILE C 895 3.74 21.76 0.62
C ILE C 895 3.74 21.98 -0.88
N GLY C 896 2.75 22.71 -1.37
CA GLY C 896 2.63 22.98 -2.78
C GLY C 896 3.42 24.18 -3.26
N LYS C 897 3.43 25.26 -2.47
CA LYS C 897 4.14 26.46 -2.87
C LYS C 897 4.66 27.19 -1.63
N ILE C 898 5.74 27.94 -1.83
CA ILE C 898 6.27 28.86 -0.83
C ILE C 898 6.26 30.25 -1.44
N LEU C 899 5.63 31.21 -0.75
CA LEU C 899 5.35 32.50 -1.33
C LEU C 899 6.18 33.59 -0.66
N PRO C 900 6.53 34.66 -1.39
CA PRO C 900 7.17 35.81 -0.74
C PRO C 900 6.23 36.45 0.26
N VAL C 901 6.82 37.10 1.27
CA VAL C 901 6.01 37.68 2.33
C VAL C 901 5.18 38.87 1.85
N GLU C 902 5.49 39.44 0.69
CA GLU C 902 4.67 40.52 0.16
C GLU C 902 3.52 40.02 -0.69
N ASP C 903 3.48 38.74 -1.01
CA ASP C 903 2.43 38.15 -1.84
C ASP C 903 1.33 37.51 -1.02
N MET C 904 1.38 37.62 0.29
CA MET C 904 0.53 36.89 1.23
C MET C 904 -0.59 37.79 1.73
N PRO C 905 -1.79 37.25 1.95
CA PRO C 905 -2.86 38.06 2.53
C PRO C 905 -2.47 38.57 3.89
N PHE C 906 -2.86 39.80 4.19
CA PHE C 906 -2.45 40.44 5.43
C PHE C 906 -3.62 41.12 6.11
N LEU C 907 -3.53 41.19 7.43
CA LEU C 907 -4.59 41.76 8.27
C LEU C 907 -4.59 43.28 8.13
N ALA C 908 -5.45 43.93 8.91
CA ALA C 908 -5.63 45.36 8.76
C ALA C 908 -4.40 46.15 9.19
N ASP C 909 -3.56 45.60 10.07
CA ASP C 909 -2.34 46.27 10.51
C ASP C 909 -1.11 45.85 9.72
N GLY C 910 -1.25 44.99 8.73
CA GLY C 910 -0.13 44.58 7.89
C GLY C 910 0.55 43.29 8.27
N THR C 911 -0.09 42.44 9.06
CA THR C 911 0.51 41.18 9.48
C THR C 911 0.19 40.08 8.48
N PRO C 912 1.18 39.52 7.79
CA PRO C 912 0.89 38.41 6.87
C PRO C 912 0.55 37.15 7.63
N VAL C 913 -0.16 36.26 6.96
CA VAL C 913 -0.48 34.95 7.51
C VAL C 913 0.63 33.98 7.15
N ASP C 914 0.72 32.89 7.92
CA ASP C 914 1.83 31.96 7.77
C ASP C 914 1.48 30.71 6.97
N ILE C 915 0.21 30.31 6.93
CA ILE C 915 -0.20 29.09 6.26
C ILE C 915 -1.64 29.24 5.82
N ILE C 916 -1.98 28.64 4.68
CA ILE C 916 -3.33 28.69 4.12
C ILE C 916 -3.82 27.25 3.94
N LEU C 917 -5.03 26.98 4.44
CA LEU C 917 -5.65 25.67 4.35
C LEU C 917 -6.98 25.78 3.61
N ASN C 918 -7.33 24.71 2.89
CA ASN C 918 -8.52 24.71 2.06
C ASN C 918 -9.75 24.39 2.89
N THR C 919 -10.89 24.93 2.48
CA THR C 919 -12.15 24.75 3.20
C THR C 919 -12.99 23.61 2.67
N HIS C 920 -12.59 23.00 1.55
CA HIS C 920 -13.39 21.94 0.96
C HIS C 920 -13.18 20.59 1.62
N GLY C 921 -12.11 20.45 2.41
CA GLY C 921 -11.80 19.18 3.04
C GLY C 921 -12.35 18.98 4.42
N VAL C 922 -12.85 20.03 5.06
CA VAL C 922 -13.30 19.94 6.45
C VAL C 922 -14.68 19.31 6.55
N PRO C 923 -15.72 19.81 5.86
CA PRO C 923 -17.07 19.29 6.12
C PRO C 923 -17.26 17.82 5.78
N ARG C 924 -16.61 17.31 4.74
CA ARG C 924 -16.84 15.94 4.29
C ARG C 924 -16.02 14.91 5.03
N ARG C 925 -15.13 15.33 5.94
CA ARG C 925 -14.32 14.40 6.71
C ARG C 925 -14.64 14.41 8.20
N MET C 926 -15.48 15.34 8.65
CA MET C 926 -16.01 15.35 10.01
C MET C 926 -14.90 15.45 11.05
N ASN C 927 -13.95 16.35 10.81
CA ASN C 927 -12.98 16.75 11.83
C ASN C 927 -13.15 18.25 11.99
N ILE C 928 -14.10 18.64 12.83
CA ILE C 928 -14.38 20.05 13.11
C ILE C 928 -13.67 20.52 14.37
N GLY C 929 -12.82 19.68 14.95
CA GLY C 929 -12.03 20.11 16.09
C GLY C 929 -10.95 21.10 15.75
N GLN C 930 -10.51 21.14 14.49
CA GLN C 930 -9.45 22.06 14.10
C GLN C 930 -9.92 23.50 14.10
N ILE C 931 -11.17 23.75 13.71
CA ILE C 931 -11.68 25.13 13.74
C ILE C 931 -11.83 25.61 15.18
N LEU C 932 -12.34 24.75 16.06
CA LEU C 932 -12.42 25.10 17.47
C LEU C 932 -11.03 25.34 18.05
N GLU C 933 -10.05 24.54 17.64
CA GLU C 933 -8.68 24.76 18.09
C GLU C 933 -8.15 26.11 17.62
N THR C 934 -8.43 26.48 16.37
CA THR C 934 -7.97 27.79 15.90
C THR C 934 -8.62 28.93 16.66
N HIS C 935 -9.92 28.83 16.95
CA HIS C 935 -10.59 29.86 17.73
C HIS C 935 -9.95 29.99 19.11
N LEU C 936 -9.79 28.86 19.81
CA LEU C 936 -9.20 28.90 21.15
C LEU C 936 -7.75 29.37 21.11
N GLY C 937 -7.01 29.02 20.05
CA GLY C 937 -5.64 29.48 19.95
C GLY C 937 -5.54 30.98 19.75
N TRP C 938 -6.42 31.56 18.93
CA TRP C 938 -6.45 33.01 18.81
C TRP C 938 -6.80 33.66 20.13
N CYS C 939 -7.80 33.12 20.84
CA CYS C 939 -8.18 33.71 22.12
C CYS C 939 -7.03 33.64 23.12
N ALA C 940 -6.29 32.53 23.14
CA ALA C 940 -5.16 32.39 24.05
C ALA C 940 -4.02 33.33 23.67
N HIS C 941 -3.73 33.47 22.37
CA HIS C 941 -2.65 34.35 21.94
C HIS C 941 -2.94 35.81 22.26
N SER C 942 -4.15 36.27 21.95
CA SER C 942 -4.44 37.69 22.11
C SER C 942 -4.68 38.05 23.58
N GLY C 943 -5.32 37.17 24.34
CA GLY C 943 -5.68 37.47 25.71
C GLY C 943 -7.04 38.12 25.82
N TRP C 944 -7.72 37.84 26.92
CA TRP C 944 -9.10 38.25 27.11
C TRP C 944 -9.30 38.75 28.53
N LYS C 945 -10.50 39.24 28.80
CA LYS C 945 -10.88 39.65 30.15
C LYS C 945 -12.40 39.77 30.19
N VAL C 946 -13.03 39.03 31.10
CA VAL C 946 -14.48 39.01 31.22
C VAL C 946 -14.92 40.04 32.24
N ASP C 947 -15.90 40.86 31.86
CA ASP C 947 -16.40 41.90 32.74
C ASP C 947 -17.37 41.31 33.76
N ALA C 948 -17.19 41.69 35.02
CA ALA C 948 -18.06 41.22 36.09
C ALA C 948 -18.55 42.39 36.94
N ALA C 949 -18.76 43.55 36.31
CA ALA C 949 -19.29 44.70 37.04
C ALA C 949 -20.71 44.46 37.53
N LYS C 950 -21.55 43.86 36.69
CA LYS C 950 -22.93 43.52 37.07
C LYS C 950 -23.09 42.04 37.35
N GLY C 951 -22.09 41.42 37.96
CA GLY C 951 -22.11 40.00 38.21
C GLY C 951 -21.59 39.18 37.06
N VAL C 952 -21.29 37.92 37.34
CA VAL C 952 -20.79 37.01 36.31
C VAL C 952 -21.89 36.76 35.27
N PRO C 953 -21.58 36.84 33.98
CA PRO C 953 -22.60 36.56 32.96
C PRO C 953 -23.11 35.13 33.06
N ASP C 954 -24.23 34.88 32.41
CA ASP C 954 -24.87 33.57 32.51
C ASP C 954 -24.03 32.46 31.88
N TRP C 955 -23.29 32.78 30.82
CA TRP C 955 -22.49 31.74 30.16
C TRP C 955 -21.22 31.40 30.92
N ALA C 956 -20.78 32.25 31.85
CA ALA C 956 -19.54 32.03 32.59
C ALA C 956 -19.80 31.59 34.03
N ALA C 957 -20.97 31.01 34.29
CA ALA C 957 -21.31 30.59 35.65
C ALA C 957 -20.40 29.47 36.13
N ARG C 958 -20.09 28.51 35.27
CA ARG C 958 -19.33 27.32 35.64
C ARG C 958 -17.84 27.47 35.42
N LEU C 959 -17.37 28.60 34.90
CA LEU C 959 -15.95 28.79 34.72
C LEU C 959 -15.28 29.01 36.08
N PRO C 960 -14.05 28.54 36.25
CA PRO C 960 -13.30 28.85 37.48
C PRO C 960 -13.03 30.33 37.58
N ASP C 961 -12.49 30.73 38.73
CA ASP C 961 -12.20 32.14 38.98
C ASP C 961 -10.87 32.58 38.39
N GLU C 962 -9.99 31.64 38.03
CA GLU C 962 -8.72 31.98 37.42
C GLU C 962 -8.78 32.03 35.90
N LEU C 963 -9.90 31.64 35.29
CA LEU C 963 -10.09 31.72 33.85
C LEU C 963 -10.93 32.91 33.42
N LEU C 964 -11.20 33.85 34.31
CA LEU C 964 -11.95 35.05 33.95
C LEU C 964 -11.07 36.18 33.47
N GLU C 965 -9.75 35.96 33.36
CA GLU C 965 -8.83 36.98 32.88
C GLU C 965 -7.53 36.31 32.50
N ALA C 966 -6.96 36.72 31.37
CA ALA C 966 -5.72 36.13 30.89
C ALA C 966 -4.91 37.21 30.21
N GLN C 967 -3.61 36.97 30.13
CA GLN C 967 -2.63 37.86 29.52
C GLN C 967 -2.25 37.37 28.13
N PRO C 968 -1.74 38.25 27.27
CA PRO C 968 -1.27 37.82 25.95
C PRO C 968 -0.21 36.73 26.06
N ASN C 969 -0.26 35.79 25.12
CA ASN C 969 0.62 34.63 25.10
C ASN C 969 0.46 33.78 26.36
N ALA C 970 -0.80 33.40 26.62
CA ALA C 970 -1.14 32.54 27.74
C ALA C 970 -1.24 31.09 27.26
N ILE C 971 -1.03 30.17 28.21
CA ILE C 971 -1.09 28.74 27.94
C ILE C 971 -2.30 28.17 28.67
N VAL C 972 -3.14 27.43 27.95
CA VAL C 972 -4.35 26.86 28.53
C VAL C 972 -4.32 25.35 28.38
N SER C 973 -5.35 24.68 28.92
CA SER C 973 -5.43 23.23 28.87
C SER C 973 -6.89 22.81 28.82
N THR C 974 -7.24 21.99 27.84
CA THR C 974 -8.59 21.46 27.69
C THR C 974 -8.56 19.93 27.68
N PRO C 975 -8.89 19.26 28.79
CA PRO C 975 -8.81 17.80 28.83
C PRO C 975 -9.67 17.13 27.77
N VAL C 976 -9.44 15.83 27.60
CA VAL C 976 -9.85 15.14 26.38
C VAL C 976 -11.36 14.95 26.32
N PHE C 977 -12.01 14.64 27.44
CA PHE C 977 -13.45 14.43 27.44
C PHE C 977 -14.17 15.28 28.47
N ASP C 978 -13.48 16.25 29.06
CA ASP C 978 -14.10 17.21 29.98
C ASP C 978 -13.32 18.52 29.80
N GLY C 979 -13.80 19.36 28.89
CA GLY C 979 -13.08 20.57 28.57
C GLY C 979 -13.96 21.77 28.33
N ALA C 980 -13.58 22.60 27.37
CA ALA C 980 -14.30 23.82 27.07
C ALA C 980 -15.52 23.53 26.21
N GLN C 981 -16.69 24.02 26.64
CA GLN C 981 -17.91 23.86 25.87
C GLN C 981 -17.90 24.88 24.74
N GLU C 982 -19.01 24.99 24.01
CA GLU C 982 -19.08 25.93 22.90
C GLU C 982 -19.69 27.27 23.28
N ALA C 983 -20.57 27.30 24.28
CA ALA C 983 -21.01 28.59 24.82
C ALA C 983 -19.83 29.36 25.40
N GLU C 984 -18.91 28.66 26.04
CA GLU C 984 -17.72 29.31 26.60
C GLU C 984 -16.84 29.89 25.51
N LEU C 985 -16.63 29.15 24.42
CA LEU C 985 -15.85 29.70 23.31
C LEU C 985 -16.54 30.90 22.68
N GLN C 986 -17.86 30.80 22.47
CA GLN C 986 -18.58 31.91 21.87
C GLN C 986 -18.53 33.15 22.74
N GLY C 987 -18.54 32.97 24.07
CA GLY C 987 -18.44 34.11 24.96
C GLY C 987 -17.05 34.67 25.09
N LEU C 988 -16.02 33.81 24.95
CA LEU C 988 -14.65 34.30 25.04
C LEU C 988 -14.22 35.00 23.75
N LEU C 989 -14.80 34.63 22.61
CA LEU C 989 -14.43 35.29 21.35
C LEU C 989 -14.86 36.74 21.27
N SER C 990 -15.72 37.21 22.18
CA SER C 990 -16.16 38.60 22.16
C SER C 990 -15.62 39.39 23.35
N CYS C 991 -14.58 38.89 24.00
CA CYS C 991 -13.97 39.57 25.13
C CYS C 991 -12.48 39.82 24.94
N THR C 992 -11.89 39.42 23.81
CA THR C 992 -10.45 39.48 23.66
C THR C 992 -9.95 40.92 23.66
N LEU C 993 -8.69 41.09 24.08
CA LEU C 993 -8.07 42.38 24.21
C LEU C 993 -7.67 42.94 22.85
N PRO C 994 -7.54 44.26 22.73
CA PRO C 994 -7.06 44.86 21.49
C PRO C 994 -5.54 44.78 21.41
N ASN C 995 -5.00 45.28 20.30
CA ASN C 995 -3.57 45.28 20.07
C ASN C 995 -3.00 46.67 20.39
N ARG C 996 -1.74 46.88 19.98
CA ARG C 996 -1.02 48.14 20.20
C ARG C 996 -1.91 49.37 20.00
N ASP C 997 -2.51 49.47 18.83
CA ASP C 997 -3.55 50.45 18.58
C ASP C 997 -4.90 49.85 18.98
N GLY C 998 -5.83 50.72 19.39
CA GLY C 998 -7.10 50.27 19.90
C GLY C 998 -7.99 49.72 18.82
N ASP C 999 -7.59 48.58 18.25
CA ASP C 999 -8.32 47.94 17.17
C ASP C 999 -8.58 46.49 17.53
N VAL C 1000 -9.77 45.99 17.15
CA VAL C 1000 -10.12 44.59 17.32
C VAL C 1000 -10.21 43.98 15.94
N LEU C 1001 -9.25 43.13 15.59
CA LEU C 1001 -9.16 42.65 14.21
C LEU C 1001 -10.17 41.55 13.93
N VAL C 1002 -10.38 40.64 14.89
CA VAL C 1002 -11.30 39.52 14.71
C VAL C 1002 -12.58 39.80 15.46
N ASP C 1003 -13.71 39.73 14.77
CA ASP C 1003 -14.99 40.11 15.34
C ASP C 1003 -15.57 38.95 16.15
N ALA C 1004 -16.84 39.07 16.53
CA ALA C 1004 -17.45 38.12 17.45
C ALA C 1004 -17.63 36.72 16.85
N ASP C 1005 -17.62 36.59 15.54
CA ASP C 1005 -17.76 35.29 14.89
C ASP C 1005 -16.43 34.58 14.68
N GLY C 1006 -15.31 35.22 15.00
CA GLY C 1006 -14.02 34.64 14.72
C GLY C 1006 -13.51 34.87 13.32
N LYS C 1007 -14.02 35.87 12.62
CA LYS C 1007 -13.68 36.15 11.24
C LYS C 1007 -13.08 37.55 11.11
N ALA C 1008 -12.15 37.70 10.18
CA ALA C 1008 -11.46 38.97 9.99
C ALA C 1008 -11.42 39.32 8.51
N MET C 1009 -11.28 40.61 8.24
CA MET C 1009 -11.20 41.12 6.88
C MET C 1009 -9.74 41.24 6.46
N LEU C 1010 -9.39 40.59 5.35
CA LEU C 1010 -8.02 40.53 4.86
C LEU C 1010 -7.91 41.31 3.55
N PHE C 1011 -6.71 41.79 3.27
CA PHE C 1011 -6.39 42.43 2.01
C PHE C 1011 -5.70 41.44 1.09
N ASP C 1012 -5.74 41.73 -0.21
CA ASP C 1012 -5.11 40.89 -1.21
C ASP C 1012 -3.74 41.46 -1.53
N GLY C 1013 -2.70 40.65 -1.35
CA GLY C 1013 -1.34 41.15 -1.51
C GLY C 1013 -0.82 41.25 -2.92
N ARG C 1014 -1.56 40.73 -3.91
CA ARG C 1014 -1.15 40.82 -5.31
C ARG C 1014 -1.87 41.91 -6.09
N SER C 1015 -3.09 42.24 -5.70
CA SER C 1015 -3.89 43.25 -6.39
C SER C 1015 -4.20 44.46 -5.55
N GLY C 1016 -4.24 44.32 -4.23
CA GLY C 1016 -4.41 45.42 -3.31
C GLY C 1016 -5.81 45.62 -2.79
N GLU C 1017 -6.82 45.09 -3.47
CA GLU C 1017 -8.18 45.29 -2.99
C GLU C 1017 -8.51 44.32 -1.86
N PRO C 1018 -9.33 44.73 -0.91
CA PRO C 1018 -9.76 43.81 0.15
C PRO C 1018 -10.60 42.68 -0.40
N PHE C 1019 -10.53 41.54 0.28
CA PHE C 1019 -11.40 40.43 -0.07
C PHE C 1019 -12.83 40.76 0.31
N PRO C 1020 -13.83 40.36 -0.50
CA PRO C 1020 -15.19 40.86 -0.30
C PRO C 1020 -15.88 40.31 0.94
N TYR C 1021 -15.43 39.20 1.50
CA TYR C 1021 -16.08 38.59 2.65
C TYR C 1021 -15.07 38.30 3.75
N PRO C 1022 -15.49 38.33 5.01
CA PRO C 1022 -14.57 38.01 6.10
C PRO C 1022 -14.12 36.55 6.05
N VAL C 1023 -12.90 36.31 6.55
CA VAL C 1023 -12.26 35.01 6.49
C VAL C 1023 -11.86 34.59 7.91
N THR C 1024 -11.86 33.28 8.15
CA THR C 1024 -11.51 32.75 9.46
C THR C 1024 -10.01 32.83 9.69
N VAL C 1025 -9.61 33.38 10.84
CA VAL C 1025 -8.20 33.52 11.20
C VAL C 1025 -8.01 32.97 12.62
N GLY C 1026 -6.82 32.46 12.88
CA GLY C 1026 -6.52 31.91 14.18
C GLY C 1026 -5.13 31.33 14.22
N TYR C 1027 -4.84 30.59 15.29
CA TYR C 1027 -3.56 29.93 15.47
C TYR C 1027 -3.75 28.43 15.58
N MET C 1028 -2.85 27.67 14.95
CA MET C 1028 -2.95 26.22 14.92
C MET C 1028 -1.56 25.63 15.08
N TYR C 1029 -1.52 24.39 15.56
CA TYR C 1029 -0.27 23.71 15.90
C TYR C 1029 0.12 22.77 14.76
N ILE C 1030 1.27 23.05 14.15
CA ILE C 1030 1.72 22.36 12.94
C ILE C 1030 3.02 21.64 13.23
N MET C 1031 3.10 20.36 12.86
CA MET C 1031 4.28 19.54 13.04
C MET C 1031 4.87 19.15 11.69
N LYS C 1032 6.17 18.86 11.70
CA LYS C 1032 6.91 18.44 10.51
C LYS C 1032 7.14 16.94 10.58
N LEU C 1033 6.70 16.23 9.54
CA LEU C 1033 6.74 14.78 9.51
C LEU C 1033 8.00 14.26 8.83
N HIS C 1034 8.39 13.05 9.18
CA HIS C 1034 9.65 12.45 8.70
C HIS C 1034 9.46 11.79 7.34
N HIS C 1035 8.87 12.51 6.39
CA HIS C 1035 8.74 12.07 5.00
C HIS C 1035 9.20 13.22 4.11
N LEU C 1036 10.51 13.31 3.89
CA LEU C 1036 11.11 14.43 3.21
C LEU C 1036 11.46 14.08 1.78
N VAL C 1037 11.34 15.05 0.88
CA VAL C 1037 11.51 14.79 -0.55
C VAL C 1037 12.96 14.51 -0.90
N ASP C 1038 13.91 14.99 -0.10
CA ASP C 1038 15.32 14.75 -0.41
C ASP C 1038 15.70 13.28 -0.28
N ASP C 1039 14.87 12.48 0.41
CA ASP C 1039 15.14 11.06 0.59
C ASP C 1039 14.31 10.17 -0.33
N LYS C 1040 13.60 10.75 -1.30
CA LYS C 1040 12.73 9.96 -2.17
C LYS C 1040 12.95 10.20 -3.65
N ILE C 1041 13.81 11.13 -4.04
CA ILE C 1041 14.05 11.37 -5.46
C ILE C 1041 15.09 10.36 -5.97
N HIS C 1042 14.87 9.86 -7.18
CA HIS C 1042 15.75 8.85 -7.74
C HIS C 1042 15.61 8.86 -9.24
N ALA C 1043 16.72 8.54 -9.93
CA ALA C 1043 16.72 8.41 -11.38
C ALA C 1043 17.90 7.56 -11.78
N ARG C 1044 17.84 7.01 -12.99
CA ARG C 1044 18.88 6.11 -13.46
C ARG C 1044 18.84 6.04 -14.98
N SER C 1045 20.01 6.01 -15.60
CA SER C 1045 20.15 5.70 -17.02
C SER C 1045 20.75 4.32 -17.23
N THR C 1046 21.95 4.06 -16.70
CA THR C 1046 22.50 2.71 -16.63
C THR C 1046 23.23 2.55 -15.30
N GLY C 1047 23.36 1.30 -14.87
CA GLY C 1047 24.01 0.99 -13.62
C GLY C 1047 24.30 -0.48 -13.43
N PRO C 1048 24.34 -0.92 -12.19
CA PRO C 1048 24.61 -2.34 -11.91
C PRO C 1048 23.46 -3.24 -12.37
N TYR C 1049 23.82 -4.47 -12.72
CA TYR C 1049 22.87 -5.47 -13.20
C TYR C 1049 22.97 -6.71 -12.32
N SER C 1050 21.99 -7.60 -12.47
CA SER C 1050 21.91 -8.80 -11.65
C SER C 1050 22.88 -9.85 -12.21
N MET C 1051 22.79 -11.07 -11.72
CA MET C 1051 23.72 -12.13 -12.12
C MET C 1051 23.05 -13.26 -12.87
N ILE C 1052 21.97 -13.83 -12.33
CA ILE C 1052 21.30 -14.94 -12.99
C ILE C 1052 20.50 -14.43 -14.19
N THR C 1053 19.51 -13.58 -13.93
CA THR C 1053 18.76 -12.89 -14.98
C THR C 1053 19.29 -11.47 -15.06
N GLN C 1054 19.90 -11.12 -16.19
CA GLN C 1054 20.67 -9.90 -16.28
C GLN C 1054 19.77 -8.66 -16.43
N GLN C 1055 18.89 -8.50 -15.46
CA GLN C 1055 18.03 -7.34 -15.32
C GLN C 1055 18.63 -6.35 -14.35
N PRO C 1056 18.21 -5.09 -14.40
CA PRO C 1056 18.74 -4.11 -13.46
C PRO C 1056 18.44 -4.46 -12.01
N LEU C 1057 19.32 -4.02 -11.11
CA LEU C 1057 19.15 -4.27 -9.69
C LEU C 1057 17.96 -3.46 -9.16
N GLY C 1058 17.56 -3.76 -7.93
CA GLY C 1058 16.42 -3.13 -7.31
C GLY C 1058 16.80 -2.37 -6.05
N GLY C 1059 16.12 -1.27 -5.82
CA GLY C 1059 16.35 -0.44 -4.65
C GLY C 1059 17.03 0.87 -5.00
N LYS C 1060 16.95 1.81 -4.06
CA LYS C 1060 17.55 3.13 -4.23
C LYS C 1060 18.99 3.18 -3.78
N ALA C 1061 19.37 2.34 -2.82
CA ALA C 1061 20.75 2.34 -2.34
C ALA C 1061 21.69 1.69 -3.36
N GLN C 1062 21.17 0.78 -4.17
CA GLN C 1062 21.96 0.06 -5.16
C GLN C 1062 21.84 0.62 -6.57
N PHE C 1063 21.26 1.81 -6.72
CA PHE C 1063 21.12 2.47 -8.03
C PHE C 1063 20.30 1.59 -8.99
N GLY C 1064 19.08 1.27 -8.57
CA GLY C 1064 18.26 0.32 -9.30
C GLY C 1064 17.21 0.97 -10.19
N GLY C 1065 16.52 0.12 -10.94
CA GLY C 1065 15.47 0.54 -11.85
C GLY C 1065 14.10 0.37 -11.22
N GLN C 1066 13.09 0.75 -11.99
CA GLN C 1066 11.70 0.71 -11.58
C GLN C 1066 10.99 -0.45 -12.25
N ARG C 1067 10.18 -1.17 -11.47
CA ARG C 1067 9.51 -2.34 -12.00
C ARG C 1067 8.40 -1.95 -12.96
N PHE C 1068 8.32 -2.67 -14.07
CA PHE C 1068 7.25 -2.52 -15.06
C PHE C 1068 6.43 -3.80 -14.95
N GLY C 1069 5.46 -3.79 -14.06
CA GLY C 1069 4.80 -5.01 -13.62
C GLY C 1069 3.81 -5.55 -14.64
N GLU C 1070 3.00 -6.49 -14.15
CA GLU C 1070 2.02 -7.15 -15.02
C GLU C 1070 0.87 -6.21 -15.37
N MET C 1071 0.37 -5.46 -14.38
CA MET C 1071 -0.77 -4.58 -14.64
C MET C 1071 -0.41 -3.46 -15.60
N GLU C 1072 0.87 -3.09 -15.68
CA GLU C 1072 1.30 -2.04 -16.59
C GLU C 1072 1.42 -2.54 -18.02
N CYS C 1073 1.53 -3.84 -18.22
CA CYS C 1073 1.54 -4.38 -19.58
C CYS C 1073 0.13 -4.43 -20.17
N TRP C 1074 -0.89 -4.65 -19.34
CA TRP C 1074 -2.26 -4.68 -19.86
C TRP C 1074 -2.67 -3.32 -20.42
N ALA C 1075 -2.25 -2.23 -19.77
CA ALA C 1075 -2.55 -0.90 -20.29
C ALA C 1075 -1.85 -0.67 -21.62
N MET C 1076 -0.59 -1.10 -21.75
CA MET C 1076 0.12 -0.97 -23.02
C MET C 1076 -0.55 -1.77 -24.12
N GLN C 1077 -1.01 -2.98 -23.81
CA GLN C 1077 -1.66 -3.81 -24.81
C GLN C 1077 -3.05 -3.28 -25.17
N ALA C 1078 -3.70 -2.59 -24.25
CA ALA C 1078 -4.98 -1.97 -24.54
C ALA C 1078 -4.86 -0.66 -25.30
N TYR C 1079 -3.71 0.03 -25.19
CA TYR C 1079 -3.49 1.22 -26.00
C TYR C 1079 -3.20 0.86 -27.45
N GLY C 1080 -2.62 -0.30 -27.70
CA GLY C 1080 -2.20 -0.69 -29.03
C GLY C 1080 -0.75 -0.42 -29.35
N ALA C 1081 0.08 -0.10 -28.34
CA ALA C 1081 1.48 0.26 -28.56
C ALA C 1081 2.31 -1.01 -28.59
N ALA C 1082 2.60 -1.51 -29.79
CA ALA C 1082 3.32 -2.77 -29.93
C ALA C 1082 4.83 -2.60 -29.93
N TYR C 1083 5.35 -1.42 -30.28
CA TYR C 1083 6.79 -1.19 -30.33
C TYR C 1083 7.34 -0.70 -29.00
N THR C 1084 6.60 0.14 -28.29
CA THR C 1084 7.03 0.60 -26.98
C THR C 1084 7.18 -0.57 -26.02
N LEU C 1085 6.23 -1.50 -26.02
CA LEU C 1085 6.32 -2.66 -25.13
C LEU C 1085 7.53 -3.51 -25.47
N GLN C 1086 7.76 -3.77 -26.76
CA GLN C 1086 8.90 -4.60 -27.16
C GLN C 1086 10.22 -3.96 -26.77
N GLU C 1087 10.34 -2.65 -26.97
CA GLU C 1087 11.57 -1.97 -26.56
C GLU C 1087 11.72 -1.95 -25.05
N LEU C 1088 10.63 -1.74 -24.32
CA LEU C 1088 10.66 -1.72 -22.86
C LEU C 1088 11.04 -3.08 -22.28
N LEU C 1089 10.76 -4.17 -22.99
CA LEU C 1089 10.97 -5.49 -22.44
C LEU C 1089 12.24 -6.18 -22.91
N THR C 1090 12.87 -5.73 -23.99
CA THR C 1090 14.05 -6.41 -24.52
C THR C 1090 15.32 -5.56 -24.43
N ILE C 1091 15.37 -4.40 -25.07
CA ILE C 1091 16.63 -3.66 -25.16
C ILE C 1091 16.88 -2.78 -23.95
N LYS C 1092 15.90 -2.63 -23.06
CA LYS C 1092 16.10 -1.90 -21.83
C LYS C 1092 16.23 -2.80 -20.60
N SER C 1093 15.92 -4.08 -20.71
CA SER C 1093 16.04 -4.99 -19.58
C SER C 1093 17.04 -6.11 -19.80
N ASP C 1094 16.85 -6.95 -20.83
CA ASP C 1094 17.54 -8.24 -20.89
C ASP C 1094 18.44 -8.44 -22.10
N ASP C 1095 18.21 -7.76 -23.20
CA ASP C 1095 18.98 -8.04 -24.42
C ASP C 1095 20.41 -7.60 -24.19
N THR C 1096 21.28 -8.56 -23.87
CA THR C 1096 22.66 -8.25 -23.50
C THR C 1096 23.43 -7.66 -24.68
N VAL C 1097 23.23 -8.20 -25.88
CA VAL C 1097 23.99 -7.72 -27.02
C VAL C 1097 23.41 -6.43 -27.59
N GLY C 1098 22.14 -6.15 -27.35
CA GLY C 1098 21.53 -4.94 -27.88
C GLY C 1098 21.70 -3.71 -27.02
N ARG C 1099 21.98 -3.90 -25.73
CA ARG C 1099 22.14 -2.75 -24.84
C ARG C 1099 23.34 -1.90 -25.24
N VAL C 1100 24.45 -2.54 -25.56
CA VAL C 1100 25.66 -1.79 -25.90
C VAL C 1100 25.51 -1.11 -27.25
N LYS C 1101 24.92 -1.82 -28.22
CA LYS C 1101 24.73 -1.22 -29.53
C LYS C 1101 23.74 -0.07 -29.47
N VAL C 1102 22.71 -0.19 -28.62
CA VAL C 1102 21.77 0.91 -28.44
C VAL C 1102 22.47 2.13 -27.85
N TYR C 1103 23.32 1.92 -26.84
CA TYR C 1103 24.03 3.05 -26.25
C TYR C 1103 24.95 3.72 -27.28
N GLU C 1104 25.69 2.92 -28.05
CA GLU C 1104 26.56 3.47 -29.08
C GLU C 1104 25.78 4.21 -30.15
N ALA C 1105 24.62 3.67 -30.55
CA ALA C 1105 23.81 4.34 -31.55
C ALA C 1105 23.29 5.68 -31.05
N ILE C 1106 22.87 5.73 -29.79
CA ILE C 1106 22.38 6.98 -29.23
C ILE C 1106 23.50 8.02 -29.16
N VAL C 1107 24.69 7.60 -28.71
CA VAL C 1107 25.80 8.54 -28.61
C VAL C 1107 26.24 9.03 -30.00
N LYS C 1108 26.33 8.13 -30.97
CA LYS C 1108 26.77 8.49 -32.31
C LYS C 1108 25.71 9.17 -33.14
N GLY C 1109 24.45 9.17 -32.69
CA GLY C 1109 23.40 9.85 -33.42
C GLY C 1109 22.75 9.04 -34.53
N GLU C 1110 22.96 7.73 -34.56
CA GLU C 1110 22.40 6.89 -35.61
C GLU C 1110 21.03 6.36 -35.17
N ASN C 1111 20.49 5.41 -35.94
CA ASN C 1111 19.20 4.83 -35.63
C ASN C 1111 19.33 3.69 -34.64
N ILE C 1112 18.31 3.51 -33.82
CA ILE C 1112 18.31 2.44 -32.83
C ILE C 1112 18.17 1.09 -33.54
N PRO C 1113 18.92 0.07 -33.17
CA PRO C 1113 18.87 -1.21 -33.87
C PRO C 1113 17.63 -2.02 -33.50
N GLU C 1114 17.53 -3.22 -34.08
CA GLU C 1114 16.42 -4.13 -33.90
C GLU C 1114 16.68 -5.06 -32.72
N PRO C 1115 15.72 -5.23 -31.81
CA PRO C 1115 15.95 -6.05 -30.62
C PRO C 1115 16.16 -7.52 -30.95
N GLY C 1116 16.91 -8.20 -30.06
CA GLY C 1116 17.19 -9.61 -30.17
C GLY C 1116 16.27 -10.49 -29.34
N ILE C 1117 16.84 -11.37 -28.53
CA ILE C 1117 16.07 -12.29 -27.69
C ILE C 1117 16.52 -12.16 -26.24
N PRO C 1118 15.59 -12.09 -25.29
CA PRO C 1118 15.99 -11.90 -23.89
C PRO C 1118 16.69 -13.12 -23.30
N GLU C 1119 17.46 -12.87 -22.24
CA GLU C 1119 18.25 -13.91 -21.61
C GLU C 1119 17.42 -14.71 -20.62
N SER C 1120 16.38 -14.09 -20.03
CA SER C 1120 15.55 -14.79 -19.06
C SER C 1120 14.82 -15.96 -19.70
N PHE C 1121 14.51 -15.87 -21.00
CA PHE C 1121 13.90 -17.00 -21.69
C PHE C 1121 14.85 -18.19 -21.75
N LYS C 1122 16.12 -17.94 -22.03
CA LYS C 1122 17.11 -19.02 -22.05
C LYS C 1122 17.28 -19.62 -20.65
N VAL C 1123 17.28 -18.77 -19.62
CA VAL C 1123 17.33 -19.29 -18.25
C VAL C 1123 16.13 -20.20 -17.98
N LEU C 1124 14.94 -19.79 -18.44
CA LEU C 1124 13.75 -20.61 -18.25
C LEU C 1124 13.88 -21.94 -18.99
N LEU C 1125 14.42 -21.91 -20.20
CA LEU C 1125 14.58 -23.14 -20.96
C LEU C 1125 15.52 -24.11 -20.26
N LYS C 1126 16.63 -23.59 -19.70
CA LYS C 1126 17.53 -24.48 -18.98
C LYS C 1126 16.92 -24.97 -17.67
N GLU C 1127 16.05 -24.17 -17.07
CA GLU C 1127 15.31 -24.63 -15.90
C GLU C 1127 14.37 -25.79 -16.27
N LEU C 1128 13.67 -25.66 -17.38
CA LEU C 1128 12.77 -26.72 -17.80
C LEU C 1128 13.53 -27.97 -18.22
N GLN C 1129 14.71 -27.79 -18.81
CA GLN C 1129 15.51 -28.93 -19.23
C GLN C 1129 16.15 -29.65 -18.05
N SER C 1130 16.27 -28.97 -16.90
CA SER C 1130 16.87 -29.63 -15.75
C SER C 1130 15.89 -30.52 -14.98
N LEU C 1131 14.59 -30.44 -15.28
CA LEU C 1131 13.60 -31.34 -14.71
C LEU C 1131 13.29 -32.51 -15.62
N CYS C 1132 14.22 -32.89 -16.49
CA CYS C 1132 14.05 -34.01 -17.42
C CYS C 1132 12.85 -33.78 -18.34
N LEU C 1133 12.78 -32.59 -18.93
CA LEU C 1133 11.76 -32.24 -19.91
C LEU C 1133 12.44 -31.87 -21.21
N ASN C 1134 11.97 -32.46 -22.32
CA ASN C 1134 12.63 -32.32 -23.62
C ASN C 1134 11.95 -31.20 -24.42
N VAL C 1135 12.27 -29.97 -24.05
CA VAL C 1135 11.69 -28.79 -24.67
C VAL C 1135 12.65 -28.25 -25.72
N GLU C 1136 12.14 -28.04 -26.93
CA GLU C 1136 12.96 -27.59 -28.05
C GLU C 1136 12.23 -26.51 -28.82
N VAL C 1137 12.98 -25.66 -29.51
CA VAL C 1137 12.43 -24.60 -30.32
C VAL C 1137 12.62 -25.00 -31.78
N LEU C 1138 11.52 -25.25 -32.47
CA LEU C 1138 11.55 -25.71 -33.85
C LEU C 1138 11.43 -24.53 -34.81
N SER C 1139 11.70 -24.81 -36.08
CA SER C 1139 11.52 -23.86 -37.17
C SER C 1139 10.29 -24.26 -37.97
N SER C 1140 10.07 -23.57 -39.09
CA SER C 1140 8.91 -23.84 -39.93
C SER C 1140 8.93 -25.22 -40.57
N ASP C 1141 10.06 -25.91 -40.57
CA ASP C 1141 10.18 -27.23 -41.18
C ASP C 1141 10.97 -28.16 -40.26
N GLY C 1142 10.61 -28.16 -38.98
CA GLY C 1142 11.38 -28.93 -38.01
C GLY C 1142 12.76 -28.32 -37.84
N ALA C 1143 13.76 -29.18 -37.64
CA ALA C 1143 15.16 -28.78 -37.57
C ALA C 1143 15.38 -27.74 -36.47
N ALA C 1144 15.21 -28.22 -35.24
CA ALA C 1144 15.32 -27.41 -34.03
C ALA C 1144 16.49 -26.44 -34.09
N ILE C 1145 16.23 -25.19 -33.73
CA ILE C 1145 17.27 -24.17 -33.71
C ILE C 1145 18.14 -24.36 -32.47
N GLU C 1146 19.43 -24.01 -32.61
CA GLU C 1146 20.39 -24.23 -31.53
C GLU C 1146 20.12 -23.32 -30.35
N LEU C 1147 19.85 -22.04 -30.61
CA LEU C 1147 19.52 -21.06 -29.58
C LEU C 1147 20.63 -20.91 -28.54
N ARG C 1148 21.87 -20.79 -29.01
CA ARG C 1148 22.97 -20.54 -28.11
C ARG C 1148 23.99 -19.53 -28.64
N GLU C 1149 23.77 -18.95 -29.81
CA GLU C 1149 24.69 -17.97 -30.42
C GLU C 1149 26.07 -18.62 -30.52
N GLY C 1150 27.14 -17.86 -30.31
CA GLY C 1150 28.48 -18.40 -30.33
C GLY C 1150 29.18 -18.37 -31.67
N GLU C 1151 28.46 -18.03 -32.75
CA GLU C 1151 29.06 -17.99 -34.07
C GLU C 1151 29.07 -16.57 -34.63
N LEU D 2 20.61 -14.60 -33.06
CA LEU D 2 19.38 -15.28 -33.44
C LEU D 2 18.29 -14.28 -33.79
N ASP D 3 17.35 -14.71 -34.61
CA ASP D 3 16.21 -13.89 -35.03
C ASP D 3 14.93 -14.49 -34.47
N VAL D 4 14.17 -13.67 -33.74
CA VAL D 4 12.91 -14.14 -33.19
C VAL D 4 11.86 -14.35 -34.28
N ASN D 5 12.05 -13.73 -35.44
CA ASN D 5 11.08 -13.82 -36.54
C ASN D 5 11.17 -15.14 -37.30
N PHE D 6 11.93 -16.11 -36.80
CA PHE D 6 12.01 -17.41 -37.44
C PHE D 6 11.50 -18.57 -36.59
N PHE D 7 11.13 -18.32 -35.33
CA PHE D 7 10.51 -19.37 -34.54
C PHE D 7 9.13 -19.69 -35.09
N ASP D 8 8.75 -20.96 -35.01
CA ASP D 8 7.42 -21.36 -35.46
C ASP D 8 6.71 -22.32 -34.51
N GLU D 9 7.42 -22.96 -33.58
CA GLU D 9 6.82 -23.98 -32.73
C GLU D 9 7.60 -24.05 -31.43
N LEU D 10 6.99 -24.67 -30.43
CA LEU D 10 7.65 -24.96 -29.16
C LEU D 10 7.12 -26.30 -28.68
N ARG D 11 7.93 -27.35 -28.79
CA ARG D 11 7.50 -28.69 -28.47
C ARG D 11 8.07 -29.12 -27.13
N ILE D 12 7.25 -29.82 -26.34
CA ILE D 12 7.65 -30.34 -25.04
C ILE D 12 7.35 -31.83 -25.01
N GLY D 13 8.11 -32.56 -24.21
CA GLY D 13 7.92 -34.00 -24.12
C GLY D 13 8.85 -34.59 -23.09
N LEU D 14 8.62 -35.87 -22.81
CA LEU D 14 9.42 -36.60 -21.84
C LEU D 14 10.83 -36.83 -22.38
N ALA D 15 11.80 -36.81 -21.47
CA ALA D 15 13.20 -36.99 -21.81
C ALA D 15 13.67 -38.36 -21.36
N THR D 16 14.40 -39.05 -22.22
CA THR D 16 14.96 -40.36 -21.92
C THR D 16 16.39 -40.23 -21.44
N ALA D 17 16.96 -41.36 -21.01
CA ALA D 17 18.33 -41.34 -20.51
C ALA D 17 19.31 -41.00 -21.63
N GLU D 18 19.01 -41.40 -22.87
CA GLU D 18 19.89 -41.08 -23.99
C GLU D 18 19.98 -39.58 -24.21
N ASP D 19 18.86 -38.88 -24.12
CA ASP D 19 18.87 -37.43 -24.29
C ASP D 19 19.69 -36.77 -23.19
N ILE D 20 19.55 -37.24 -21.95
CA ILE D 20 20.29 -36.68 -20.83
C ILE D 20 21.78 -36.90 -21.00
N ARG D 21 22.18 -38.08 -21.49
CA ARG D 21 23.59 -38.31 -21.77
C ARG D 21 24.06 -37.55 -23.00
N GLN D 22 23.14 -37.15 -23.87
CA GLN D 22 23.48 -36.37 -25.06
C GLN D 22 23.81 -34.93 -24.68
N TRP D 23 22.90 -34.27 -23.96
CA TRP D 23 23.10 -32.87 -23.61
C TRP D 23 24.38 -32.66 -22.81
N SER D 24 24.74 -33.61 -21.95
CA SER D 24 25.82 -33.42 -21.00
C SER D 24 27.18 -33.36 -21.69
N TYR D 25 28.09 -32.60 -21.09
CA TYR D 25 29.48 -32.52 -21.54
C TYR D 25 30.42 -33.33 -20.67
N GLY D 26 29.92 -33.96 -19.62
CA GLY D 26 30.73 -34.77 -18.74
C GLY D 26 29.96 -35.12 -17.51
N GLU D 27 30.48 -36.11 -16.78
CA GLU D 27 29.83 -36.63 -15.58
C GLU D 27 30.58 -36.17 -14.34
N VAL D 28 29.85 -35.69 -13.34
CA VAL D 28 30.45 -35.26 -12.08
C VAL D 28 30.51 -36.45 -11.14
N LYS D 29 31.58 -36.53 -10.37
CA LYS D 29 31.82 -37.67 -9.48
C LYS D 29 32.08 -37.27 -8.04
N LYS D 30 32.77 -36.15 -7.80
CA LYS D 30 33.18 -35.75 -6.47
C LYS D 30 32.24 -34.67 -5.94
N PRO D 31 31.80 -34.77 -4.67
CA PRO D 31 30.91 -33.74 -4.13
C PRO D 31 31.60 -32.42 -3.80
N GLU D 32 32.88 -32.27 -4.11
CA GLU D 32 33.58 -31.04 -3.79
C GLU D 32 33.01 -29.88 -4.59
N THR D 33 33.15 -28.67 -4.02
CA THR D 33 32.55 -27.47 -4.57
C THR D 33 33.60 -26.49 -5.08
N ILE D 34 34.53 -26.07 -4.23
CA ILE D 34 35.48 -25.03 -4.57
C ILE D 34 36.69 -25.17 -3.68
N ASN D 35 37.87 -24.85 -4.22
CA ASN D 35 39.11 -24.89 -3.44
C ASN D 35 39.25 -23.62 -2.62
N TYR D 36 39.33 -23.77 -1.31
CA TYR D 36 39.37 -22.61 -0.42
C TYR D 36 40.70 -21.89 -0.49
N ARG D 37 41.81 -22.60 -0.72
CA ARG D 37 43.10 -21.95 -0.63
C ARG D 37 43.54 -21.34 -1.96
N THR D 38 43.43 -22.10 -3.05
CA THR D 38 43.81 -21.59 -4.37
C THR D 38 42.72 -20.75 -5.01
N LEU D 39 41.50 -20.76 -4.48
CA LEU D 39 40.37 -20.00 -5.02
C LEU D 39 40.13 -20.34 -6.49
N LYS D 40 40.28 -21.62 -6.82
CA LYS D 40 40.10 -22.17 -8.15
C LYS D 40 39.17 -23.37 -8.08
N PRO D 41 38.40 -23.63 -9.14
CA PRO D 41 37.46 -24.74 -9.10
C PRO D 41 38.18 -26.07 -8.94
N GLU D 42 37.53 -27.01 -8.28
CA GLU D 42 38.11 -28.31 -7.99
C GLU D 42 38.09 -29.19 -9.24
N LYS D 43 38.42 -30.47 -9.06
CA LYS D 43 38.43 -31.44 -10.13
C LYS D 43 37.29 -32.43 -9.92
N ASP D 44 36.49 -32.64 -10.97
CA ASP D 44 35.36 -33.58 -10.96
C ASP D 44 34.31 -33.21 -9.91
N GLY D 45 34.28 -31.96 -9.49
CA GLY D 45 33.32 -31.48 -8.53
C GLY D 45 32.06 -30.96 -9.19
N LEU D 46 31.38 -30.06 -8.50
CA LEU D 46 30.18 -29.43 -9.04
C LEU D 46 30.49 -28.15 -9.80
N PHE D 47 31.75 -27.70 -9.77
CA PHE D 47 32.15 -26.47 -10.45
C PHE D 47 33.36 -26.69 -11.35
N CYS D 48 33.64 -27.93 -11.75
CA CYS D 48 34.91 -28.24 -12.42
C CYS D 48 35.02 -27.49 -13.74
N GLU D 49 36.25 -27.08 -14.07
CA GLU D 49 36.48 -26.35 -15.32
C GLU D 49 36.46 -27.25 -16.54
N LYS D 50 36.83 -28.52 -16.39
CA LYS D 50 36.86 -29.42 -17.54
C LYS D 50 35.45 -29.70 -18.06
N ILE D 51 34.51 -30.00 -17.15
CA ILE D 51 33.17 -30.35 -17.55
C ILE D 51 32.44 -29.12 -18.11
N PHE D 52 32.54 -27.99 -17.42
CA PHE D 52 31.68 -26.85 -17.67
C PHE D 52 32.32 -25.79 -18.55
N GLY D 53 33.53 -25.35 -18.22
CA GLY D 53 34.23 -24.39 -19.03
C GLY D 53 35.22 -23.55 -18.25
N PRO D 54 36.12 -22.88 -18.95
CA PRO D 54 37.14 -22.08 -18.26
C PRO D 54 36.52 -20.95 -17.46
N THR D 55 37.12 -20.70 -16.29
CA THR D 55 36.64 -19.62 -15.42
C THR D 55 37.05 -18.25 -15.92
N ARG D 56 38.12 -18.14 -16.70
CA ARG D 56 38.59 -16.85 -17.19
C ARG D 56 38.71 -16.88 -18.71
N ASP D 57 38.69 -15.70 -19.30
CA ASP D 57 38.64 -15.58 -20.75
C ASP D 57 39.95 -16.04 -21.37
N TRP D 58 39.85 -16.94 -22.35
CA TRP D 58 41.00 -17.42 -23.11
C TRP D 58 42.10 -17.97 -22.21
N GLU D 59 41.71 -18.59 -21.10
CA GLU D 59 42.63 -19.16 -20.13
C GLU D 59 42.34 -20.66 -19.99
N CYS D 60 43.04 -21.29 -19.05
CA CYS D 60 42.83 -22.71 -18.75
C CYS D 60 43.34 -22.97 -17.34
N TYR D 61 43.30 -24.23 -16.94
CA TYR D 61 43.74 -24.60 -15.59
C TYR D 61 45.24 -24.35 -15.43
N CYS D 62 46.04 -24.73 -16.42
CA CYS D 62 47.47 -24.47 -16.38
C CYS D 62 47.76 -23.13 -17.05
N GLY D 63 49.02 -22.85 -17.34
CA GLY D 63 49.38 -21.58 -17.96
C GLY D 63 50.03 -21.72 -19.32
N LYS D 64 49.72 -22.80 -20.04
CA LYS D 64 50.35 -23.00 -21.35
C LYS D 64 49.77 -22.06 -22.39
N TYR D 65 48.46 -21.83 -22.35
CA TYR D 65 47.79 -20.89 -23.25
C TYR D 65 47.16 -19.79 -22.43
N LYS D 66 47.47 -18.54 -22.78
CA LYS D 66 46.89 -17.40 -22.08
C LYS D 66 46.52 -16.25 -23.02
N ARG D 67 46.62 -16.44 -24.32
CA ARG D 67 46.33 -15.40 -25.30
C ARG D 67 45.02 -15.69 -26.02
N VAL D 68 44.62 -14.75 -26.86
CA VAL D 68 43.35 -14.86 -27.60
C VAL D 68 43.51 -15.55 -28.94
N ARG D 69 44.74 -15.79 -29.39
CA ARG D 69 44.98 -16.43 -30.68
C ARG D 69 45.03 -17.95 -30.60
N PHE D 70 45.00 -18.52 -29.40
CA PHE D 70 45.08 -19.96 -29.22
C PHE D 70 43.71 -20.59 -28.97
N LYS D 71 42.64 -19.86 -29.29
CA LYS D 71 41.29 -20.39 -29.09
C LYS D 71 41.04 -21.59 -30.00
N GLY D 72 40.20 -22.50 -29.52
CA GLY D 72 39.88 -23.70 -30.25
C GLY D 72 40.76 -24.89 -29.96
N ILE D 73 41.87 -24.69 -29.25
CA ILE D 73 42.83 -25.74 -28.94
C ILE D 73 42.52 -26.29 -27.55
N ILE D 74 42.46 -27.61 -27.44
CA ILE D 74 42.23 -28.27 -26.16
C ILE D 74 43.57 -28.49 -25.47
N CYS D 75 43.67 -28.03 -24.23
CA CYS D 75 44.90 -28.23 -23.45
C CYS D 75 45.15 -29.72 -23.25
N GLU D 76 46.38 -30.15 -23.57
CA GLU D 76 46.69 -31.57 -23.53
C GLU D 76 47.05 -32.07 -22.14
N ARG D 77 47.37 -31.20 -21.19
CA ARG D 77 47.64 -31.64 -19.83
C ARG D 77 46.47 -31.39 -18.88
N CYS D 78 45.64 -30.38 -19.16
CA CYS D 78 44.48 -30.08 -18.33
C CYS D 78 43.18 -30.62 -18.92
N GLY D 79 42.95 -30.41 -20.21
CA GLY D 79 41.72 -30.82 -20.86
C GLY D 79 40.70 -29.71 -21.02
N VAL D 80 41.04 -28.50 -20.62
CA VAL D 80 40.12 -27.36 -20.66
C VAL D 80 40.18 -26.69 -22.02
N GLU D 81 39.01 -26.38 -22.57
CA GLU D 81 38.95 -25.63 -23.82
C GLU D 81 39.47 -24.22 -23.61
N VAL D 82 40.07 -23.67 -24.66
CA VAL D 82 40.57 -22.29 -24.64
C VAL D 82 39.53 -21.46 -25.38
N THR D 83 38.60 -20.88 -24.62
CA THR D 83 37.52 -20.07 -25.18
C THR D 83 37.01 -19.13 -24.11
N ARG D 84 35.88 -18.48 -24.38
CA ARG D 84 35.34 -17.49 -23.45
C ARG D 84 34.77 -18.18 -22.21
N ALA D 85 34.55 -17.37 -21.18
CA ALA D 85 34.00 -17.85 -19.92
C ALA D 85 32.49 -17.77 -19.84
N LYS D 86 31.83 -17.24 -20.87
CA LYS D 86 30.38 -17.17 -20.88
C LYS D 86 29.72 -18.51 -21.19
N VAL D 87 30.50 -19.52 -21.58
CA VAL D 87 29.97 -20.84 -21.89
C VAL D 87 29.59 -21.58 -20.60
N ARG D 88 29.84 -20.97 -19.45
CA ARG D 88 29.44 -21.60 -18.20
C ARG D 88 27.97 -21.37 -17.88
N ARG D 89 27.25 -20.63 -18.70
CA ARG D 89 25.81 -20.44 -18.53
C ARG D 89 24.99 -21.40 -19.38
N GLU D 90 25.62 -22.24 -20.20
CA GLU D 90 24.87 -23.05 -21.15
C GLU D 90 25.39 -24.48 -21.29
N ARG D 91 26.32 -24.92 -20.46
CA ARG D 91 26.87 -26.27 -20.53
C ARG D 91 26.50 -27.02 -19.26
N MET D 92 25.95 -28.21 -19.43
CA MET D 92 25.40 -29.01 -18.34
C MET D 92 26.26 -30.25 -18.09
N GLY D 93 25.85 -31.03 -17.08
CA GLY D 93 26.49 -32.27 -16.73
C GLY D 93 25.44 -33.25 -16.26
N HIS D 94 25.90 -34.43 -15.83
CA HIS D 94 24.95 -35.46 -15.41
C HIS D 94 25.59 -36.35 -14.36
N ILE D 95 24.72 -37.04 -13.62
CA ILE D 95 25.11 -37.97 -12.57
C ILE D 95 24.62 -39.36 -12.95
N GLU D 96 25.51 -40.34 -12.88
CA GLU D 96 25.18 -41.72 -13.27
C GLU D 96 24.75 -42.50 -12.03
N LEU D 97 23.45 -42.78 -11.92
CA LEU D 97 22.93 -43.50 -10.77
C LEU D 97 23.24 -44.99 -10.89
N ALA D 98 23.60 -45.59 -9.76
CA ALA D 98 23.89 -47.02 -9.72
C ALA D 98 22.64 -47.86 -9.55
N ALA D 99 21.47 -47.24 -9.44
CA ALA D 99 20.20 -47.94 -9.38
C ALA D 99 19.14 -47.00 -9.92
N PRO D 100 18.16 -47.50 -10.66
CA PRO D 100 17.10 -46.63 -11.18
C PRO D 100 16.23 -46.04 -10.07
N VAL D 101 15.69 -44.86 -10.34
CA VAL D 101 14.78 -44.18 -9.44
C VAL D 101 13.51 -43.82 -10.22
N THR D 102 12.55 -43.21 -9.54
CA THR D 102 11.27 -42.86 -10.13
C THR D 102 11.03 -41.36 -10.03
N HIS D 103 10.56 -40.77 -11.13
CA HIS D 103 10.26 -39.34 -11.15
C HIS D 103 9.07 -39.07 -10.23
N ILE D 104 9.21 -38.06 -9.37
CA ILE D 104 8.17 -37.79 -8.38
C ILE D 104 6.91 -37.24 -9.04
N TRP D 105 7.05 -36.53 -10.16
CA TRP D 105 5.90 -35.88 -10.78
C TRP D 105 4.88 -36.88 -11.29
N TYR D 106 5.31 -38.03 -11.79
CA TYR D 106 4.43 -38.99 -12.43
C TYR D 106 3.96 -40.09 -11.49
N PHE D 107 4.28 -40.01 -10.21
CA PHE D 107 3.78 -41.02 -9.30
C PHE D 107 3.03 -40.45 -8.10
N LYS D 108 3.52 -39.34 -7.53
CA LYS D 108 2.80 -38.67 -6.45
C LYS D 108 2.06 -37.44 -6.98
N GLY D 109 1.03 -37.70 -7.79
CA GLY D 109 0.19 -36.62 -8.28
C GLY D 109 -1.26 -36.83 -7.95
N VAL D 110 -2.13 -36.00 -8.50
CA VAL D 110 -3.57 -36.18 -8.39
C VAL D 110 -4.18 -36.03 -9.78
N PRO D 111 -4.49 -37.13 -10.48
CA PRO D 111 -4.30 -38.50 -9.98
C PRO D 111 -2.87 -39.00 -10.20
N SER D 112 -2.66 -40.30 -10.02
CA SER D 112 -1.36 -40.91 -10.26
C SER D 112 -1.33 -41.46 -11.67
N ARG D 113 -0.56 -40.83 -12.55
CA ARG D 113 -0.50 -41.27 -13.94
C ARG D 113 0.14 -42.64 -14.06
N LEU D 114 1.17 -42.92 -13.25
CA LEU D 114 1.75 -44.26 -13.25
C LEU D 114 0.75 -45.30 -12.76
N GLY D 115 -0.01 -44.97 -11.73
CA GLY D 115 -1.05 -45.89 -11.26
C GLY D 115 -2.16 -46.08 -12.27
N TYR D 116 -2.50 -45.03 -13.02
CA TYR D 116 -3.52 -45.17 -14.05
C TYR D 116 -3.01 -46.02 -15.21
N LEU D 117 -1.72 -45.94 -15.53
CA LEU D 117 -1.19 -46.74 -16.63
C LEU D 117 -1.04 -48.20 -16.22
N LEU D 118 -0.59 -48.46 -14.99
CA LEU D 118 -0.31 -49.83 -14.55
C LEU D 118 -1.47 -50.48 -13.84
N ASP D 119 -2.57 -49.76 -13.59
CA ASP D 119 -3.72 -50.27 -12.85
C ASP D 119 -3.31 -50.78 -11.46
N LEU D 120 -2.80 -49.85 -10.66
CA LEU D 120 -2.39 -50.14 -9.29
C LEU D 120 -2.83 -49.01 -8.37
N ALA D 121 -3.26 -49.37 -7.17
CA ALA D 121 -3.62 -48.36 -6.19
C ALA D 121 -2.36 -47.58 -5.76
N PRO D 122 -2.51 -46.29 -5.44
CA PRO D 122 -1.33 -45.51 -5.02
C PRO D 122 -0.63 -46.06 -3.78
N LYS D 123 -1.37 -46.65 -2.84
CA LYS D 123 -0.71 -47.23 -1.67
C LYS D 123 0.18 -48.39 -2.06
N ASP D 124 -0.27 -49.23 -3.02
CA ASP D 124 0.55 -50.34 -3.49
C ASP D 124 1.82 -49.84 -4.16
N LEU D 125 1.71 -48.80 -4.99
CA LEU D 125 2.88 -48.21 -5.61
C LEU D 125 3.85 -47.66 -4.58
N GLU D 126 3.32 -46.98 -3.55
CA GLU D 126 4.21 -46.44 -2.52
C GLU D 126 4.92 -47.54 -1.76
N LYS D 127 4.22 -48.64 -1.50
CA LYS D 127 4.85 -49.75 -0.79
C LYS D 127 5.92 -50.42 -1.64
N ILE D 128 5.65 -50.63 -2.93
CA ILE D 128 6.64 -51.29 -3.78
C ILE D 128 7.87 -50.41 -3.97
N ILE D 129 7.67 -49.11 -4.21
CA ILE D 129 8.79 -48.23 -4.56
C ILE D 129 9.72 -48.04 -3.38
N TYR D 130 9.18 -47.91 -2.17
CA TYR D 130 9.98 -47.59 -0.98
C TYR D 130 10.38 -48.82 -0.18
N PHE D 131 10.47 -49.98 -0.85
CA PHE D 131 11.06 -51.19 -0.28
C PHE D 131 10.33 -51.62 0.99
N ALA D 132 9.06 -51.94 0.83
CA ALA D 132 8.26 -52.43 1.95
C ALA D 132 7.39 -53.62 1.60
N ALA D 133 7.36 -54.04 0.33
CA ALA D 133 6.57 -55.18 -0.08
C ALA D 133 7.09 -55.66 -1.43
N TYR D 134 6.74 -56.90 -1.77
CA TYR D 134 7.17 -57.50 -3.03
C TYR D 134 6.06 -57.43 -4.06
N VAL D 135 6.44 -57.72 -5.31
CA VAL D 135 5.48 -57.78 -6.42
C VAL D 135 6.01 -58.78 -7.43
N ILE D 136 5.08 -59.45 -8.12
CA ILE D 136 5.42 -60.51 -9.06
C ILE D 136 5.50 -59.89 -10.47
N THR D 137 6.70 -59.81 -11.03
CA THR D 137 6.86 -59.17 -12.33
C THR D 137 6.26 -60.01 -13.44
N SER D 138 6.42 -61.33 -13.37
CA SER D 138 5.91 -62.22 -14.40
C SER D 138 5.84 -63.64 -13.83
N VAL D 139 4.84 -64.40 -14.28
CA VAL D 139 4.67 -65.78 -13.86
C VAL D 139 4.49 -66.66 -15.09
N ASP D 140 5.43 -67.58 -15.30
CA ASP D 140 5.37 -68.49 -16.44
C ASP D 140 4.12 -69.35 -16.33
N GLU D 141 3.39 -69.50 -17.45
CA GLU D 141 2.11 -70.20 -17.39
C GLU D 141 2.11 -71.54 -18.12
N GLU D 142 3.23 -71.95 -18.71
CA GLU D 142 3.31 -73.21 -19.46
C GLU D 142 3.82 -74.29 -18.49
N MET D 143 5.08 -74.15 -18.12
CA MET D 143 5.68 -75.08 -17.18
C MET D 143 4.80 -75.18 -15.95
N ARG D 144 4.34 -74.03 -15.44
CA ARG D 144 3.48 -74.06 -14.25
C ARG D 144 2.23 -74.89 -14.52
N HIS D 145 1.63 -74.74 -15.70
CA HIS D 145 0.42 -75.49 -16.06
C HIS D 145 0.65 -76.99 -16.24
N ASN D 146 1.90 -77.44 -16.28
CA ASN D 146 2.18 -78.89 -16.20
C ASN D 146 2.68 -79.32 -14.82
N GLU D 147 3.70 -78.64 -14.32
CA GLU D 147 4.15 -78.94 -12.98
C GLU D 147 3.05 -78.61 -11.98
N LEU D 148 1.89 -78.16 -12.45
CA LEU D 148 0.74 -77.97 -11.58
C LEU D 148 0.39 -79.32 -11.01
N SER D 149 -0.07 -80.24 -11.88
CA SER D 149 -0.32 -81.60 -11.44
C SER D 149 0.94 -82.23 -10.86
N THR D 150 2.11 -81.90 -11.42
CA THR D 150 3.33 -82.53 -10.89
C THR D 150 3.50 -82.18 -9.41
N LEU D 151 3.43 -80.90 -9.08
CA LEU D 151 3.66 -80.45 -7.72
C LEU D 151 2.44 -80.75 -6.87
N GLU D 152 1.29 -81.00 -7.50
CA GLU D 152 0.13 -81.47 -6.76
C GLU D 152 0.49 -82.80 -6.12
N ALA D 153 0.94 -83.75 -6.95
CA ALA D 153 1.44 -85.02 -6.44
C ALA D 153 2.48 -84.78 -5.36
N GLU D 154 3.47 -83.93 -5.66
CA GLU D 154 4.59 -83.71 -4.74
C GLU D 154 4.09 -83.20 -3.39
N MET D 155 3.13 -82.27 -3.41
CA MET D 155 2.65 -81.65 -2.19
C MET D 155 1.78 -82.61 -1.42
N ALA D 156 1.04 -83.47 -2.12
CA ALA D 156 0.31 -84.53 -1.45
C ALA D 156 1.28 -85.41 -0.67
N VAL D 157 2.37 -85.83 -1.34
CA VAL D 157 3.41 -86.61 -0.67
C VAL D 157 3.91 -85.86 0.57
N GLU D 158 4.23 -84.58 0.39
CA GLU D 158 4.79 -83.78 1.49
C GLU D 158 3.82 -83.74 2.67
N ARG D 159 2.54 -83.48 2.38
CA ARG D 159 1.53 -83.38 3.44
C ARG D 159 1.40 -84.70 4.16
N LYS D 160 1.42 -85.81 3.39
CA LYS D 160 1.40 -87.13 3.99
C LYS D 160 2.55 -87.30 4.96
N ALA D 161 3.78 -87.03 4.49
CA ALA D 161 4.96 -87.11 5.34
C ALA D 161 4.75 -86.31 6.62
N VAL D 162 4.29 -85.06 6.48
CA VAL D 162 4.10 -84.19 7.64
C VAL D 162 3.16 -84.86 8.64
N GLU D 163 1.99 -85.29 8.15
CA GLU D 163 0.99 -85.90 9.02
C GLU D 163 1.56 -87.14 9.70
N ASP D 164 2.33 -87.93 8.97
CA ASP D 164 2.89 -89.16 9.53
C ASP D 164 3.92 -88.84 10.61
N GLN D 165 4.71 -87.79 10.41
CA GLN D 165 5.65 -87.38 11.44
C GLN D 165 4.90 -86.93 12.68
N ARG D 166 3.79 -86.21 12.48
CA ARG D 166 2.94 -85.83 13.61
C ARG D 166 2.51 -87.09 14.35
N ASP D 167 1.96 -88.04 13.61
CA ASP D 167 1.51 -89.31 14.18
C ASP D 167 2.62 -89.92 15.02
N GLY D 168 3.83 -90.01 14.46
CA GLY D 168 4.94 -90.65 15.15
C GLY D 168 5.30 -89.95 16.45
N GLU D 169 5.43 -88.62 16.43
CA GLU D 169 5.69 -87.88 17.66
C GLU D 169 4.60 -88.18 18.68
N LEU D 170 3.34 -88.09 18.24
CA LEU D 170 2.20 -88.39 19.10
C LEU D 170 2.40 -89.74 19.76
N GLU D 171 2.56 -90.77 18.93
CA GLU D 171 2.81 -92.15 19.33
C GLU D 171 3.82 -92.15 20.46
N ALA D 172 5.07 -91.80 20.16
CA ALA D 172 6.15 -91.85 21.13
C ALA D 172 5.72 -91.23 22.47
N ARG D 173 5.39 -89.93 22.43
CA ARG D 173 5.09 -89.20 23.66
C ARG D 173 3.96 -89.88 24.43
N ALA D 174 2.83 -90.13 23.75
CA ALA D 174 1.66 -90.75 24.36
C ALA D 174 2.05 -92.06 25.03
N GLN D 175 2.69 -92.95 24.27
CA GLN D 175 3.14 -94.24 24.78
C GLN D 175 3.88 -94.05 26.10
N LYS D 176 4.93 -93.24 26.09
CA LYS D 176 5.73 -93.06 27.29
C LYS D 176 4.85 -92.59 28.45
N LEU D 177 4.10 -91.51 28.22
CA LEU D 177 3.26 -90.93 29.26
C LEU D 177 2.32 -91.98 29.85
N GLU D 178 1.66 -92.74 28.98
CA GLU D 178 0.68 -93.72 29.42
C GLU D 178 1.34 -94.82 30.22
N ALA D 179 2.48 -95.33 29.75
CA ALA D 179 3.24 -96.31 30.51
C ALA D 179 3.49 -95.80 31.93
N ASP D 180 3.99 -94.56 32.03
CA ASP D 180 4.26 -93.98 33.34
C ASP D 180 2.99 -93.96 34.20
N LEU D 181 1.89 -93.44 33.65
CA LEU D 181 0.67 -93.27 34.44
C LEU D 181 -0.03 -94.60 34.69
N ALA D 182 0.36 -95.66 33.99
CA ALA D 182 -0.19 -97.00 34.18
C ALA D 182 0.58 -97.76 35.25
N GLU D 183 1.90 -97.54 35.33
CA GLU D 183 2.68 -98.16 36.38
C GLU D 183 2.25 -97.72 37.78
N LEU D 184 1.32 -96.76 37.87
CA LEU D 184 0.85 -96.19 39.11
C LEU D 184 -0.41 -95.37 38.83
N GLU D 185 -1.58 -95.95 39.09
CA GLU D 185 -2.85 -95.22 38.94
C GLU D 185 -3.21 -94.44 40.19
N ALA D 186 -2.26 -93.63 40.67
CA ALA D 186 -2.39 -92.87 41.92
C ALA D 186 -3.04 -93.71 43.01
N GLU D 187 -2.36 -94.80 43.35
CA GLU D 187 -2.90 -95.74 44.33
C GLU D 187 -2.92 -95.20 45.75
N GLY D 188 -2.29 -94.05 46.02
CA GLY D 188 -2.36 -93.49 47.36
C GLY D 188 -3.66 -92.76 47.66
N ALA D 189 -4.35 -92.24 46.65
CA ALA D 189 -5.62 -91.56 46.92
C ALA D 189 -6.77 -92.21 46.16
N LYS D 190 -6.92 -91.83 44.89
CA LYS D 190 -8.00 -92.35 44.06
C LYS D 190 -7.55 -92.33 42.60
N ALA D 191 -8.32 -93.01 41.76
CA ALA D 191 -8.06 -93.00 40.32
C ALA D 191 -8.22 -91.61 39.72
N ASP D 192 -8.84 -90.69 40.46
CA ASP D 192 -9.15 -89.37 39.93
C ASP D 192 -7.90 -88.51 39.76
N ALA D 193 -6.88 -88.72 40.61
CA ALA D 193 -5.64 -87.98 40.41
C ALA D 193 -4.93 -88.43 39.13
N ARG D 194 -4.99 -89.73 38.84
CA ARG D 194 -4.42 -90.20 37.58
C ARG D 194 -5.25 -89.69 36.41
N ARG D 195 -6.57 -89.59 36.59
CA ARG D 195 -7.40 -89.04 35.54
C ARG D 195 -7.05 -87.59 35.28
N LYS D 196 -6.72 -86.85 36.34
CA LYS D 196 -6.35 -85.44 36.20
C LYS D 196 -5.01 -85.29 35.50
N VAL D 197 -4.05 -86.16 35.81
CA VAL D 197 -2.78 -86.04 35.09
C VAL D 197 -2.98 -86.49 33.65
N ARG D 198 -3.96 -87.38 33.42
CA ARG D 198 -4.23 -87.83 32.06
C ARG D 198 -4.90 -86.71 31.28
N ASP D 199 -5.66 -85.86 31.99
CA ASP D 199 -6.27 -84.70 31.38
C ASP D 199 -5.19 -83.71 30.98
N GLY D 200 -4.22 -83.49 31.87
CA GLY D 200 -3.08 -82.66 31.51
C GLY D 200 -2.39 -83.22 30.27
N GLY D 201 -2.21 -84.54 30.22
CA GLY D 201 -1.52 -85.14 29.10
C GLY D 201 -2.30 -84.95 27.81
N GLU D 202 -3.63 -85.01 27.91
CA GLU D 202 -4.48 -84.89 26.73
C GLU D 202 -4.52 -83.44 26.28
N ARG D 203 -4.37 -82.50 27.23
CA ARG D 203 -4.27 -81.10 26.86
C ARG D 203 -2.98 -80.88 26.08
N GLU D 204 -1.88 -81.49 26.56
CA GLU D 204 -0.63 -81.42 25.81
C GLU D 204 -0.84 -82.00 24.41
N MET D 205 -1.54 -83.14 24.34
CA MET D 205 -1.79 -83.80 23.06
C MET D 205 -2.51 -82.85 22.12
N ARG D 206 -3.54 -82.18 22.62
CA ARG D 206 -4.35 -81.29 21.79
C ARG D 206 -3.52 -80.08 21.37
N GLN D 207 -2.63 -79.61 22.25
CA GLN D 207 -1.72 -78.54 21.86
C GLN D 207 -0.91 -78.96 20.64
N ILE D 208 -0.26 -80.13 20.71
CA ILE D 208 0.57 -80.56 19.59
C ILE D 208 -0.31 -80.72 18.35
N ARG D 209 -1.53 -81.21 18.55
CA ARG D 209 -2.49 -81.38 17.47
C ARG D 209 -2.69 -80.06 16.75
N ASP D 210 -3.14 -79.04 17.49
CA ASP D 210 -3.35 -77.70 16.94
C ASP D 210 -2.10 -77.24 16.20
N ARG D 211 -0.94 -77.40 16.83
CA ARG D 211 0.32 -76.97 16.21
C ARG D 211 0.47 -77.58 14.82
N ALA D 212 0.43 -78.91 14.75
CA ALA D 212 0.62 -79.58 13.47
C ALA D 212 -0.46 -79.19 12.48
N GLN D 213 -1.69 -79.03 12.96
CA GLN D 213 -2.80 -78.69 12.08
C GLN D 213 -2.58 -77.32 11.46
N ARG D 214 -2.06 -76.39 12.26
CA ARG D 214 -1.80 -75.04 11.77
C ARG D 214 -0.66 -75.07 10.77
N GLU D 215 0.36 -75.89 11.02
CA GLU D 215 1.41 -76.04 10.01
C GLU D 215 0.83 -76.58 8.71
N LEU D 216 -0.10 -77.53 8.82
CA LEU D 216 -0.75 -78.09 7.64
C LEU D 216 -1.49 -77.01 6.86
N ASP D 217 -2.23 -76.14 7.55
CA ASP D 217 -3.00 -75.14 6.82
C ASP D 217 -2.10 -74.03 6.31
N ARG D 218 -0.93 -73.85 6.92
CA ARG D 218 0.01 -72.87 6.36
C ARG D 218 0.61 -73.41 5.07
N LEU D 219 0.88 -74.72 5.03
CA LEU D 219 1.32 -75.32 3.78
C LEU D 219 0.21 -75.22 2.74
N GLU D 220 -1.04 -75.34 3.18
CA GLU D 220 -2.18 -75.17 2.29
C GLU D 220 -2.17 -73.76 1.70
N ASP D 221 -1.96 -72.76 2.56
CA ASP D 221 -1.86 -71.37 2.12
C ASP D 221 -0.76 -71.24 1.07
N ILE D 222 0.42 -71.78 1.37
CA ILE D 222 1.52 -71.79 0.41
C ILE D 222 1.03 -72.27 -0.96
N TRP D 223 0.49 -73.50 -0.97
CA TRP D 223 -0.02 -74.09 -2.21
C TRP D 223 -0.98 -73.16 -2.93
N SER D 224 -2.01 -72.68 -2.22
CA SER D 224 -2.98 -71.75 -2.79
C SER D 224 -2.28 -70.58 -3.47
N THR D 225 -1.46 -69.85 -2.71
CA THR D 225 -0.80 -68.65 -3.24
C THR D 225 0.02 -68.99 -4.48
N PHE D 226 0.78 -70.09 -4.42
CA PHE D 226 1.65 -70.41 -5.54
C PHE D 226 0.86 -70.81 -6.79
N THR D 227 -0.30 -71.45 -6.60
CA THR D 227 -1.07 -71.93 -7.73
C THR D 227 -1.69 -70.76 -8.49
N LYS D 228 -2.67 -70.10 -7.89
CA LYS D 228 -3.33 -68.95 -8.50
C LYS D 228 -2.44 -67.74 -8.25
N LEU D 229 -1.49 -67.51 -9.15
CA LEU D 229 -0.60 -66.35 -9.07
C LEU D 229 -0.54 -65.67 -10.43
N ALA D 230 -0.86 -64.39 -10.47
CA ALA D 230 -0.89 -63.59 -11.68
C ALA D 230 0.02 -62.39 -11.55
N PRO D 231 0.49 -61.82 -12.67
CA PRO D 231 1.29 -60.60 -12.60
C PRO D 231 0.52 -59.48 -11.91
N LYS D 232 1.26 -58.57 -11.29
CA LYS D 232 0.67 -57.45 -10.54
C LYS D 232 -0.18 -57.98 -9.38
N GLN D 233 0.53 -58.55 -8.40
CA GLN D 233 -0.10 -59.14 -7.23
C GLN D 233 0.85 -58.93 -6.05
N LEU D 234 0.59 -57.88 -5.27
CA LEU D 234 1.46 -57.52 -4.16
C LEU D 234 1.51 -58.64 -3.13
N ILE D 235 2.71 -59.14 -2.86
CA ILE D 235 2.91 -60.18 -1.86
C ILE D 235 3.71 -59.59 -0.71
N VAL D 236 3.03 -59.37 0.41
CA VAL D 236 3.61 -58.83 1.63
C VAL D 236 4.14 -60.02 2.44
N ASP D 237 4.86 -59.73 3.53
CA ASP D 237 5.44 -60.78 4.38
C ASP D 237 6.63 -61.45 3.70
N GLU D 238 7.84 -61.10 4.16
CA GLU D 238 9.06 -61.63 3.58
C GLU D 238 9.15 -63.15 3.73
N ASN D 239 8.67 -63.68 4.85
CA ASN D 239 8.72 -65.13 5.07
C ASN D 239 8.05 -65.88 3.92
N LEU D 240 6.81 -65.50 3.60
CA LEU D 240 6.08 -66.18 2.53
C LEU D 240 6.86 -66.13 1.23
N TYR D 241 7.38 -64.94 0.87
CA TYR D 241 8.14 -64.79 -0.36
C TYR D 241 9.32 -65.75 -0.39
N ARG D 242 10.13 -65.77 0.68
CA ARG D 242 11.32 -66.62 0.67
C ARG D 242 10.92 -68.10 0.63
N GLU D 243 9.87 -68.47 1.34
CA GLU D 243 9.36 -69.84 1.27
C GLU D 243 9.03 -70.22 -0.18
N LEU D 244 8.24 -69.38 -0.85
CA LEU D 244 7.86 -69.65 -2.23
C LEU D 244 9.08 -69.73 -3.13
N VAL D 245 10.06 -68.86 -2.90
CA VAL D 245 11.26 -68.83 -3.75
C VAL D 245 12.19 -69.98 -3.41
N ASP D 246 11.99 -70.64 -2.28
CA ASP D 246 12.76 -71.83 -1.95
C ASP D 246 12.14 -73.06 -2.60
N ARG D 247 10.84 -73.27 -2.40
CA ARG D 247 10.21 -74.45 -2.97
C ARG D 247 10.09 -74.30 -4.48
N TYR D 248 9.27 -73.37 -4.93
CA TYR D 248 9.03 -73.14 -6.35
C TYR D 248 9.71 -71.84 -6.77
N GLY D 249 11.04 -71.83 -6.72
CA GLY D 249 11.78 -70.63 -7.08
C GLY D 249 11.81 -70.34 -8.58
N GLU D 250 11.58 -71.35 -9.41
CA GLU D 250 11.46 -71.16 -10.85
C GLU D 250 10.04 -70.72 -11.19
N TYR D 251 9.76 -70.63 -12.49
CA TYR D 251 8.49 -70.17 -13.04
C TYR D 251 8.25 -68.70 -12.74
N PHE D 252 7.87 -68.38 -11.50
CA PHE D 252 7.52 -67.02 -11.15
C PHE D 252 8.78 -66.20 -10.87
N THR D 253 8.68 -64.90 -11.14
CA THR D 253 9.77 -63.98 -10.89
C THR D 253 9.20 -62.68 -10.33
N GLY D 254 10.04 -61.96 -9.60
CA GLY D 254 9.61 -60.70 -9.00
C GLY D 254 10.57 -60.17 -7.96
N ALA D 255 10.45 -58.90 -7.63
CA ALA D 255 11.31 -58.24 -6.66
C ALA D 255 10.65 -56.91 -6.28
N MET D 256 11.38 -56.07 -5.56
CA MET D 256 10.86 -54.80 -5.09
C MET D 256 11.85 -53.69 -5.41
N GLY D 257 11.32 -52.48 -5.51
CA GLY D 257 12.08 -51.31 -5.91
C GLY D 257 11.72 -50.86 -7.31
N ALA D 258 12.31 -49.73 -7.70
CA ALA D 258 12.04 -49.19 -9.03
C ALA D 258 12.58 -50.09 -10.14
N GLU D 259 13.60 -50.90 -9.84
CA GLU D 259 14.07 -51.86 -10.84
C GLU D 259 13.01 -52.90 -11.16
N SER D 260 12.10 -53.17 -10.22
CA SER D 260 11.01 -54.09 -10.47
C SER D 260 9.82 -53.44 -11.14
N ILE D 261 9.75 -52.12 -11.15
CA ILE D 261 8.72 -51.43 -11.92
C ILE D 261 9.19 -51.20 -13.36
N GLN D 262 10.50 -51.04 -13.55
CA GLN D 262 11.04 -50.97 -14.91
C GLN D 262 10.73 -52.23 -15.69
N LYS D 263 10.76 -53.38 -15.03
CA LYS D 263 10.43 -54.63 -15.73
C LYS D 263 8.95 -54.69 -16.08
N LEU D 264 8.07 -54.22 -15.20
CA LEU D 264 6.65 -54.21 -15.51
C LEU D 264 6.34 -53.27 -16.67
N ILE D 265 6.97 -52.09 -16.69
CA ILE D 265 6.73 -51.15 -17.78
C ILE D 265 7.31 -51.66 -19.09
N GLU D 266 8.49 -52.28 -19.03
CA GLU D 266 9.13 -52.78 -20.24
C GLU D 266 8.31 -53.89 -20.90
N ASN D 267 7.77 -54.80 -20.09
CA ASN D 267 6.95 -55.89 -20.62
C ASN D 267 5.46 -55.52 -20.62
N PHE D 268 5.14 -54.40 -21.25
CA PHE D 268 3.78 -53.87 -21.27
C PHE D 268 3.33 -53.64 -22.70
N ASP D 269 2.08 -54.01 -22.99
CA ASP D 269 1.49 -53.91 -24.32
C ASP D 269 0.35 -52.89 -24.27
N ILE D 270 0.54 -51.75 -24.93
CA ILE D 270 -0.42 -50.67 -24.87
C ILE D 270 -1.70 -51.02 -25.63
N ASP D 271 -1.56 -51.62 -26.82
CA ASP D 271 -2.70 -51.81 -27.70
C ASP D 271 -3.74 -52.75 -27.09
N ALA D 272 -3.29 -53.86 -26.51
CA ALA D 272 -4.25 -54.81 -25.95
C ALA D 272 -5.08 -54.15 -24.86
N GLU D 273 -4.42 -53.40 -23.97
CA GLU D 273 -5.16 -52.69 -22.92
C GLU D 273 -6.07 -51.62 -23.51
N ALA D 274 -5.65 -50.97 -24.60
CA ALA D 274 -6.48 -49.92 -25.19
C ALA D 274 -7.78 -50.51 -25.73
N GLU D 275 -7.69 -51.57 -26.54
CA GLU D 275 -8.91 -52.23 -26.99
C GLU D 275 -9.70 -52.87 -25.86
N SER D 276 -9.06 -53.32 -24.79
CA SER D 276 -9.81 -53.81 -23.64
C SER D 276 -10.63 -52.70 -23.01
N LEU D 277 -10.03 -51.53 -22.82
CA LEU D 277 -10.76 -50.40 -22.24
C LEU D 277 -11.89 -49.95 -23.16
N ARG D 278 -11.65 -49.94 -24.47
CA ARG D 278 -12.71 -49.57 -25.40
C ARG D 278 -13.85 -50.59 -25.39
N ASP D 279 -13.53 -51.88 -25.23
CA ASP D 279 -14.59 -52.87 -25.09
C ASP D 279 -15.38 -52.67 -23.80
N VAL D 280 -14.70 -52.33 -22.70
CA VAL D 280 -15.40 -52.09 -21.45
C VAL D 280 -16.32 -50.88 -21.56
N ILE D 281 -15.83 -49.80 -22.19
CA ILE D 281 -16.68 -48.62 -22.34
C ILE D 281 -17.85 -48.91 -23.26
N ARG D 282 -17.65 -49.73 -24.29
CA ARG D 282 -18.71 -49.98 -25.26
C ARG D 282 -19.93 -50.63 -24.60
N ASN D 283 -19.72 -51.69 -23.84
CA ASN D 283 -20.78 -52.43 -23.16
C ASN D 283 -20.49 -52.45 -21.67
N GLY D 284 -20.94 -51.41 -20.96
CA GLY D 284 -20.75 -51.36 -19.52
C GLY D 284 -21.54 -50.23 -18.90
N LYS D 285 -21.67 -50.30 -17.59
CA LYS D 285 -22.40 -49.31 -16.81
C LYS D 285 -21.86 -49.32 -15.39
N GLY D 286 -22.50 -48.58 -14.50
CA GLY D 286 -22.04 -48.50 -13.12
C GLY D 286 -20.95 -47.47 -12.97
N GLN D 287 -19.88 -47.85 -12.27
CA GLN D 287 -18.72 -46.99 -12.09
C GLN D 287 -17.49 -47.49 -12.82
N LYS D 288 -17.52 -48.74 -13.29
CA LYS D 288 -16.45 -49.23 -14.15
C LYS D 288 -16.34 -48.43 -15.43
N LYS D 289 -17.47 -47.90 -15.92
CA LYS D 289 -17.43 -47.01 -17.08
C LYS D 289 -16.70 -45.72 -16.75
N LEU D 290 -16.92 -45.17 -15.54
CA LEU D 290 -16.19 -43.98 -15.14
C LEU D 290 -14.70 -44.25 -15.01
N ARG D 291 -14.35 -45.40 -14.44
CA ARG D 291 -12.93 -45.77 -14.33
C ARG D 291 -12.29 -45.93 -15.70
N ALA D 292 -13.01 -46.56 -16.64
CA ALA D 292 -12.48 -46.72 -17.99
C ALA D 292 -12.28 -45.38 -18.67
N LEU D 293 -13.24 -44.47 -18.51
CA LEU D 293 -13.09 -43.12 -19.06
C LEU D 293 -11.88 -42.42 -18.47
N LYS D 294 -11.68 -42.54 -17.17
CA LYS D 294 -10.54 -41.87 -16.53
C LYS D 294 -9.21 -42.47 -17.00
N ARG D 295 -9.16 -43.79 -17.17
CA ARG D 295 -7.90 -44.42 -17.54
C ARG D 295 -7.55 -44.24 -19.02
N LEU D 296 -8.56 -44.17 -19.90
CA LEU D 296 -8.28 -44.08 -21.32
C LEU D 296 -7.54 -42.80 -21.67
N LYS D 297 -7.79 -41.71 -20.93
CA LYS D 297 -7.10 -40.46 -21.21
C LYS D 297 -5.59 -40.60 -21.08
N VAL D 298 -5.13 -41.46 -20.18
CA VAL D 298 -3.69 -41.69 -20.02
C VAL D 298 -3.20 -42.80 -20.94
N VAL D 299 -3.99 -43.86 -21.12
CA VAL D 299 -3.52 -44.97 -21.94
C VAL D 299 -3.47 -44.62 -23.42
N ALA D 300 -4.25 -43.64 -23.87
CA ALA D 300 -4.27 -43.28 -25.29
C ALA D 300 -3.21 -42.25 -25.64
N ALA D 301 -2.76 -41.45 -24.68
CA ALA D 301 -1.72 -40.45 -24.95
C ALA D 301 -0.41 -41.13 -25.31
N PHE D 302 -0.10 -42.25 -24.67
CA PHE D 302 1.11 -43.00 -24.94
C PHE D 302 1.02 -43.83 -26.21
N GLN D 303 -0.15 -43.85 -26.86
CA GLN D 303 -0.35 -44.57 -28.11
C GLN D 303 -0.45 -43.66 -29.32
N GLN D 304 -1.18 -42.54 -29.20
CA GLN D 304 -1.39 -41.65 -30.34
C GLN D 304 -0.09 -41.02 -30.82
N SER D 305 0.83 -40.70 -29.90
CA SER D 305 2.09 -40.09 -30.24
C SER D 305 3.18 -41.16 -30.37
N GLY D 306 4.40 -40.70 -30.63
CA GLY D 306 5.53 -41.58 -30.80
C GLY D 306 6.50 -41.58 -29.62
N ASN D 307 5.98 -41.46 -28.40
CA ASN D 307 6.81 -41.49 -27.22
C ASN D 307 6.70 -42.87 -26.56
N SER D 308 7.32 -43.02 -25.39
CA SER D 308 7.33 -44.29 -24.69
C SER D 308 6.99 -44.09 -23.23
N PRO D 309 6.35 -45.09 -22.59
CA PRO D 309 6.06 -44.98 -21.16
C PRO D 309 7.25 -45.22 -20.25
N MET D 310 8.45 -45.40 -20.82
CA MET D 310 9.61 -45.74 -20.02
C MET D 310 10.41 -44.52 -19.59
N GLY D 311 9.92 -43.32 -19.91
CA GLY D 311 10.58 -42.11 -19.46
C GLY D 311 10.28 -41.73 -18.03
N MET D 312 9.40 -42.48 -17.36
CA MET D 312 9.08 -42.23 -15.96
C MET D 312 10.09 -42.81 -14.99
N VAL D 313 10.98 -43.68 -15.46
CA VAL D 313 12.02 -44.28 -14.64
C VAL D 313 13.37 -43.71 -15.10
N LEU D 314 14.13 -43.16 -14.16
CA LEU D 314 15.35 -42.43 -14.46
C LEU D 314 16.57 -43.31 -14.32
N ASP D 315 17.58 -43.02 -15.13
CA ASP D 315 18.88 -43.67 -15.02
C ASP D 315 20.03 -42.69 -15.11
N ALA D 316 19.75 -41.39 -15.31
CA ALA D 316 20.75 -40.34 -15.25
C ALA D 316 20.03 -39.04 -14.90
N VAL D 317 20.69 -38.19 -14.13
CA VAL D 317 20.10 -36.97 -13.60
C VAL D 317 20.90 -35.79 -14.13
N PRO D 318 20.27 -34.79 -14.74
CA PRO D 318 21.01 -33.64 -15.25
C PRO D 318 21.43 -32.68 -14.13
N VAL D 319 22.41 -31.85 -14.45
CA VAL D 319 22.96 -30.87 -13.53
C VAL D 319 22.94 -29.51 -14.21
N ILE D 320 22.37 -28.52 -13.52
CA ILE D 320 22.17 -27.18 -14.09
C ILE D 320 23.55 -26.54 -14.25
N PRO D 321 23.71 -25.60 -15.19
CA PRO D 321 25.01 -24.96 -15.34
C PRO D 321 25.39 -24.19 -14.09
N PRO D 322 26.69 -24.08 -13.80
CA PRO D 322 27.10 -23.49 -12.51
C PRO D 322 26.75 -22.02 -12.36
N GLU D 323 26.74 -21.24 -13.44
CA GLU D 323 26.47 -19.81 -13.30
C GLU D 323 25.01 -19.51 -13.02
N LEU D 324 24.13 -20.52 -13.06
CA LEU D 324 22.73 -20.34 -12.65
C LEU D 324 22.51 -20.64 -11.18
N ARG D 325 23.50 -21.17 -10.48
CA ARG D 325 23.46 -21.36 -9.03
C ARG D 325 24.76 -20.85 -8.44
N PRO D 326 24.96 -19.53 -8.43
CA PRO D 326 26.25 -18.97 -8.05
C PRO D 326 26.52 -19.12 -6.56
N MET D 327 27.81 -19.07 -6.22
CA MET D 327 28.29 -19.05 -4.85
C MET D 327 29.27 -17.91 -4.71
N VAL D 328 28.95 -16.93 -3.86
CA VAL D 328 29.73 -15.71 -3.78
C VAL D 328 30.11 -15.43 -2.32
N GLN D 329 31.16 -14.63 -2.16
CA GLN D 329 31.69 -14.30 -0.85
C GLN D 329 30.73 -13.39 -0.08
N LEU D 330 30.66 -13.60 1.23
CA LEU D 330 29.80 -12.81 2.12
C LEU D 330 30.66 -11.74 2.79
N ASP D 331 30.96 -10.68 2.03
CA ASP D 331 31.68 -9.50 2.53
C ASP D 331 33.03 -9.88 3.12
N GLY D 332 33.86 -10.50 2.28
CA GLY D 332 35.21 -10.85 2.71
C GLY D 332 35.27 -11.90 3.79
N GLY D 333 34.21 -12.68 3.96
CA GLY D 333 34.19 -13.73 4.97
C GLY D 333 34.16 -15.11 4.36
N ARG D 334 33.03 -15.79 4.47
CA ARG D 334 32.88 -17.13 3.89
C ARG D 334 31.66 -17.16 2.98
N PHE D 335 31.33 -18.36 2.49
CA PHE D 335 30.12 -18.58 1.71
C PHE D 335 29.03 -19.14 2.61
N ALA D 336 27.81 -18.62 2.45
CA ALA D 336 26.69 -18.99 3.32
C ALA D 336 25.59 -19.60 2.45
N THR D 337 25.71 -20.90 2.21
CA THR D 337 24.68 -21.74 1.57
C THR D 337 24.38 -21.32 0.13
N SER D 338 23.81 -22.25 -0.63
CA SER D 338 23.28 -21.94 -1.96
C SER D 338 21.91 -22.54 -2.22
N ASP D 339 21.40 -23.40 -1.33
CA ASP D 339 20.04 -23.95 -1.37
C ASP D 339 19.84 -24.92 -2.52
N LEU D 340 20.84 -25.02 -3.40
CA LEU D 340 20.81 -25.97 -4.51
C LEU D 340 22.09 -26.76 -4.67
N ASN D 341 23.20 -26.30 -4.10
CA ASN D 341 24.45 -27.04 -4.12
C ASN D 341 24.54 -28.07 -3.00
N ASP D 342 23.54 -28.15 -2.14
CA ASP D 342 23.51 -29.18 -1.10
C ASP D 342 22.68 -30.39 -1.50
N LEU D 343 21.57 -30.21 -2.21
CA LEU D 343 20.80 -31.35 -2.68
C LEU D 343 21.59 -32.16 -3.70
N TYR D 344 22.43 -31.49 -4.49
CA TYR D 344 23.32 -32.22 -5.40
C TYR D 344 24.37 -32.98 -4.63
N ARG D 345 24.92 -32.37 -3.57
CA ARG D 345 25.94 -33.05 -2.79
C ARG D 345 25.36 -34.29 -2.13
N ARG D 346 24.12 -34.18 -1.63
CA ARG D 346 23.45 -35.33 -1.03
C ARG D 346 23.26 -36.45 -2.04
N VAL D 347 22.80 -36.11 -3.25
CA VAL D 347 22.61 -37.15 -4.26
C VAL D 347 23.93 -37.82 -4.61
N ILE D 348 24.99 -37.03 -4.79
CA ILE D 348 26.29 -37.60 -5.16
C ILE D 348 26.83 -38.48 -4.05
N ASN D 349 26.71 -38.04 -2.79
CA ASN D 349 27.21 -38.85 -1.68
C ASN D 349 26.48 -40.18 -1.59
N ARG D 350 25.15 -40.15 -1.69
CA ARG D 350 24.41 -41.41 -1.61
C ARG D 350 24.75 -42.32 -2.78
N ASN D 351 24.90 -41.76 -3.98
CA ASN D 351 25.24 -42.58 -5.13
C ASN D 351 26.63 -43.22 -4.96
N ASN D 352 27.59 -42.47 -4.44
CA ASN D 352 28.93 -43.03 -4.22
C ASN D 352 28.91 -44.14 -3.19
N ARG D 353 28.18 -43.94 -2.08
CA ARG D 353 28.09 -44.99 -1.08
C ARG D 353 27.42 -46.23 -1.65
N LEU D 354 26.36 -46.05 -2.44
CA LEU D 354 25.68 -47.19 -3.04
C LEU D 354 26.61 -47.94 -3.99
N LYS D 355 27.38 -47.21 -4.80
CA LYS D 355 28.30 -47.87 -5.72
C LYS D 355 29.34 -48.68 -4.97
N ARG D 356 29.94 -48.08 -3.93
CA ARG D 356 30.97 -48.79 -3.18
C ARG D 356 30.40 -50.01 -2.45
N LEU D 357 29.18 -49.89 -1.93
CA LEU D 357 28.59 -51.01 -1.22
C LEU D 357 28.16 -52.13 -2.17
N ILE D 358 27.66 -51.78 -3.35
CA ILE D 358 27.28 -52.80 -4.31
C ILE D 358 28.52 -53.53 -4.83
N ASP D 359 29.59 -52.80 -5.14
CA ASP D 359 30.79 -53.46 -5.63
C ASP D 359 31.69 -53.90 -4.47
N LEU D 360 31.07 -54.56 -3.48
CA LEU D 360 31.81 -55.14 -2.36
C LEU D 360 31.27 -56.48 -1.90
N GLY D 361 30.06 -56.86 -2.28
CA GLY D 361 29.45 -58.08 -1.79
C GLY D 361 28.72 -57.91 -0.46
N ALA D 362 27.91 -56.85 -0.36
CA ALA D 362 27.16 -56.53 0.84
C ALA D 362 25.89 -57.38 0.93
N PRO D 363 25.38 -57.61 2.14
CA PRO D 363 24.10 -58.31 2.27
C PRO D 363 22.95 -57.48 1.73
N GLU D 364 21.85 -58.17 1.44
CA GLU D 364 20.74 -57.54 0.72
C GLU D 364 20.05 -56.45 1.53
N ILE D 365 19.94 -56.62 2.84
CA ILE D 365 19.20 -55.66 3.66
C ILE D 365 19.85 -54.28 3.60
N ILE D 366 21.18 -54.23 3.68
CA ILE D 366 21.88 -52.96 3.71
C ILE D 366 21.77 -52.27 2.36
N VAL D 367 21.88 -53.03 1.27
CA VAL D 367 21.74 -52.48 -0.07
C VAL D 367 20.34 -51.92 -0.27
N ASN D 368 19.32 -52.63 0.21
CA ASN D 368 17.95 -52.12 0.10
C ASN D 368 17.78 -50.82 0.88
N ASN D 369 18.35 -50.74 2.08
CA ASN D 369 18.27 -49.50 2.85
C ASN D 369 18.92 -48.35 2.09
N GLU D 370 20.10 -48.59 1.54
CA GLU D 370 20.80 -47.52 0.82
C GLU D 370 20.04 -47.10 -0.42
N LYS D 371 19.44 -48.05 -1.14
CA LYS D 371 18.66 -47.70 -2.32
C LYS D 371 17.44 -46.87 -1.95
N ARG D 372 16.75 -47.24 -0.86
CA ARG D 372 15.62 -46.43 -0.42
C ARG D 372 16.07 -45.01 -0.08
N MET D 373 17.21 -44.88 0.59
CA MET D 373 17.69 -43.56 0.99
C MET D 373 18.05 -42.72 -0.24
N LEU D 374 18.66 -43.35 -1.26
CA LEU D 374 18.96 -42.64 -2.50
C LEU D 374 17.69 -42.16 -3.19
N GLN D 375 16.66 -43.03 -3.24
CA GLN D 375 15.40 -42.64 -3.84
C GLN D 375 14.80 -41.43 -3.11
N GLU D 376 14.84 -41.45 -1.78
CA GLU D 376 14.31 -40.32 -1.01
C GLU D 376 15.09 -39.04 -1.31
N SER D 377 16.41 -39.15 -1.44
CA SER D 377 17.22 -37.96 -1.72
C SER D 377 16.88 -37.37 -3.08
N VAL D 378 16.72 -38.22 -4.11
CA VAL D 378 16.36 -37.69 -5.43
C VAL D 378 14.97 -37.06 -5.39
N ASP D 379 14.03 -37.70 -4.69
CA ASP D 379 12.68 -37.13 -4.57
C ASP D 379 12.73 -35.75 -3.92
N ALA D 380 13.58 -35.59 -2.90
CA ALA D 380 13.72 -34.28 -2.27
C ALA D 380 14.40 -33.28 -3.20
N LEU D 381 15.28 -33.74 -4.08
CA LEU D 381 15.88 -32.82 -5.04
C LEU D 381 14.84 -32.27 -6.01
N PHE D 382 13.99 -33.15 -6.56
CA PHE D 382 13.04 -32.69 -7.57
C PHE D 382 11.87 -31.91 -6.97
N ASP D 383 11.39 -32.33 -5.80
CA ASP D 383 10.24 -31.67 -5.18
C ASP D 383 10.33 -31.89 -3.67
N ASN D 384 10.69 -30.83 -2.94
CA ASN D 384 10.94 -30.94 -1.51
C ASN D 384 9.64 -30.72 -0.74
N GLY D 385 9.26 -31.71 0.05
CA GLY D 385 8.07 -31.62 0.89
C GLY D 385 6.86 -32.35 0.38
N ARG D 386 6.89 -32.86 -0.86
CA ARG D 386 5.72 -33.54 -1.41
C ARG D 386 5.41 -34.82 -0.64
N ARG D 387 6.42 -35.59 -0.29
CA ARG D 387 6.25 -36.82 0.46
C ARG D 387 7.13 -36.79 1.70
N GLY D 388 6.56 -37.09 2.85
CA GLY D 388 7.31 -37.11 4.10
C GLY D 388 7.54 -35.73 4.69
N ARG D 389 8.72 -35.50 5.25
CA ARG D 389 9.00 -34.21 5.84
C ARG D 389 10.05 -33.45 5.03
N PRO D 390 9.98 -32.13 5.02
CA PRO D 390 10.95 -31.35 4.23
C PRO D 390 12.36 -31.47 4.79
N VAL D 391 13.34 -31.28 3.90
CA VAL D 391 14.74 -31.28 4.27
C VAL D 391 15.13 -29.84 4.62
N THR D 392 15.50 -29.62 5.87
CA THR D 392 15.76 -28.28 6.36
C THR D 392 17.26 -28.00 6.40
N GLY D 393 17.61 -26.74 6.63
CA GLY D 393 18.98 -26.35 6.71
C GLY D 393 19.30 -25.62 8.00
N PRO D 394 20.06 -24.53 7.91
CA PRO D 394 20.37 -23.72 9.10
C PRO D 394 19.14 -22.93 9.54
N GLY D 395 18.74 -23.12 10.79
CA GLY D 395 17.62 -22.39 11.33
C GLY D 395 16.26 -23.03 11.15
N ASN D 396 16.20 -24.33 10.83
CA ASN D 396 14.95 -25.05 10.61
C ASN D 396 14.16 -24.45 9.44
N ARG D 397 14.88 -23.95 8.44
CA ARG D 397 14.27 -23.34 7.26
C ARG D 397 14.24 -24.36 6.13
N PRO D 398 13.08 -24.75 5.62
CA PRO D 398 13.03 -25.75 4.55
C PRO D 398 13.78 -25.29 3.31
N LEU D 399 14.45 -26.23 2.67
CA LEU D 399 15.20 -25.95 1.45
C LEU D 399 14.26 -25.77 0.27
N LYS D 400 14.75 -25.08 -0.76
CA LYS D 400 13.96 -24.75 -1.94
C LYS D 400 14.46 -25.58 -3.11
N SER D 401 13.55 -26.33 -3.72
CA SER D 401 13.90 -27.36 -4.68
C SER D 401 13.92 -26.80 -6.11
N LEU D 402 13.97 -27.70 -7.09
CA LEU D 402 13.98 -27.30 -8.49
C LEU D 402 12.63 -26.85 -8.99
N SER D 403 11.55 -27.39 -8.44
CA SER D 403 10.20 -27.02 -8.87
C SER D 403 9.65 -25.81 -8.14
N ASP D 404 10.36 -25.29 -7.15
CA ASP D 404 9.94 -24.09 -6.45
C ASP D 404 10.39 -22.80 -7.11
N LEU D 405 11.25 -22.88 -8.13
CA LEU D 405 11.65 -21.72 -8.90
C LEU D 405 10.77 -21.51 -10.13
N LEU D 406 9.72 -22.30 -10.29
CA LEU D 406 8.78 -22.15 -11.40
C LEU D 406 7.36 -21.83 -10.96
N LYS D 407 6.99 -22.11 -9.72
CA LYS D 407 5.61 -22.01 -9.26
C LYS D 407 5.44 -20.83 -8.33
N GLY D 408 4.20 -20.35 -8.23
CA GLY D 408 3.83 -19.30 -7.30
C GLY D 408 3.93 -17.91 -7.91
N LYS D 409 3.46 -16.93 -7.14
CA LYS D 409 3.55 -15.54 -7.57
C LYS D 409 4.96 -14.98 -7.43
N GLN D 410 5.87 -15.72 -6.79
CA GLN D 410 7.26 -15.32 -6.65
C GLN D 410 8.19 -16.21 -7.46
N GLY D 411 7.67 -16.88 -8.49
CA GLY D 411 8.46 -17.74 -9.33
C GLY D 411 8.97 -17.03 -10.57
N ARG D 412 9.56 -17.82 -11.47
CA ARG D 412 10.15 -17.26 -12.68
C ARG D 412 9.08 -16.62 -13.57
N PHE D 413 7.96 -17.31 -13.77
CA PHE D 413 6.98 -16.91 -14.77
C PHE D 413 6.40 -15.54 -14.47
N ARG D 414 5.89 -15.34 -13.26
CA ARG D 414 5.17 -14.12 -12.92
C ARG D 414 6.04 -13.03 -12.33
N GLN D 415 7.35 -13.27 -12.17
CA GLN D 415 8.23 -12.26 -11.59
C GLN D 415 9.44 -11.93 -12.45
N ASN D 416 9.70 -12.65 -13.53
CA ASN D 416 10.81 -12.33 -14.40
C ASN D 416 10.46 -12.32 -15.87
N LEU D 417 9.38 -12.96 -16.29
CA LEU D 417 9.02 -13.04 -17.70
C LEU D 417 7.86 -12.13 -18.07
N LEU D 418 6.89 -11.94 -17.18
CA LEU D 418 5.76 -11.07 -17.46
C LEU D 418 5.97 -9.64 -17.02
N GLY D 419 6.94 -9.38 -16.15
CA GLY D 419 7.26 -8.03 -15.74
C GLY D 419 8.71 -7.92 -15.32
N LYS D 420 9.37 -6.83 -15.69
CA LYS D 420 10.81 -6.69 -15.49
C LYS D 420 11.12 -5.33 -14.88
N ARG D 421 12.38 -5.13 -14.56
CA ARG D 421 12.93 -3.82 -14.21
C ARG D 421 13.63 -3.24 -15.43
N VAL D 422 13.59 -1.91 -15.53
CA VAL D 422 13.99 -1.23 -16.76
C VAL D 422 14.96 -0.10 -16.46
N ASP D 423 15.70 0.30 -17.49
CA ASP D 423 16.58 1.46 -17.46
C ASP D 423 15.81 2.72 -17.83
N TYR D 424 16.46 3.86 -17.62
CA TYR D 424 15.89 5.17 -17.96
C TYR D 424 14.55 5.39 -17.26
N SER D 425 14.59 5.38 -15.93
CA SER D 425 13.39 5.56 -15.13
C SER D 425 13.72 6.31 -13.85
N GLY D 426 12.70 6.91 -13.26
CA GLY D 426 12.86 7.71 -12.06
C GLY D 426 11.60 7.71 -11.22
N ARG D 427 11.65 8.46 -10.12
CA ARG D 427 10.56 8.50 -9.16
C ARG D 427 10.69 9.75 -8.30
N SER D 428 9.55 10.31 -7.89
CA SER D 428 9.53 11.46 -7.00
C SER D 428 8.10 11.68 -6.53
N VAL D 429 7.93 12.69 -5.68
CA VAL D 429 6.63 13.07 -5.13
C VAL D 429 5.98 14.11 -6.03
N ILE D 430 4.70 13.93 -6.31
CA ILE D 430 3.98 14.83 -7.21
C ILE D 430 3.33 15.95 -6.41
N VAL D 431 3.29 17.14 -7.01
CA VAL D 431 2.70 18.33 -6.44
C VAL D 431 1.88 19.03 -7.53
N VAL D 432 1.03 19.97 -7.13
CA VAL D 432 0.07 20.57 -8.04
C VAL D 432 0.67 21.80 -8.70
N GLY D 433 0.54 21.88 -10.03
CA GLY D 433 0.90 23.06 -10.77
C GLY D 433 -0.27 23.57 -11.60
N PRO D 434 -0.83 24.73 -11.24
CA PRO D 434 -1.99 25.25 -11.95
C PRO D 434 -1.69 26.09 -13.18
N GLN D 435 -0.41 26.32 -13.50
CA GLN D 435 -0.04 27.13 -14.66
C GLN D 435 0.25 26.31 -15.90
N LEU D 436 0.13 24.99 -15.83
CA LEU D 436 0.46 24.13 -16.95
C LEU D 436 -0.71 24.00 -17.90
N LYS D 437 -0.47 23.35 -19.03
CA LYS D 437 -1.50 22.98 -19.99
C LYS D 437 -1.72 21.47 -19.94
N LEU D 438 -2.69 21.01 -20.73
CA LEU D 438 -3.08 19.61 -20.65
C LEU D 438 -1.99 18.66 -21.17
N HIS D 439 -1.00 19.18 -21.88
CA HIS D 439 0.05 18.36 -22.46
C HIS D 439 1.43 18.63 -21.84
N GLN D 440 1.48 19.21 -20.64
CA GLN D 440 2.74 19.57 -20.04
C GLN D 440 2.85 19.01 -18.63
N CYS D 441 4.08 18.74 -18.21
CA CYS D 441 4.41 18.39 -16.85
C CYS D 441 5.64 19.19 -16.42
N GLY D 442 6.07 18.98 -15.18
CA GLY D 442 7.23 19.67 -14.68
C GLY D 442 8.24 18.68 -14.16
N LEU D 443 9.47 18.77 -14.64
CA LEU D 443 10.47 17.77 -14.33
C LEU D 443 11.64 18.43 -13.59
N PRO D 444 12.06 17.89 -12.45
CA PRO D 444 13.21 18.47 -11.75
C PRO D 444 14.46 18.38 -12.59
N LYS D 445 15.34 19.37 -12.43
CA LYS D 445 16.55 19.42 -13.23
C LYS D 445 17.47 18.25 -12.93
N LEU D 446 17.63 17.90 -11.66
CA LEU D 446 18.55 16.83 -11.28
C LEU D 446 18.08 15.45 -11.75
N MET D 447 16.79 15.31 -12.07
CA MET D 447 16.25 14.06 -12.61
C MET D 447 16.35 14.03 -14.13
N ALA D 448 16.06 15.15 -14.78
CA ALA D 448 16.20 15.23 -16.23
C ALA D 448 17.64 15.11 -16.68
N LEU D 449 18.59 15.57 -15.86
CA LEU D 449 20.00 15.39 -16.20
C LEU D 449 20.38 13.92 -16.25
N GLU D 450 19.88 13.13 -15.31
CA GLU D 450 20.23 11.72 -15.28
C GLU D 450 19.46 10.93 -16.33
N LEU D 451 18.21 11.30 -16.60
CA LEU D 451 17.44 10.56 -17.61
C LEU D 451 17.95 10.79 -19.03
N PHE D 452 18.49 11.97 -19.31
CA PHE D 452 18.89 12.36 -20.66
C PHE D 452 20.40 12.41 -20.84
N LYS D 453 21.13 11.48 -20.22
CA LYS D 453 22.58 11.59 -20.22
C LYS D 453 23.22 11.39 -21.59
N PRO D 454 22.91 10.34 -22.36
CA PRO D 454 23.61 10.17 -23.64
C PRO D 454 23.31 11.24 -24.66
N PHE D 455 22.08 11.74 -24.73
CA PHE D 455 21.76 12.81 -25.66
C PHE D 455 22.54 14.07 -25.31
N VAL D 456 22.73 14.32 -24.01
CA VAL D 456 23.49 15.49 -23.57
C VAL D 456 24.97 15.29 -23.89
N MET D 457 25.47 14.06 -23.73
CA MET D 457 26.86 13.81 -24.05
C MET D 457 27.14 14.02 -25.53
N LYS D 458 26.23 13.55 -26.39
CA LYS D 458 26.39 13.77 -27.83
C LYS D 458 26.36 15.25 -28.16
N ARG D 459 25.40 15.99 -27.58
CA ARG D 459 25.30 17.41 -27.87
C ARG D 459 26.53 18.17 -27.35
N LEU D 460 27.06 17.75 -26.21
CA LEU D 460 28.24 18.40 -25.63
C LEU D 460 29.47 18.17 -26.49
N VAL D 461 29.65 16.96 -27.00
CA VAL D 461 30.79 16.70 -27.88
C VAL D 461 30.61 17.44 -29.21
N ASP D 462 29.39 17.44 -29.73
CA ASP D 462 29.14 18.06 -31.03
C ASP D 462 29.39 19.56 -30.99
N LEU D 463 28.97 20.23 -29.92
CA LEU D 463 29.05 21.68 -29.79
C LEU D 463 30.42 22.16 -29.30
N ASN D 464 31.45 21.32 -29.41
CA ASN D 464 32.83 21.69 -29.05
C ASN D 464 32.95 22.11 -27.58
N HIS D 465 32.11 21.55 -26.71
CA HIS D 465 32.24 21.79 -25.29
C HIS D 465 33.17 20.78 -24.62
N ALA D 466 33.61 19.76 -25.34
CA ALA D 466 34.48 18.71 -24.80
C ALA D 466 35.27 18.11 -25.95
N GLN D 467 36.16 17.17 -25.62
CA GLN D 467 37.05 16.57 -26.60
C GLN D 467 36.64 15.15 -26.97
N ASN D 468 36.51 14.27 -25.98
CA ASN D 468 36.17 12.87 -26.21
C ASN D 468 34.85 12.53 -25.51
N ILE D 469 34.42 11.28 -25.69
CA ILE D 469 33.22 10.80 -25.01
C ILE D 469 33.47 10.66 -23.51
N LYS D 470 34.66 10.19 -23.13
CA LYS D 470 34.96 10.07 -21.69
C LYS D 470 35.04 11.45 -21.03
N SER D 471 35.61 12.43 -21.72
CA SER D 471 35.67 13.78 -21.17
C SER D 471 34.26 14.35 -20.99
N ALA D 472 33.40 14.14 -21.98
CA ALA D 472 32.03 14.62 -21.87
C ALA D 472 31.29 13.90 -20.74
N LYS D 473 31.53 12.60 -20.57
CA LYS D 473 30.91 11.86 -19.49
C LYS D 473 31.33 12.41 -18.14
N ARG D 474 32.63 12.68 -17.97
CA ARG D 474 33.12 13.26 -16.73
C ARG D 474 32.51 14.64 -16.48
N MET D 475 32.43 15.47 -17.53
CA MET D 475 31.87 16.80 -17.37
C MET D 475 30.40 16.74 -16.99
N VAL D 476 29.66 15.78 -17.56
CA VAL D 476 28.26 15.61 -17.20
C VAL D 476 28.15 15.16 -15.75
N GLU D 477 29.01 14.23 -15.34
CA GLU D 477 28.95 13.69 -13.98
C GLU D 477 29.38 14.72 -12.93
N ARG D 478 30.18 15.71 -13.31
CA ARG D 478 30.62 16.74 -12.38
C ARG D 478 29.68 17.94 -12.30
N GLN D 479 28.61 17.95 -13.11
CA GLN D 479 27.62 19.03 -13.09
C GLN D 479 28.28 20.40 -13.35
N ARG D 480 29.16 20.44 -14.35
CA ARG D 480 29.79 21.69 -14.72
C ARG D 480 28.75 22.64 -15.32
N PRO D 481 28.95 23.95 -15.15
CA PRO D 481 27.91 24.92 -15.56
C PRO D 481 27.67 24.99 -17.06
N GLN D 482 28.33 24.17 -17.86
CA GLN D 482 28.10 24.15 -19.30
C GLN D 482 26.99 23.22 -19.74
N VAL D 483 26.43 22.43 -18.83
CA VAL D 483 25.45 21.41 -19.21
C VAL D 483 24.01 21.83 -18.93
N TRP D 484 23.79 23.05 -18.42
CA TRP D 484 22.45 23.48 -18.11
C TRP D 484 21.78 24.24 -19.25
N ASP D 485 22.48 24.44 -20.37
CA ASP D 485 21.91 25.09 -21.53
C ASP D 485 21.62 24.12 -22.67
N VAL D 486 22.43 23.08 -22.82
CA VAL D 486 22.12 22.03 -23.80
C VAL D 486 20.93 21.20 -23.33
N LEU D 487 20.75 21.06 -22.02
CA LEU D 487 19.60 20.39 -21.45
C LEU D 487 18.42 21.36 -21.41
N GLU D 488 18.20 22.06 -22.51
CA GLU D 488 16.96 22.79 -22.76
C GLU D 488 16.50 22.64 -24.19
N GLU D 489 17.40 22.33 -25.12
CA GLU D 489 17.04 21.90 -26.46
C GLU D 489 17.16 20.39 -26.63
N VAL D 490 17.79 19.69 -25.68
CA VAL D 490 17.79 18.24 -25.73
C VAL D 490 16.39 17.70 -25.41
N ILE D 491 15.71 18.30 -24.45
CA ILE D 491 14.43 17.79 -23.96
C ILE D 491 13.27 18.44 -24.69
N ALA D 492 13.57 19.20 -25.75
CA ALA D 492 12.52 19.86 -26.51
C ALA D 492 11.77 18.86 -27.38
N GLU D 493 10.45 18.80 -27.21
CA GLU D 493 9.57 17.94 -28.01
C GLU D 493 9.95 16.46 -27.87
N HIS D 494 10.32 16.05 -26.66
CA HIS D 494 10.59 14.65 -26.35
C HIS D 494 9.68 14.17 -25.24
N PRO D 495 8.60 13.45 -25.55
CA PRO D 495 7.63 13.08 -24.52
C PRO D 495 8.16 12.03 -23.56
N VAL D 496 7.54 11.99 -22.38
CA VAL D 496 7.81 10.98 -21.36
C VAL D 496 6.50 10.37 -20.91
N LEU D 497 6.59 9.25 -20.20
CA LEU D 497 5.42 8.51 -19.74
C LEU D 497 5.35 8.54 -18.22
N LEU D 498 4.18 8.87 -17.69
CA LEU D 498 3.95 8.96 -16.26
C LEU D 498 2.99 7.87 -15.81
N ASN D 499 3.32 7.20 -14.71
CA ASN D 499 2.59 6.03 -14.25
C ASN D 499 2.42 6.09 -12.74
N ARG D 500 1.23 5.72 -12.27
CA ARG D 500 0.95 5.67 -10.84
C ARG D 500 0.33 4.32 -10.49
N ALA D 501 0.75 3.76 -9.35
CA ALA D 501 0.27 2.43 -9.00
C ALA D 501 -0.78 2.51 -7.91
N PRO D 502 -1.87 1.73 -7.97
CA PRO D 502 -2.20 0.71 -8.99
C PRO D 502 -2.67 1.27 -10.32
N THR D 503 -2.34 0.57 -11.40
CA THR D 503 -2.83 0.90 -12.74
C THR D 503 -4.10 0.09 -13.00
N LEU D 504 -5.25 0.68 -12.67
CA LEU D 504 -6.50 -0.05 -12.75
C LEU D 504 -7.15 -0.01 -14.13
N HIS D 505 -6.73 0.90 -15.01
CA HIS D 505 -7.29 0.95 -16.35
C HIS D 505 -6.28 1.60 -17.28
N ARG D 506 -6.71 1.91 -18.51
CA ARG D 506 -5.78 2.42 -19.52
C ARG D 506 -5.20 3.76 -19.13
N LEU D 507 -6.02 4.65 -18.60
CA LEU D 507 -5.60 6.01 -18.32
C LEU D 507 -4.66 6.11 -17.14
N GLY D 508 -4.16 5.00 -16.60
CA GLY D 508 -3.10 5.04 -15.61
C GLY D 508 -1.73 5.29 -16.17
N ILE D 509 -1.60 5.36 -17.49
CA ILE D 509 -0.37 5.73 -18.16
C ILE D 509 -0.71 6.79 -19.20
N GLN D 510 0.04 7.89 -19.20
CA GLN D 510 -0.20 8.97 -20.14
C GLN D 510 1.12 9.64 -20.47
N ALA D 511 1.17 10.30 -21.62
CA ALA D 511 2.38 10.91 -22.12
C ALA D 511 2.26 12.43 -22.10
N PHE D 512 3.27 13.09 -21.55
CA PHE D 512 3.32 14.54 -21.41
C PHE D 512 4.57 15.08 -22.08
N GLU D 513 4.75 16.40 -22.03
CA GLU D 513 5.93 17.06 -22.57
C GLU D 513 6.67 17.75 -21.44
N PRO D 514 7.91 17.34 -21.13
CA PRO D 514 8.55 17.81 -19.91
C PRO D 514 8.94 19.28 -19.95
N MET D 515 8.96 19.90 -18.77
CA MET D 515 9.43 21.24 -18.55
C MET D 515 10.35 21.25 -17.34
N LEU D 516 11.39 22.08 -17.39
CA LEU D 516 12.35 22.15 -16.30
C LEU D 516 11.85 23.09 -15.22
N VAL D 517 11.77 22.60 -13.98
CA VAL D 517 11.34 23.43 -12.86
C VAL D 517 12.42 23.45 -11.78
N GLU D 518 12.21 24.23 -10.74
CA GLU D 518 13.12 24.35 -9.62
C GLU D 518 12.50 23.66 -8.41
N GLY D 519 13.20 22.67 -7.87
CA GLY D 519 12.71 21.93 -6.73
C GLY D 519 13.02 20.46 -6.91
N LYS D 520 12.36 19.63 -6.11
CA LYS D 520 12.58 18.19 -6.19
C LYS D 520 11.26 17.42 -6.34
N ALA D 521 10.19 18.09 -6.76
CA ALA D 521 8.89 17.45 -6.93
C ALA D 521 8.39 17.63 -8.35
N ILE D 522 7.55 16.70 -8.78
CA ILE D 522 6.94 16.74 -10.11
C ILE D 522 5.62 17.50 -10.02
N GLN D 523 5.35 18.34 -11.03
CA GLN D 523 4.14 19.14 -11.06
C GLN D 523 3.16 18.53 -12.04
N LEU D 524 1.94 18.29 -11.58
CA LEU D 524 0.93 17.57 -12.34
C LEU D 524 -0.26 18.48 -12.58
N HIS D 525 -0.87 18.36 -13.76
CA HIS D 525 -2.01 19.20 -14.10
C HIS D 525 -3.19 18.85 -13.19
N PRO D 526 -3.99 19.85 -12.79
CA PRO D 526 -5.14 19.56 -11.93
C PRO D 526 -6.20 18.68 -12.56
N LEU D 527 -6.26 18.59 -13.90
CA LEU D 527 -7.37 17.91 -14.57
C LEU D 527 -7.13 16.44 -14.84
N VAL D 528 -5.93 15.91 -14.56
CA VAL D 528 -5.65 14.49 -14.76
C VAL D 528 -5.74 13.68 -13.48
N CYS D 529 -6.05 14.33 -12.35
CA CYS D 529 -6.12 13.61 -11.09
C CYS D 529 -7.30 12.64 -11.04
N GLU D 530 -8.37 12.94 -11.76
CA GLU D 530 -9.49 11.99 -11.80
C GLU D 530 -9.11 10.71 -12.52
N ALA D 531 -8.36 10.82 -13.62
CA ALA D 531 -7.93 9.61 -14.33
C ALA D 531 -6.85 8.86 -13.56
N PHE D 532 -5.92 9.59 -12.95
CA PHE D 532 -4.88 8.94 -12.15
C PHE D 532 -5.35 8.55 -10.76
N ASN D 533 -6.43 9.15 -10.26
CA ASN D 533 -6.89 8.93 -8.89
C ASN D 533 -5.82 9.32 -7.87
N ALA D 534 -5.31 10.54 -8.00
CA ALA D 534 -4.15 10.98 -7.24
C ALA D 534 -4.50 12.26 -6.49
N ASP D 535 -4.47 12.19 -5.16
CA ASP D 535 -4.52 13.38 -4.33
C ASP D 535 -3.10 13.91 -4.15
N PHE D 536 -2.90 14.87 -3.26
CA PHE D 536 -1.61 15.51 -3.07
C PHE D 536 -1.22 15.49 -1.61
N ASP D 537 -1.34 14.33 -0.97
CA ASP D 537 -0.94 14.17 0.42
C ASP D 537 0.14 13.10 0.59
N GLY D 538 0.95 12.88 -0.44
CA GLY D 538 2.08 11.97 -0.31
C GLY D 538 2.26 10.96 -1.42
N ASP D 539 1.54 11.10 -2.52
CA ASP D 539 1.64 10.14 -3.61
C ASP D 539 2.97 10.26 -4.35
N GLN D 540 3.32 9.20 -5.08
CA GLN D 540 4.54 9.16 -5.86
C GLN D 540 4.23 8.57 -7.23
N MET D 541 4.97 9.03 -8.25
CA MET D 541 4.79 8.54 -9.60
C MET D 541 6.15 8.26 -10.24
N ALA D 542 6.13 7.45 -11.30
CA ALA D 542 7.33 7.01 -11.99
C ALA D 542 7.38 7.56 -13.40
N VAL D 543 8.59 7.73 -13.92
CA VAL D 543 8.85 8.32 -15.23
C VAL D 543 9.60 7.32 -16.08
N HIS D 544 9.23 7.22 -17.36
CA HIS D 544 9.89 6.35 -18.31
C HIS D 544 10.17 7.15 -19.58
N LEU D 545 11.21 6.76 -20.30
CA LEU D 545 11.69 7.54 -21.44
C LEU D 545 11.67 6.71 -22.72
N PRO D 546 10.86 7.07 -23.72
CA PRO D 546 10.94 6.38 -25.01
C PRO D 546 12.22 6.75 -25.75
N LEU D 547 12.70 5.80 -26.56
CA LEU D 547 14.01 5.93 -27.21
C LEU D 547 13.93 5.98 -28.73
N SER D 548 13.29 5.01 -29.36
CA SER D 548 13.32 4.91 -30.81
C SER D 548 12.29 5.83 -31.44
N ALA D 549 12.23 5.81 -32.78
CA ALA D 549 11.29 6.67 -33.50
C ALA D 549 9.86 6.16 -33.36
N GLU D 550 9.66 4.84 -33.42
CA GLU D 550 8.32 4.29 -33.28
C GLU D 550 7.75 4.53 -31.89
N ALA D 551 8.57 4.37 -30.85
CA ALA D 551 8.09 4.62 -29.50
C ALA D 551 7.72 6.08 -29.31
N GLN D 552 8.53 6.99 -29.84
CA GLN D 552 8.21 8.42 -29.75
C GLN D 552 6.92 8.74 -30.50
N ALA D 553 6.75 8.16 -31.69
CA ALA D 553 5.53 8.41 -32.45
C ALA D 553 4.30 7.88 -31.74
N GLU D 554 4.39 6.70 -31.13
CA GLU D 554 3.28 6.18 -30.37
C GLU D 554 2.96 7.05 -29.17
N ALA D 555 3.98 7.50 -28.45
CA ALA D 555 3.75 8.36 -27.29
C ALA D 555 3.12 9.69 -27.70
N ARG D 556 3.55 10.25 -28.84
CA ARG D 556 3.06 11.55 -29.26
C ARG D 556 1.67 11.47 -29.88
N ILE D 557 1.29 10.34 -30.46
CA ILE D 557 0.01 10.23 -31.18
C ILE D 557 -1.04 9.49 -30.38
N LEU D 558 -0.70 8.32 -29.84
CA LEU D 558 -1.69 7.46 -29.21
C LEU D 558 -1.97 7.81 -27.75
N MET D 559 -0.97 8.29 -27.02
CA MET D 559 -1.05 8.36 -25.57
C MET D 559 -1.10 9.77 -25.01
N LEU D 560 -1.08 10.80 -25.84
CA LEU D 560 -1.03 12.16 -25.31
C LEU D 560 -2.26 12.45 -24.45
N SER D 561 -2.05 13.21 -23.37
CA SER D 561 -3.13 13.45 -22.42
C SER D 561 -4.27 14.23 -23.05
N SER D 562 -3.96 15.21 -23.90
CA SER D 562 -5.01 15.99 -24.53
C SER D 562 -5.80 15.22 -25.58
N ASN D 563 -5.40 14.00 -25.91
CA ASN D 563 -6.17 13.14 -26.79
C ASN D 563 -7.07 12.16 -26.05
N ASN D 564 -6.82 11.92 -24.76
CA ASN D 564 -7.57 10.95 -23.97
C ASN D 564 -8.37 11.72 -22.91
N ILE D 565 -9.56 12.16 -23.29
CA ILE D 565 -10.44 12.90 -22.40
C ILE D 565 -11.66 12.08 -22.02
N LEU D 566 -12.24 11.33 -22.95
CA LEU D 566 -13.43 10.54 -22.71
C LEU D 566 -13.06 9.19 -22.11
N SER D 567 -13.86 8.74 -21.15
CA SER D 567 -13.61 7.45 -20.53
C SER D 567 -13.95 6.33 -21.50
N PRO D 568 -13.12 5.28 -21.58
CA PRO D 568 -13.36 4.21 -22.56
C PRO D 568 -14.39 3.19 -22.13
N ALA D 569 -14.91 3.27 -20.90
CA ALA D 569 -15.88 2.29 -20.41
C ALA D 569 -17.32 2.78 -20.52
N SER D 570 -17.55 4.09 -20.46
CA SER D 570 -18.90 4.62 -20.55
C SER D 570 -19.04 5.80 -21.50
N GLY D 571 -17.93 6.34 -22.00
CA GLY D 571 -18.00 7.48 -22.90
C GLY D 571 -18.24 8.81 -22.24
N ARG D 572 -18.11 8.90 -20.93
CA ARG D 572 -18.31 10.16 -20.22
C ARG D 572 -16.98 10.89 -20.06
N PRO D 573 -16.99 12.22 -20.00
CA PRO D 573 -15.73 12.96 -19.92
C PRO D 573 -15.10 12.82 -18.54
N LEU D 574 -13.77 12.69 -18.52
CA LEU D 574 -13.01 12.58 -17.29
C LEU D 574 -12.26 13.85 -16.92
N ALA D 575 -11.67 14.54 -17.91
CA ALA D 575 -11.01 15.82 -17.67
C ALA D 575 -12.07 16.90 -17.66
N MET D 576 -12.67 17.08 -16.49
CA MET D 576 -13.78 18.00 -16.26
C MET D 576 -13.49 18.83 -15.02
N PRO D 577 -14.05 20.05 -14.95
CA PRO D 577 -13.92 20.83 -13.71
C PRO D 577 -14.57 20.10 -12.54
N ARG D 578 -13.93 20.18 -11.37
CA ARG D 578 -14.44 19.55 -10.17
C ARG D 578 -13.93 20.30 -8.95
N LEU D 579 -14.66 20.15 -7.85
CA LEU D 579 -14.26 20.67 -6.53
C LEU D 579 -14.22 22.19 -6.50
N ASP D 580 -13.02 22.77 -6.59
CA ASP D 580 -12.90 24.23 -6.47
C ASP D 580 -13.47 24.92 -7.70
N MET D 581 -13.23 24.36 -8.89
CA MET D 581 -13.68 24.99 -10.11
C MET D 581 -15.20 25.01 -10.17
N VAL D 582 -15.85 23.96 -9.68
CA VAL D 582 -17.30 23.91 -9.70
C VAL D 582 -17.89 25.00 -8.82
N THR D 583 -17.31 25.21 -7.63
CA THR D 583 -17.80 26.28 -6.77
C THR D 583 -17.57 27.65 -7.42
N GLY D 584 -16.41 27.86 -8.03
CA GLY D 584 -16.16 29.15 -8.67
C GLY D 584 -17.12 29.43 -9.82
N LEU D 585 -17.43 28.41 -10.61
CA LEU D 585 -18.29 28.60 -11.78
C LEU D 585 -19.76 28.55 -11.40
N TYR D 586 -20.10 28.06 -10.21
CA TYR D 586 -21.46 28.12 -9.74
C TYR D 586 -21.74 29.43 -9.05
N TYR D 587 -20.72 30.01 -8.39
CA TYR D 587 -20.87 31.35 -7.83
C TYR D 587 -20.96 32.39 -8.94
N LEU D 588 -20.17 32.25 -10.00
CA LEU D 588 -20.11 33.29 -11.01
C LEU D 588 -21.45 33.43 -11.75
N THR D 589 -22.06 32.30 -12.10
CA THR D 589 -23.26 32.26 -12.94
C THR D 589 -24.54 32.19 -12.13
N THR D 590 -24.56 32.76 -10.94
CA THR D 590 -25.73 32.71 -10.05
C THR D 590 -26.42 34.06 -10.03
N GLU D 591 -27.75 34.05 -10.11
CA GLU D 591 -28.55 35.27 -10.16
C GLU D 591 -29.09 35.56 -8.77
N VAL D 592 -28.76 36.72 -8.23
CA VAL D 592 -29.20 37.15 -6.90
C VAL D 592 -30.27 38.21 -7.08
N PRO D 593 -31.51 37.95 -6.68
CA PRO D 593 -32.55 38.98 -6.83
C PRO D 593 -32.35 40.13 -5.85
N GLY D 594 -32.58 41.34 -6.35
CA GLY D 594 -32.39 42.53 -5.55
C GLY D 594 -30.94 42.81 -5.20
N ASP D 595 -30.13 43.11 -6.20
CA ASP D 595 -28.71 43.41 -6.01
C ASP D 595 -28.42 44.83 -6.49
N THR D 596 -27.14 45.18 -6.52
CA THR D 596 -26.73 46.55 -6.81
C THR D 596 -26.75 46.80 -8.31
N GLY D 597 -27.50 47.82 -8.73
CA GLY D 597 -27.52 48.22 -10.12
C GLY D 597 -28.30 47.34 -11.06
N GLU D 598 -29.32 46.64 -10.56
CA GLU D 598 -30.12 45.76 -11.41
C GLU D 598 -31.07 46.59 -12.27
N TYR D 599 -31.79 45.90 -13.16
CA TYR D 599 -32.72 46.55 -14.07
C TYR D 599 -33.98 47.00 -13.32
N GLN D 600 -34.23 48.31 -13.34
CA GLN D 600 -35.44 48.87 -12.73
C GLN D 600 -36.34 49.45 -13.80
N PRO D 601 -37.46 48.83 -14.14
CA PRO D 601 -38.34 49.36 -15.20
C PRO D 601 -39.15 50.56 -14.72
N ALA D 602 -38.46 51.68 -14.51
CA ALA D 602 -39.10 52.84 -13.93
C ALA D 602 -39.66 53.77 -15.01
N SER D 603 -40.56 54.65 -14.58
CA SER D 603 -41.16 55.64 -15.45
C SER D 603 -41.39 56.93 -14.67
N GLY D 604 -41.63 58.02 -15.38
CA GLY D 604 -41.87 59.29 -14.73
C GLY D 604 -40.60 59.97 -14.25
N ASP D 605 -39.97 59.38 -13.24
CA ASP D 605 -38.78 59.99 -12.66
C ASP D 605 -37.56 59.84 -13.58
N HIS D 606 -37.26 58.62 -14.01
CA HIS D 606 -36.08 58.38 -14.82
C HIS D 606 -36.34 57.17 -15.71
N PRO D 607 -35.54 56.97 -16.76
CA PRO D 607 -35.81 55.86 -17.69
C PRO D 607 -35.35 54.50 -17.17
N GLU D 608 -34.90 53.64 -18.09
CA GLU D 608 -34.58 52.26 -17.74
C GLU D 608 -33.55 52.16 -16.63
N THR D 609 -32.53 53.01 -16.65
CA THR D 609 -31.50 53.05 -15.59
C THR D 609 -30.97 51.65 -15.27
N GLY D 610 -30.14 51.16 -16.19
CA GLY D 610 -29.58 49.83 -16.05
C GLY D 610 -29.47 49.06 -17.35
N VAL D 611 -29.62 49.74 -18.47
CA VAL D 611 -29.35 49.18 -19.79
C VAL D 611 -27.94 49.59 -20.21
N TYR D 612 -27.16 48.63 -20.67
CA TYR D 612 -25.77 48.86 -21.07
C TYR D 612 -25.60 48.61 -22.55
N SER D 613 -24.70 49.37 -23.17
CA SER D 613 -24.53 49.33 -24.62
C SER D 613 -23.44 48.36 -25.08
N SER D 614 -22.70 47.75 -24.18
CA SER D 614 -21.64 46.81 -24.53
C SER D 614 -21.13 46.15 -23.25
N PRO D 615 -20.55 44.97 -23.35
CA PRO D 615 -19.92 44.35 -22.18
C PRO D 615 -18.79 45.18 -21.58
N ALA D 616 -18.06 45.93 -22.41
CA ALA D 616 -16.96 46.75 -21.89
C ALA D 616 -17.48 47.83 -20.94
N GLU D 617 -18.60 48.46 -21.28
CA GLU D 617 -19.18 49.46 -20.38
C GLU D 617 -19.63 48.82 -19.07
N ALA D 618 -20.18 47.61 -19.15
CA ALA D 618 -20.60 46.91 -17.93
C ALA D 618 -19.39 46.59 -17.05
N ILE D 619 -18.29 46.17 -17.65
CA ILE D 619 -17.08 45.88 -16.88
C ILE D 619 -16.53 47.15 -16.25
N MET D 620 -16.50 48.24 -17.00
CA MET D 620 -16.02 49.50 -16.43
C MET D 620 -16.91 49.97 -15.29
N ALA D 621 -18.21 49.73 -15.38
CA ALA D 621 -19.10 50.10 -14.27
C ALA D 621 -18.87 49.19 -13.06
N ALA D 622 -18.59 47.91 -13.31
CA ALA D 622 -18.36 46.99 -12.19
C ALA D 622 -17.02 47.23 -11.52
N ASP D 623 -16.05 47.84 -12.22
CA ASP D 623 -14.78 48.18 -11.60
C ASP D 623 -14.89 49.37 -10.65
N ARG D 624 -16.01 50.08 -10.64
CA ARG D 624 -16.19 51.25 -9.80
C ARG D 624 -17.07 50.98 -8.59
N GLY D 625 -17.63 49.78 -8.47
CA GLY D 625 -18.52 49.45 -7.38
C GLY D 625 -19.99 49.75 -7.63
N VAL D 626 -20.32 50.37 -8.77
CA VAL D 626 -21.71 50.69 -9.06
C VAL D 626 -22.52 49.43 -9.32
N LEU D 627 -21.94 48.45 -10.01
CA LEU D 627 -22.65 47.25 -10.45
C LEU D 627 -22.01 46.02 -9.84
N SER D 628 -22.86 45.07 -9.45
CA SER D 628 -22.41 43.78 -8.95
C SER D 628 -22.42 42.76 -10.09
N VAL D 629 -21.53 41.78 -9.99
CA VAL D 629 -21.39 40.79 -11.05
C VAL D 629 -22.67 39.97 -11.22
N ARG D 630 -23.38 39.72 -10.12
CA ARG D 630 -24.55 38.84 -10.11
C ARG D 630 -25.87 39.60 -10.06
N ALA D 631 -25.98 40.74 -10.72
CA ALA D 631 -27.21 41.52 -10.75
C ALA D 631 -27.76 41.51 -12.17
N LYS D 632 -29.07 41.27 -12.30
CA LYS D 632 -29.70 41.15 -13.60
C LYS D 632 -29.75 42.50 -14.31
N ILE D 633 -29.32 42.52 -15.57
CA ILE D 633 -29.24 43.74 -16.37
C ILE D 633 -29.66 43.41 -17.80
N LYS D 634 -29.69 44.44 -18.64
CA LYS D 634 -29.90 44.29 -20.08
C LYS D 634 -28.70 44.87 -20.81
N VAL D 635 -28.05 44.07 -21.63
CA VAL D 635 -26.81 44.44 -22.29
C VAL D 635 -26.90 44.08 -23.76
N ARG D 636 -26.36 44.94 -24.62
CA ARG D 636 -26.36 44.71 -26.07
C ARG D 636 -25.15 43.84 -26.43
N LEU D 637 -25.41 42.64 -26.92
CA LEU D 637 -24.37 41.70 -27.30
C LEU D 637 -24.20 41.70 -28.81
N THR D 638 -22.95 41.57 -29.25
CA THR D 638 -22.63 41.61 -30.67
C THR D 638 -21.93 40.37 -31.18
N GLN D 639 -20.97 39.83 -30.42
CA GLN D 639 -20.17 38.71 -30.87
C GLN D 639 -20.59 37.38 -30.25
N LEU D 640 -21.77 37.31 -29.63
CA LEU D 640 -22.25 36.08 -29.02
C LEU D 640 -23.49 35.58 -29.74
N ARG D 641 -23.52 34.28 -30.00
CA ARG D 641 -24.61 33.69 -30.79
C ARG D 641 -25.88 33.62 -29.98
N PRO D 642 -27.01 34.09 -30.51
CA PRO D 642 -28.26 34.08 -29.75
C PRO D 642 -28.79 32.66 -29.62
N PRO D 643 -29.67 32.41 -28.65
CA PRO D 643 -30.33 31.10 -28.56
C PRO D 643 -31.18 30.85 -29.79
N VAL D 644 -31.67 29.61 -29.90
CA VAL D 644 -32.34 29.18 -31.12
C VAL D 644 -33.60 30.00 -31.35
N GLU D 645 -34.41 30.16 -30.30
CA GLU D 645 -35.68 30.87 -30.46
C GLU D 645 -35.47 32.35 -30.76
N ILE D 646 -34.50 32.98 -30.09
CA ILE D 646 -34.21 34.39 -30.36
C ILE D 646 -33.70 34.55 -31.77
N GLU D 647 -32.83 33.64 -32.22
CA GLU D 647 -32.31 33.71 -33.57
C GLU D 647 -33.43 33.59 -34.59
N ALA D 648 -34.35 32.66 -34.36
CA ALA D 648 -35.48 32.50 -35.28
C ALA D 648 -36.36 33.75 -35.29
N GLU D 649 -36.57 34.36 -34.12
CA GLU D 649 -37.42 35.53 -34.05
C GLU D 649 -36.79 36.75 -34.71
N LEU D 650 -35.47 36.90 -34.59
CA LEU D 650 -34.83 38.12 -35.08
C LEU D 650 -34.31 37.96 -36.51
N PHE D 651 -33.40 37.02 -36.73
CA PHE D 651 -32.76 36.91 -38.04
C PHE D 651 -33.46 35.90 -38.94
N GLY D 652 -33.95 34.80 -38.38
CA GLY D 652 -34.76 33.86 -39.14
C GLY D 652 -33.95 32.98 -40.06
N HIS D 653 -33.41 33.56 -41.14
CA HIS D 653 -32.68 32.76 -42.12
C HIS D 653 -31.32 32.32 -41.59
N SER D 654 -30.58 33.23 -40.93
CA SER D 654 -29.28 32.91 -40.36
C SER D 654 -28.79 34.11 -39.57
N GLY D 655 -27.97 33.83 -38.56
CA GLY D 655 -27.37 34.89 -37.76
C GLY D 655 -25.90 35.11 -38.05
N TRP D 656 -25.57 36.18 -38.80
CA TRP D 656 -24.19 36.51 -39.12
C TRP D 656 -23.55 37.18 -37.90
N GLN D 657 -23.29 36.37 -36.90
CA GLN D 657 -22.90 36.80 -35.55
C GLN D 657 -21.61 37.62 -35.47
N PRO D 658 -20.68 37.52 -36.44
CA PRO D 658 -19.54 38.44 -36.43
C PRO D 658 -19.88 39.91 -36.19
N GLY D 659 -21.02 40.39 -36.69
CA GLY D 659 -21.34 41.79 -36.51
C GLY D 659 -22.79 42.16 -36.32
N ASP D 660 -23.65 41.21 -35.95
CA ASP D 660 -25.08 41.46 -35.79
C ASP D 660 -25.42 41.55 -34.31
N ALA D 661 -26.19 42.58 -33.95
CA ALA D 661 -26.46 42.92 -32.57
C ALA D 661 -27.88 42.53 -32.17
N TRP D 662 -28.02 42.04 -30.94
CA TRP D 662 -29.31 41.69 -30.36
C TRP D 662 -29.34 42.18 -28.93
N MET D 663 -30.38 41.80 -28.19
CA MET D 663 -30.57 42.20 -26.80
C MET D 663 -30.62 40.97 -25.90
N ALA D 664 -29.95 41.05 -24.77
CA ALA D 664 -29.88 39.95 -23.83
C ALA D 664 -30.37 40.42 -22.47
N GLU D 665 -31.14 39.57 -21.80
CA GLU D 665 -31.59 39.81 -20.44
C GLU D 665 -30.89 38.80 -19.54
N THR D 666 -29.71 39.16 -19.07
CA THR D 666 -28.87 38.24 -18.31
C THR D 666 -28.07 39.04 -17.28
N THR D 667 -27.07 38.40 -16.69
CA THR D 667 -26.16 39.02 -15.75
C THR D 667 -24.79 39.16 -16.39
N LEU D 668 -23.87 39.79 -15.68
CA LEU D 668 -22.51 39.93 -16.19
C LEU D 668 -21.75 38.61 -16.13
N GLY D 669 -21.94 37.85 -15.05
CA GLY D 669 -21.23 36.59 -14.93
C GLY D 669 -21.54 35.62 -16.04
N ARG D 670 -22.79 35.62 -16.52
CA ARG D 670 -23.14 34.72 -17.62
C ARG D 670 -22.46 35.14 -18.91
N VAL D 671 -22.29 36.44 -19.13
CA VAL D 671 -21.57 36.90 -20.32
C VAL D 671 -20.10 36.52 -20.24
N MET D 672 -19.47 36.74 -19.07
CA MET D 672 -18.07 36.36 -18.94
C MET D 672 -17.87 34.86 -18.92
N PHE D 673 -18.92 34.08 -18.65
CA PHE D 673 -18.82 32.64 -18.80
C PHE D 673 -18.96 32.22 -20.26
N ASN D 674 -19.92 32.82 -20.98
CA ASN D 674 -20.13 32.47 -22.37
C ASN D 674 -19.02 32.96 -23.28
N GLU D 675 -18.21 33.91 -22.83
CA GLU D 675 -17.06 34.28 -23.66
C GLU D 675 -15.94 33.26 -23.63
N LEU D 676 -16.09 32.15 -22.89
CA LEU D 676 -15.09 31.09 -22.86
C LEU D 676 -15.40 29.95 -23.82
N LEU D 677 -16.66 29.74 -24.16
CA LEU D 677 -17.04 28.68 -25.09
C LEU D 677 -16.67 29.10 -26.51
N PRO D 678 -16.64 28.14 -27.45
CA PRO D 678 -16.27 28.48 -28.83
C PRO D 678 -17.17 29.56 -29.42
N LEU D 679 -16.75 30.08 -30.58
CA LEU D 679 -17.41 31.23 -31.16
C LEU D 679 -18.83 30.90 -31.62
N GLY D 680 -19.02 29.73 -32.22
CA GLY D 680 -20.32 29.42 -32.81
C GLY D 680 -21.27 28.70 -31.87
N TYR D 681 -20.98 28.73 -30.58
CA TYR D 681 -21.82 28.07 -29.59
C TYR D 681 -22.92 29.01 -29.13
N PRO D 682 -24.18 28.60 -29.21
CA PRO D 682 -25.28 29.50 -28.81
C PRO D 682 -25.26 29.83 -27.32
N PHE D 683 -25.79 31.01 -27.00
CA PHE D 683 -25.83 31.49 -25.63
C PHE D 683 -26.56 30.49 -24.73
N VAL D 684 -26.06 30.32 -23.52
CA VAL D 684 -26.58 29.29 -22.62
C VAL D 684 -27.63 29.87 -21.67
N ASN D 685 -27.23 30.82 -20.83
CA ASN D 685 -28.13 31.47 -19.87
C ASN D 685 -28.74 30.48 -18.88
N LYS D 686 -27.88 29.84 -18.10
CA LYS D 686 -28.34 28.92 -17.07
C LYS D 686 -27.32 28.89 -15.93
N GLN D 687 -27.78 28.42 -14.78
CA GLN D 687 -26.90 28.27 -13.63
C GLN D 687 -26.11 26.98 -13.76
N MET D 688 -24.81 27.05 -13.46
CA MET D 688 -23.90 25.97 -13.81
C MET D 688 -23.76 24.99 -12.64
N HIS D 689 -24.79 24.18 -12.47
CA HIS D 689 -24.66 22.99 -11.66
C HIS D 689 -23.76 22.00 -12.38
N LYS D 690 -23.20 21.04 -11.65
CA LYS D 690 -22.22 20.13 -12.25
C LYS D 690 -22.82 19.34 -13.40
N LYS D 691 -24.10 19.01 -13.34
CA LYS D 691 -24.75 18.28 -14.43
C LYS D 691 -24.74 19.11 -15.71
N VAL D 692 -25.00 20.41 -15.59
CA VAL D 692 -25.01 21.27 -16.77
C VAL D 692 -23.63 21.33 -17.41
N GLN D 693 -22.58 21.45 -16.60
CA GLN D 693 -21.22 21.44 -17.13
C GLN D 693 -20.91 20.13 -17.84
N ALA D 694 -21.32 19.01 -17.25
CA ALA D 694 -21.07 17.72 -17.90
C ALA D 694 -21.79 17.63 -19.24
N ALA D 695 -23.04 18.11 -19.30
CA ALA D 695 -23.77 18.10 -20.56
C ALA D 695 -23.10 18.96 -21.62
N ILE D 696 -22.65 20.17 -21.23
CA ILE D 696 -21.99 21.05 -22.18
C ILE D 696 -20.72 20.41 -22.71
N ILE D 697 -19.92 19.82 -21.82
CA ILE D 697 -18.67 19.20 -22.25
C ILE D 697 -18.94 18.02 -23.18
N ASN D 698 -19.96 17.22 -22.87
CA ASN D 698 -20.28 16.09 -23.73
C ASN D 698 -20.72 16.55 -25.12
N ASP D 699 -21.55 17.58 -25.19
CA ASP D 699 -21.97 18.10 -26.49
C ASP D 699 -20.78 18.65 -27.28
N LEU D 700 -19.91 19.41 -26.62
CA LEU D 700 -18.72 19.93 -27.30
C LEU D 700 -17.84 18.80 -27.80
N ALA D 701 -17.66 17.75 -27.00
CA ALA D 701 -16.81 16.65 -27.41
C ALA D 701 -17.39 15.88 -28.58
N GLU D 702 -18.72 15.75 -28.64
CA GLU D 702 -19.33 14.96 -29.70
C GLU D 702 -19.59 15.74 -30.98
N ARG D 703 -19.56 17.09 -30.94
CA ARG D 703 -19.88 17.87 -32.13
C ARG D 703 -18.74 18.72 -32.65
N TYR D 704 -17.58 18.72 -32.01
CA TYR D 704 -16.45 19.54 -32.38
C TYR D 704 -15.18 18.68 -32.39
N PRO D 705 -14.13 19.13 -33.09
CA PRO D 705 -12.86 18.40 -33.05
C PRO D 705 -12.33 18.30 -31.63
N MET D 706 -11.33 17.45 -31.46
CA MET D 706 -10.80 17.12 -30.14
C MET D 706 -9.74 18.10 -29.66
N ILE D 707 -9.43 19.14 -30.43
CA ILE D 707 -8.47 20.13 -29.98
C ILE D 707 -9.17 21.33 -29.32
N VAL D 708 -10.35 21.71 -29.81
CA VAL D 708 -11.06 22.82 -29.18
C VAL D 708 -11.57 22.44 -27.79
N VAL D 709 -11.89 21.17 -27.56
CA VAL D 709 -12.31 20.75 -26.22
C VAL D 709 -11.15 20.88 -25.24
N ALA D 710 -9.96 20.44 -25.65
CA ALA D 710 -8.79 20.57 -24.79
C ALA D 710 -8.40 22.03 -24.57
N GLN D 711 -8.61 22.88 -25.57
CA GLN D 711 -8.34 24.30 -25.39
C GLN D 711 -9.41 24.99 -24.55
N THR D 712 -10.61 24.43 -24.48
CA THR D 712 -11.71 25.04 -23.73
C THR D 712 -11.68 24.67 -22.26
N VAL D 713 -11.32 23.42 -21.94
CA VAL D 713 -11.27 23.05 -20.53
C VAL D 713 -10.18 23.83 -19.82
N ASP D 714 -9.07 24.13 -20.51
CA ASP D 714 -7.97 24.84 -19.89
C ASP D 714 -8.34 26.27 -19.54
N LYS D 715 -9.25 26.89 -20.28
CA LYS D 715 -9.69 28.24 -19.95
C LYS D 715 -10.90 28.26 -19.04
N LEU D 716 -11.66 27.16 -18.96
CA LEU D 716 -12.66 27.05 -17.91
C LEU D 716 -12.01 26.90 -16.54
N LYS D 717 -10.90 26.15 -16.49
CA LYS D 717 -10.21 25.93 -15.22
C LYS D 717 -9.67 27.24 -14.63
N ASP D 718 -9.14 28.13 -15.48
CA ASP D 718 -8.61 29.40 -15.00
C ASP D 718 -9.70 30.23 -14.34
N ALA D 719 -10.86 30.37 -15.00
CA ALA D 719 -11.94 31.15 -14.42
C ALA D 719 -12.48 30.51 -13.15
N GLY D 720 -12.57 29.17 -13.12
CA GLY D 720 -13.00 28.51 -11.90
C GLY D 720 -12.08 28.79 -10.74
N PHE D 721 -10.77 28.67 -10.95
CA PHE D 721 -9.81 28.92 -9.88
C PHE D 721 -9.78 30.38 -9.47
N TYR D 722 -9.97 31.30 -10.42
CA TYR D 722 -9.98 32.72 -10.07
C TYR D 722 -11.20 33.08 -9.24
N TRP D 723 -12.36 32.54 -9.57
CA TRP D 723 -13.59 32.92 -8.87
C TRP D 723 -13.89 32.06 -7.66
N ALA D 724 -13.13 30.98 -7.43
CA ALA D 724 -13.30 30.23 -6.19
C ALA D 724 -12.83 31.01 -4.97
N THR D 725 -11.77 31.82 -5.13
CA THR D 725 -11.21 32.53 -3.98
C THR D 725 -11.97 33.80 -3.62
N ARG D 726 -12.85 34.27 -4.49
CA ARG D 726 -13.66 35.47 -4.23
C ARG D 726 -15.13 35.15 -4.05
N SER D 727 -15.45 33.91 -3.67
CA SER D 727 -16.82 33.48 -3.47
C SER D 727 -17.21 33.43 -1.99
N GLY D 728 -16.26 33.59 -1.09
CA GLY D 728 -16.55 33.62 0.34
C GLY D 728 -17.04 32.31 0.93
N VAL D 729 -16.44 31.20 0.53
CA VAL D 729 -16.73 29.91 1.16
C VAL D 729 -15.70 29.68 2.25
N THR D 730 -16.15 29.66 3.50
CA THR D 730 -15.26 29.48 4.63
C THR D 730 -16.04 28.82 5.76
N VAL D 731 -15.31 28.16 6.65
CA VAL D 731 -15.91 27.37 7.73
C VAL D 731 -15.56 28.02 9.06
N SER D 732 -16.57 28.27 9.88
CA SER D 732 -16.39 28.75 11.24
C SER D 732 -17.18 27.80 12.13
N MET D 733 -17.50 28.24 13.34
CA MET D 733 -18.40 27.48 14.20
C MET D 733 -19.69 28.24 14.45
N ALA D 734 -19.88 29.34 13.74
CA ALA D 734 -21.12 30.12 13.79
C ALA D 734 -21.89 29.98 12.49
N ASP D 735 -21.42 29.14 11.57
CA ASP D 735 -22.11 28.80 10.34
C ASP D 735 -22.78 27.43 10.43
N VAL D 736 -22.30 26.57 11.31
CA VAL D 736 -22.91 25.28 11.60
C VAL D 736 -23.98 25.54 12.65
N LEU D 737 -25.23 25.66 12.22
CA LEU D 737 -26.34 25.97 13.11
C LEU D 737 -27.07 24.69 13.54
N VAL D 738 -27.78 24.80 14.66
CA VAL D 738 -28.51 23.68 15.24
C VAL D 738 -29.98 23.76 14.82
N PRO D 739 -30.74 22.68 14.90
CA PRO D 739 -32.17 22.76 14.61
C PRO D 739 -32.90 23.58 15.67
N PRO D 740 -33.84 24.44 15.27
CA PRO D 740 -34.49 25.32 16.25
C PRO D 740 -35.11 24.59 17.44
N ARG D 741 -35.96 23.60 17.19
CA ARG D 741 -36.65 22.88 18.26
C ARG D 741 -36.37 21.38 18.14
N LYS D 742 -35.19 20.97 18.62
CA LYS D 742 -34.82 19.57 18.65
C LYS D 742 -35.30 18.88 19.92
N LYS D 743 -35.24 19.60 21.04
CA LYS D 743 -35.63 19.05 22.34
C LYS D 743 -37.01 18.42 22.30
N GLU D 744 -38.02 19.13 21.78
CA GLU D 744 -39.38 18.63 21.82
C GLU D 744 -39.56 17.43 20.88
N ILE D 745 -38.88 17.47 19.72
CA ILE D 745 -38.91 16.32 18.83
C ILE D 745 -38.41 15.08 19.55
N LEU D 746 -37.24 15.20 20.19
CA LEU D 746 -36.68 14.05 20.87
C LEU D 746 -37.56 13.61 22.03
N ASP D 747 -38.20 14.56 22.72
CA ASP D 747 -39.05 14.20 23.83
C ASP D 747 -40.24 13.37 23.36
N HIS D 748 -40.92 13.84 22.31
CA HIS D 748 -42.06 13.10 21.78
C HIS D 748 -41.64 11.74 21.23
N TYR D 749 -40.42 11.63 20.72
CA TYR D 749 -39.95 10.34 20.19
C TYR D 749 -39.27 9.50 21.27
N GLU D 750 -39.22 9.99 22.50
CA GLU D 750 -38.71 9.23 23.64
C GLU D 750 -39.83 8.70 24.51
N GLU D 751 -40.94 9.44 24.59
CA GLU D 751 -42.10 8.95 25.34
C GLU D 751 -42.60 7.63 24.77
N ARG D 752 -42.74 7.54 23.44
CA ARG D 752 -43.17 6.30 22.83
C ARG D 752 -42.17 5.17 23.10
N ALA D 753 -40.90 5.51 23.31
CA ALA D 753 -39.91 4.47 23.54
C ALA D 753 -39.99 3.94 24.95
N ASP D 754 -40.30 4.80 25.92
CA ASP D 754 -40.51 4.24 27.25
C ASP D 754 -41.87 3.56 27.34
N LYS D 755 -42.80 3.88 26.44
CA LYS D 755 -44.05 3.15 26.39
C LYS D 755 -43.80 1.73 25.89
N VAL D 756 -43.02 1.59 24.82
CA VAL D 756 -42.62 0.26 24.36
C VAL D 756 -41.90 -0.48 25.47
N GLU D 757 -41.05 0.22 26.23
CA GLU D 757 -40.31 -0.43 27.30
C GLU D 757 -41.26 -0.98 28.36
N LYS D 758 -42.24 -0.16 28.79
CA LYS D 758 -43.23 -0.63 29.74
C LYS D 758 -43.97 -1.86 29.19
N GLN D 759 -44.31 -1.83 27.90
CA GLN D 759 -45.03 -2.97 27.33
C GLN D 759 -44.16 -4.21 27.31
N PHE D 760 -42.85 -4.04 27.15
CA PHE D 760 -41.95 -5.19 27.24
C PHE D 760 -41.88 -5.70 28.67
N GLN D 761 -41.92 -4.79 29.65
CA GLN D 761 -41.90 -5.19 31.05
C GLN D 761 -43.16 -5.95 31.41
N ARG D 762 -44.27 -5.66 30.73
CA ARG D 762 -45.51 -6.40 30.95
C ARG D 762 -45.51 -7.76 30.26
N GLY D 763 -44.48 -8.08 29.50
CA GLY D 763 -44.34 -9.38 28.86
C GLY D 763 -44.97 -9.51 27.49
N ALA D 764 -45.64 -8.46 26.99
CA ALA D 764 -46.34 -8.55 25.70
C ALA D 764 -45.38 -8.97 24.58
N LEU D 765 -44.22 -8.34 24.51
CA LEU D 765 -43.27 -8.59 23.44
C LEU D 765 -42.14 -9.50 23.93
N ASN D 766 -41.48 -10.19 22.98
CA ASN D 766 -40.36 -11.02 23.39
C ASN D 766 -39.08 -10.20 23.51
N HIS D 767 -38.20 -10.29 22.50
CA HIS D 767 -37.04 -9.41 22.45
C HIS D 767 -36.85 -8.81 21.07
N ASP D 768 -37.19 -9.58 20.04
CA ASP D 768 -37.13 -9.06 18.67
C ASP D 768 -38.20 -8.01 18.43
N GLU D 769 -39.32 -8.07 19.14
CA GLU D 769 -40.34 -7.07 18.94
C GLU D 769 -39.95 -5.76 19.62
N ARG D 770 -39.38 -5.86 20.82
CA ARG D 770 -38.84 -4.67 21.48
C ARG D 770 -37.80 -4.01 20.59
N ASN D 771 -36.86 -4.81 20.06
CA ASN D 771 -35.83 -4.27 19.18
C ASN D 771 -36.47 -3.58 17.97
N GLU D 772 -37.35 -4.29 17.26
CA GLU D 772 -37.98 -3.74 16.06
C GLU D 772 -38.63 -2.39 16.34
N ALA D 773 -39.46 -2.33 17.39
CA ALA D 773 -40.19 -1.10 17.67
C ALA D 773 -39.24 0.04 18.00
N LEU D 774 -38.24 -0.23 18.85
CA LEU D 774 -37.23 0.77 19.15
C LEU D 774 -36.60 1.29 17.87
N VAL D 775 -36.12 0.38 17.02
CA VAL D 775 -35.48 0.74 15.76
C VAL D 775 -36.39 1.65 14.94
N GLU D 776 -37.68 1.31 14.85
CA GLU D 776 -38.57 2.10 14.00
C GLU D 776 -38.76 3.52 14.54
N ILE D 777 -38.96 3.64 15.86
CA ILE D 777 -39.07 4.99 16.43
C ILE D 777 -37.80 5.79 16.15
N TRP D 778 -36.64 5.14 16.27
CA TRP D 778 -35.39 5.86 16.11
C TRP D 778 -35.00 6.02 14.64
N LYS D 779 -35.75 5.41 13.73
CA LYS D 779 -35.56 5.61 12.31
C LYS D 779 -36.59 6.58 11.75
N GLU D 780 -37.51 7.02 12.59
CA GLU D 780 -38.42 8.10 12.23
C GLU D 780 -37.95 9.43 12.80
N ALA D 781 -37.46 9.42 14.05
CA ALA D 781 -36.98 10.66 14.65
C ALA D 781 -35.82 11.26 13.85
N THR D 782 -34.90 10.41 13.39
CA THR D 782 -33.76 10.88 12.62
C THR D 782 -34.20 11.70 11.41
N ASP D 783 -35.14 11.17 10.64
CA ASP D 783 -35.53 11.91 9.44
C ASP D 783 -36.50 13.02 9.76
N GLU D 784 -37.03 13.06 10.98
CA GLU D 784 -37.82 14.23 11.36
C GLU D 784 -36.88 15.38 11.68
N VAL D 785 -35.75 15.09 12.32
CA VAL D 785 -34.73 16.13 12.49
C VAL D 785 -34.19 16.56 11.15
N GLY D 786 -33.98 15.60 10.24
CA GLY D 786 -33.58 15.96 8.89
C GLY D 786 -34.52 16.96 8.24
N GLN D 787 -35.82 16.75 8.36
CA GLN D 787 -36.78 17.64 7.71
C GLN D 787 -37.13 18.84 8.58
N ALA D 788 -36.54 18.93 9.78
CA ALA D 788 -36.63 20.12 10.60
C ALA D 788 -35.28 20.82 10.65
N LEU D 789 -34.39 20.43 9.75
CA LEU D 789 -33.08 21.02 9.54
C LEU D 789 -32.87 21.49 8.11
N ARG D 790 -33.49 20.84 7.13
CA ARG D 790 -33.26 21.22 5.74
C ARG D 790 -34.06 22.44 5.33
N GLU D 791 -34.83 23.03 6.23
CA GLU D 791 -35.56 24.27 6.00
C GLU D 791 -34.98 25.46 6.74
N HIS D 792 -34.47 25.25 7.95
CA HIS D 792 -33.87 26.33 8.72
C HIS D 792 -32.70 26.95 8.00
N TYR D 793 -31.76 26.13 7.55
CA TYR D 793 -30.54 26.60 6.89
C TYR D 793 -30.86 27.55 5.75
N PRO D 794 -30.30 28.75 5.73
CA PRO D 794 -30.47 29.64 4.57
C PRO D 794 -29.67 29.13 3.38
N ASP D 795 -30.09 29.55 2.19
CA ASP D 795 -29.51 29.00 0.97
C ASP D 795 -28.21 29.68 0.54
N ASP D 796 -27.53 30.38 1.44
CA ASP D 796 -26.22 30.94 1.14
C ASP D 796 -25.11 30.34 2.00
N ASN D 797 -25.46 29.63 3.06
CA ASN D 797 -24.50 29.05 4.00
C ASN D 797 -23.51 28.18 3.24
N PRO D 798 -22.19 28.41 3.37
CA PRO D 798 -21.18 27.56 2.73
C PRO D 798 -21.44 26.07 2.80
N ILE D 799 -21.98 25.61 3.93
CA ILE D 799 -22.25 24.18 4.08
C ILE D 799 -23.36 23.74 3.13
N ILE D 800 -24.28 24.65 2.81
CA ILE D 800 -25.36 24.30 1.90
C ILE D 800 -24.90 24.48 0.46
N THR D 801 -24.18 25.56 0.17
CA THR D 801 -23.75 25.86 -1.19
C THR D 801 -22.53 25.07 -1.63
N ILE D 802 -22.00 24.18 -0.79
CA ILE D 802 -20.89 23.33 -1.23
C ILE D 802 -21.42 21.95 -1.61
N VAL D 803 -22.53 21.54 -1.01
CA VAL D 803 -23.17 20.29 -1.39
C VAL D 803 -24.31 20.47 -2.39
N ASP D 804 -24.89 21.67 -2.48
CA ASP D 804 -25.96 21.95 -3.42
C ASP D 804 -25.45 22.28 -4.82
N SER D 805 -24.16 22.58 -4.95
CA SER D 805 -23.56 22.86 -6.24
C SER D 805 -22.98 21.61 -6.89
N GLY D 806 -23.01 20.48 -6.22
CA GLY D 806 -22.49 19.24 -6.79
C GLY D 806 -21.01 19.05 -6.63
N ALA D 807 -20.31 19.92 -5.91
CA ALA D 807 -18.87 19.80 -5.74
C ALA D 807 -18.51 18.51 -5.02
N THR D 808 -18.91 18.39 -3.75
CA THR D 808 -18.64 17.21 -2.94
C THR D 808 -19.69 17.07 -1.86
N GLY D 809 -19.82 15.85 -1.35
CA GLY D 809 -20.59 15.61 -0.16
C GLY D 809 -22.06 15.29 -0.42
N ASN D 810 -22.71 14.82 0.63
CA ASN D 810 -24.14 14.53 0.64
C ASN D 810 -24.81 15.40 1.70
N PHE D 811 -26.08 15.13 1.96
CA PHE D 811 -26.77 15.73 3.09
C PHE D 811 -26.77 14.84 4.31
N THR D 812 -26.43 13.56 4.17
CA THR D 812 -26.28 12.70 5.34
C THR D 812 -25.15 13.21 6.24
N GLN D 813 -24.03 13.62 5.64
CA GLN D 813 -22.93 14.18 6.43
C GLN D 813 -23.32 15.49 7.09
N THR D 814 -24.07 16.33 6.39
CA THR D 814 -24.52 17.58 7.00
C THR D 814 -25.51 17.34 8.13
N ARG D 815 -26.33 16.29 8.03
CA ARG D 815 -27.22 15.97 9.14
C ARG D 815 -26.45 15.36 10.30
N THR D 816 -25.41 14.58 10.01
CA THR D 816 -24.57 14.01 11.07
C THR D 816 -23.80 15.09 11.82
N LEU D 817 -23.31 16.10 11.10
CA LEU D 817 -22.45 17.10 11.73
C LEU D 817 -23.24 18.07 12.60
N ALA D 818 -24.45 18.46 12.18
CA ALA D 818 -25.20 19.50 12.86
C ALA D 818 -26.55 19.06 13.38
N GLY D 819 -27.01 17.85 13.07
CA GLY D 819 -28.31 17.39 13.52
C GLY D 819 -28.20 16.29 14.55
N MET D 820 -28.25 15.05 14.08
CA MET D 820 -28.21 13.88 14.94
C MET D 820 -27.61 12.74 14.13
N LYS D 821 -26.64 12.04 14.71
CA LYS D 821 -25.93 11.01 13.97
C LYS D 821 -26.85 9.85 13.61
N GLY D 822 -27.51 9.26 14.61
CA GLY D 822 -28.48 8.23 14.32
C GLY D 822 -28.12 6.90 14.91
N LEU D 823 -28.77 5.84 14.43
CA LEU D 823 -28.51 4.50 14.94
C LEU D 823 -27.22 3.95 14.34
N VAL D 824 -26.44 3.27 15.16
CA VAL D 824 -25.18 2.69 14.73
C VAL D 824 -25.28 1.17 14.85
N THR D 825 -24.28 0.48 14.31
CA THR D 825 -24.27 -0.96 14.24
C THR D 825 -23.39 -1.57 15.32
N ASN D 826 -23.64 -2.84 15.61
CA ASN D 826 -22.93 -3.62 16.59
C ASN D 826 -21.91 -4.52 15.89
N PRO D 827 -20.97 -5.14 16.64
CA PRO D 827 -19.91 -5.92 15.97
C PRO D 827 -20.38 -6.94 14.94
N LYS D 828 -21.61 -7.43 15.03
CA LYS D 828 -22.08 -8.32 13.97
C LYS D 828 -22.61 -7.52 12.78
N GLY D 829 -23.86 -7.10 12.86
CA GLY D 829 -24.45 -6.25 11.84
C GLY D 829 -25.73 -5.56 12.28
N GLU D 830 -26.19 -5.87 13.49
CA GLU D 830 -27.46 -5.36 13.96
C GLU D 830 -27.32 -3.93 14.49
N PHE D 831 -28.46 -3.26 14.64
CA PHE D 831 -28.49 -1.89 15.13
C PHE D 831 -28.67 -1.90 16.63
N ILE D 832 -27.84 -1.13 17.32
CA ILE D 832 -28.00 -1.01 18.78
C ILE D 832 -29.25 -0.18 19.07
N PRO D 833 -30.18 -0.70 19.88
CA PRO D 833 -31.38 0.08 20.26
C PRO D 833 -31.11 1.52 20.64
N ARG D 834 -30.16 1.74 21.53
CA ARG D 834 -29.85 3.09 22.00
C ARG D 834 -29.21 3.91 20.89
N PRO D 835 -29.77 5.07 20.54
CA PRO D 835 -29.20 5.88 19.46
C PRO D 835 -28.18 6.88 19.99
N VAL D 836 -27.43 7.46 19.06
CA VAL D 836 -26.51 8.55 19.35
C VAL D 836 -27.26 9.84 19.04
N LYS D 837 -27.71 10.55 20.07
CA LYS D 837 -28.56 11.70 19.87
C LYS D 837 -27.79 13.02 19.77
N SER D 838 -26.47 13.00 19.94
CA SER D 838 -25.67 14.21 19.93
C SER D 838 -24.96 14.34 18.58
N SER D 839 -24.85 15.58 18.11
CA SER D 839 -24.10 15.83 16.90
C SER D 839 -22.61 15.92 17.21
N PHE D 840 -21.80 15.98 16.15
CA PHE D 840 -20.38 16.22 16.34
C PHE D 840 -20.07 17.67 16.66
N ARG D 841 -21.02 18.58 16.45
CA ARG D 841 -20.85 19.96 16.83
C ARG D 841 -21.01 20.19 18.33
N GLU D 842 -21.71 19.29 19.02
CA GLU D 842 -21.85 19.37 20.47
C GLU D 842 -20.95 18.39 21.22
N GLY D 843 -20.46 17.36 20.54
CA GLY D 843 -19.55 16.42 21.16
C GLY D 843 -20.24 15.22 21.76
N LEU D 844 -19.78 14.02 21.41
CA LEU D 844 -20.31 12.79 21.96
C LEU D 844 -19.77 12.57 23.37
N THR D 845 -20.43 11.66 24.09
CA THR D 845 -20.01 11.32 25.43
C THR D 845 -19.02 10.15 25.36
N VAL D 846 -18.65 9.59 26.51
CA VAL D 846 -17.68 8.50 26.53
C VAL D 846 -18.30 7.23 25.95
N LEU D 847 -19.53 6.92 26.37
CA LEU D 847 -20.17 5.67 25.94
C LEU D 847 -20.59 5.74 24.49
N GLU D 848 -21.15 6.87 24.05
CA GLU D 848 -21.50 7.04 22.64
C GLU D 848 -20.27 6.96 21.76
N TYR D 849 -19.17 7.61 22.19
CA TYR D 849 -17.93 7.52 21.42
C TYR D 849 -17.42 6.09 21.39
N PHE D 850 -17.62 5.33 22.46
CA PHE D 850 -17.10 3.97 22.46
C PHE D 850 -17.92 3.08 21.53
N ILE D 851 -19.24 3.28 21.51
CA ILE D 851 -20.07 2.41 20.68
C ILE D 851 -19.99 2.84 19.21
N ASN D 852 -19.48 4.05 18.95
CA ASN D 852 -19.34 4.52 17.58
C ASN D 852 -18.14 3.94 16.86
N THR D 853 -17.24 3.25 17.55
CA THR D 853 -16.00 2.76 16.98
C THR D 853 -16.14 1.41 16.28
N HIS D 854 -17.35 0.84 16.24
CA HIS D 854 -17.55 -0.47 15.65
C HIS D 854 -17.82 -0.39 14.16
N GLY D 855 -17.97 0.80 13.60
CA GLY D 855 -18.31 0.95 12.20
C GLY D 855 -17.22 1.67 11.44
N ALA D 856 -16.23 2.21 12.16
CA ALA D 856 -15.08 2.82 11.53
C ALA D 856 -13.92 1.85 11.38
N ARG D 857 -13.98 0.70 12.05
CA ARG D 857 -13.00 -0.37 11.93
C ARG D 857 -13.37 -1.36 10.83
N LYS D 858 -14.66 -1.66 10.70
CA LYS D 858 -15.13 -2.53 9.62
C LYS D 858 -14.74 -1.96 8.26
N GLY D 859 -15.05 -0.69 8.03
CA GLY D 859 -14.69 -0.06 6.77
C GLY D 859 -13.19 -0.14 6.49
N LEU D 860 -12.38 -0.11 7.55
CA LEU D 860 -10.94 -0.08 7.33
C LEU D 860 -10.39 -1.48 7.13
N ALA D 861 -11.08 -2.50 7.62
CA ALA D 861 -10.66 -3.87 7.34
C ALA D 861 -11.13 -4.29 5.96
N ASP D 862 -12.26 -3.74 5.51
CA ASP D 862 -12.73 -4.08 4.16
C ASP D 862 -11.90 -3.36 3.11
N THR D 863 -11.40 -2.15 3.43
CA THR D 863 -10.49 -1.47 2.52
C THR D 863 -9.22 -2.27 2.28
N ALA D 864 -8.82 -3.10 3.23
CA ALA D 864 -7.58 -3.86 3.12
C ALA D 864 -7.83 -5.35 3.01
N LEU D 865 -9.04 -5.76 2.67
CA LEU D 865 -9.30 -7.18 2.42
C LEU D 865 -10.12 -7.41 1.14
N ARG D 866 -11.12 -6.57 0.87
CA ARG D 866 -11.90 -6.71 -0.36
C ARG D 866 -11.06 -6.48 -1.61
N THR D 867 -10.10 -5.56 -1.55
CA THR D 867 -9.21 -5.34 -2.69
C THR D 867 -8.49 -6.61 -3.13
N ALA D 868 -8.38 -7.62 -2.27
CA ALA D 868 -7.78 -8.88 -2.71
C ALA D 868 -8.71 -9.60 -3.67
N ASP D 869 -9.98 -9.74 -3.29
CA ASP D 869 -10.94 -10.40 -4.18
C ASP D 869 -11.05 -9.62 -5.49
N SER D 870 -11.09 -8.29 -5.40
CA SER D 870 -11.19 -7.47 -6.60
C SER D 870 -10.01 -7.72 -7.54
N GLY D 871 -8.78 -7.69 -7.01
CA GLY D 871 -7.62 -7.99 -7.82
C GLY D 871 -7.68 -9.36 -8.47
N TYR D 872 -8.03 -10.38 -7.67
CA TYR D 872 -8.17 -11.72 -8.22
C TYR D 872 -9.17 -11.75 -9.37
N LEU D 873 -10.35 -11.14 -9.18
CA LEU D 873 -11.35 -11.08 -10.23
C LEU D 873 -10.79 -10.46 -11.50
N THR D 874 -10.17 -9.29 -11.38
CA THR D 874 -9.52 -8.65 -12.53
C THR D 874 -8.59 -9.62 -13.25
N ARG D 875 -7.66 -10.23 -12.51
CA ARG D 875 -6.66 -11.08 -13.14
C ARG D 875 -7.29 -12.28 -13.83
N ARG D 876 -8.36 -12.83 -13.26
CA ARG D 876 -9.03 -13.96 -13.89
C ARG D 876 -9.82 -13.54 -15.12
N LEU D 877 -10.38 -12.32 -15.12
CA LEU D 877 -11.13 -11.85 -16.28
C LEU D 877 -10.23 -11.48 -17.44
N VAL D 878 -9.04 -10.95 -17.17
CA VAL D 878 -8.16 -10.52 -18.25
C VAL D 878 -7.69 -11.72 -19.06
N ASP D 879 -7.38 -12.84 -18.39
CA ASP D 879 -6.74 -13.97 -19.05
C ASP D 879 -7.68 -14.70 -20.00
N VAL D 880 -8.96 -14.82 -19.64
CA VAL D 880 -9.89 -15.56 -20.50
C VAL D 880 -10.17 -14.79 -21.78
N SER D 881 -10.44 -13.49 -21.68
CA SER D 881 -10.73 -12.67 -22.84
C SER D 881 -9.48 -11.87 -23.24
N GLN D 882 -8.46 -12.61 -23.66
CA GLN D 882 -7.24 -11.99 -24.16
C GLN D 882 -6.99 -12.32 -25.63
N ASP D 883 -7.86 -13.11 -26.26
CA ASP D 883 -7.72 -13.50 -27.66
C ASP D 883 -8.81 -12.92 -28.53
N VAL D 884 -9.55 -11.93 -28.04
CA VAL D 884 -10.61 -11.26 -28.78
C VAL D 884 -10.02 -9.99 -29.36
N ILE D 885 -9.93 -9.93 -30.69
CA ILE D 885 -9.33 -8.79 -31.38
C ILE D 885 -10.14 -8.53 -32.65
N VAL D 886 -10.36 -7.25 -32.97
CA VAL D 886 -11.05 -6.89 -34.20
C VAL D 886 -10.18 -7.31 -35.38
N ARG D 887 -10.72 -8.17 -36.25
CA ARG D 887 -9.96 -8.74 -37.34
C ARG D 887 -10.40 -8.29 -38.73
N GLU D 888 -11.70 -8.03 -38.93
CA GLU D 888 -12.17 -7.58 -40.23
C GLU D 888 -13.13 -6.41 -40.08
N HIS D 889 -13.78 -6.02 -41.18
CA HIS D 889 -14.68 -4.88 -41.17
C HIS D 889 -16.15 -5.27 -41.15
N ASP D 890 -16.52 -6.40 -41.74
CA ASP D 890 -17.93 -6.79 -41.80
C ASP D 890 -18.02 -8.26 -42.16
N CYS D 891 -18.79 -9.02 -41.40
CA CYS D 891 -19.03 -10.42 -41.68
C CYS D 891 -20.30 -10.67 -42.47
N GLN D 892 -21.10 -9.62 -42.72
CA GLN D 892 -22.32 -9.72 -43.52
C GLN D 892 -23.29 -10.77 -42.98
N THR D 893 -23.39 -10.85 -41.66
CA THR D 893 -24.32 -11.78 -41.05
C THR D 893 -25.72 -11.16 -40.97
N GLU D 894 -26.71 -12.01 -40.71
CA GLU D 894 -28.10 -11.58 -40.64
C GLU D 894 -28.73 -11.78 -39.27
N ARG D 895 -28.02 -12.40 -38.34
CA ARG D 895 -28.54 -12.63 -37.00
C ARG D 895 -28.42 -11.36 -36.15
N GLY D 896 -29.02 -11.42 -34.97
CA GLY D 896 -28.99 -10.28 -34.07
C GLY D 896 -29.71 -10.60 -32.79
N ILE D 897 -29.89 -9.56 -31.97
CA ILE D 897 -30.62 -9.66 -30.72
C ILE D 897 -31.68 -8.57 -30.68
N VAL D 898 -32.65 -8.74 -29.80
CA VAL D 898 -33.78 -7.82 -29.69
C VAL D 898 -33.57 -6.95 -28.46
N VAL D 899 -33.80 -5.65 -28.62
CA VAL D 899 -33.58 -4.66 -27.56
C VAL D 899 -34.92 -4.01 -27.22
N GLU D 900 -35.15 -3.80 -25.93
CA GLU D 900 -36.48 -3.38 -25.47
C GLU D 900 -36.84 -2.00 -25.98
N LEU D 901 -36.04 -0.99 -25.63
CA LEU D 901 -36.20 0.37 -26.14
C LEU D 901 -37.59 0.91 -25.83
N ALA D 902 -37.82 1.11 -24.53
CA ALA D 902 -38.99 1.80 -24.00
C ALA D 902 -40.24 0.94 -24.09
N GLU D 903 -41.22 1.22 -23.24
CA GLU D 903 -42.47 0.48 -23.21
C GLU D 903 -43.63 1.46 -23.08
N ARG D 904 -44.81 1.02 -23.47
CA ARG D 904 -45.98 1.89 -23.53
C ARG D 904 -46.85 1.70 -22.30
N ALA D 905 -47.44 2.79 -21.83
CA ALA D 905 -48.36 2.78 -20.71
C ALA D 905 -49.76 2.38 -21.16
N PRO D 906 -50.61 1.94 -20.22
CA PRO D 906 -51.99 1.59 -20.60
C PRO D 906 -52.74 2.74 -21.25
N ASP D 907 -52.47 3.97 -20.85
CA ASP D 907 -53.16 5.12 -21.43
C ASP D 907 -52.82 5.26 -22.92
N GLY D 908 -51.57 5.01 -23.29
CA GLY D 908 -51.16 5.12 -24.68
C GLY D 908 -50.01 6.08 -24.86
N THR D 909 -49.25 6.29 -23.79
CA THR D 909 -48.07 7.15 -23.79
C THR D 909 -46.84 6.31 -23.54
N LEU D 910 -45.83 6.46 -24.39
CA LEU D 910 -44.63 5.64 -24.27
C LEU D 910 -43.82 6.07 -23.05
N ILE D 911 -43.24 5.10 -22.36
CA ILE D 911 -42.36 5.33 -21.23
C ILE D 911 -40.96 4.91 -21.62
N ARG D 912 -40.04 5.87 -21.63
CA ARG D 912 -38.65 5.58 -21.98
C ARG D 912 -38.04 4.60 -20.98
N ASP D 913 -37.28 3.66 -21.50
CA ASP D 913 -36.65 2.66 -20.64
C ASP D 913 -35.64 3.32 -19.73
N PRO D 914 -35.66 3.05 -18.42
CA PRO D 914 -34.70 3.70 -17.52
C PRO D 914 -33.26 3.39 -17.85
N TYR D 915 -32.98 2.21 -18.38
CA TYR D 915 -31.62 1.80 -18.74
C TYR D 915 -31.57 1.67 -20.26
N ILE D 916 -31.32 2.78 -20.93
CA ILE D 916 -31.22 2.81 -22.39
C ILE D 916 -29.90 3.40 -22.86
N GLU D 917 -29.17 4.12 -22.02
CA GLU D 917 -27.86 4.62 -22.42
C GLU D 917 -26.84 3.48 -22.45
N THR D 918 -27.06 2.43 -21.67
CA THR D 918 -26.13 1.32 -21.57
C THR D 918 -26.65 0.05 -22.25
N SER D 919 -27.70 0.15 -23.06
CA SER D 919 -28.19 -1.04 -23.76
C SER D 919 -28.52 -0.83 -25.23
N ALA D 920 -28.80 0.39 -25.69
CA ALA D 920 -29.23 0.58 -27.07
C ALA D 920 -28.39 1.63 -27.78
N TYR D 921 -27.85 2.59 -27.04
CA TYR D 921 -27.00 3.59 -27.64
C TYR D 921 -25.69 2.97 -28.12
N ALA D 922 -25.15 3.52 -29.20
CA ALA D 922 -23.87 3.10 -29.78
C ALA D 922 -23.94 1.64 -30.23
N ARG D 923 -24.84 1.38 -31.18
CA ARG D 923 -25.01 0.06 -31.76
C ARG D 923 -25.37 0.22 -33.23
N THR D 924 -25.24 -0.88 -33.97
CA THR D 924 -25.52 -0.90 -35.40
C THR D 924 -26.79 -1.72 -35.65
N LEU D 925 -27.69 -1.18 -36.46
CA LEU D 925 -28.94 -1.87 -36.75
C LEU D 925 -28.72 -3.10 -37.60
N GLY D 926 -29.60 -4.07 -37.45
CA GLY D 926 -29.55 -5.29 -38.23
C GLY D 926 -30.64 -5.36 -39.28
N THR D 927 -31.81 -4.82 -38.97
CA THR D 927 -32.92 -4.75 -39.91
C THR D 927 -33.51 -3.34 -39.87
N ASP D 928 -34.09 -2.93 -41.00
CA ASP D 928 -34.68 -1.60 -41.09
C ASP D 928 -35.87 -1.47 -40.15
N ALA D 929 -36.05 -0.26 -39.60
CA ALA D 929 -37.13 0.02 -38.67
C ALA D 929 -38.34 0.52 -39.45
N VAL D 930 -39.38 -0.30 -39.54
CA VAL D 930 -40.61 0.07 -40.22
C VAL D 930 -41.69 0.33 -39.17
N ASP D 931 -42.76 0.98 -39.61
CA ASP D 931 -43.85 1.34 -38.71
C ASP D 931 -45.15 1.40 -39.50
N GLU D 932 -46.21 0.83 -38.90
CA GLU D 932 -47.56 0.76 -39.47
C GLU D 932 -47.54 0.51 -40.98
N ALA D 933 -46.72 -0.46 -41.38
CA ALA D 933 -46.59 -0.86 -42.78
C ALA D 933 -46.27 0.34 -43.67
N GLY D 934 -45.46 1.25 -43.16
CA GLY D 934 -45.15 2.46 -43.87
C GLY D 934 -43.70 2.52 -44.33
N ASN D 935 -43.15 3.73 -44.39
CA ASN D 935 -41.79 3.94 -44.87
C ASN D 935 -40.79 3.55 -43.78
N VAL D 936 -39.51 3.80 -44.03
CA VAL D 936 -38.43 3.50 -43.09
C VAL D 936 -37.84 4.82 -42.60
N ILE D 937 -37.52 4.87 -41.31
CA ILE D 937 -36.96 6.08 -40.73
C ILE D 937 -35.43 6.03 -40.74
N VAL D 938 -34.85 4.90 -40.33
CA VAL D 938 -33.42 4.68 -40.42
C VAL D 938 -33.19 3.35 -41.14
N GLU D 939 -32.00 3.22 -41.71
CA GLU D 939 -31.66 2.07 -42.54
C GLU D 939 -30.63 1.18 -41.86
N ARG D 940 -30.50 -0.03 -42.41
CA ARG D 940 -29.56 -1.02 -41.90
C ARG D 940 -28.13 -0.49 -41.98
N GLY D 941 -27.38 -0.65 -40.90
CA GLY D 941 -25.98 -0.25 -40.86
C GLY D 941 -25.75 1.20 -40.48
N GLN D 942 -26.49 1.68 -39.48
CA GLN D 942 -26.39 3.06 -39.03
C GLN D 942 -26.22 3.10 -37.51
N ASP D 943 -25.36 4.00 -37.03
CA ASP D 943 -25.16 4.15 -35.60
C ASP D 943 -26.42 4.71 -34.95
N LEU D 944 -26.60 4.38 -33.67
CA LEU D 944 -27.79 4.77 -32.91
C LEU D 944 -27.42 5.89 -31.94
N GLY D 945 -27.48 7.13 -32.43
CA GLY D 945 -27.36 8.29 -31.59
C GLY D 945 -28.71 8.69 -31.02
N ASP D 946 -28.74 9.87 -30.42
CA ASP D 946 -30.01 10.38 -29.92
C ASP D 946 -30.97 10.85 -31.02
N PRO D 947 -30.52 11.38 -32.17
CA PRO D 947 -31.50 11.70 -33.21
C PRO D 947 -32.23 10.48 -33.72
N GLU D 948 -31.50 9.39 -33.96
CA GLU D 948 -32.13 8.15 -34.38
C GLU D 948 -33.09 7.63 -33.31
N ILE D 949 -32.70 7.74 -32.04
CA ILE D 949 -33.54 7.26 -30.95
C ILE D 949 -34.85 8.03 -30.90
N ASP D 950 -34.77 9.36 -30.99
CA ASP D 950 -36.02 10.14 -30.94
C ASP D 950 -36.86 9.92 -32.18
N ALA D 951 -36.22 9.75 -33.35
CA ALA D 951 -36.99 9.46 -34.56
C ALA D 951 -37.72 8.14 -34.45
N LEU D 952 -37.05 7.12 -33.90
CA LEU D 952 -37.70 5.83 -33.67
C LEU D 952 -38.85 5.98 -32.67
N LEU D 953 -38.63 6.75 -31.61
CA LEU D 953 -39.63 6.87 -30.55
C LEU D 953 -40.86 7.65 -31.01
N ALA D 954 -40.67 8.63 -31.89
CA ALA D 954 -41.78 9.46 -32.38
C ALA D 954 -42.53 8.83 -33.55
N ALA D 955 -42.45 7.51 -33.73
CA ALA D 955 -43.21 6.84 -34.77
C ALA D 955 -43.94 5.60 -34.29
N GLY D 956 -43.86 5.28 -33.00
CA GLY D 956 -44.59 4.14 -32.46
C GLY D 956 -43.88 2.81 -32.65
N ILE D 957 -42.59 2.77 -32.34
CA ILE D 957 -41.79 1.56 -32.44
C ILE D 957 -41.10 1.32 -31.10
N THR D 958 -41.22 0.11 -30.58
CA THR D 958 -40.55 -0.26 -29.33
C THR D 958 -39.46 -1.30 -29.56
N GLN D 959 -39.81 -2.46 -30.12
CA GLN D 959 -38.82 -3.51 -30.32
C GLN D 959 -37.94 -3.20 -31.52
N VAL D 960 -36.63 -3.34 -31.33
CA VAL D 960 -35.66 -3.17 -32.41
C VAL D 960 -34.67 -4.33 -32.36
N LYS D 961 -34.05 -4.59 -33.51
CA LYS D 961 -33.07 -5.66 -33.64
C LYS D 961 -31.72 -5.05 -33.99
N VAL D 962 -30.73 -5.30 -33.15
CA VAL D 962 -29.40 -4.73 -33.31
C VAL D 962 -28.42 -5.87 -33.61
N ARG D 963 -27.18 -5.49 -33.90
CA ARG D 963 -26.11 -6.44 -34.15
C ARG D 963 -25.18 -6.46 -32.93
N SER D 964 -24.95 -7.64 -32.39
CA SER D 964 -24.19 -7.79 -31.16
C SER D 964 -23.06 -8.79 -31.37
N VAL D 965 -22.05 -8.69 -30.50
CA VAL D 965 -20.88 -9.55 -30.60
C VAL D 965 -21.24 -11.01 -30.30
N LEU D 966 -22.35 -11.24 -29.59
CA LEU D 966 -22.73 -12.61 -29.24
C LEU D 966 -23.07 -13.46 -30.45
N THR D 967 -23.43 -12.83 -31.58
CA THR D 967 -23.87 -13.54 -32.77
C THR D 967 -23.04 -13.13 -33.98
N CYS D 968 -21.73 -13.06 -33.82
CA CYS D 968 -20.84 -12.74 -34.93
C CYS D 968 -20.43 -14.02 -35.66
N ALA D 969 -20.24 -13.90 -36.97
CA ALA D 969 -19.87 -15.03 -37.81
C ALA D 969 -18.37 -15.13 -38.07
N THR D 970 -17.57 -14.22 -37.54
CA THR D 970 -16.14 -14.26 -37.80
C THR D 970 -15.49 -15.44 -37.10
N SER D 971 -14.58 -16.11 -37.79
CA SER D 971 -13.93 -17.30 -37.25
C SER D 971 -13.07 -16.95 -36.04
N THR D 972 -12.07 -16.10 -36.23
CA THR D 972 -11.15 -15.70 -35.18
C THR D 972 -11.36 -14.23 -34.84
N GLY D 973 -11.61 -13.95 -33.58
CA GLY D 973 -11.88 -12.57 -33.22
C GLY D 973 -13.28 -12.16 -33.65
N VAL D 974 -13.48 -10.85 -33.73
CA VAL D 974 -14.77 -10.26 -34.08
C VAL D 974 -14.54 -9.26 -35.19
N CYS D 975 -15.64 -8.78 -35.77
CA CYS D 975 -15.60 -7.76 -36.81
C CYS D 975 -16.02 -6.41 -36.24
N ALA D 976 -15.67 -5.35 -36.98
CA ALA D 976 -15.84 -4.00 -36.46
C ALA D 976 -17.31 -3.59 -36.44
N THR D 977 -18.08 -4.00 -37.46
CA THR D 977 -19.47 -3.57 -37.54
C THR D 977 -20.31 -4.17 -36.42
N CYS D 978 -20.10 -5.45 -36.08
CA CYS D 978 -20.88 -6.06 -35.02
C CYS D 978 -20.59 -5.42 -33.67
N TYR D 979 -19.32 -5.11 -33.39
CA TYR D 979 -18.98 -4.49 -32.12
C TYR D 979 -19.67 -3.14 -31.96
N GLY D 980 -19.60 -2.30 -32.98
CA GLY D 980 -20.31 -1.04 -32.95
C GLY D 980 -19.41 0.18 -32.95
N ARG D 981 -19.58 1.05 -31.97
CA ARG D 981 -18.83 2.29 -31.85
C ARG D 981 -17.90 2.23 -30.65
N SER D 982 -16.70 2.78 -30.82
CA SER D 982 -15.74 2.84 -29.72
C SER D 982 -16.12 3.96 -28.77
N MET D 983 -16.20 3.64 -27.48
CA MET D 983 -16.64 4.61 -26.49
C MET D 983 -15.64 5.74 -26.29
N ALA D 984 -14.35 5.46 -26.49
CA ALA D 984 -13.33 6.46 -26.21
C ALA D 984 -13.27 7.55 -27.27
N THR D 985 -13.53 7.22 -28.53
CA THR D 985 -13.42 8.18 -29.61
C THR D 985 -14.74 8.60 -30.24
N GLY D 986 -15.76 7.76 -30.16
CA GLY D 986 -17.07 8.12 -30.67
C GLY D 986 -17.32 7.79 -32.12
N LYS D 987 -16.45 7.01 -32.75
CA LYS D 987 -16.62 6.56 -34.12
C LYS D 987 -16.46 5.03 -34.15
N LEU D 988 -16.49 4.47 -35.36
CA LEU D 988 -16.34 3.03 -35.49
C LEU D 988 -14.95 2.59 -35.04
N VAL D 989 -14.84 1.30 -34.74
CA VAL D 989 -13.62 0.76 -34.14
C VAL D 989 -12.56 0.57 -35.22
N ASP D 990 -11.30 0.43 -34.77
CA ASP D 990 -10.15 0.27 -35.65
C ASP D 990 -9.72 -1.18 -35.69
N ILE D 991 -9.41 -1.67 -36.89
CA ILE D 991 -8.99 -3.06 -37.07
C ILE D 991 -7.67 -3.28 -36.36
N GLY D 992 -7.68 -4.16 -35.36
CA GLY D 992 -6.50 -4.44 -34.56
C GLY D 992 -6.59 -4.07 -33.10
N GLU D 993 -7.68 -3.49 -32.60
CA GLU D 993 -7.75 -3.14 -31.20
C GLU D 993 -7.98 -4.39 -30.34
N ALA D 994 -7.67 -4.28 -29.06
CA ALA D 994 -7.79 -5.38 -28.11
C ALA D 994 -9.00 -5.17 -27.21
N VAL D 995 -10.19 -5.40 -27.78
CA VAL D 995 -11.45 -5.22 -27.07
C VAL D 995 -11.49 -6.02 -25.76
N GLY D 996 -10.87 -7.20 -25.75
CA GLY D 996 -10.95 -8.06 -24.57
C GLY D 996 -10.30 -7.46 -23.33
N ILE D 997 -9.04 -7.02 -23.45
CA ILE D 997 -8.40 -6.36 -22.33
C ILE D 997 -9.23 -5.16 -21.87
N VAL D 998 -9.65 -4.33 -22.82
CA VAL D 998 -10.45 -3.15 -22.47
C VAL D 998 -11.62 -3.55 -21.59
N ALA D 999 -12.41 -4.52 -22.07
CA ALA D 999 -13.60 -4.95 -21.35
C ALA D 999 -13.25 -5.40 -19.94
N ALA D 1000 -12.27 -6.30 -19.81
CA ALA D 1000 -11.91 -6.82 -18.49
C ALA D 1000 -11.53 -5.68 -17.55
N GLN D 1001 -10.63 -4.81 -18.01
CA GLN D 1001 -10.21 -3.64 -17.23
C GLN D 1001 -11.42 -2.85 -16.74
N SER D 1002 -12.25 -2.39 -17.68
CA SER D 1002 -13.50 -1.72 -17.38
C SER D 1002 -14.18 -2.38 -16.20
N ILE D 1003 -14.67 -3.61 -16.39
CA ILE D 1003 -15.43 -4.29 -15.33
C ILE D 1003 -14.66 -4.24 -14.01
N GLY D 1004 -13.42 -4.76 -14.03
CA GLY D 1004 -12.62 -4.88 -12.81
C GLY D 1004 -12.43 -3.61 -12.01
N GLU D 1005 -12.05 -2.51 -12.66
CA GLU D 1005 -11.86 -1.19 -12.04
C GLU D 1005 -12.99 -0.75 -11.10
N PRO D 1006 -14.26 -0.47 -11.59
CA PRO D 1006 -15.35 -0.17 -10.65
C PRO D 1006 -15.28 -0.89 -9.31
N GLY D 1007 -15.34 -2.22 -9.33
CA GLY D 1007 -15.35 -3.00 -8.11
C GLY D 1007 -14.27 -2.57 -7.13
N THR D 1008 -13.00 -2.64 -7.56
CA THR D 1008 -11.88 -2.33 -6.68
C THR D 1008 -11.99 -0.91 -6.13
N GLN D 1009 -12.28 0.05 -7.00
CA GLN D 1009 -12.37 1.44 -6.53
C GLN D 1009 -13.45 1.54 -5.46
N LEU D 1010 -14.62 0.95 -5.72
CA LEU D 1010 -15.73 1.03 -4.78
C LEU D 1010 -15.31 0.47 -3.43
N THR D 1011 -14.69 -0.72 -3.45
CA THR D 1011 -14.19 -1.33 -2.22
C THR D 1011 -13.31 -0.36 -1.45
N MET D 1012 -12.25 0.15 -2.10
CA MET D 1012 -11.34 1.06 -1.42
C MET D 1012 -12.07 2.25 -0.80
N ARG D 1013 -12.99 2.88 -1.55
CA ARG D 1013 -13.61 4.09 -1.01
C ARG D 1013 -14.74 3.81 -0.03
N THR D 1014 -15.25 2.58 0.02
CA THR D 1014 -16.36 2.25 0.90
C THR D 1014 -15.92 1.37 2.07
N ASP D 1023 -22.90 -3.68 0.64
CA ASP D 1023 -22.17 -2.80 -0.25
C ASP D 1023 -21.63 -3.57 -1.45
N ILE D 1024 -20.60 -3.01 -2.10
CA ILE D 1024 -19.99 -3.77 -3.18
C ILE D 1024 -19.32 -5.01 -2.62
N THR D 1025 -19.05 -5.02 -1.31
CA THR D 1025 -18.44 -6.18 -0.69
C THR D 1025 -19.48 -7.27 -0.45
N GLY D 1026 -20.75 -6.95 -0.67
CA GLY D 1026 -21.86 -7.88 -0.59
C GLY D 1026 -22.30 -8.23 -1.99
N GLY D 1027 -21.90 -7.40 -2.96
CA GLY D 1027 -22.21 -7.70 -4.34
C GLY D 1027 -21.19 -8.63 -4.98
N LEU D 1028 -19.90 -8.40 -4.73
CA LEU D 1028 -18.82 -9.19 -5.33
C LEU D 1028 -19.08 -10.70 -5.32
N PRO D 1029 -19.42 -11.33 -4.19
CA PRO D 1029 -19.64 -12.79 -4.21
C PRO D 1029 -20.58 -13.25 -5.30
N ARG D 1030 -21.60 -12.46 -5.63
CA ARG D 1030 -22.53 -12.90 -6.66
C ARG D 1030 -21.94 -12.68 -8.05
N VAL D 1031 -21.05 -11.69 -8.21
CA VAL D 1031 -20.40 -11.52 -9.50
C VAL D 1031 -19.42 -12.65 -9.72
N GLN D 1032 -18.97 -13.29 -8.64
CA GLN D 1032 -18.10 -14.44 -8.80
C GLN D 1032 -18.96 -15.66 -9.08
N GLU D 1033 -19.96 -15.94 -8.24
CA GLU D 1033 -20.79 -17.11 -8.46
C GLU D 1033 -21.47 -17.05 -9.82
N LEU D 1034 -21.50 -15.88 -10.47
CA LEU D 1034 -22.03 -15.75 -11.82
C LEU D 1034 -20.95 -16.03 -12.87
N PHE D 1035 -19.82 -15.31 -12.81
CA PHE D 1035 -18.81 -15.50 -13.85
C PHE D 1035 -18.18 -16.89 -13.74
N GLU D 1036 -17.54 -17.17 -12.60
CA GLU D 1036 -16.97 -18.47 -12.26
C GLU D 1036 -18.04 -19.54 -12.11
N ALA D 1037 -19.21 -19.31 -12.72
CA ALA D 1037 -20.42 -20.13 -12.69
C ALA D 1037 -20.35 -21.40 -11.86
N ARG D 1038 -21.14 -21.41 -10.78
CA ARG D 1038 -21.36 -22.56 -9.92
C ARG D 1038 -22.89 -22.72 -9.85
N VAL D 1039 -23.35 -23.49 -8.88
CA VAL D 1039 -24.79 -23.64 -8.63
C VAL D 1039 -25.15 -22.73 -7.47
N PRO D 1040 -26.04 -21.76 -7.67
CA PRO D 1040 -26.34 -20.77 -6.62
C PRO D 1040 -26.84 -21.43 -5.34
N ARG D 1041 -26.31 -20.96 -4.21
CA ARG D 1041 -26.75 -21.46 -2.91
C ARG D 1041 -28.27 -21.47 -2.81
N GLY D 1042 -28.87 -20.29 -2.87
CA GLY D 1042 -30.31 -20.17 -2.80
C GLY D 1042 -30.96 -20.49 -4.12
N LYS D 1043 -31.05 -21.77 -4.45
CA LYS D 1043 -31.58 -22.20 -5.73
C LYS D 1043 -33.09 -22.05 -5.78
N ALA D 1044 -33.62 -21.95 -7.00
CA ALA D 1044 -35.06 -21.87 -7.21
C ALA D 1044 -35.46 -22.73 -8.40
N PRO D 1045 -36.10 -23.88 -8.15
CA PRO D 1045 -36.61 -24.72 -9.24
C PRO D 1045 -37.33 -23.95 -10.33
N ILE D 1046 -37.05 -24.25 -11.59
CA ILE D 1046 -37.74 -23.64 -12.72
C ILE D 1046 -38.60 -24.68 -13.39
N ALA D 1047 -39.52 -24.21 -14.23
CA ALA D 1047 -40.49 -25.07 -14.90
C ALA D 1047 -39.96 -25.57 -16.23
N ASP D 1048 -40.22 -26.85 -16.51
CA ASP D 1048 -39.77 -27.52 -17.73
C ASP D 1048 -40.88 -27.62 -18.77
N VAL D 1049 -42.11 -27.87 -18.32
CA VAL D 1049 -43.27 -28.02 -19.20
C VAL D 1049 -44.17 -26.80 -19.04
N THR D 1050 -45.47 -26.97 -19.28
CA THR D 1050 -46.40 -25.85 -19.27
C THR D 1050 -47.77 -26.32 -18.84
N GLY D 1051 -48.34 -25.66 -17.85
CA GLY D 1051 -49.68 -25.93 -17.39
C GLY D 1051 -49.83 -25.54 -15.93
N ARG D 1052 -50.95 -25.95 -15.35
CA ARG D 1052 -51.24 -25.66 -13.95
C ARG D 1052 -50.18 -26.31 -13.05
N VAL D 1053 -50.27 -26.01 -11.75
CA VAL D 1053 -49.28 -26.49 -10.79
C VAL D 1053 -49.98 -27.16 -9.62
N ARG D 1054 -49.19 -27.90 -8.84
CA ARG D 1054 -49.60 -28.50 -7.57
C ARG D 1054 -48.68 -28.00 -6.46
N LEU D 1055 -48.93 -28.49 -5.24
CA LEU D 1055 -48.19 -28.06 -4.07
C LEU D 1055 -48.57 -28.90 -2.85
N GLU D 1056 -47.70 -29.83 -2.45
CA GLU D 1056 -47.99 -30.73 -1.34
C GLU D 1056 -47.34 -30.21 -0.06
N ASP D 1057 -47.86 -29.09 0.42
CA ASP D 1057 -47.43 -28.51 1.68
C ASP D 1057 -47.44 -29.53 2.80
N GLY D 1058 -46.26 -29.95 3.25
CA GLY D 1058 -46.17 -30.96 4.30
C GLY D 1058 -45.90 -30.33 5.65
N GLU D 1059 -44.66 -30.44 6.13
CA GLU D 1059 -44.25 -29.82 7.38
C GLU D 1059 -43.25 -28.69 7.15
N ARG D 1060 -42.09 -28.99 6.56
CA ARG D 1060 -41.09 -27.98 6.23
C ARG D 1060 -40.63 -28.10 4.78
N PHE D 1061 -41.37 -28.82 3.94
CA PHE D 1061 -40.94 -29.09 2.58
C PHE D 1061 -42.16 -29.20 1.67
N TYR D 1062 -42.40 -28.18 0.83
CA TYR D 1062 -43.44 -28.34 -0.16
C TYR D 1062 -43.03 -29.39 -1.19
N LYS D 1063 -44.00 -29.83 -1.99
CA LYS D 1063 -43.69 -30.74 -3.10
C LYS D 1063 -44.52 -30.31 -4.30
N ILE D 1064 -44.05 -29.26 -5.00
CA ILE D 1064 -44.74 -28.80 -6.20
C ILE D 1064 -44.65 -29.89 -7.26
N THR D 1065 -45.80 -30.26 -7.82
CA THR D 1065 -45.83 -31.36 -8.78
C THR D 1065 -46.08 -30.90 -10.21
N ILE D 1066 -46.71 -29.74 -10.40
CA ILE D 1066 -47.02 -29.17 -11.71
C ILE D 1066 -48.07 -30.01 -12.42
N VAL D 1067 -48.92 -29.36 -13.21
CA VAL D 1067 -49.91 -30.06 -14.01
C VAL D 1067 -49.71 -29.68 -15.48
N PRO D 1068 -48.93 -30.45 -16.25
CA PRO D 1068 -48.79 -30.17 -17.68
C PRO D 1068 -50.13 -30.15 -18.40
N ASP D 1069 -50.54 -28.96 -18.86
CA ASP D 1069 -51.83 -28.84 -19.54
C ASP D 1069 -51.80 -29.42 -20.95
N ASP D 1070 -50.63 -29.83 -21.43
CA ASP D 1070 -50.50 -30.50 -22.72
C ASP D 1070 -50.81 -31.99 -22.63
N GLY D 1071 -50.87 -32.54 -21.42
CA GLY D 1071 -51.07 -33.97 -21.23
C GLY D 1071 -49.78 -34.75 -21.31
N GLY D 1072 -48.85 -34.46 -20.39
CA GLY D 1072 -47.59 -35.17 -20.34
C GLY D 1072 -47.42 -35.92 -19.04
N GLU D 1073 -46.46 -35.49 -18.22
CA GLU D 1073 -46.20 -36.14 -16.93
C GLU D 1073 -45.85 -35.07 -15.90
N GLU D 1074 -46.52 -35.13 -14.76
CA GLU D 1074 -46.24 -34.20 -13.67
C GLU D 1074 -44.84 -34.43 -13.11
N VAL D 1075 -44.02 -33.38 -13.11
CA VAL D 1075 -42.67 -33.47 -12.57
C VAL D 1075 -42.73 -33.11 -11.08
N VAL D 1076 -42.57 -34.11 -10.23
CA VAL D 1076 -42.70 -33.95 -8.79
C VAL D 1076 -41.45 -33.31 -8.20
N TYR D 1077 -41.41 -31.97 -8.15
CA TYR D 1077 -40.33 -31.28 -7.47
C TYR D 1077 -40.43 -31.58 -5.98
N ASP D 1078 -39.49 -32.37 -5.46
CA ASP D 1078 -39.55 -32.83 -4.08
C ASP D 1078 -38.63 -32.02 -3.19
N LYS D 1079 -38.88 -32.11 -1.88
CA LYS D 1079 -38.08 -31.46 -0.85
C LYS D 1079 -37.90 -29.97 -1.12
N ILE D 1080 -39.00 -29.31 -1.50
CA ILE D 1080 -39.00 -27.87 -1.70
C ILE D 1080 -39.20 -27.23 -0.33
N SER D 1081 -38.09 -26.83 0.30
CA SER D 1081 -38.11 -26.31 1.66
C SER D 1081 -39.18 -25.24 1.86
N LYS D 1082 -39.74 -25.19 3.07
CA LYS D 1082 -40.80 -24.23 3.37
C LYS D 1082 -40.26 -22.82 3.48
N ARG D 1083 -39.02 -22.66 3.97
CA ARG D 1083 -38.44 -21.34 4.18
C ARG D 1083 -38.56 -20.44 2.97
N GLN D 1084 -38.16 -20.94 1.79
CA GLN D 1084 -38.19 -20.15 0.58
C GLN D 1084 -39.60 -19.64 0.29
N ARG D 1085 -39.74 -18.32 0.18
CA ARG D 1085 -41.02 -17.72 -0.18
C ARG D 1085 -41.34 -18.02 -1.64
N LEU D 1086 -42.62 -18.30 -1.91
CA LEU D 1086 -43.01 -18.65 -3.26
C LEU D 1086 -42.91 -17.45 -4.19
N ARG D 1087 -42.55 -17.72 -5.44
CA ARG D 1087 -42.31 -16.66 -6.41
C ARG D 1087 -43.56 -15.79 -6.58
N VAL D 1088 -43.47 -14.53 -6.19
CA VAL D 1088 -44.56 -13.59 -6.41
C VAL D 1088 -44.57 -13.18 -7.88
N PHE D 1089 -45.30 -13.93 -8.70
CA PHE D 1089 -45.34 -13.72 -10.14
C PHE D 1089 -46.74 -13.33 -10.56
N LYS D 1090 -46.83 -12.48 -11.60
CA LYS D 1090 -48.13 -12.12 -12.15
C LYS D 1090 -48.78 -13.35 -12.75
N HIS D 1091 -49.83 -13.86 -12.11
CA HIS D 1091 -50.51 -15.05 -12.60
C HIS D 1091 -51.23 -14.73 -13.90
N GLU D 1092 -51.52 -15.78 -14.67
CA GLU D 1092 -52.09 -15.63 -16.01
C GLU D 1092 -53.25 -14.63 -16.06
N ASP D 1093 -54.09 -14.61 -15.01
CA ASP D 1093 -55.13 -13.58 -14.95
C ASP D 1093 -54.53 -12.19 -14.87
N GLY D 1094 -53.61 -11.98 -13.93
CA GLY D 1094 -52.98 -10.70 -13.73
C GLY D 1094 -52.69 -10.43 -12.27
N SER D 1095 -52.89 -11.45 -11.44
CA SER D 1095 -52.74 -11.33 -9.98
C SER D 1095 -51.27 -11.59 -9.65
N GLU D 1096 -50.54 -10.52 -9.34
CA GLU D 1096 -49.17 -10.66 -8.86
C GLU D 1096 -49.18 -11.31 -7.49
N ARG D 1097 -49.11 -12.63 -7.45
CA ARG D 1097 -49.25 -13.39 -6.21
C ARG D 1097 -48.27 -14.56 -6.22
N VAL D 1098 -48.09 -15.15 -5.04
CA VAL D 1098 -47.20 -16.29 -4.90
C VAL D 1098 -47.74 -17.48 -5.72
N LEU D 1099 -46.85 -18.40 -6.07
CA LEU D 1099 -47.25 -19.61 -6.76
C LEU D 1099 -48.16 -20.45 -5.87
N SER D 1100 -49.45 -20.50 -6.21
CA SER D 1100 -50.45 -21.19 -5.44
C SER D 1100 -50.94 -22.41 -6.22
N ASP D 1101 -51.06 -23.55 -5.53
CA ASP D 1101 -51.58 -24.77 -6.11
C ASP D 1101 -52.80 -24.49 -6.98
N GLY D 1102 -52.62 -24.59 -8.29
CA GLY D 1102 -53.69 -24.28 -9.22
C GLY D 1102 -53.41 -23.02 -10.03
N ASP D 1103 -52.14 -22.80 -10.38
CA ASP D 1103 -51.73 -21.64 -11.14
C ASP D 1103 -51.00 -22.08 -12.41
N HIS D 1104 -51.57 -21.74 -13.56
CA HIS D 1104 -50.98 -22.12 -14.83
C HIS D 1104 -49.62 -21.44 -15.00
N VAL D 1105 -48.62 -22.23 -15.42
CA VAL D 1105 -47.29 -21.69 -15.69
C VAL D 1105 -46.83 -22.18 -17.06
N GLU D 1106 -45.59 -21.88 -17.41
CA GLU D 1106 -45.05 -22.24 -18.73
C GLU D 1106 -43.56 -22.51 -18.60
N VAL D 1107 -42.94 -22.83 -19.74
CA VAL D 1107 -41.53 -23.19 -19.76
C VAL D 1107 -40.68 -22.04 -19.25
N GLY D 1108 -39.88 -22.31 -18.21
CA GLY D 1108 -38.95 -21.36 -17.67
C GLY D 1108 -39.40 -20.68 -16.40
N GLN D 1109 -40.71 -20.59 -16.18
CA GLN D 1109 -41.26 -19.86 -15.04
C GLN D 1109 -40.61 -20.30 -13.74
N GLN D 1110 -40.04 -19.34 -13.01
CA GLN D 1110 -39.46 -19.62 -11.71
C GLN D 1110 -40.57 -19.94 -10.71
N LEU D 1111 -40.38 -21.00 -9.93
CA LEU D 1111 -41.42 -21.46 -9.01
C LEU D 1111 -41.24 -20.95 -7.58
N MET D 1112 -40.00 -20.76 -7.14
CA MET D 1112 -39.70 -20.20 -5.84
C MET D 1112 -38.93 -18.89 -6.02
N GLU D 1113 -38.71 -18.19 -4.91
CA GLU D 1113 -37.92 -16.97 -4.93
C GLU D 1113 -36.46 -17.31 -4.70
N GLY D 1114 -35.60 -16.81 -5.57
CA GLY D 1114 -34.18 -17.08 -5.47
C GLY D 1114 -33.55 -17.06 -6.84
N SER D 1115 -32.22 -17.22 -6.85
CA SER D 1115 -31.45 -17.16 -8.07
C SER D 1115 -31.52 -18.49 -8.81
N ALA D 1116 -31.79 -18.42 -10.12
CA ALA D 1116 -31.94 -19.61 -10.94
C ALA D 1116 -30.58 -20.23 -11.26
N ASP D 1117 -30.61 -21.52 -11.59
CA ASP D 1117 -29.38 -22.25 -11.89
C ASP D 1117 -28.98 -22.02 -13.34
N PRO D 1118 -27.81 -21.40 -13.60
CA PRO D 1118 -27.38 -21.20 -14.99
C PRO D 1118 -27.19 -22.47 -15.80
N HIS D 1119 -27.14 -23.64 -15.18
CA HIS D 1119 -26.98 -24.87 -15.94
C HIS D 1119 -28.31 -25.54 -16.26
N GLU D 1120 -29.34 -25.31 -15.46
CA GLU D 1120 -30.66 -25.83 -15.76
C GLU D 1120 -31.36 -25.01 -16.83
N VAL D 1121 -31.20 -23.69 -16.78
CA VAL D 1121 -31.83 -22.82 -17.76
C VAL D 1121 -31.29 -23.06 -19.16
N LEU D 1122 -30.12 -23.69 -19.29
CA LEU D 1122 -29.57 -23.89 -20.61
C LEU D 1122 -30.28 -25.03 -21.30
N ARG D 1123 -30.45 -26.15 -20.59
CA ARG D 1123 -31.10 -27.31 -21.17
C ARG D 1123 -32.60 -27.06 -21.31
N VAL D 1124 -33.20 -26.38 -20.33
CA VAL D 1124 -34.64 -26.15 -20.39
C VAL D 1124 -34.99 -25.19 -21.51
N GLN D 1125 -34.29 -24.04 -21.60
CA GLN D 1125 -34.68 -23.01 -22.56
C GLN D 1125 -33.89 -23.02 -23.86
N GLY D 1126 -32.55 -22.95 -23.78
CA GLY D 1126 -31.76 -22.81 -24.97
C GLY D 1126 -30.64 -21.81 -24.76
N PRO D 1127 -29.72 -21.73 -25.73
CA PRO D 1127 -28.55 -20.86 -25.54
C PRO D 1127 -28.88 -19.37 -25.46
N ARG D 1128 -29.94 -18.92 -26.13
CA ARG D 1128 -30.21 -17.49 -26.19
C ARG D 1128 -30.70 -16.92 -24.86
N GLU D 1129 -31.36 -17.72 -24.03
CA GLU D 1129 -31.88 -17.15 -22.78
C GLU D 1129 -30.85 -17.12 -21.66
N VAL D 1130 -29.82 -17.95 -21.72
CA VAL D 1130 -28.78 -17.89 -20.71
C VAL D 1130 -27.98 -16.61 -20.86
N GLN D 1131 -27.88 -16.09 -22.09
CA GLN D 1131 -27.08 -14.89 -22.28
C GLN D 1131 -27.82 -13.66 -21.78
N ILE D 1132 -29.15 -13.70 -21.81
CA ILE D 1132 -29.93 -12.59 -21.27
C ILE D 1132 -29.93 -12.67 -19.76
N HIS D 1133 -30.11 -13.87 -19.22
CA HIS D 1133 -30.11 -14.03 -17.78
C HIS D 1133 -28.78 -13.58 -17.19
N LEU D 1134 -27.67 -13.91 -17.87
CA LEU D 1134 -26.36 -13.54 -17.34
C LEU D 1134 -26.10 -12.04 -17.48
N VAL D 1135 -26.30 -11.49 -18.69
CA VAL D 1135 -26.05 -10.06 -18.88
C VAL D 1135 -27.01 -9.18 -18.09
N ARG D 1136 -28.09 -9.74 -17.56
CA ARG D 1136 -28.98 -8.95 -16.72
C ARG D 1136 -28.64 -9.11 -15.23
N GLU D 1137 -28.40 -10.34 -14.77
CA GLU D 1137 -28.04 -10.56 -13.38
C GLU D 1137 -26.70 -9.93 -13.03
N VAL D 1138 -25.80 -9.79 -14.00
CA VAL D 1138 -24.54 -9.12 -13.70
C VAL D 1138 -24.75 -7.61 -13.62
N GLN D 1139 -25.61 -7.06 -14.47
CA GLN D 1139 -25.81 -5.62 -14.47
C GLN D 1139 -26.64 -5.15 -13.28
N GLU D 1140 -27.50 -6.00 -12.72
CA GLU D 1140 -28.27 -5.57 -11.56
C GLU D 1140 -27.36 -5.17 -10.40
N VAL D 1141 -26.31 -5.96 -10.15
CA VAL D 1141 -25.40 -5.70 -9.05
C VAL D 1141 -24.70 -4.36 -9.24
N TYR D 1142 -24.25 -4.08 -10.47
CA TYR D 1142 -23.53 -2.83 -10.72
C TYR D 1142 -24.46 -1.62 -10.75
N ARG D 1143 -25.70 -1.80 -11.21
CA ARG D 1143 -26.65 -0.70 -11.26
C ARG D 1143 -27.23 -0.36 -9.90
N ALA D 1144 -27.22 -1.31 -8.96
CA ALA D 1144 -27.71 -1.00 -7.61
C ALA D 1144 -26.90 0.11 -6.95
N GLN D 1145 -25.58 0.08 -7.11
CA GLN D 1145 -24.70 1.06 -6.50
C GLN D 1145 -24.39 2.25 -7.40
N GLY D 1146 -24.96 2.32 -8.59
CA GLY D 1146 -24.80 3.50 -9.43
C GLY D 1146 -23.55 3.55 -10.27
N VAL D 1147 -23.16 2.43 -10.87
CA VAL D 1147 -22.02 2.38 -11.79
C VAL D 1147 -22.54 2.06 -13.18
N SER D 1148 -22.10 2.84 -14.16
CA SER D 1148 -22.59 2.73 -15.54
C SER D 1148 -21.54 2.04 -16.39
N ILE D 1149 -21.87 0.84 -16.87
CA ILE D 1149 -21.05 0.09 -17.81
C ILE D 1149 -21.92 -0.34 -18.97
N HIS D 1150 -21.41 -0.22 -20.19
CA HIS D 1150 -22.16 -0.64 -21.35
C HIS D 1150 -22.31 -2.16 -21.37
N ASP D 1151 -23.39 -2.64 -21.98
CA ASP D 1151 -23.62 -4.08 -22.07
C ASP D 1151 -22.66 -4.75 -23.04
N LYS D 1152 -22.07 -4.02 -23.96
CA LYS D 1152 -21.14 -4.63 -24.91
C LYS D 1152 -19.86 -5.10 -24.26
N HIS D 1153 -19.61 -4.72 -23.01
CA HIS D 1153 -18.42 -5.15 -22.29
C HIS D 1153 -18.63 -6.48 -21.59
N ILE D 1154 -19.86 -6.79 -21.19
CA ILE D 1154 -20.15 -8.08 -20.59
C ILE D 1154 -20.43 -9.14 -21.64
N GLU D 1155 -20.90 -8.73 -22.83
CA GLU D 1155 -21.14 -9.67 -23.90
C GLU D 1155 -19.85 -10.29 -24.41
N VAL D 1156 -18.76 -9.52 -24.41
CA VAL D 1156 -17.46 -10.05 -24.84
C VAL D 1156 -17.02 -11.20 -23.93
N ILE D 1157 -17.26 -11.07 -22.63
CA ILE D 1157 -16.83 -12.11 -21.70
C ILE D 1157 -17.82 -13.28 -21.69
N VAL D 1158 -19.11 -13.00 -21.85
CA VAL D 1158 -20.09 -14.08 -21.90
C VAL D 1158 -19.90 -14.92 -23.16
N ARG D 1159 -19.47 -14.30 -24.27
CA ARG D 1159 -19.26 -15.05 -25.51
C ARG D 1159 -18.24 -16.15 -25.34
N GLN D 1160 -17.23 -15.95 -24.49
CA GLN D 1160 -16.20 -16.95 -24.29
C GLN D 1160 -16.63 -18.06 -23.34
N MET D 1161 -17.72 -17.86 -22.61
CA MET D 1161 -18.23 -18.89 -21.70
C MET D 1161 -19.07 -19.94 -22.42
N LEU D 1162 -19.49 -19.66 -23.65
CA LEU D 1162 -20.29 -20.59 -24.46
C LEU D 1162 -19.56 -20.81 -25.77
N ARG D 1163 -18.57 -21.70 -25.78
CA ARG D 1163 -17.80 -21.95 -26.99
C ARG D 1163 -17.45 -23.41 -27.22
N ARG D 1164 -17.92 -24.33 -26.38
CA ARG D 1164 -17.51 -25.72 -26.45
C ARG D 1164 -18.72 -26.64 -26.46
N VAL D 1165 -18.49 -27.87 -26.87
CA VAL D 1165 -19.54 -28.88 -27.02
C VAL D 1165 -19.08 -30.15 -26.33
N THR D 1166 -20.00 -30.82 -25.63
CA THR D 1166 -19.71 -32.05 -24.93
C THR D 1166 -20.17 -33.24 -25.75
N ILE D 1167 -19.26 -34.17 -26.02
CA ILE D 1167 -19.58 -35.34 -26.81
C ILE D 1167 -20.37 -36.33 -25.96
N ILE D 1168 -21.44 -36.87 -26.53
CA ILE D 1168 -22.22 -37.92 -25.87
C ILE D 1168 -21.70 -39.27 -26.35
N ASP D 1169 -21.74 -39.49 -27.66
CA ASP D 1169 -21.19 -40.69 -28.27
C ASP D 1169 -20.38 -40.28 -29.49
N SER D 1170 -19.22 -40.91 -29.67
CA SER D 1170 -18.30 -40.51 -30.72
C SER D 1170 -18.38 -41.38 -31.96
N GLY D 1171 -18.83 -42.62 -31.84
CA GLY D 1171 -18.87 -43.51 -32.98
C GLY D 1171 -17.50 -43.80 -33.54
N SER D 1172 -17.21 -43.24 -34.71
CA SER D 1172 -15.92 -43.40 -35.39
C SER D 1172 -15.35 -42.05 -35.77
N THR D 1173 -15.35 -41.12 -34.82
CA THR D 1173 -14.88 -39.75 -35.05
C THR D 1173 -13.61 -39.43 -34.29
N GLU D 1174 -13.00 -40.42 -33.62
CA GLU D 1174 -11.78 -40.24 -32.84
C GLU D 1174 -11.99 -39.19 -31.74
N PHE D 1175 -12.98 -39.46 -30.89
CA PHE D 1175 -13.30 -38.60 -29.76
C PHE D 1175 -13.60 -39.44 -28.55
N LEU D 1176 -13.27 -38.91 -27.37
CA LEU D 1176 -13.58 -39.57 -26.11
C LEU D 1176 -14.91 -39.04 -25.58
N PRO D 1177 -15.90 -39.90 -25.34
CA PRO D 1177 -17.23 -39.40 -24.95
C PRO D 1177 -17.23 -38.80 -23.55
N GLY D 1178 -17.35 -37.47 -23.48
CA GLY D 1178 -17.37 -36.80 -22.20
C GLY D 1178 -16.44 -35.60 -22.17
N SER D 1179 -15.70 -35.42 -23.26
CA SER D 1179 -14.72 -34.35 -23.34
C SER D 1179 -15.37 -33.03 -23.79
N LEU D 1180 -14.55 -32.00 -23.87
CA LEU D 1180 -14.98 -30.65 -24.23
C LEU D 1180 -14.15 -30.19 -25.42
N ILE D 1181 -14.79 -30.01 -26.58
CA ILE D 1181 -14.08 -29.63 -27.79
C ILE D 1181 -14.73 -28.38 -28.38
N ASP D 1182 -13.93 -27.66 -29.17
CA ASP D 1182 -14.39 -26.41 -29.78
C ASP D 1182 -15.45 -26.70 -30.84
N ARG D 1183 -16.32 -25.71 -31.05
CA ARG D 1183 -17.39 -25.87 -32.03
C ARG D 1183 -16.85 -25.98 -33.45
N ALA D 1184 -15.82 -25.20 -33.77
CA ALA D 1184 -15.25 -25.21 -35.11
C ALA D 1184 -14.67 -26.58 -35.44
N GLU D 1185 -13.83 -27.10 -34.54
CA GLU D 1185 -13.25 -28.43 -34.75
C GLU D 1185 -14.33 -29.50 -34.81
N PHE D 1186 -15.34 -29.39 -33.92
CA PHE D 1186 -16.42 -30.37 -33.90
C PHE D 1186 -17.15 -30.41 -35.24
N GLU D 1187 -17.56 -29.26 -35.76
CA GLU D 1187 -18.30 -29.26 -37.00
C GLU D 1187 -17.43 -29.64 -38.19
N ALA D 1188 -16.14 -29.27 -38.17
CA ALA D 1188 -15.24 -29.68 -39.23
C ALA D 1188 -15.08 -31.20 -39.25
N GLU D 1189 -14.90 -31.81 -38.08
CA GLU D 1189 -14.79 -33.26 -38.00
C GLU D 1189 -16.08 -33.95 -38.42
N ASN D 1190 -17.23 -33.42 -37.98
CA ASN D 1190 -18.50 -34.03 -38.34
C ASN D 1190 -18.76 -33.94 -39.84
N ARG D 1191 -18.32 -32.86 -40.49
CA ARG D 1191 -18.48 -32.76 -41.94
C ARG D 1191 -17.47 -33.61 -42.69
N ARG D 1192 -16.25 -33.74 -42.17
CA ARG D 1192 -15.25 -34.57 -42.83
C ARG D 1192 -15.58 -36.05 -42.75
N VAL D 1193 -16.02 -36.52 -41.58
CA VAL D 1193 -16.23 -37.94 -41.39
C VAL D 1193 -17.42 -38.44 -42.20
N VAL D 1194 -18.53 -37.70 -42.18
CA VAL D 1194 -19.72 -38.16 -42.90
C VAL D 1194 -19.48 -38.13 -44.40
N ALA D 1195 -18.60 -37.24 -44.87
CA ALA D 1195 -18.36 -37.13 -46.31
C ALA D 1195 -17.60 -38.34 -46.87
N GLU D 1196 -16.86 -39.07 -46.04
CA GLU D 1196 -16.08 -40.20 -46.50
C GLU D 1196 -16.59 -41.53 -45.96
N GLY D 1197 -16.62 -41.70 -44.64
CA GLY D 1197 -17.10 -42.94 -44.07
C GLY D 1197 -18.55 -42.89 -43.63
N GLY D 1198 -18.88 -41.89 -42.82
CA GLY D 1198 -20.25 -41.66 -42.42
C GLY D 1198 -20.55 -42.02 -40.98
N GLU D 1199 -20.49 -41.03 -40.09
CA GLU D 1199 -20.96 -41.16 -38.72
C GLU D 1199 -21.10 -39.78 -38.10
N PRO D 1200 -22.28 -39.42 -37.61
CA PRO D 1200 -22.40 -38.14 -36.89
C PRO D 1200 -22.18 -38.29 -35.39
N ALA D 1201 -21.29 -37.49 -34.82
CA ALA D 1201 -21.09 -37.48 -33.39
C ALA D 1201 -22.17 -36.63 -32.71
N ALA D 1202 -22.38 -36.90 -31.43
CA ALA D 1202 -23.40 -36.20 -30.66
C ALA D 1202 -22.76 -35.11 -29.81
N GLY D 1203 -23.52 -34.03 -29.58
CA GLY D 1203 -23.01 -32.95 -28.76
C GLY D 1203 -24.05 -31.92 -28.39
N ARG D 1204 -24.06 -31.53 -27.10
CA ARG D 1204 -24.94 -30.52 -26.56
C ARG D 1204 -24.13 -29.33 -26.05
N PRO D 1205 -24.68 -28.12 -26.12
CA PRO D 1205 -23.93 -26.95 -25.67
C PRO D 1205 -23.65 -27.03 -24.17
N VAL D 1206 -22.55 -26.40 -23.77
CA VAL D 1206 -22.12 -26.43 -22.38
C VAL D 1206 -21.74 -25.02 -21.93
N LEU D 1207 -21.72 -24.83 -20.61
CA LEU D 1207 -21.35 -23.57 -19.99
C LEU D 1207 -20.20 -23.82 -19.04
N MET D 1208 -19.15 -23.03 -19.14
CA MET D 1208 -17.96 -23.17 -18.32
C MET D 1208 -17.69 -21.90 -17.54
N GLY D 1209 -16.76 -22.00 -16.60
CA GLY D 1209 -16.34 -20.85 -15.83
C GLY D 1209 -15.25 -20.06 -16.53
N ILE D 1210 -14.72 -19.07 -15.83
CA ILE D 1210 -13.61 -18.27 -16.37
C ILE D 1210 -12.25 -18.85 -16.00
N THR D 1211 -12.19 -19.83 -15.10
CA THR D 1211 -10.93 -20.52 -14.81
C THR D 1211 -10.78 -21.80 -15.61
N LYS D 1212 -11.89 -22.48 -15.91
CA LYS D 1212 -11.82 -23.69 -16.72
C LYS D 1212 -11.69 -23.35 -18.20
N ALA D 1213 -12.15 -22.18 -18.62
CA ALA D 1213 -11.94 -21.77 -19.99
C ALA D 1213 -10.51 -21.26 -20.21
N SER D 1214 -9.91 -20.66 -19.17
CA SER D 1214 -8.54 -20.17 -19.30
C SER D 1214 -7.52 -21.29 -19.14
N LEU D 1215 -7.81 -22.30 -18.32
CA LEU D 1215 -6.87 -23.41 -18.14
C LEU D 1215 -6.98 -24.47 -19.22
N ALA D 1216 -7.93 -24.35 -20.14
CA ALA D 1216 -8.14 -25.35 -21.18
C ALA D 1216 -7.88 -24.78 -22.56
N THR D 1217 -6.88 -23.91 -22.68
CA THR D 1217 -6.51 -23.36 -23.97
C THR D 1217 -5.60 -24.33 -24.70
N ASP D 1218 -5.20 -23.97 -25.92
CA ASP D 1218 -4.39 -24.83 -26.79
C ASP D 1218 -2.93 -24.40 -26.81
N SER D 1219 -2.39 -23.95 -25.68
CA SER D 1219 -0.99 -23.54 -25.60
C SER D 1219 -0.52 -23.69 -24.16
N TRP D 1220 0.51 -24.52 -23.95
CA TRP D 1220 0.97 -24.75 -22.59
C TRP D 1220 1.72 -23.55 -22.03
N LEU D 1221 2.26 -22.67 -22.89
CA LEU D 1221 2.97 -21.49 -22.39
C LEU D 1221 2.02 -20.49 -21.75
N SER D 1222 0.82 -20.31 -22.32
CA SER D 1222 -0.13 -19.38 -21.76
C SER D 1222 -0.84 -19.94 -20.54
N ALA D 1223 -1.01 -21.27 -20.47
CA ALA D 1223 -1.68 -21.88 -19.33
C ALA D 1223 -0.74 -22.13 -18.16
N ALA D 1224 0.55 -22.34 -18.43
CA ALA D 1224 1.48 -22.60 -17.34
C ALA D 1224 1.75 -21.36 -16.50
N SER D 1225 1.61 -20.17 -17.08
CA SER D 1225 1.86 -18.93 -16.35
C SER D 1225 0.61 -18.38 -15.68
N PHE D 1226 -0.53 -19.07 -15.78
CA PHE D 1226 -1.75 -18.61 -15.13
C PHE D 1226 -1.91 -19.25 -13.75
N GLN D 1227 -2.03 -20.58 -13.71
CA GLN D 1227 -2.20 -21.30 -12.45
C GLN D 1227 -1.76 -22.74 -12.68
N GLU D 1228 -1.47 -23.41 -11.57
CA GLU D 1228 -1.22 -24.86 -11.56
C GLU D 1228 -0.14 -25.24 -12.57
N THR D 1229 1.07 -24.74 -12.32
CA THR D 1229 2.16 -24.97 -13.26
C THR D 1229 2.51 -26.45 -13.36
N THR D 1230 2.55 -27.15 -12.22
CA THR D 1230 3.00 -28.54 -12.23
C THR D 1230 2.04 -29.43 -13.01
N ARG D 1231 0.73 -29.25 -12.83
CA ARG D 1231 -0.23 -30.12 -13.50
C ARG D 1231 -0.21 -29.91 -15.00
N VAL D 1232 -0.21 -28.65 -15.44
CA VAL D 1232 -0.21 -28.38 -16.88
C VAL D 1232 1.09 -28.84 -17.51
N LEU D 1233 2.21 -28.66 -16.81
CA LEU D 1233 3.49 -29.12 -17.35
C LEU D 1233 3.53 -30.64 -17.46
N THR D 1234 3.00 -31.35 -16.47
CA THR D 1234 2.99 -32.81 -16.53
C THR D 1234 2.12 -33.31 -17.66
N ASP D 1235 0.91 -32.76 -17.80
CA ASP D 1235 0.02 -33.18 -18.86
C ASP D 1235 0.60 -32.85 -20.24
N ALA D 1236 1.22 -31.68 -20.38
CA ALA D 1236 1.84 -31.32 -21.65
C ALA D 1236 2.99 -32.25 -21.98
N ALA D 1237 3.79 -32.61 -20.98
CA ALA D 1237 4.90 -33.53 -21.21
C ALA D 1237 4.41 -34.89 -21.66
N ILE D 1238 3.36 -35.40 -21.02
CA ILE D 1238 2.83 -36.70 -21.41
C ILE D 1238 2.24 -36.66 -22.83
N ASN D 1239 1.50 -35.60 -23.16
CA ASN D 1239 0.80 -35.53 -24.43
C ASN D 1239 1.66 -35.05 -25.60
N CYS D 1240 2.86 -34.54 -25.35
CA CYS D 1240 3.76 -34.02 -26.40
C CYS D 1240 3.08 -32.89 -27.20
N ARG D 1241 2.67 -31.85 -26.49
CA ARG D 1241 1.96 -30.73 -27.10
C ARG D 1241 2.93 -29.77 -27.77
N SER D 1242 2.40 -29.00 -28.72
CA SER D 1242 3.15 -28.00 -29.46
C SER D 1242 2.46 -26.64 -29.39
N ASP D 1243 3.26 -25.59 -29.24
CA ASP D 1243 2.77 -24.22 -29.15
C ASP D 1243 3.13 -23.47 -30.42
N LYS D 1244 2.16 -22.78 -31.01
CA LYS D 1244 2.35 -22.06 -32.25
C LYS D 1244 2.70 -20.59 -32.06
N LEU D 1245 2.72 -20.09 -30.83
CA LEU D 1245 3.09 -18.71 -30.54
C LEU D 1245 2.25 -17.72 -31.33
N ASN D 1246 0.94 -17.74 -31.06
CA ASN D 1246 -0.01 -16.91 -31.77
C ASN D 1246 -0.95 -16.20 -30.81
N GLY D 1247 -0.41 -15.69 -29.70
CA GLY D 1247 -1.20 -14.96 -28.73
C GLY D 1247 -0.42 -13.77 -28.20
N LEU D 1248 -1.09 -12.99 -27.35
CA LEU D 1248 -0.45 -11.82 -26.75
C LEU D 1248 0.59 -12.22 -25.70
N LYS D 1249 0.22 -13.14 -24.82
CA LYS D 1249 1.10 -13.51 -23.71
C LYS D 1249 2.36 -14.22 -24.21
N GLU D 1250 2.22 -15.14 -25.16
CA GLU D 1250 3.39 -15.86 -25.66
C GLU D 1250 4.34 -14.94 -26.40
N ASN D 1251 3.80 -14.03 -27.21
CA ASN D 1251 4.65 -13.07 -27.93
C ASN D 1251 5.32 -12.09 -26.98
N VAL D 1252 4.66 -11.74 -25.87
CA VAL D 1252 5.33 -10.95 -24.85
C VAL D 1252 6.45 -11.75 -24.20
N ILE D 1253 6.19 -13.03 -23.91
CA ILE D 1253 7.17 -13.83 -23.18
C ILE D 1253 8.44 -14.04 -24.00
N ILE D 1254 8.29 -14.43 -25.27
CA ILE D 1254 9.48 -14.74 -26.07
C ILE D 1254 10.16 -13.50 -26.62
N GLY D 1255 9.50 -12.34 -26.56
CA GLY D 1255 10.13 -11.10 -27.00
C GLY D 1255 9.87 -10.75 -28.44
N LYS D 1256 8.60 -10.75 -28.85
CA LYS D 1256 8.20 -10.43 -30.22
C LYS D 1256 7.08 -9.40 -30.19
N LEU D 1257 6.72 -8.91 -31.36
CA LEU D 1257 5.65 -7.93 -31.49
C LEU D 1257 4.30 -8.59 -31.32
N ILE D 1258 3.48 -8.05 -30.43
CA ILE D 1258 2.16 -8.61 -30.17
C ILE D 1258 1.28 -8.43 -31.41
N PRO D 1259 0.34 -9.33 -31.67
CA PRO D 1259 -0.51 -9.23 -32.86
C PRO D 1259 -1.72 -8.32 -32.65
N ALA D 1260 -1.47 -7.09 -32.20
CA ALA D 1260 -2.53 -6.12 -32.00
C ALA D 1260 -1.95 -4.72 -32.19
N GLY D 1261 -2.83 -3.78 -32.48
CA GLY D 1261 -2.39 -2.41 -32.69
C GLY D 1261 -1.50 -2.30 -33.90
N THR D 1262 -0.31 -1.74 -33.71
CA THR D 1262 0.62 -1.51 -34.79
C THR D 1262 1.47 -2.72 -35.14
N GLY D 1263 1.31 -3.83 -34.43
CA GLY D 1263 2.06 -5.04 -34.69
C GLY D 1263 1.45 -6.03 -35.66
N ILE D 1264 0.37 -5.66 -36.35
CA ILE D 1264 -0.27 -6.56 -37.30
C ILE D 1264 0.26 -6.26 -38.70
N ASN D 1265 0.02 -7.20 -39.62
CA ASN D 1265 0.72 -7.19 -40.90
C ASN D 1265 0.34 -5.98 -41.74
N ARG D 1266 -0.93 -5.55 -41.72
CA ARG D 1266 -1.34 -4.46 -42.60
C ARG D 1266 -0.57 -3.19 -42.30
N TYR D 1267 -0.38 -2.87 -41.02
CA TYR D 1267 0.26 -1.63 -40.62
C TYR D 1267 1.77 -1.74 -40.55
N ARG D 1268 2.32 -2.93 -40.38
CA ARG D 1268 3.77 -3.07 -40.22
C ARG D 1268 4.52 -3.04 -41.55
N ASN D 1269 3.82 -3.19 -42.68
CA ASN D 1269 4.47 -3.27 -43.98
C ASN D 1269 4.11 -2.06 -44.86
N ILE D 1270 3.87 -0.91 -44.24
CA ILE D 1270 3.56 0.30 -44.99
C ILE D 1270 4.83 0.82 -45.64
N ALA D 1271 4.75 1.16 -46.93
CA ALA D 1271 5.86 1.74 -47.67
C ALA D 1271 5.55 3.18 -48.03
N VAL D 1272 6.46 4.09 -47.67
CA VAL D 1272 6.26 5.53 -47.84
C VAL D 1272 7.41 6.08 -48.68
N GLN D 1273 7.07 6.87 -49.69
CA GLN D 1273 8.05 7.53 -50.54
C GLN D 1273 7.47 8.87 -50.96
N PRO D 1274 8.31 9.87 -51.21
CA PRO D 1274 7.79 11.18 -51.62
C PRO D 1274 7.09 11.13 -52.97
N THR D 1275 6.07 11.98 -53.11
CA THR D 1275 5.33 12.05 -54.36
C THR D 1275 6.21 12.62 -55.47
N GLU D 1276 5.79 12.36 -56.71
CA GLU D 1276 6.60 12.75 -57.86
C GLU D 1276 6.74 14.26 -57.96
N GLU D 1277 5.64 14.99 -57.73
CA GLU D 1277 5.66 16.45 -57.87
C GLU D 1277 6.59 17.09 -56.84
N ALA D 1278 6.54 16.64 -55.59
CA ALA D 1278 7.41 17.20 -54.56
C ALA D 1278 8.87 16.89 -54.85
N ARG D 1279 9.17 15.68 -55.31
CA ARG D 1279 10.54 15.32 -55.65
C ARG D 1279 11.05 16.16 -56.83
N ALA D 1280 10.20 16.38 -57.84
CA ALA D 1280 10.60 17.19 -58.98
C ALA D 1280 10.81 18.65 -58.59
N ALA D 1281 9.92 19.20 -57.75
CA ALA D 1281 10.06 20.60 -57.36
C ALA D 1281 11.33 20.84 -56.57
N ALA D 1282 11.65 19.95 -55.64
CA ALA D 1282 12.85 20.08 -54.83
C ALA D 1282 13.92 19.10 -55.29
N GLY E 27 -11.11 24.81 -38.40
CA GLY E 27 -11.79 25.10 -37.15
C GLY E 27 -11.59 26.52 -36.67
N GLY E 28 -12.13 26.83 -35.50
CA GLY E 28 -11.97 28.15 -34.92
C GLY E 28 -11.07 28.15 -33.70
N TYR E 29 -10.00 27.37 -33.76
CA TYR E 29 -9.07 27.24 -32.64
C TYR E 29 -7.96 28.29 -32.75
N ASP E 30 -7.33 28.56 -31.61
CA ASP E 30 -6.12 29.35 -31.60
C ASP E 30 -4.94 28.48 -32.05
N THR E 31 -3.80 29.11 -32.31
CA THR E 31 -2.66 28.37 -32.82
C THR E 31 -2.17 27.38 -31.77
N PRO E 32 -1.92 26.13 -32.13
CA PRO E 32 -1.34 25.17 -31.19
C PRO E 32 0.12 25.48 -30.92
N LEU E 33 0.59 25.01 -29.76
CA LEU E 33 1.97 25.23 -29.35
C LEU E 33 2.62 23.90 -29.01
N GLY E 34 3.88 23.75 -29.40
CA GLY E 34 4.68 22.62 -29.00
C GLY E 34 4.31 21.29 -29.63
N ILE E 35 3.84 20.35 -28.81
CA ILE E 35 3.61 18.99 -29.28
C ILE E 35 2.26 18.80 -29.93
N THR E 36 1.36 19.78 -29.84
CA THR E 36 0.04 19.68 -30.44
C THR E 36 -0.03 20.31 -31.82
N ASN E 37 1.10 20.53 -32.47
CA ASN E 37 1.16 21.06 -33.82
C ASN E 37 1.87 20.06 -34.73
N PRO E 38 1.28 19.67 -35.86
CA PRO E 38 -0.02 20.08 -36.40
C PRO E 38 -1.19 19.43 -35.68
N PRO E 39 -2.37 20.02 -35.73
CA PRO E 39 -3.53 19.42 -35.08
C PRO E 39 -3.83 18.05 -35.65
N ILE E 40 -4.16 17.11 -34.76
CA ILE E 40 -4.30 15.72 -35.19
C ILE E 40 -5.62 15.46 -35.89
N ASP E 41 -6.63 16.30 -35.69
CA ASP E 41 -7.91 16.12 -36.38
C ASP E 41 -7.80 16.39 -37.88
N GLU E 42 -6.77 17.13 -38.31
CA GLU E 42 -6.48 17.29 -39.72
C GLU E 42 -5.43 16.31 -40.22
N LEU E 43 -4.49 15.89 -39.37
CA LEU E 43 -3.56 14.85 -39.75
C LEU E 43 -4.27 13.52 -39.98
N LEU E 44 -5.38 13.29 -39.30
CA LEU E 44 -6.12 12.04 -39.43
C LEU E 44 -7.04 12.02 -40.64
N ASP E 45 -7.10 13.10 -41.42
CA ASP E 45 -7.88 13.13 -42.64
C ASP E 45 -7.10 12.66 -43.85
N ARG E 46 -5.79 12.44 -43.71
CA ARG E 46 -4.94 11.96 -44.79
C ARG E 46 -4.63 10.47 -44.68
N VAL E 47 -5.16 9.80 -43.67
CA VAL E 47 -4.79 8.42 -43.35
C VAL E 47 -6.05 7.63 -43.06
N SER E 48 -5.91 6.31 -43.02
CA SER E 48 -7.06 5.43 -42.85
C SER E 48 -7.44 5.25 -41.38
N SER E 49 -6.45 5.19 -40.49
CA SER E 49 -6.71 5.04 -39.06
C SER E 49 -5.53 5.61 -38.29
N LYS E 50 -5.63 5.62 -36.96
CA LYS E 50 -4.58 6.16 -36.14
C LYS E 50 -3.41 5.20 -35.93
N TYR E 51 -3.52 3.96 -36.41
CA TYR E 51 -2.43 3.01 -36.31
C TYR E 51 -1.50 3.07 -37.51
N ALA E 52 -1.94 3.65 -38.62
CA ALA E 52 -1.09 3.80 -39.79
C ALA E 52 -0.28 5.09 -39.77
N LEU E 53 -0.78 6.12 -39.08
CA LEU E 53 -0.02 7.36 -38.95
C LEU E 53 1.28 7.13 -38.20
N VAL E 54 1.25 6.26 -37.18
CA VAL E 54 2.45 5.97 -36.40
C VAL E 54 3.54 5.41 -37.31
N ILE E 55 3.20 4.41 -38.13
CA ILE E 55 4.19 3.78 -38.99
C ILE E 55 4.62 4.74 -40.10
N TYR E 56 3.68 5.52 -40.65
CA TYR E 56 4.00 6.52 -41.65
C TYR E 56 5.08 7.48 -41.15
N ALA E 57 4.84 8.08 -39.99
CA ALA E 57 5.79 9.05 -39.43
C ALA E 57 7.09 8.37 -39.03
N ALA E 58 7.02 7.17 -38.44
CA ALA E 58 8.23 6.51 -37.97
C ALA E 58 9.07 5.95 -39.10
N LYS E 59 8.51 5.79 -40.30
CA LYS E 59 9.32 5.41 -41.44
C LYS E 59 9.84 6.62 -42.21
N ARG E 60 9.14 7.75 -42.15
CA ARG E 60 9.72 8.95 -42.75
C ARG E 60 10.87 9.49 -41.90
N ALA E 61 10.76 9.38 -40.57
CA ALA E 61 11.81 9.89 -39.69
C ALA E 61 13.13 9.15 -39.89
N ARG E 62 13.06 7.83 -40.06
CA ARG E 62 14.29 7.06 -40.27
C ARG E 62 14.95 7.46 -41.58
N GLN E 63 14.16 7.71 -42.62
CA GLN E 63 14.74 8.17 -43.89
C GLN E 63 15.42 9.52 -43.73
N ILE E 64 14.78 10.45 -43.00
CA ILE E 64 15.40 11.75 -42.79
C ILE E 64 16.71 11.62 -42.03
N ASN E 65 16.72 10.80 -40.98
CA ASN E 65 17.94 10.61 -40.21
C ASN E 65 19.05 9.96 -41.03
N ASP E 66 18.68 8.98 -41.87
CA ASP E 66 19.67 8.37 -42.75
C ASP E 66 20.24 9.38 -43.72
N TYR E 67 19.40 10.25 -44.28
CA TYR E 67 19.92 11.29 -45.16
C TYR E 67 20.90 12.19 -44.42
N TYR E 68 20.58 12.57 -43.18
CA TYR E 68 21.48 13.43 -42.43
C TYR E 68 22.81 12.74 -42.17
N ASN E 69 22.77 11.45 -41.85
CA ASN E 69 23.98 10.72 -41.45
C ASN E 69 24.73 10.11 -42.63
N GLN E 70 24.20 10.22 -43.85
CA GLN E 70 24.91 9.75 -45.04
C GLN E 70 25.37 10.86 -45.96
N LEU E 71 24.97 12.11 -45.73
CA LEU E 71 25.37 13.20 -46.61
C LEU E 71 26.84 13.56 -46.40
N GLY E 72 27.32 13.49 -45.16
CA GLY E 72 28.68 13.85 -44.82
C GLY E 72 29.73 12.80 -45.09
N GLU E 73 29.36 11.62 -45.60
CA GLU E 73 30.29 10.53 -45.82
C GLU E 73 30.48 10.20 -47.29
N GLY E 74 29.41 9.93 -48.01
CA GLY E 74 29.51 9.52 -49.41
C GLY E 74 28.31 9.94 -50.21
N ILE E 75 27.89 9.10 -51.13
CA ILE E 75 26.76 9.36 -52.02
C ILE E 75 25.63 8.43 -51.62
N LEU E 76 24.43 8.98 -51.50
CA LEU E 76 23.27 8.23 -51.04
C LEU E 76 22.14 8.34 -52.06
N GLU E 77 21.02 7.70 -51.74
CA GLU E 77 19.89 7.60 -52.63
C GLU E 77 18.60 8.16 -52.04
N TYR E 78 18.65 8.64 -50.79
CA TYR E 78 17.46 9.14 -50.13
C TYR E 78 17.27 10.61 -50.45
N VAL E 79 16.14 11.15 -50.00
CA VAL E 79 15.75 12.53 -50.24
C VAL E 79 15.75 13.28 -48.92
N GLY E 80 16.27 14.51 -48.93
CA GLY E 80 16.31 15.32 -47.75
C GLY E 80 14.95 15.92 -47.43
N PRO E 81 14.90 16.69 -46.35
CA PRO E 81 13.64 17.33 -45.95
C PRO E 81 13.05 18.18 -47.08
N LEU E 82 11.85 17.82 -47.53
CA LEU E 82 11.20 18.54 -48.61
C LEU E 82 10.65 19.90 -48.17
N VAL E 83 10.67 20.19 -46.88
CA VAL E 83 10.24 21.48 -46.35
C VAL E 83 11.36 22.05 -45.51
N GLU E 84 11.35 23.37 -45.37
CA GLU E 84 12.47 24.05 -44.70
C GLU E 84 12.45 23.76 -43.21
N PRO E 85 13.53 23.22 -42.65
CA PRO E 85 13.58 22.91 -41.22
C PRO E 85 13.78 24.17 -40.38
N GLY E 86 13.86 23.96 -39.07
CA GLY E 86 14.09 25.01 -38.11
C GLY E 86 15.54 25.15 -37.71
N LEU E 87 15.76 25.49 -36.44
CA LEU E 87 17.13 25.62 -35.93
C LEU E 87 17.68 24.27 -35.49
N GLN E 88 17.02 23.63 -34.52
CA GLN E 88 17.37 22.28 -34.09
C GLN E 88 16.05 21.52 -33.93
N GLU E 89 15.61 20.88 -35.00
CA GLU E 89 14.32 20.21 -35.04
C GLU E 89 14.52 18.71 -35.15
N LYS E 90 13.70 17.96 -34.42
CA LYS E 90 13.75 16.51 -34.53
C LYS E 90 13.18 16.06 -35.87
N PRO E 91 13.72 14.98 -36.45
CA PRO E 91 13.20 14.49 -37.73
C PRO E 91 11.74 14.08 -37.69
N LEU E 92 11.21 13.70 -36.53
CA LEU E 92 9.80 13.37 -36.43
C LEU E 92 8.91 14.59 -36.69
N SER E 93 9.32 15.75 -36.19
CA SER E 93 8.54 16.96 -36.43
C SER E 93 8.54 17.34 -37.90
N ILE E 94 9.68 17.20 -38.57
CA ILE E 94 9.74 17.48 -40.00
C ILE E 94 8.88 16.48 -40.76
N ALA E 95 8.90 15.21 -40.35
CA ALA E 95 8.08 14.21 -41.01
C ALA E 95 6.59 14.52 -40.88
N LEU E 96 6.16 14.93 -39.68
CA LEU E 96 4.75 15.26 -39.50
C LEU E 96 4.36 16.52 -40.27
N ARG E 97 5.26 17.51 -40.34
CA ARG E 97 4.96 18.70 -41.13
C ARG E 97 4.88 18.38 -42.61
N GLU E 98 5.72 17.47 -43.10
CA GLU E 98 5.61 17.03 -44.50
C GLU E 98 4.30 16.29 -44.75
N ILE E 99 3.91 15.42 -43.81
CA ILE E 99 2.65 14.69 -43.96
C ILE E 99 1.47 15.66 -44.00
N HIS E 100 1.48 16.67 -43.15
CA HIS E 100 0.36 17.60 -43.07
C HIS E 100 0.23 18.45 -44.34
N ALA E 101 1.33 18.63 -45.08
CA ALA E 101 1.34 19.46 -46.27
C ALA E 101 1.03 18.69 -47.55
N ASP E 102 0.73 17.39 -47.44
CA ASP E 102 0.33 16.57 -48.59
C ASP E 102 1.44 16.45 -49.62
N LEU E 103 2.66 16.17 -49.13
CA LEU E 103 3.83 16.04 -49.99
C LEU E 103 4.29 14.60 -50.15
N LEU E 104 3.64 13.64 -49.49
CA LEU E 104 4.05 12.25 -49.51
C LEU E 104 2.89 11.37 -49.97
N GLU E 105 3.19 10.09 -50.17
CA GLU E 105 2.20 9.11 -50.55
C GLU E 105 2.65 7.75 -50.04
N HIS E 106 1.68 6.88 -49.76
CA HIS E 106 1.98 5.59 -49.15
C HIS E 106 0.98 4.56 -49.62
N THR E 107 1.40 3.30 -49.54
CA THR E 107 0.54 2.16 -49.83
C THR E 107 0.54 1.21 -48.64
N GLU E 108 -0.54 0.46 -48.50
CA GLU E 108 -0.74 -0.41 -47.35
C GLU E 108 -0.47 -1.86 -47.72
N GLY E 109 0.16 -2.58 -46.81
CA GLY E 109 0.46 -3.99 -47.02
C GLY E 109 -0.75 -4.88 -46.87
N LYS F 3 18.11 -64.23 20.04
CA LYS F 3 19.55 -64.00 20.18
C LYS F 3 20.23 -63.92 18.83
N ASN F 4 19.49 -63.52 17.81
CA ASN F 4 20.04 -63.45 16.46
C ASN F 4 20.89 -62.19 16.29
N TRP F 5 21.60 -62.13 15.17
CA TRP F 5 22.47 -61.01 14.83
C TRP F 5 21.65 -59.96 14.09
N TYR F 6 21.44 -58.80 14.72
CA TYR F 6 20.73 -57.70 14.11
C TYR F 6 21.70 -56.63 13.64
N VAL F 7 21.16 -55.63 12.95
CA VAL F 7 21.96 -54.53 12.41
C VAL F 7 21.43 -53.22 12.99
N VAL F 8 22.31 -52.21 13.00
CA VAL F 8 21.99 -50.87 13.49
C VAL F 8 22.69 -49.86 12.60
N HIS F 9 22.22 -48.61 12.68
CA HIS F 9 22.74 -47.53 11.84
C HIS F 9 23.24 -46.38 12.71
N THR F 10 24.47 -45.95 12.46
CA THR F 10 25.08 -44.79 13.11
C THR F 10 25.29 -43.68 12.08
N TYR F 11 25.71 -42.51 12.56
CA TYR F 11 25.87 -41.37 11.68
C TYR F 11 26.96 -41.60 10.63
N SER F 12 28.19 -41.22 10.96
CA SER F 12 29.35 -41.40 10.10
C SER F 12 30.60 -41.18 10.92
N GLY F 13 31.44 -42.21 11.07
CA GLY F 13 32.57 -42.05 11.96
C GLY F 13 32.26 -42.28 13.42
N TYR F 14 30.99 -42.51 13.75
CA TYR F 14 30.55 -42.75 15.11
C TYR F 14 30.37 -44.24 15.40
N GLU F 15 30.97 -45.11 14.58
N GLU F 15 30.97 -45.11 14.58
CA GLU F 15 30.82 -46.55 14.80
CA GLU F 15 30.82 -46.55 14.80
C GLU F 15 31.54 -46.99 16.07
C GLU F 15 31.54 -46.99 16.07
N ASN F 16 32.69 -46.39 16.37
CA ASN F 16 33.44 -46.80 17.54
C ASN F 16 32.99 -46.05 18.77
N LYS F 17 32.52 -44.82 18.60
CA LYS F 17 31.92 -44.13 19.72
C LYS F 17 30.62 -44.84 20.11
N VAL F 18 29.80 -45.19 19.12
CA VAL F 18 28.60 -45.99 19.38
C VAL F 18 28.99 -47.30 20.06
N LYS F 19 30.11 -47.90 19.62
CA LYS F 19 30.55 -49.15 20.22
C LYS F 19 30.80 -48.98 21.71
N ALA F 20 31.74 -48.10 22.06
CA ALA F 20 32.07 -47.87 23.46
C ALA F 20 30.83 -47.52 24.28
N ASN F 21 30.03 -46.56 23.78
CA ASN F 21 28.80 -46.16 24.46
C ASN F 21 27.92 -47.36 24.78
N LEU F 22 27.55 -48.13 23.75
CA LEU F 22 26.70 -49.30 23.96
C LEU F 22 27.33 -50.26 24.96
N GLU F 23 28.59 -50.62 24.73
CA GLU F 23 29.31 -51.54 25.61
C GLU F 23 29.14 -51.14 27.07
N LYS F 24 29.62 -49.94 27.42
CA LYS F 24 29.56 -49.50 28.81
C LYS F 24 28.11 -49.40 29.30
N ARG F 25 27.22 -48.83 28.49
CA ARG F 25 25.82 -48.66 28.88
C ARG F 25 25.20 -49.99 29.32
N VAL F 26 25.40 -51.04 28.52
CA VAL F 26 24.85 -52.36 28.84
C VAL F 26 25.18 -52.76 30.28
N GLU F 27 26.36 -52.36 30.75
CA GLU F 27 26.77 -52.72 32.11
C GLU F 27 26.20 -51.73 33.12
N SER F 28 26.23 -50.44 32.81
CA SER F 28 25.74 -49.43 33.75
C SER F 28 24.22 -49.45 33.83
N MET F 29 23.54 -49.51 32.68
CA MET F 29 22.09 -49.58 32.67
C MET F 29 21.58 -50.91 33.20
N GLY F 30 22.41 -51.95 33.16
CA GLY F 30 22.04 -53.24 33.72
C GLY F 30 21.18 -54.04 32.76
N MET F 31 21.83 -54.66 31.78
CA MET F 31 21.17 -55.55 30.83
C MET F 31 22.16 -56.57 30.30
N GLN F 32 22.98 -57.13 31.19
CA GLN F 32 23.97 -58.13 30.77
C GLN F 32 23.32 -59.49 30.59
N ASP F 33 22.20 -59.52 29.88
CA ASP F 33 21.49 -60.76 29.62
C ASP F 33 20.73 -60.72 28.30
N LYS F 34 20.77 -59.61 27.56
CA LYS F 34 20.14 -59.52 26.25
C LYS F 34 21.16 -59.24 25.16
N ILE F 35 21.86 -58.12 25.23
CA ILE F 35 22.95 -57.84 24.30
C ILE F 35 24.15 -58.68 24.69
N PHE F 36 24.81 -59.28 23.71
CA PHE F 36 25.90 -60.19 24.03
C PHE F 36 27.19 -59.85 23.29
N ARG F 37 27.13 -59.71 21.98
CA ARG F 37 28.32 -59.51 21.17
C ARG F 37 28.12 -58.36 20.19
N VAL F 38 29.16 -57.54 20.04
CA VAL F 38 29.17 -56.42 19.11
C VAL F 38 30.45 -56.49 18.29
N VAL F 39 30.30 -56.49 16.97
CA VAL F 39 31.44 -56.51 16.05
C VAL F 39 31.20 -55.47 14.96
N VAL F 40 32.21 -54.65 14.70
CA VAL F 40 32.16 -53.67 13.62
C VAL F 40 33.06 -54.16 12.49
N PRO F 41 32.51 -54.60 11.36
CA PRO F 41 33.34 -55.14 10.27
C PRO F 41 34.35 -54.11 9.79
N GLU F 42 35.60 -54.55 9.65
CA GLU F 42 36.67 -53.65 9.24
C GLU F 42 37.68 -54.41 8.39
N GLU F 43 38.29 -53.70 7.44
CA GLU F 43 39.21 -54.32 6.48
C GLU F 43 40.60 -53.74 6.66
N GLU F 44 41.27 -53.41 5.55
CA GLU F 44 42.64 -52.92 5.64
C GLU F 44 42.96 -52.10 4.40
N GLU F 45 43.84 -51.12 4.58
CA GLU F 45 44.29 -50.23 3.51
C GLU F 45 45.79 -50.05 3.65
N THR F 46 46.53 -50.37 2.59
CA THR F 46 47.99 -50.30 2.57
C THR F 46 48.40 -48.86 2.22
N ASP F 47 48.72 -48.07 3.25
CA ASP F 47 49.10 -46.67 3.09
C ASP F 47 50.59 -46.48 3.35
N ILE F 48 51.40 -47.41 2.83
CA ILE F 48 52.85 -47.32 2.97
C ILE F 48 53.35 -46.02 2.34
N LYS F 49 54.14 -45.26 3.11
CA LYS F 49 54.76 -44.02 2.64
C LYS F 49 56.19 -44.27 2.18
N ASN F 50 56.42 -45.40 1.49
CA ASN F 50 57.73 -45.81 1.01
C ASN F 50 58.73 -45.91 2.17
N GLY F 51 58.40 -46.80 3.08
CA GLY F 51 59.19 -47.03 4.27
C GLY F 51 58.51 -46.67 5.58
N LYS F 52 57.17 -46.58 5.61
CA LYS F 52 56.45 -46.26 6.84
C LYS F 52 55.02 -46.77 6.66
N LYS F 53 54.75 -47.95 7.20
CA LYS F 53 53.42 -48.54 7.07
C LYS F 53 52.41 -47.79 7.92
N LYS F 54 51.13 -48.12 7.72
CA LYS F 54 50.06 -47.42 8.44
C LYS F 54 48.98 -48.39 8.90
N VAL F 55 48.40 -49.13 7.96
CA VAL F 55 47.30 -50.08 8.23
C VAL F 55 46.20 -49.33 8.96
N VAL F 56 45.52 -48.44 8.25
CA VAL F 56 44.49 -47.59 8.86
C VAL F 56 43.15 -48.29 8.78
N LYS F 57 42.22 -47.85 9.64
CA LYS F 57 40.88 -48.41 9.67
C LYS F 57 40.17 -48.18 8.35
N LYS F 58 39.69 -49.27 7.73
CA LYS F 58 38.92 -49.20 6.48
C LYS F 58 37.62 -49.96 6.69
N LYS F 59 36.65 -49.32 7.34
CA LYS F 59 35.35 -49.92 7.61
C LYS F 59 34.62 -50.30 6.33
N VAL F 60 34.48 -51.60 6.08
CA VAL F 60 33.85 -52.07 4.83
C VAL F 60 32.43 -51.51 4.71
N PHE F 61 31.66 -51.51 5.80
CA PHE F 61 30.28 -51.05 5.78
C PHE F 61 30.17 -49.79 6.65
N PRO F 62 30.47 -48.61 6.10
CA PRO F 62 30.44 -47.39 6.92
C PRO F 62 29.03 -47.05 7.36
N GLY F 63 28.83 -46.90 8.66
CA GLY F 63 27.56 -46.50 9.21
C GLY F 63 26.68 -47.62 9.73
N TYR F 64 27.13 -48.87 9.64
CA TYR F 64 26.32 -50.01 10.04
C TYR F 64 27.09 -50.83 11.05
N VAL F 65 26.52 -51.00 12.23
CA VAL F 65 27.11 -51.79 13.31
C VAL F 65 26.17 -52.94 13.62
N LEU F 66 26.63 -54.17 13.41
CA LEU F 66 25.81 -55.35 13.67
C LEU F 66 25.99 -55.76 15.12
N VAL F 67 24.89 -55.85 15.86
CA VAL F 67 24.92 -56.12 17.30
C VAL F 67 23.93 -57.22 17.61
N GLU F 68 24.44 -58.36 18.10
CA GLU F 68 23.57 -59.43 18.54
C GLU F 68 22.74 -58.98 19.72
N ILE F 69 21.43 -59.23 19.68
CA ILE F 69 20.55 -58.76 20.73
C ILE F 69 19.30 -59.65 20.78
N VAL F 70 18.95 -60.08 21.99
CA VAL F 70 17.70 -60.82 22.19
C VAL F 70 16.54 -59.85 22.05
N MET F 71 15.57 -60.19 21.20
CA MET F 71 14.47 -59.27 20.92
C MET F 71 13.56 -59.16 22.13
N THR F 72 13.29 -57.92 22.55
CA THR F 72 12.39 -57.63 23.64
C THR F 72 11.69 -56.29 23.41
N ASP F 73 11.86 -55.37 24.36
CA ASP F 73 11.26 -54.03 24.27
C ASP F 73 12.20 -53.05 24.96
N ASP F 74 12.58 -53.33 26.20
CA ASP F 74 13.55 -52.45 26.85
C ASP F 74 14.93 -52.64 26.23
N SER F 75 15.20 -53.83 25.68
CA SER F 75 16.44 -54.03 24.96
C SER F 75 16.48 -53.12 23.76
N TRP F 76 15.36 -53.04 23.02
CA TRP F 76 15.27 -52.14 21.89
C TRP F 76 15.48 -50.71 22.36
N TYR F 77 14.90 -50.36 23.51
CA TYR F 77 15.03 -48.99 24.01
C TYR F 77 16.49 -48.64 24.26
N VAL F 78 17.19 -49.46 25.06
CA VAL F 78 18.57 -49.15 25.42
C VAL F 78 19.46 -49.13 24.19
N VAL F 79 19.22 -50.06 23.25
CA VAL F 79 20.09 -50.16 22.08
C VAL F 79 19.90 -48.97 21.15
N ARG F 80 18.65 -48.63 20.82
CA ARG F 80 18.43 -47.57 19.84
C ARG F 80 18.68 -46.18 20.41
N ASN F 81 18.57 -46.01 21.72
CA ASN F 81 18.70 -44.69 22.34
C ASN F 81 20.12 -44.42 22.82
N THR F 82 21.06 -45.27 22.47
CA THR F 82 22.44 -45.05 22.84
C THR F 82 22.98 -43.84 22.07
N PRO F 83 23.58 -42.87 22.76
CA PRO F 83 24.03 -41.64 22.06
C PRO F 83 24.89 -41.91 20.83
N GLY F 84 24.28 -41.80 19.66
CA GLY F 84 24.98 -41.93 18.40
C GLY F 84 24.24 -42.70 17.33
N VAL F 85 23.43 -43.68 17.70
CA VAL F 85 22.77 -44.52 16.71
C VAL F 85 21.60 -43.75 16.12
N THR F 86 21.47 -43.81 14.79
CA THR F 86 20.34 -43.16 14.12
C THR F 86 19.07 -43.99 14.25
N GLY F 87 19.18 -45.30 14.10
CA GLY F 87 18.01 -46.17 14.20
C GLY F 87 18.34 -47.56 13.72
N PHE F 88 17.33 -48.42 13.78
CA PHE F 88 17.50 -49.81 13.40
C PHE F 88 17.36 -49.96 11.89
N VAL F 89 17.53 -51.20 11.42
CA VAL F 89 17.36 -51.55 10.03
C VAL F 89 16.27 -52.62 9.93
N GLY F 90 15.81 -52.86 8.71
CA GLY F 90 14.83 -53.92 8.52
C GLY F 90 13.43 -53.40 8.25
N SER F 91 13.28 -52.63 7.18
CA SER F 91 11.99 -52.12 6.77
C SER F 91 11.20 -53.11 5.93
N ALA F 92 11.69 -54.35 5.83
CA ALA F 92 11.02 -55.39 5.05
C ALA F 92 9.52 -55.43 5.33
N GLY F 93 9.13 -55.36 6.61
CA GLY F 93 7.73 -55.32 6.95
C GLY F 93 7.28 -53.93 7.34
N SER F 94 7.36 -53.01 6.37
CA SER F 94 7.03 -51.59 6.52
C SER F 94 8.07 -50.85 7.35
N GLY F 95 8.49 -51.45 8.46
CA GLY F 95 9.46 -50.83 9.35
C GLY F 95 9.02 -50.84 10.80
N SER F 96 8.21 -51.83 11.18
CA SER F 96 7.77 -51.92 12.57
C SER F 96 8.83 -52.52 13.48
N LYS F 97 9.27 -53.74 13.16
CA LYS F 97 10.29 -54.41 13.97
C LYS F 97 11.48 -54.80 13.11
N PRO F 98 12.69 -54.77 13.68
CA PRO F 98 13.87 -55.21 12.95
C PRO F 98 13.76 -56.68 12.54
N THR F 99 14.49 -57.04 11.50
CA THR F 99 14.50 -58.42 11.06
C THR F 99 15.86 -59.06 11.30
N PRO F 100 15.92 -60.25 11.90
CA PRO F 100 17.20 -60.91 12.14
C PRO F 100 17.94 -61.24 10.86
N LEU F 101 19.15 -60.70 10.74
CA LEU F 101 20.02 -61.00 9.61
C LEU F 101 20.18 -62.51 9.44
N LEU F 102 19.99 -62.98 8.21
CA LEU F 102 20.20 -64.37 7.82
C LEU F 102 21.45 -64.95 8.46
N PRO F 103 21.33 -65.96 9.33
CA PRO F 103 22.50 -66.48 10.04
C PRO F 103 23.66 -66.88 9.14
N GLY F 104 23.37 -67.48 7.98
CA GLY F 104 24.44 -67.79 7.04
C GLY F 104 25.15 -66.54 6.58
N GLU F 105 24.40 -65.47 6.33
CA GLU F 105 25.02 -64.22 5.92
C GLU F 105 25.85 -63.63 7.05
N ALA F 106 25.42 -63.85 8.29
CA ALA F 106 26.21 -63.41 9.43
C ALA F 106 27.55 -64.15 9.47
N GLU F 107 27.50 -65.47 9.27
CA GLU F 107 28.73 -66.25 9.32
C GLU F 107 29.67 -65.85 8.18
N THR F 108 29.11 -65.53 7.02
CA THR F 108 29.96 -65.11 5.91
C THR F 108 30.52 -63.72 6.14
N ILE F 109 29.80 -62.88 6.89
CA ILE F 109 30.33 -61.56 7.25
C ILE F 109 31.46 -61.72 8.25
N LEU F 110 31.34 -62.69 9.17
CA LEU F 110 32.34 -62.95 10.18
C LEU F 110 33.47 -63.84 9.68
N LYS F 111 33.67 -63.90 8.37
CA LYS F 111 34.76 -64.70 7.82
C LYS F 111 36.12 -64.18 8.26
N ARG F 112 36.25 -62.87 8.41
CA ARG F 112 37.49 -62.27 8.88
C ARG F 112 37.35 -61.79 10.32
MG MG J . -3.46 10.24 -1.07
ZN ZN K . -19.67 -9.52 -37.22
ZN ZN L . 46.46 -26.14 -19.27
PG G2P M . -11.91 11.49 1.14
O1G G2P M . -11.89 10.83 2.56
O2G G2P M . -11.73 12.98 1.30
O3G G2P M . -13.21 11.22 0.48
O3B G2P M . -10.66 10.86 0.22
PB G2P M . -10.72 10.71 -1.43
O1B G2P M . -10.71 12.11 -2.07
O2B G2P M . -11.99 9.97 -1.83
C3A G2P M . -9.24 9.77 -2.03
PA G2P M . -9.00 8.24 -1.02
O1A G2P M . -10.39 7.54 -0.81
O2A G2P M . -8.39 8.61 0.34
O5' G2P M . -7.98 7.22 -1.81
C5' G2P M . -7.15 6.30 -1.04
C4' G2P M . -6.10 5.68 -1.94
O4' G2P M . -5.21 5.06 -1.23
C3' G2P M . -6.72 4.56 -2.83
O3' G2P M . -7.15 5.08 -4.00
C2' G2P M . -5.57 3.62 -3.09
O2' G2P M . -4.95 3.98 -4.38
C1' G2P M . -4.69 3.83 -2.11
N9 G2P M . -4.58 2.68 -1.24
C8 G2P M . -4.60 2.77 0.12
N7 G2P M . -4.48 1.52 0.62
C5 G2P M . -4.38 0.67 -0.40
C6 G2P M . -4.23 -0.87 -0.45
O6 G2P M . -4.18 -1.50 0.57
N1 G2P M . -4.15 -1.54 -1.70
C2 G2P M . -4.21 -0.76 -2.93
N2 G2P M . -4.13 -1.43 -4.21
N3 G2P M . -4.37 0.69 -2.88
C4 G2P M . -4.45 1.40 -1.57
#